data_2E6G
#
_entry.id   2E6G
#
_cell.length_a   60.642
_cell.length_b   196.077
_cell.length_c   253.852
_cell.angle_alpha   90.00
_cell.angle_beta   90.00
_cell.angle_gamma   90.00
#
_symmetry.space_group_name_H-M   'P 21 21 21'
#
loop_
_entity.id
_entity.type
_entity.pdbx_description
1 polymer "5'-nucleotidase surE"
2 non-polymer 'PHOSPHATE ION'
3 water water
#
_entity_poly.entity_id   1
_entity_poly.type   'polypeptide(L)'
_entity_poly.pdbx_seq_one_letter_code
;MRILVTNDDGIYSPGLWALAEAASQFGEVFVAAPDTEQSAAGHAITIAHPVRAYPHPSPLHAPHFPAYRVRGTPADCVAL
GLHLFGPVDLVLSGVNLGSNLGHEIWHSGTVAAAKQGYLFGLSAAAFSVPLNGEVPDFAGLRPWLLRTLETLLRLERPFL
VNVNLPLRPKGFLWTRQSVRAYEGVVIPGEDPMGRPFYWFAPRPLKEAEEGTDRWAVAQGFVSATPLRLDLTDETRLQPT
LAHD
;
_entity_poly.pdbx_strand_id   A,B,C,D,E,F,G,H,I,J,K,L
#
loop_
_chem_comp.id
_chem_comp.type
_chem_comp.name
_chem_comp.formula
PO4 non-polymer 'PHOSPHATE ION' 'O4 P -3'
#
# COMPACT_ATOMS: atom_id res chain seq x y z
N MET A 1 -21.10 -14.81 6.76
CA MET A 1 -22.39 -14.09 6.76
C MET A 1 -22.51 -13.20 5.54
N ARG A 2 -23.06 -12.02 5.73
CA ARG A 2 -23.21 -11.04 4.67
C ARG A 2 -22.33 -9.85 5.09
N ILE A 3 -21.41 -9.47 4.21
CA ILE A 3 -20.47 -8.39 4.50
C ILE A 3 -20.55 -7.22 3.53
N LEU A 4 -20.65 -6.02 4.10
CA LEU A 4 -20.68 -4.80 3.29
C LEU A 4 -19.30 -4.16 3.37
N VAL A 5 -18.71 -3.90 2.22
CA VAL A 5 -17.40 -3.28 2.17
C VAL A 5 -17.43 -1.91 1.49
N THR A 6 -16.71 -0.99 2.11
CA THR A 6 -16.61 0.39 1.66
C THR A 6 -15.26 0.95 2.11
N ASN A 7 -15.00 2.21 1.77
CA ASN A 7 -13.77 2.91 2.13
C ASN A 7 -14.08 4.37 1.95
N ASP A 8 -13.04 5.20 1.90
CA ASP A 8 -13.26 6.62 1.65
C ASP A 8 -12.28 7.16 0.61
N ASP A 9 -11.57 6.25 -0.07
CA ASP A 9 -10.62 6.62 -1.11
C ASP A 9 -11.28 6.45 -2.46
N GLY A 10 -12.44 5.83 -2.48
CA GLY A 10 -13.11 5.66 -3.75
C GLY A 10 -13.18 4.28 -4.35
N ILE A 11 -14.10 4.17 -5.31
CA ILE A 11 -14.37 2.92 -6.00
C ILE A 11 -13.20 2.33 -6.79
N TYR A 12 -12.16 3.12 -7.08
CA TYR A 12 -11.01 2.58 -7.84
C TYR A 12 -9.77 2.30 -7.01
N SER A 13 -9.86 2.50 -5.70
CA SER A 13 -8.73 2.22 -4.82
C SER A 13 -8.45 0.72 -4.70
N PRO A 14 -7.25 0.28 -5.09
CA PRO A 14 -7.01 -1.16 -4.95
C PRO A 14 -7.17 -1.65 -3.50
N GLY A 15 -7.18 -0.73 -2.55
CA GLY A 15 -7.33 -1.11 -1.14
C GLY A 15 -8.70 -1.59 -0.73
N LEU A 16 -9.70 -1.18 -1.49
CA LEU A 16 -11.09 -1.54 -1.28
C LEU A 16 -11.30 -2.97 -1.81
N TRP A 17 -10.81 -3.20 -3.02
CA TRP A 17 -10.93 -4.51 -3.65
C TRP A 17 -10.04 -5.53 -2.98
N ALA A 18 -9.07 -5.09 -2.20
CA ALA A 18 -8.22 -6.04 -1.49
C ALA A 18 -8.95 -6.46 -0.20
N LEU A 19 -9.76 -5.56 0.36
CA LEU A 19 -10.50 -5.88 1.57
C LEU A 19 -11.71 -6.73 1.15
N ALA A 20 -12.33 -6.33 0.05
CA ALA A 20 -13.49 -7.05 -0.46
C ALA A 20 -13.13 -8.49 -0.78
N GLU A 21 -12.03 -8.69 -1.50
CA GLU A 21 -11.64 -10.04 -1.86
C GLU A 21 -11.31 -10.84 -0.62
N ALA A 22 -10.63 -10.22 0.34
CA ALA A 22 -10.29 -10.92 1.57
C ALA A 22 -11.58 -11.27 2.31
N ALA A 23 -12.55 -10.37 2.31
CA ALA A 23 -13.81 -10.61 3.00
C ALA A 23 -14.67 -11.71 2.36
N SER A 24 -14.48 -11.94 1.05
CA SER A 24 -15.25 -12.95 0.33
C SER A 24 -14.89 -14.36 0.76
N GLN A 25 -13.79 -14.51 1.50
CA GLN A 25 -13.36 -15.81 2.01
C GLN A 25 -14.05 -16.10 3.32
N PHE A 26 -15.02 -15.29 3.71
CA PHE A 26 -15.72 -15.51 4.96
C PHE A 26 -17.22 -15.35 4.82
N GLY A 27 -17.67 -14.81 3.68
CA GLY A 27 -19.10 -14.62 3.50
C GLY A 27 -19.43 -13.96 2.18
N GLU A 28 -20.69 -13.67 1.92
CA GLU A 28 -21.02 -13.04 0.66
C GLU A 28 -20.69 -11.53 0.80
N VAL A 29 -20.01 -10.98 -0.20
CA VAL A 29 -19.65 -9.58 -0.13
C VAL A 29 -20.37 -8.62 -1.08
N PHE A 30 -20.69 -7.46 -0.55
CA PHE A 30 -21.36 -6.42 -1.29
C PHE A 30 -20.54 -5.16 -1.06
N VAL A 31 -20.40 -4.33 -2.09
CA VAL A 31 -19.59 -3.11 -2.05
C VAL A 31 -20.36 -1.84 -2.34
N ALA A 32 -20.08 -0.79 -1.58
CA ALA A 32 -20.72 0.50 -1.77
C ALA A 32 -19.66 1.54 -1.44
N ALA A 33 -19.06 2.17 -2.44
CA ALA A 33 -18.03 3.16 -2.16
C ALA A 33 -18.32 4.58 -2.70
N PRO A 34 -17.66 5.58 -2.11
CA PRO A 34 -17.85 6.98 -2.54
C PRO A 34 -17.32 7.24 -3.95
N ASP A 35 -17.70 8.38 -4.50
CA ASP A 35 -17.28 8.79 -5.85
C ASP A 35 -15.81 8.55 -6.22
N ALA A 48 -30.46 15.01 7.32
CA ALA A 48 -31.46 14.28 6.48
C ALA A 48 -31.34 14.63 5.01
N HIS A 49 -30.23 14.23 4.39
CA HIS A 49 -29.90 14.49 2.98
C HIS A 49 -30.23 13.42 1.94
N PRO A 50 -30.38 13.84 0.66
CA PRO A 50 -30.67 13.00 -0.50
C PRO A 50 -29.37 12.46 -1.07
N VAL A 51 -29.37 11.23 -1.56
CA VAL A 51 -28.17 10.57 -2.08
C VAL A 51 -28.44 9.81 -3.38
N ARG A 52 -27.49 9.81 -4.33
CA ARG A 52 -27.65 9.07 -5.58
C ARG A 52 -26.60 7.96 -5.62
N ALA A 53 -26.91 6.86 -6.31
CA ALA A 53 -25.94 5.77 -6.41
C ALA A 53 -26.18 5.05 -7.72
N TYR A 54 -25.12 4.47 -8.28
CA TYR A 54 -25.21 3.77 -9.56
C TYR A 54 -24.47 2.45 -9.53
N PRO A 55 -25.03 1.42 -10.19
CA PRO A 55 -24.36 0.12 -10.20
C PRO A 55 -22.95 0.27 -10.75
N HIS A 56 -22.06 -0.59 -10.29
CA HIS A 56 -20.68 -0.53 -10.72
C HIS A 56 -20.12 -1.94 -10.86
N PRO A 57 -19.35 -2.17 -11.94
CA PRO A 57 -18.75 -3.47 -12.22
C PRO A 57 -17.42 -3.71 -11.51
N SER A 58 -17.34 -4.81 -10.77
CA SER A 58 -16.14 -5.19 -10.02
C SER A 58 -14.99 -5.64 -10.91
N PRO A 59 -13.73 -5.43 -10.46
CA PRO A 59 -12.60 -5.86 -11.28
C PRO A 59 -12.56 -7.37 -11.43
N ALA A 62 -10.68 -10.88 -11.16
CA ALA A 62 -11.10 -10.95 -9.73
C ALA A 62 -12.59 -11.33 -9.60
N PRO A 63 -12.94 -12.15 -8.59
CA PRO A 63 -14.31 -12.61 -8.35
C PRO A 63 -15.32 -11.48 -8.47
N HIS A 64 -16.53 -11.79 -8.95
CA HIS A 64 -17.56 -10.77 -9.12
C HIS A 64 -18.30 -10.39 -7.84
N PHE A 65 -18.24 -9.11 -7.51
CA PHE A 65 -18.90 -8.57 -6.33
C PHE A 65 -19.98 -7.59 -6.76
N PRO A 66 -21.14 -7.65 -6.13
CA PRO A 66 -22.20 -6.70 -6.50
C PRO A 66 -21.67 -5.35 -6.00
N ALA A 67 -21.60 -4.34 -6.87
CA ALA A 67 -21.03 -3.08 -6.43
C ALA A 67 -21.89 -1.87 -6.68
N TYR A 68 -21.52 -0.76 -6.04
CA TYR A 68 -22.29 0.46 -6.17
C TYR A 68 -21.41 1.66 -5.85
N ARG A 69 -21.51 2.71 -6.65
CA ARG A 69 -20.72 3.91 -6.36
C ARG A 69 -21.70 4.95 -5.85
N VAL A 70 -21.46 5.42 -4.64
CA VAL A 70 -22.37 6.36 -4.03
C VAL A 70 -21.88 7.81 -4.05
N ARG A 71 -22.67 8.67 -4.69
CA ARG A 71 -22.34 10.08 -4.74
C ARG A 71 -22.70 10.59 -3.36
N GLY A 72 -21.81 10.35 -2.41
CA GLY A 72 -22.06 10.78 -1.05
C GLY A 72 -20.93 10.41 -0.10
N THR A 73 -21.16 10.62 1.19
CA THR A 73 -20.16 10.34 2.19
C THR A 73 -19.97 8.84 2.43
N PRO A 74 -18.93 8.48 3.20
CA PRO A 74 -18.74 7.05 3.45
C PRO A 74 -19.89 6.56 4.33
N ALA A 75 -20.28 7.39 5.29
CA ALA A 75 -21.39 7.00 6.14
C ALA A 75 -22.55 6.65 5.20
N ASP A 76 -22.75 7.48 4.18
CA ASP A 76 -23.83 7.27 3.23
C ASP A 76 -23.77 5.85 2.61
N CYS A 77 -22.59 5.43 2.18
CA CYS A 77 -22.44 4.12 1.59
C CYS A 77 -22.95 3.02 2.52
N VAL A 78 -22.64 3.16 3.80
CA VAL A 78 -23.05 2.21 4.80
C VAL A 78 -24.56 2.19 4.92
N ALA A 79 -25.17 3.36 4.97
CA ALA A 79 -26.63 3.43 5.07
C ALA A 79 -27.26 2.86 3.81
N LEU A 80 -26.76 3.32 2.67
CA LEU A 80 -27.28 2.89 1.39
C LEU A 80 -27.01 1.42 1.09
N GLY A 81 -25.92 0.88 1.62
CA GLY A 81 -25.58 -0.51 1.40
C GLY A 81 -26.48 -1.41 2.23
N LEU A 82 -26.82 -1.00 3.45
CA LEU A 82 -27.69 -1.85 4.27
C LEU A 82 -29.10 -1.92 3.68
N HIS A 83 -29.50 -0.86 2.97
CA HIS A 83 -30.82 -0.78 2.35
C HIS A 83 -30.87 -1.61 1.08
N LEU A 84 -29.77 -1.64 0.34
CA LEU A 84 -29.69 -2.37 -0.90
C LEU A 84 -29.31 -3.84 -0.74
N PHE A 85 -28.48 -4.15 0.24
CA PHE A 85 -28.05 -5.52 0.42
C PHE A 85 -28.42 -6.14 1.77
N GLY A 86 -29.08 -5.36 2.63
CA GLY A 86 -29.44 -5.84 3.95
C GLY A 86 -30.29 -7.08 3.86
N PRO A 87 -30.30 -7.94 4.89
CA PRO A 87 -29.55 -7.76 6.14
C PRO A 87 -28.05 -7.95 5.93
N VAL A 88 -27.27 -7.27 6.76
CA VAL A 88 -25.82 -7.34 6.73
C VAL A 88 -25.37 -7.64 8.16
N ASP A 89 -24.29 -8.39 8.32
CA ASP A 89 -23.82 -8.70 9.67
C ASP A 89 -22.55 -7.96 10.02
N LEU A 90 -21.75 -7.65 9.00
CA LEU A 90 -20.48 -7.02 9.27
C LEU A 90 -20.15 -5.91 8.28
N VAL A 91 -19.70 -4.76 8.80
CA VAL A 91 -19.30 -3.68 7.91
C VAL A 91 -17.77 -3.52 7.94
N LEU A 92 -17.13 -3.73 6.79
CA LEU A 92 -15.68 -3.58 6.69
C LEU A 92 -15.34 -2.33 5.89
N SER A 93 -14.52 -1.44 6.47
CA SER A 93 -14.14 -0.22 5.76
C SER A 93 -12.62 -0.08 5.53
N GLY A 94 -12.23 -0.06 4.25
CA GLY A 94 -10.84 0.06 3.89
C GLY A 94 -10.53 -0.80 2.70
N VAL A 95 -9.27 -1.21 2.49
CA VAL A 95 -8.15 -0.80 3.33
C VAL A 95 -7.73 0.59 2.87
N ASN A 96 -7.64 1.50 3.82
CA ASN A 96 -7.24 2.86 3.51
C ASN A 96 -5.74 2.93 3.19
N LEU A 97 -5.41 3.77 2.21
CA LEU A 97 -4.04 4.01 1.79
C LEU A 97 -3.59 5.16 2.69
N GLY A 98 -2.93 4.85 3.79
CA GLY A 98 -2.52 5.89 4.72
C GLY A 98 -2.91 5.48 6.12
N SER A 99 -2.08 5.81 7.09
CA SER A 99 -2.35 5.41 8.46
C SER A 99 -3.59 6.02 9.05
N ASN A 100 -3.98 5.51 10.22
CA ASN A 100 -5.13 5.99 10.98
C ASN A 100 -4.87 5.57 12.45
N LEU A 101 -3.76 6.07 13.00
CA LEU A 101 -3.35 5.78 14.37
C LEU A 101 -3.54 6.93 15.36
N GLY A 102 -3.46 6.60 16.63
CA GLY A 102 -3.61 7.59 17.68
C GLY A 102 -4.65 8.69 17.51
N HIS A 103 -4.17 9.94 17.59
CA HIS A 103 -5.05 11.11 17.45
C HIS A 103 -5.80 11.08 16.11
N GLU A 104 -5.15 10.56 15.05
CA GLU A 104 -5.71 10.46 13.71
C GLU A 104 -7.08 9.77 13.60
N ILE A 105 -7.33 8.81 14.48
CA ILE A 105 -8.61 8.11 14.47
C ILE A 105 -9.76 9.11 14.37
N TRP A 106 -9.75 10.10 15.28
CA TRP A 106 -10.78 11.15 15.34
C TRP A 106 -11.35 11.65 14.00
N HIS A 107 -10.46 11.99 13.08
CA HIS A 107 -10.86 12.54 11.78
C HIS A 107 -10.80 11.53 10.64
N SER A 108 -10.76 10.24 10.99
CA SER A 108 -10.70 9.21 9.95
C SER A 108 -12.04 8.98 9.26
N GLY A 109 -12.00 9.03 7.94
CA GLY A 109 -13.20 8.79 7.15
C GLY A 109 -13.41 7.28 7.16
N THR A 110 -12.29 6.55 7.03
CA THR A 110 -12.31 5.10 7.03
C THR A 110 -12.93 4.62 8.32
N VAL A 111 -12.49 5.21 9.42
CA VAL A 111 -13.03 4.86 10.71
C VAL A 111 -14.47 5.31 10.84
N ALA A 112 -14.80 6.48 10.31
CA ALA A 112 -16.16 7.00 10.43
C ALA A 112 -17.20 6.12 9.73
N ALA A 113 -16.78 5.39 8.69
CA ALA A 113 -17.68 4.50 7.97
C ALA A 113 -18.05 3.31 8.87
N ALA A 114 -17.03 2.69 9.47
CA ALA A 114 -17.24 1.57 10.38
C ALA A 114 -18.05 2.00 11.60
N LYS A 115 -17.76 3.18 12.12
CA LYS A 115 -18.52 3.63 13.27
C LYS A 115 -19.97 3.69 12.88
N GLN A 116 -20.24 3.98 11.62
CA GLN A 116 -21.62 4.06 11.14
C GLN A 116 -22.27 2.68 11.24
N GLY A 117 -21.58 1.67 10.73
CA GLY A 117 -22.12 0.33 10.84
C GLY A 117 -22.39 0.01 12.30
N TYR A 118 -21.47 0.41 13.17
CA TYR A 118 -21.65 0.12 14.60
C TYR A 118 -22.85 0.85 15.13
N LEU A 119 -22.95 2.14 14.85
CA LEU A 119 -24.09 2.91 15.33
C LEU A 119 -25.40 2.26 14.88
N PHE A 120 -25.33 1.37 13.88
CA PHE A 120 -26.52 0.69 13.36
C PHE A 120 -26.72 -0.71 13.96
N GLY A 121 -25.91 -1.06 14.96
CA GLY A 121 -26.05 -2.36 15.58
C GLY A 121 -25.20 -3.47 15.00
N LEU A 122 -24.33 -3.16 14.04
CA LEU A 122 -23.49 -4.16 13.42
C LEU A 122 -22.01 -4.15 13.83
N SER A 123 -21.36 -5.29 13.71
CA SER A 123 -19.95 -5.34 14.02
C SER A 123 -19.26 -4.56 12.89
N ALA A 124 -18.14 -3.95 13.20
CA ALA A 124 -17.46 -3.17 12.19
C ALA A 124 -15.99 -3.06 12.44
N ALA A 125 -15.22 -2.94 11.36
CA ALA A 125 -13.79 -2.79 11.50
C ALA A 125 -13.21 -1.90 10.41
N ALA A 126 -12.19 -1.11 10.79
CA ALA A 126 -11.55 -0.24 9.81
C ALA A 126 -10.14 -0.78 9.56
N PHE A 127 -9.73 -0.79 8.29
CA PHE A 127 -8.43 -1.30 7.89
C PHE A 127 -7.61 -0.25 7.14
N SER A 128 -6.38 0.01 7.59
CA SER A 128 -5.50 0.98 6.95
C SER A 128 -4.05 0.49 6.89
N VAL A 129 -3.28 1.08 5.97
CA VAL A 129 -1.87 0.77 5.78
C VAL A 129 -1.14 2.08 5.42
N PRO A 130 0.00 2.36 6.08
CA PRO A 130 0.77 3.59 5.82
C PRO A 130 1.42 3.68 4.43
N GLY A 133 5.38 6.91 1.69
CA GLY A 133 6.63 6.84 0.90
C GLY A 133 6.51 5.84 -0.25
N GLU A 134 6.05 4.63 0.07
CA GLU A 134 5.87 3.60 -0.95
C GLU A 134 4.43 3.11 -0.91
N VAL A 135 4.06 2.27 -1.86
CA VAL A 135 2.70 1.76 -1.90
C VAL A 135 2.65 0.34 -1.37
N PRO A 136 1.50 -0.07 -0.85
CA PRO A 136 1.35 -1.42 -0.31
C PRO A 136 1.22 -2.51 -1.38
N ASP A 137 1.80 -3.65 -1.08
CA ASP A 137 1.75 -4.82 -1.96
C ASP A 137 0.63 -5.69 -1.37
N PHE A 138 -0.59 -5.54 -1.89
CA PHE A 138 -1.71 -6.30 -1.35
C PHE A 138 -1.63 -7.82 -1.45
N ALA A 139 -1.04 -8.32 -2.53
CA ALA A 139 -0.90 -9.77 -2.69
C ALA A 139 -0.14 -10.28 -1.47
N GLY A 140 0.86 -9.51 -1.05
CA GLY A 140 1.66 -9.89 0.11
C GLY A 140 0.97 -9.61 1.42
N LEU A 141 0.02 -8.68 1.43
CA LEU A 141 -0.68 -8.37 2.65
C LEU A 141 -1.86 -9.32 2.88
N ARG A 142 -2.40 -9.85 1.78
CA ARG A 142 -3.55 -10.76 1.84
C ARG A 142 -3.53 -11.69 3.06
N PRO A 143 -2.47 -12.49 3.23
CA PRO A 143 -2.35 -13.41 4.36
C PRO A 143 -2.65 -12.74 5.70
N TRP A 144 -2.15 -11.53 5.86
CA TRP A 144 -2.38 -10.81 7.09
C TRP A 144 -3.81 -10.30 7.17
N LEU A 145 -4.45 -10.10 6.02
CA LEU A 145 -5.83 -9.67 6.04
C LEU A 145 -6.70 -10.83 6.50
N LEU A 146 -6.50 -11.99 5.88
CA LEU A 146 -7.29 -13.17 6.24
C LEU A 146 -7.10 -13.49 7.71
N ARG A 147 -5.84 -13.57 8.10
CA ARG A 147 -5.45 -13.86 9.46
C ARG A 147 -6.12 -12.86 10.42
N THR A 148 -6.16 -11.59 10.00
CA THR A 148 -6.75 -10.54 10.81
C THR A 148 -8.27 -10.62 10.89
N LEU A 149 -8.89 -11.00 9.79
CA LEU A 149 -10.34 -11.15 9.73
C LEU A 149 -10.81 -12.28 10.64
N GLU A 150 -10.15 -13.44 10.55
CA GLU A 150 -10.49 -14.59 11.38
C GLU A 150 -10.41 -14.15 12.82
N THR A 151 -9.33 -13.46 13.19
CA THR A 151 -9.22 -13.03 14.56
C THR A 151 -10.44 -12.20 14.94
N LEU A 152 -10.66 -11.10 14.23
CA LEU A 152 -11.80 -10.25 14.51
C LEU A 152 -13.09 -11.04 14.59
N LEU A 153 -13.28 -11.96 13.68
CA LEU A 153 -14.52 -12.76 13.65
C LEU A 153 -14.68 -13.68 14.86
N ARG A 154 -13.74 -13.64 15.79
CA ARG A 154 -13.85 -14.47 16.98
C ARG A 154 -14.17 -13.65 18.21
N LEU A 155 -14.43 -12.36 18.01
CA LEU A 155 -14.77 -11.46 19.10
C LEU A 155 -16.29 -11.47 19.30
N GLU A 156 -16.76 -11.24 20.53
CA GLU A 156 -18.20 -11.19 20.75
C GLU A 156 -18.74 -9.99 19.97
N ARG A 157 -19.90 -10.15 19.34
CA ARG A 157 -20.50 -9.09 18.55
C ARG A 157 -21.61 -8.44 19.37
N PRO A 158 -21.95 -7.18 19.05
CA PRO A 158 -21.31 -6.37 18.01
C PRO A 158 -19.92 -5.86 18.45
N PHE A 159 -19.11 -5.46 17.48
CA PHE A 159 -17.78 -4.93 17.78
C PHE A 159 -17.36 -3.82 16.80
N LEU A 160 -16.45 -2.96 17.25
CA LEU A 160 -15.89 -1.87 16.46
C LEU A 160 -14.39 -1.92 16.63
N VAL A 161 -13.65 -2.31 15.60
CA VAL A 161 -12.21 -2.37 15.76
C VAL A 161 -11.40 -1.61 14.71
N ASN A 162 -10.39 -0.87 15.17
CA ASN A 162 -9.53 -0.10 14.28
C ASN A 162 -8.27 -0.89 13.98
N VAL A 163 -8.03 -1.17 12.71
CA VAL A 163 -6.87 -1.97 12.33
C VAL A 163 -5.86 -1.28 11.44
N ASN A 164 -4.59 -1.43 11.79
CA ASN A 164 -3.51 -0.85 10.98
C ASN A 164 -2.53 -1.98 10.65
N LEU A 165 -2.31 -2.18 9.36
CA LEU A 165 -1.39 -3.21 8.96
C LEU A 165 -0.17 -2.55 8.40
N PRO A 166 1.04 -2.84 8.93
CA PRO A 166 2.19 -2.18 8.34
C PRO A 166 2.41 -2.81 6.97
N LEU A 167 3.28 -2.20 6.17
CA LEU A 167 3.57 -2.67 4.80
C LEU A 167 3.91 -4.16 4.74
N ARG A 168 4.76 -4.60 5.66
CA ARG A 168 5.19 -6.00 5.75
C ARG A 168 5.09 -6.40 7.22
N PRO A 169 3.90 -6.84 7.67
CA PRO A 169 3.74 -7.23 9.07
C PRO A 169 4.52 -8.48 9.43
N LYS A 170 4.88 -8.57 10.70
CA LYS A 170 5.64 -9.70 11.23
C LYS A 170 5.03 -10.14 12.56
N GLY A 171 3.71 -9.99 12.67
CA GLY A 171 3.00 -10.36 13.87
C GLY A 171 1.62 -9.71 13.94
N PHE A 172 0.96 -9.83 15.09
CA PHE A 172 -0.35 -9.25 15.32
C PHE A 172 -0.35 -8.74 16.75
N LEU A 173 -1.33 -7.91 17.12
CA LEU A 173 -1.33 -7.40 18.48
C LEU A 173 -2.54 -6.56 18.80
N TRP A 174 -3.27 -6.94 19.83
CA TRP A 174 -4.42 -6.16 20.27
C TRP A 174 -3.80 -4.97 20.97
N THR A 175 -4.15 -3.78 20.50
CA THR A 175 -3.57 -2.54 21.04
C THR A 175 -4.53 -1.53 21.63
N ARG A 176 -3.94 -0.51 22.22
CA ARG A 176 -4.75 0.56 22.75
C ARG A 176 -4.41 1.78 21.89
N GLN A 177 -5.17 2.86 22.04
CA GLN A 177 -4.90 4.05 21.28
C GLN A 177 -3.73 4.79 21.93
N SER A 178 -2.83 5.29 21.09
CA SER A 178 -1.70 6.08 21.56
C SER A 178 -2.28 7.47 21.85
N VAL A 179 -2.11 7.96 23.07
CA VAL A 179 -2.62 9.28 23.45
C VAL A 179 -1.48 10.12 24.02
N ARG A 180 -0.76 10.83 23.15
CA ARG A 180 0.37 11.65 23.57
C ARG A 180 0.07 13.13 23.72
N ALA A 181 0.78 13.78 24.66
CA ALA A 181 0.64 15.21 24.91
C ALA A 181 1.60 15.85 23.93
N TYR A 182 1.28 17.06 23.46
CA TYR A 182 2.12 17.73 22.49
C TYR A 182 2.62 19.08 22.95
N GLU A 183 3.57 19.59 22.18
CA GLU A 183 4.17 20.89 22.41
C GLU A 183 3.99 21.54 21.05
N GLY A 184 3.29 22.67 21.03
CA GLY A 184 3.04 23.35 19.76
C GLY A 184 4.20 24.15 19.20
N VAL A 185 5.10 23.49 18.48
CA VAL A 185 6.24 24.17 17.92
C VAL A 185 5.85 25.06 16.74
N VAL A 186 6.04 26.36 16.93
CA VAL A 186 5.74 27.38 15.94
C VAL A 186 7.03 28.17 15.67
N ILE A 187 7.54 28.06 14.46
CA ILE A 187 8.78 28.74 14.08
C ILE A 187 8.59 29.66 12.88
N PRO A 188 8.86 30.96 13.05
CA PRO A 188 8.72 31.91 11.94
C PRO A 188 9.60 31.52 10.76
N GLY A 189 9.06 31.64 9.55
CA GLY A 189 9.82 31.30 8.37
C GLY A 189 9.32 32.11 7.20
N GLU A 190 9.87 31.87 6.02
CA GLU A 190 9.43 32.61 4.85
C GLU A 190 9.75 31.86 3.58
N ASP A 191 8.80 31.87 2.66
CA ASP A 191 8.96 31.18 1.39
C ASP A 191 10.09 31.75 0.56
N PRO A 192 10.54 31.02 -0.47
CA PRO A 192 11.63 31.52 -1.30
C PRO A 192 11.31 32.94 -1.78
N MET A 193 10.08 33.16 -2.25
CA MET A 193 9.66 34.46 -2.72
C MET A 193 10.09 35.54 -1.74
N GLY A 194 9.31 35.68 -0.66
CA GLY A 194 9.63 36.68 0.34
C GLY A 194 8.54 36.76 1.39
N ARG A 195 7.34 36.30 1.03
CA ARG A 195 6.21 36.30 1.96
C ARG A 195 6.53 35.49 3.21
N PRO A 196 6.38 36.12 4.39
CA PRO A 196 6.67 35.43 5.66
C PRO A 196 5.50 34.56 6.10
N PHE A 197 5.76 33.66 7.05
CA PHE A 197 4.71 32.79 7.57
C PHE A 197 5.09 32.15 8.91
N TYR A 198 4.27 31.21 9.36
CA TYR A 198 4.55 30.53 10.60
C TYR A 198 4.57 29.03 10.33
N TRP A 199 5.59 28.37 10.87
CA TRP A 199 5.71 26.92 10.74
C TRP A 199 4.99 26.36 11.94
N PHE A 200 3.99 25.53 11.70
CA PHE A 200 3.31 24.90 12.81
C PHE A 200 3.68 23.44 12.63
N ALA A 201 4.67 23.04 13.42
CA ALA A 201 5.19 21.68 13.40
C ALA A 201 5.07 21.13 14.82
N PRO A 202 3.85 20.72 15.21
CA PRO A 202 3.60 20.18 16.55
C PRO A 202 4.47 18.96 16.75
N ARG A 203 4.77 18.63 18.00
CA ARG A 203 5.59 17.47 18.25
C ARG A 203 5.22 16.80 19.57
N PRO A 204 5.19 15.47 19.56
CA PRO A 204 4.84 14.71 20.77
C PRO A 204 5.92 14.85 21.86
N LEU A 205 5.47 14.98 23.10
CA LEU A 205 6.37 15.11 24.24
C LEU A 205 7.23 13.86 24.43
N LYS A 206 6.61 12.67 24.35
CA LYS A 206 7.35 11.42 24.49
C LYS A 206 7.18 10.53 23.25
N GLU A 207 7.80 9.35 23.27
CA GLU A 207 7.69 8.42 22.15
C GLU A 207 6.48 7.52 22.41
N ALA A 208 5.95 6.90 21.36
CA ALA A 208 4.79 6.00 21.52
C ALA A 208 5.12 4.87 22.52
N GLU A 209 4.29 4.72 23.55
CA GLU A 209 4.50 3.68 24.55
C GLU A 209 4.27 2.26 24.00
N GLU A 210 4.83 1.26 24.65
CA GLU A 210 4.66 -0.14 24.23
C GLU A 210 3.17 -0.48 24.28
N GLY A 211 2.74 -1.40 23.42
CA GLY A 211 1.35 -1.79 23.43
C GLY A 211 0.30 -0.86 22.83
N THR A 212 0.72 0.34 22.40
CA THR A 212 -0.21 1.27 21.76
C THR A 212 -0.16 0.99 20.26
N ASP A 213 -1.26 1.27 19.56
CA ASP A 213 -1.32 1.06 18.11
C ASP A 213 -0.11 1.59 17.34
N ARG A 214 0.25 2.84 17.58
CA ARG A 214 1.38 3.42 16.86
C ARG A 214 2.70 2.68 17.16
N TRP A 215 2.96 2.40 18.44
CA TRP A 215 4.18 1.69 18.81
C TRP A 215 4.20 0.36 18.14
N ALA A 216 3.03 -0.29 18.21
CA ALA A 216 2.82 -1.61 17.63
C ALA A 216 3.14 -1.67 16.14
N VAL A 217 2.58 -0.75 15.35
CA VAL A 217 2.85 -0.78 13.90
C VAL A 217 4.33 -0.49 13.66
N ALA A 218 4.90 0.36 14.51
CA ALA A 218 6.30 0.70 14.39
C ALA A 218 7.13 -0.59 14.53
N GLN A 219 6.71 -1.48 15.44
CA GLN A 219 7.41 -2.74 15.65
C GLN A 219 7.22 -3.70 14.48
N GLY A 220 6.33 -3.37 13.56
CA GLY A 220 6.08 -4.25 12.43
C GLY A 220 4.90 -5.17 12.68
N PHE A 221 4.16 -4.91 13.76
CA PHE A 221 3.01 -5.72 14.11
C PHE A 221 1.68 -5.17 13.58
N VAL A 222 0.76 -6.05 13.20
CA VAL A 222 -0.55 -5.58 12.78
C VAL A 222 -1.22 -5.02 14.03
N SER A 223 -1.92 -3.89 13.93
CA SER A 223 -2.58 -3.33 15.10
C SER A 223 -4.11 -3.38 15.03
N ALA A 224 -4.74 -3.72 16.15
CA ALA A 224 -6.20 -3.78 16.24
C ALA A 224 -6.60 -3.22 17.59
N THR A 225 -7.35 -2.13 17.56
CA THR A 225 -7.78 -1.46 18.77
C THR A 225 -9.29 -1.44 18.88
N PRO A 226 -9.82 -2.05 19.94
CA PRO A 226 -11.28 -1.98 20.00
C PRO A 226 -11.51 -0.52 20.29
N LEU A 227 -12.59 0.06 19.77
CA LEU A 227 -12.90 1.47 20.01
C LEU A 227 -14.21 1.66 20.77
N ARG A 228 -14.27 2.66 21.63
CA ARG A 228 -15.49 2.94 22.37
C ARG A 228 -16.25 4.04 21.63
N LEU A 229 -17.50 4.25 21.99
CA LEU A 229 -18.31 5.28 21.34
C LEU A 229 -18.58 6.46 22.27
N ASP A 230 -18.56 6.19 23.58
CA ASP A 230 -18.82 7.23 24.57
C ASP A 230 -17.56 8.06 24.79
N LEU A 231 -17.65 9.37 24.61
CA LEU A 231 -16.50 10.23 24.77
C LEU A 231 -16.53 10.88 26.15
N THR A 232 -17.53 10.50 26.94
CA THR A 232 -17.66 11.04 28.29
C THR A 232 -16.50 10.53 29.15
N ASP A 233 -16.01 11.41 30.02
CA ASP A 233 -14.93 11.07 30.94
C ASP A 233 -15.66 10.91 32.28
N GLU A 234 -16.26 9.73 32.48
CA GLU A 234 -17.03 9.45 33.70
C GLU A 234 -16.23 9.72 34.99
N THR A 235 -14.91 9.53 34.93
CA THR A 235 -14.03 9.76 36.06
C THR A 235 -14.08 11.19 36.52
N ARG A 236 -14.93 11.99 35.89
CA ARG A 236 -15.07 13.41 36.25
C ARG A 236 -16.52 13.88 36.09
N LEU A 237 -17.46 12.94 36.20
CA LEU A 237 -18.88 13.22 36.06
C LEU A 237 -19.65 12.90 37.36
N MET B 1 -5.12 36.15 34.47
CA MET B 1 -5.76 35.05 33.68
C MET B 1 -5.85 35.35 32.17
N ARG B 2 -5.11 34.57 31.37
CA ARG B 2 -5.13 34.78 29.92
C ARG B 2 -5.91 33.70 29.13
N ILE B 3 -6.73 34.17 28.19
CA ILE B 3 -7.60 33.30 27.42
C ILE B 3 -7.59 33.42 25.89
N LEU B 4 -7.30 32.33 25.19
CA LEU B 4 -7.36 32.36 23.72
C LEU B 4 -8.73 31.91 23.23
N VAL B 5 -9.45 32.80 22.54
CA VAL B 5 -10.77 32.47 21.98
C VAL B 5 -10.64 32.19 20.47
N THR B 6 -11.16 31.05 20.04
CA THR B 6 -11.09 30.66 18.64
C THR B 6 -12.39 30.00 18.24
N ASN B 7 -12.44 29.48 17.00
CA ASN B 7 -13.64 28.80 16.52
C ASN B 7 -13.36 28.17 15.16
N ASP B 8 -14.41 27.71 14.48
CA ASP B 8 -14.21 27.15 13.14
C ASP B 8 -15.19 27.77 12.14
N ASP B 9 -16.09 28.63 12.63
CA ASP B 9 -17.05 29.31 11.77
C ASP B 9 -16.39 30.53 11.14
N GLY B 10 -15.13 30.78 11.49
CA GLY B 10 -14.47 31.92 10.90
C GLY B 10 -14.55 33.21 11.69
N ILE B 11 -13.59 34.08 11.38
CA ILE B 11 -13.40 35.37 12.00
C ILE B 11 -14.59 36.34 12.10
N TYR B 12 -15.67 36.11 11.33
CA TYR B 12 -16.80 37.04 11.38
C TYR B 12 -18.06 36.57 12.09
N SER B 13 -18.03 35.34 12.60
CA SER B 13 -19.18 34.80 13.31
C SER B 13 -19.48 35.62 14.55
N PRO B 14 -20.71 36.06 14.72
CA PRO B 14 -21.01 36.85 15.91
C PRO B 14 -20.85 35.97 17.17
N GLY B 15 -20.92 34.65 16.96
CA GLY B 15 -20.78 33.72 18.06
C GLY B 15 -19.38 33.75 18.66
N LEU B 16 -18.38 33.97 17.82
CA LEU B 16 -17.01 34.06 18.26
C LEU B 16 -16.79 35.28 19.17
N TRP B 17 -17.23 36.44 18.70
CA TRP B 17 -17.07 37.68 19.47
C TRP B 17 -17.95 37.69 20.73
N ALA B 18 -19.02 36.91 20.69
CA ALA B 18 -19.94 36.78 21.81
C ALA B 18 -19.23 36.02 22.92
N LEU B 19 -18.42 35.01 22.52
CA LEU B 19 -17.67 34.23 23.48
C LEU B 19 -16.52 35.05 24.04
N ALA B 20 -15.83 35.80 23.20
CA ALA B 20 -14.72 36.62 23.68
C ALA B 20 -15.11 37.60 24.80
N GLU B 21 -16.23 38.30 24.61
CA GLU B 21 -16.76 39.29 25.56
C GLU B 21 -17.16 38.67 26.89
N ALA B 22 -17.67 37.45 26.85
CA ALA B 22 -18.08 36.76 28.08
C ALA B 22 -16.82 36.25 28.73
N ALA B 23 -15.84 35.91 27.89
CA ALA B 23 -14.58 35.41 28.39
C ALA B 23 -13.76 36.55 29.02
N SER B 24 -13.78 37.75 28.41
CA SER B 24 -13.00 38.90 28.91
C SER B 24 -13.40 39.28 30.33
N GLN B 25 -14.62 38.90 30.72
CA GLN B 25 -15.12 39.16 32.05
C GLN B 25 -14.40 38.33 33.10
N PHE B 26 -13.43 37.52 32.67
CA PHE B 26 -12.71 36.65 33.60
C PHE B 26 -11.22 36.66 33.36
N GLY B 27 -10.76 37.54 32.49
CA GLY B 27 -9.33 37.57 32.20
C GLY B 27 -9.10 38.27 30.88
N GLU B 28 -7.84 38.35 30.47
CA GLU B 28 -7.47 38.97 29.21
C GLU B 28 -7.74 37.98 28.09
N VAL B 29 -8.55 38.41 27.12
CA VAL B 29 -8.93 37.61 25.98
C VAL B 29 -8.16 37.94 24.71
N PHE B 30 -7.71 36.90 24.01
CA PHE B 30 -6.99 37.05 22.76
C PHE B 30 -7.71 36.22 21.68
N VAL B 31 -7.54 36.59 20.41
CA VAL B 31 -8.25 35.89 19.35
C VAL B 31 -7.51 35.52 18.08
N ALA B 32 -7.84 34.33 17.59
CA ALA B 32 -7.28 33.77 16.38
C ALA B 32 -8.40 32.91 15.84
N ALA B 33 -8.80 33.17 14.60
CA ALA B 33 -9.87 32.41 13.98
C ALA B 33 -9.51 32.08 12.54
N PRO B 34 -10.17 31.10 11.95
CA PRO B 34 -9.94 30.67 10.56
C PRO B 34 -10.58 31.65 9.56
N ILE B 47 1.39 16.91 10.14
CA ILE B 47 2.80 17.17 9.73
C ILE B 47 3.10 18.68 9.77
N ALA B 48 4.39 19.03 9.74
CA ALA B 48 4.83 20.43 9.78
C ALA B 48 4.48 21.22 8.52
N HIS B 49 3.40 21.99 8.58
CA HIS B 49 2.96 22.79 7.46
C HIS B 49 3.13 24.30 7.74
N PRO B 50 3.21 25.12 6.69
CA PRO B 50 3.39 26.56 6.84
C PRO B 50 2.02 27.22 6.95
N VAL B 51 1.89 28.19 7.84
CA VAL B 51 0.62 28.87 8.04
C VAL B 51 0.72 30.40 8.09
N ARG B 52 -0.10 31.05 7.28
CA ARG B 52 -0.12 32.51 7.21
C ARG B 52 -1.13 33.09 8.21
N ALA B 53 -0.81 34.23 8.80
CA ALA B 53 -1.72 34.87 9.76
C ALA B 53 -1.59 36.39 9.68
N TYR B 54 -2.71 37.08 9.80
CA TYR B 54 -2.69 38.54 9.73
C TYR B 54 -3.45 39.20 10.85
N PRO B 55 -3.07 40.43 11.17
CA PRO B 55 -3.75 41.15 12.23
C PRO B 55 -5.18 41.37 11.76
N HIS B 56 -6.11 41.34 12.70
CA HIS B 56 -7.50 41.53 12.34
C HIS B 56 -8.13 42.38 13.39
N PRO B 57 -8.94 43.36 12.98
CA PRO B 57 -9.65 44.29 13.86
C PRO B 57 -10.83 43.69 14.62
N SER B 58 -10.87 43.91 15.92
CA SER B 58 -11.98 43.41 16.72
C SER B 58 -13.14 44.40 16.58
N PRO B 59 -14.40 43.92 16.68
CA PRO B 59 -15.54 44.85 16.56
C PRO B 59 -15.47 45.95 17.62
N LEU B 60 -15.14 47.17 17.17
CA LEU B 60 -15.02 48.35 18.04
C LEU B 60 -16.15 48.55 19.06
N HIS B 61 -17.24 47.78 18.90
CA HIS B 61 -18.38 47.85 19.80
C HIS B 61 -18.07 47.34 21.20
N ALA B 62 -17.06 46.47 21.31
CA ALA B 62 -16.66 45.93 22.61
C ALA B 62 -15.19 46.25 22.85
N PRO B 63 -14.77 46.35 24.14
CA PRO B 63 -13.37 46.66 24.50
C PRO B 63 -12.33 45.86 23.71
N HIS B 64 -11.67 46.57 22.80
CA HIS B 64 -10.61 46.05 21.93
C HIS B 64 -9.94 44.71 22.31
N PHE B 65 -9.90 43.80 21.34
CA PHE B 65 -9.28 42.48 21.53
C PHE B 65 -8.22 42.29 20.45
N PRO B 66 -7.00 41.88 20.82
CA PRO B 66 -6.01 41.70 19.76
C PRO B 66 -6.45 40.44 19.01
N ALA B 67 -6.60 40.51 17.69
CA ALA B 67 -7.03 39.33 16.95
C ALA B 67 -6.23 39.05 15.68
N TYR B 68 -6.28 37.81 15.24
CA TYR B 68 -5.58 37.40 14.03
C TYR B 68 -6.52 36.50 13.21
N ARG B 69 -6.49 36.64 11.90
CA ARG B 69 -7.29 35.75 11.06
C ARG B 69 -6.20 34.85 10.48
N VAL B 70 -6.37 33.54 10.69
CA VAL B 70 -5.42 32.51 10.28
C VAL B 70 -5.87 31.77 9.03
N ARG B 71 -4.97 31.60 8.07
CA ARG B 71 -5.33 30.89 6.85
C ARG B 71 -5.00 29.42 7.01
N GLY B 72 -5.70 28.76 7.93
CA GLY B 72 -5.48 27.34 8.20
C GLY B 72 -6.56 26.74 9.10
N THR B 73 -6.30 25.56 9.66
CA THR B 73 -7.30 24.89 10.51
C THR B 73 -7.44 25.47 11.91
N PRO B 74 -8.56 25.14 12.61
CA PRO B 74 -8.75 25.66 13.96
C PRO B 74 -7.60 25.16 14.84
N ALA B 75 -7.06 24.00 14.50
CA ALA B 75 -5.94 23.46 15.27
C ALA B 75 -4.77 24.44 15.11
N ASP B 76 -4.66 25.00 13.91
CA ASP B 76 -3.62 25.99 13.64
C ASP B 76 -3.85 27.22 14.53
N CYS B 77 -5.08 27.74 14.50
CA CYS B 77 -5.44 28.88 15.33
C CYS B 77 -4.93 28.78 16.76
N VAL B 78 -5.08 27.60 17.36
CA VAL B 78 -4.63 27.35 18.72
C VAL B 78 -3.11 27.34 18.79
N ALA B 79 -2.46 26.74 17.80
CA ALA B 79 -1.00 26.70 17.78
C ALA B 79 -0.43 28.11 17.68
N LEU B 80 -0.75 28.79 16.59
CA LEU B 80 -0.31 30.16 16.37
C LEU B 80 -0.80 31.02 17.52
N GLY B 81 -2.00 30.71 18.01
CA GLY B 81 -2.56 31.46 19.13
C GLY B 81 -1.73 31.43 20.41
N LEU B 82 -1.16 30.27 20.76
CA LEU B 82 -0.36 30.16 21.98
C LEU B 82 1.03 30.72 21.73
N HIS B 83 1.40 30.84 20.46
CA HIS B 83 2.71 31.37 20.12
C HIS B 83 2.72 32.91 20.24
N LEU B 84 1.71 33.54 19.63
CA LEU B 84 1.56 34.99 19.62
C LEU B 84 1.08 35.64 20.91
N PHE B 85 0.13 35.01 21.59
CA PHE B 85 -0.33 35.60 22.84
C PHE B 85 0.20 34.88 24.07
N GLY B 86 1.08 33.90 23.86
CA GLY B 86 1.62 33.15 24.98
C GLY B 86 2.13 34.06 26.08
N PRO B 87 1.97 33.67 27.35
CA PRO B 87 1.37 32.43 27.85
C PRO B 87 -0.15 32.47 27.93
N VAL B 88 -0.79 31.34 27.63
CA VAL B 88 -2.23 31.23 27.70
C VAL B 88 -2.56 30.12 28.69
N ASP B 89 -3.62 30.30 29.45
CA ASP B 89 -3.99 29.30 30.45
C ASP B 89 -5.40 28.77 30.26
N LEU B 90 -5.96 29.00 29.09
CA LEU B 90 -7.31 28.58 28.82
C LEU B 90 -7.67 28.87 27.37
N VAL B 91 -8.11 27.83 26.65
CA VAL B 91 -8.51 27.93 25.25
C VAL B 91 -9.99 27.62 25.19
N LEU B 92 -10.78 28.59 24.73
CA LEU B 92 -12.23 28.46 24.60
C LEU B 92 -12.57 28.41 23.11
N SER B 93 -13.45 27.51 22.71
CA SER B 93 -13.82 27.42 21.30
C SER B 93 -15.32 27.51 21.07
N GLY B 94 -15.70 28.41 20.15
CA GLY B 94 -17.10 28.65 19.84
C GLY B 94 -17.38 30.14 19.92
N VAL B 95 -18.63 30.55 20.13
CA VAL B 95 -19.75 29.64 20.24
C VAL B 95 -20.09 29.24 18.80
N ASN B 96 -20.07 27.93 18.52
CA ASN B 96 -20.37 27.40 17.22
C ASN B 96 -21.81 27.68 16.87
N LEU B 97 -22.06 27.95 15.60
CA LEU B 97 -23.41 28.22 15.11
C LEU B 97 -24.05 26.89 14.70
N GLY B 98 -24.37 26.09 15.72
CA GLY B 98 -24.97 24.78 15.52
C GLY B 98 -24.59 23.94 16.72
N SER B 99 -25.43 22.99 17.09
CA SER B 99 -25.12 22.19 18.25
C SER B 99 -23.97 21.23 17.97
N ASN B 100 -23.49 20.59 19.03
CA ASN B 100 -22.41 19.61 18.92
C ASN B 100 -22.67 18.61 20.05
N LEU B 101 -23.76 17.87 19.87
CA LEU B 101 -24.22 16.89 20.83
C LEU B 101 -24.02 15.45 20.39
N GLY B 102 -24.15 14.53 21.35
CA GLY B 102 -24.03 13.11 21.10
C GLY B 102 -22.89 12.63 20.21
N HIS B 103 -23.25 11.87 19.18
CA HIS B 103 -22.25 11.35 18.25
C HIS B 103 -21.59 12.48 17.42
N GLU B 104 -22.19 13.67 17.40
CA GLU B 104 -21.64 14.80 16.64
C GLU B 104 -20.26 15.27 17.16
N ILE B 105 -20.02 15.11 18.46
CA ILE B 105 -18.76 15.55 19.07
C ILE B 105 -17.56 14.97 18.34
N TRP B 106 -17.58 13.67 18.13
CA TRP B 106 -16.52 12.96 17.46
C TRP B 106 -15.90 13.78 16.34
N HIS B 107 -16.75 14.34 15.49
CA HIS B 107 -16.31 15.09 14.32
C HIS B 107 -16.33 16.60 14.38
N SER B 108 -16.78 17.16 15.50
CA SER B 108 -16.86 18.61 15.66
C SER B 108 -15.54 19.36 15.54
N GLY B 109 -15.56 20.43 14.77
CA GLY B 109 -14.37 21.25 14.58
C GLY B 109 -14.16 22.14 15.80
N THR B 110 -15.28 22.60 16.37
CA THR B 110 -15.20 23.45 17.56
C THR B 110 -14.55 22.62 18.64
N VAL B 111 -14.98 21.37 18.79
CA VAL B 111 -14.43 20.47 19.80
C VAL B 111 -12.97 20.19 19.51
N ALA B 112 -12.63 20.01 18.24
CA ALA B 112 -11.24 19.75 17.85
C ALA B 112 -10.30 20.85 18.35
N ALA B 113 -10.69 22.11 18.19
CA ALA B 113 -9.84 23.21 18.64
C ALA B 113 -9.58 23.08 20.15
N ALA B 114 -10.66 22.98 20.93
CA ALA B 114 -10.51 22.87 22.37
C ALA B 114 -9.58 21.70 22.66
N LYS B 115 -9.78 20.62 21.92
CA LYS B 115 -8.99 19.41 22.07
C LYS B 115 -7.51 19.73 21.86
N GLN B 116 -7.22 20.48 20.80
CA GLN B 116 -5.85 20.82 20.50
C GLN B 116 -5.24 21.52 21.70
N GLY B 117 -5.99 22.47 22.26
CA GLY B 117 -5.52 23.22 23.41
C GLY B 117 -5.15 22.27 24.53
N TYR B 118 -6.03 21.30 24.78
CA TYR B 118 -5.78 20.31 25.82
C TYR B 118 -4.49 19.52 25.54
N LEU B 119 -4.29 19.11 24.29
CA LEU B 119 -3.08 18.36 23.92
C LEU B 119 -1.86 19.18 24.23
N PHE B 120 -2.04 20.50 24.32
CA PHE B 120 -0.90 21.38 24.60
C PHE B 120 -0.68 21.64 26.08
N GLY B 121 -1.49 20.99 26.93
CA GLY B 121 -1.36 21.14 28.37
C GLY B 121 -2.35 22.11 29.01
N LEU B 122 -3.13 22.79 28.16
CA LEU B 122 -4.07 23.76 28.67
C LEU B 122 -5.44 23.19 28.91
N SER B 123 -6.24 23.90 29.70
CA SER B 123 -7.61 23.51 29.95
C SER B 123 -8.35 24.08 28.73
N ALA B 124 -9.55 23.59 28.45
CA ALA B 124 -10.29 24.07 27.29
C ALA B 124 -11.72 23.62 27.32
N ALA B 125 -12.57 24.42 26.70
CA ALA B 125 -13.99 24.13 26.58
C ALA B 125 -14.45 24.58 25.19
N ALA B 126 -15.40 23.84 24.62
CA ALA B 126 -16.01 24.15 23.33
C ALA B 126 -17.45 24.55 23.67
N PHE B 127 -17.96 25.60 23.03
CA PHE B 127 -19.35 26.06 23.26
C PHE B 127 -20.13 26.07 21.95
N SER B 128 -21.34 25.51 21.97
CA SER B 128 -22.17 25.47 20.77
C SER B 128 -23.57 25.91 21.13
N VAL B 129 -24.35 26.24 20.11
CA VAL B 129 -25.71 26.67 20.32
C VAL B 129 -26.51 26.20 19.10
N PRO B 130 -27.81 25.95 19.29
CA PRO B 130 -28.58 25.50 18.12
C PRO B 130 -28.91 26.53 17.03
N LEU B 131 -28.63 26.14 15.79
CA LEU B 131 -28.90 27.00 14.64
C LEU B 131 -29.98 26.33 13.79
N ASN B 132 -29.96 26.61 12.49
CA ASN B 132 -30.90 26.06 11.55
C ASN B 132 -32.30 26.09 12.14
N GLY B 133 -32.97 27.22 11.90
CA GLY B 133 -34.29 27.49 12.39
C GLY B 133 -34.30 28.98 12.65
N GLU B 134 -33.79 29.38 13.81
CA GLU B 134 -33.70 30.78 14.19
C GLU B 134 -32.26 31.19 14.50
N VAL B 135 -32.08 32.39 15.05
CA VAL B 135 -30.74 32.86 15.37
C VAL B 135 -30.58 33.08 16.86
N PRO B 136 -29.45 32.68 17.41
CA PRO B 136 -29.14 32.83 18.84
C PRO B 136 -28.95 34.27 19.30
N ASP B 137 -29.66 34.64 20.36
CA ASP B 137 -29.57 35.98 20.96
C ASP B 137 -28.48 35.97 22.03
N PHE B 138 -27.25 36.30 21.64
CA PHE B 138 -26.14 36.28 22.59
C PHE B 138 -26.26 37.26 23.75
N ALA B 139 -27.10 38.27 23.60
CA ALA B 139 -27.30 39.22 24.69
C ALA B 139 -28.16 38.50 25.74
N GLY B 140 -29.13 37.72 25.25
CA GLY B 140 -30.00 36.97 26.12
C GLY B 140 -29.42 35.62 26.44
N LEU B 141 -28.11 35.48 26.19
CA LEU B 141 -27.39 34.25 26.46
C LEU B 141 -26.21 34.59 27.36
N ARG B 142 -25.89 35.87 27.45
CA ARG B 142 -24.77 36.32 28.26
C ARG B 142 -24.86 35.93 29.75
N PRO B 143 -26.07 35.91 30.34
CA PRO B 143 -26.14 35.52 31.75
C PRO B 143 -25.58 34.11 31.95
N TRP B 144 -26.27 33.11 31.40
CA TRP B 144 -25.81 31.72 31.53
C TRP B 144 -24.47 31.41 30.89
N LEU B 145 -24.01 32.26 29.98
CA LEU B 145 -22.73 32.05 29.33
C LEU B 145 -21.67 32.43 30.34
N LEU B 146 -21.94 33.49 31.08
CA LEU B 146 -21.03 33.98 32.11
C LEU B 146 -21.01 32.98 33.27
N ARG B 147 -22.20 32.55 33.70
CA ARG B 147 -22.32 31.60 34.80
C ARG B 147 -21.59 30.28 34.50
N THR B 148 -21.65 29.85 33.24
CA THR B 148 -21.00 28.62 32.80
C THR B 148 -19.49 28.70 32.90
N LEU B 149 -18.93 29.89 32.69
CA LEU B 149 -17.49 30.06 32.78
C LEU B 149 -17.06 30.11 34.24
N GLU B 150 -17.94 30.62 35.09
CA GLU B 150 -17.64 30.69 36.52
C GLU B 150 -17.49 29.24 36.96
N THR B 151 -18.46 28.42 36.61
CA THR B 151 -18.40 27.01 36.96
C THR B 151 -17.13 26.42 36.37
N LEU B 152 -17.06 26.37 35.05
CA LEU B 152 -15.87 25.82 34.40
C LEU B 152 -14.57 26.20 35.09
N LEU B 153 -14.49 27.44 35.53
CA LEU B 153 -13.28 27.91 36.17
C LEU B 153 -13.01 27.36 37.58
N ARG B 154 -14.03 26.78 38.20
CA ARG B 154 -13.87 26.20 39.52
C ARG B 154 -13.35 24.78 39.46
N LEU B 155 -13.40 24.16 38.27
CA LEU B 155 -12.94 22.79 38.08
C LEU B 155 -11.43 22.59 38.32
N GLU B 156 -11.03 21.39 38.73
CA GLU B 156 -9.62 21.11 38.93
C GLU B 156 -9.00 21.25 37.54
N ARG B 157 -7.70 21.52 37.46
CA ARG B 157 -7.09 21.69 36.15
C ARG B 157 -5.96 20.75 35.76
N PRO B 158 -5.77 20.55 34.44
CA PRO B 158 -6.58 21.14 33.37
C PRO B 158 -7.87 20.36 33.11
N PHE B 159 -8.86 21.02 32.51
CA PHE B 159 -10.13 20.37 32.16
C PHE B 159 -10.35 20.40 30.64
N LEU B 160 -11.36 19.67 30.18
CA LEU B 160 -11.72 19.63 28.75
C LEU B 160 -13.21 19.38 28.68
N VAL B 161 -14.01 20.42 28.56
CA VAL B 161 -15.46 20.27 28.54
C VAL B 161 -16.22 20.73 27.27
N ASN B 162 -17.22 19.95 26.88
CA ASN B 162 -18.04 20.29 25.74
C ASN B 162 -19.29 20.97 26.28
N VAL B 163 -19.56 22.20 25.85
CA VAL B 163 -20.73 22.89 26.33
C VAL B 163 -21.73 23.17 25.23
N ASN B 164 -23.01 23.05 25.57
CA ASN B 164 -24.08 23.31 24.63
C ASN B 164 -25.16 24.16 25.31
N LEU B 165 -25.40 25.35 24.78
CA LEU B 165 -26.40 26.18 25.43
C LEU B 165 -27.68 26.22 24.66
N PRO B 166 -28.80 25.82 25.27
CA PRO B 166 -30.07 25.88 24.55
C PRO B 166 -30.30 27.35 24.18
N LEU B 167 -31.21 27.61 23.24
CA LEU B 167 -31.44 28.98 22.81
C LEU B 167 -31.82 29.94 23.93
N ARG B 168 -32.41 29.38 24.99
CA ARG B 168 -32.85 30.13 26.16
C ARG B 168 -32.63 29.31 27.42
N PRO B 169 -31.41 29.29 27.94
CA PRO B 169 -31.18 28.50 29.15
C PRO B 169 -32.03 28.95 30.35
N LYS B 170 -32.34 27.99 31.21
CA LYS B 170 -33.12 28.26 32.42
C LYS B 170 -32.50 27.41 33.52
N GLY B 171 -31.35 26.82 33.21
CA GLY B 171 -30.65 25.98 34.16
C GLY B 171 -29.28 25.55 33.66
N PHE B 172 -28.67 24.59 34.36
CA PHE B 172 -27.35 24.09 34.01
C PHE B 172 -27.19 22.67 34.55
N LEU B 173 -26.64 21.78 33.73
CA LEU B 173 -26.46 20.38 34.15
C LEU B 173 -25.18 19.76 33.66
N TRP B 174 -24.45 19.13 34.57
CA TRP B 174 -23.26 18.44 34.15
C TRP B 174 -23.83 17.22 33.44
N THR B 175 -23.28 16.87 32.28
CA THR B 175 -23.87 15.73 31.58
C THR B 175 -22.94 14.71 30.97
N ARG B 176 -23.53 13.57 30.65
CA ARG B 176 -22.82 12.50 30.00
C ARG B 176 -23.15 12.65 28.52
N GLN B 177 -22.29 12.12 27.65
CA GLN B 177 -22.54 12.18 26.22
C GLN B 177 -23.68 11.21 25.88
N SER B 178 -24.60 11.65 25.04
CA SER B 178 -25.69 10.77 24.62
C SER B 178 -25.17 9.76 23.59
N VAL B 179 -25.38 8.48 23.86
CA VAL B 179 -24.95 7.42 22.96
C VAL B 179 -26.16 6.60 22.54
N ARG B 180 -26.60 6.77 21.31
CA ARG B 180 -27.76 6.02 20.86
C ARG B 180 -27.51 5.15 19.63
N ALA B 181 -28.32 4.11 19.49
CA ALA B 181 -28.25 3.23 18.33
C ALA B 181 -29.23 3.80 17.31
N TYR B 182 -29.04 3.44 16.05
CA TYR B 182 -29.90 3.94 15.01
C TYR B 182 -30.45 2.88 14.08
N GLU B 183 -31.50 3.26 13.38
CA GLU B 183 -32.12 2.41 12.38
C GLU B 183 -31.72 3.15 11.09
N GLY B 184 -31.12 2.43 10.14
CA GLY B 184 -30.72 3.08 8.90
C GLY B 184 -31.92 3.34 8.00
N VAL B 185 -32.58 4.48 8.16
CA VAL B 185 -33.75 4.76 7.36
C VAL B 185 -33.41 5.36 6.02
N VAL B 186 -33.67 4.59 4.97
CA VAL B 186 -33.41 5.05 3.63
C VAL B 186 -34.68 5.02 2.82
N ILE B 187 -35.23 6.20 2.55
CA ILE B 187 -36.46 6.37 1.81
C ILE B 187 -36.23 6.75 0.35
N PRO B 188 -36.83 6.00 -0.59
CA PRO B 188 -36.68 6.30 -2.01
C PRO B 188 -37.47 7.55 -2.33
N GLY B 189 -37.09 8.21 -3.42
CA GLY B 189 -37.80 9.41 -3.85
C GLY B 189 -37.26 9.88 -5.19
N GLU B 190 -37.97 10.82 -5.81
CA GLU B 190 -37.50 11.39 -7.09
C GLU B 190 -37.67 12.91 -7.05
N ASP B 191 -36.80 13.61 -7.75
CA ASP B 191 -36.84 15.06 -7.76
C ASP B 191 -37.75 15.61 -8.87
N PRO B 192 -37.74 16.94 -9.07
CA PRO B 192 -38.58 17.52 -10.13
C PRO B 192 -38.14 17.13 -11.53
N MET B 193 -36.84 17.19 -11.79
CA MET B 193 -36.31 16.82 -13.10
C MET B 193 -36.58 15.33 -13.40
N GLY B 194 -37.36 14.68 -12.54
CA GLY B 194 -37.71 13.27 -12.72
C GLY B 194 -36.76 12.18 -12.21
N ARG B 195 -35.47 12.48 -12.10
CA ARG B 195 -34.48 11.51 -11.64
C ARG B 195 -34.64 11.08 -10.18
N PRO B 196 -34.36 9.80 -9.90
CA PRO B 196 -34.47 9.16 -8.59
C PRO B 196 -33.25 9.36 -7.69
N PHE B 197 -33.50 9.27 -6.39
CA PHE B 197 -32.47 9.42 -5.39
C PHE B 197 -32.99 8.69 -4.13
N TYR B 198 -32.15 8.67 -3.10
CA TYR B 198 -32.50 8.04 -1.85
C TYR B 198 -32.38 9.06 -0.75
N TRP B 199 -33.35 9.05 0.16
CA TRP B 199 -33.33 9.95 1.32
C TRP B 199 -32.71 9.15 2.45
N PHE B 200 -31.58 9.60 2.95
CA PHE B 200 -30.97 8.91 4.08
C PHE B 200 -31.33 9.81 5.25
N ALA B 201 -32.12 9.30 6.18
CA ALA B 201 -32.51 10.08 7.34
C ALA B 201 -32.56 9.12 8.52
N PRO B 202 -31.39 8.82 9.11
CA PRO B 202 -31.26 7.91 10.26
C PRO B 202 -32.05 8.36 11.49
N ARG B 203 -32.74 7.42 12.13
CA ARG B 203 -33.49 7.79 13.32
C ARG B 203 -33.03 6.87 14.45
N PRO B 204 -32.76 7.45 15.63
CA PRO B 204 -32.32 6.64 16.77
C PRO B 204 -33.43 5.78 17.35
N LEU B 205 -33.06 4.67 17.96
CA LEU B 205 -34.05 3.77 18.56
C LEU B 205 -34.76 4.49 19.71
N LYS B 206 -34.21 4.38 20.92
CA LYS B 206 -34.81 5.01 22.10
C LYS B 206 -34.58 6.53 22.13
N GLU B 207 -35.21 7.20 23.08
CA GLU B 207 -35.07 8.64 23.23
C GLU B 207 -33.71 8.91 23.88
N ALA B 208 -33.42 10.19 24.14
CA ALA B 208 -32.16 10.54 24.78
C ALA B 208 -32.40 10.38 26.28
N GLU B 209 -31.66 9.48 26.90
CA GLU B 209 -31.80 9.23 28.34
C GLU B 209 -31.44 10.48 29.12
N GLU B 210 -32.11 10.71 30.25
CA GLU B 210 -31.83 11.90 31.04
C GLU B 210 -30.42 11.88 31.61
N GLY B 211 -29.82 13.05 31.74
CA GLY B 211 -28.47 13.11 32.26
C GLY B 211 -27.54 13.20 31.07
N THR B 212 -28.10 13.13 29.86
CA THR B 212 -27.29 13.25 28.65
C THR B 212 -27.38 14.66 28.10
N ASP B 213 -26.33 15.08 27.41
CA ASP B 213 -26.28 16.39 26.80
C ASP B 213 -27.55 16.69 26.00
N ARG B 214 -27.96 15.74 25.18
CA ARG B 214 -29.14 15.92 24.36
C ARG B 214 -30.42 16.12 25.17
N TRP B 215 -30.54 15.38 26.28
CA TRP B 215 -31.71 15.50 27.15
C TRP B 215 -31.68 16.86 27.83
N ALA B 216 -30.53 17.20 28.40
CA ALA B 216 -30.35 18.49 29.06
C ALA B 216 -30.86 19.65 28.21
N VAL B 217 -30.13 19.95 27.14
CA VAL B 217 -30.49 21.06 26.24
C VAL B 217 -31.92 21.01 25.70
N ALA B 218 -32.55 19.84 25.76
CA ALA B 218 -33.92 19.69 25.28
C ALA B 218 -34.90 20.08 26.37
N GLN B 219 -34.42 20.00 27.62
CA GLN B 219 -35.24 20.35 28.76
C GLN B 219 -35.21 21.87 28.86
N GLY B 220 -34.10 22.44 28.41
CA GLY B 220 -33.90 23.87 28.43
C GLY B 220 -32.74 24.25 29.32
N PHE B 221 -31.75 23.38 29.42
CA PHE B 221 -30.60 23.64 30.27
C PHE B 221 -29.27 23.67 29.52
N VAL B 222 -28.31 24.43 30.02
CA VAL B 222 -27.02 24.46 29.39
C VAL B 222 -26.45 23.12 29.74
N SER B 223 -25.71 22.51 28.82
CA SER B 223 -25.11 21.21 29.07
C SER B 223 -23.60 21.32 29.05
N ALA B 224 -22.97 20.56 29.95
CA ALA B 224 -21.53 20.59 30.06
C ALA B 224 -21.03 19.17 30.29
N THR B 225 -20.29 18.65 29.31
CA THR B 225 -19.79 17.30 29.41
C THR B 225 -18.27 17.20 29.40
N PRO B 226 -17.69 16.62 30.45
CA PRO B 226 -16.25 16.50 30.47
C PRO B 226 -15.90 15.46 29.42
N LEU B 227 -14.89 15.74 28.61
CA LEU B 227 -14.50 14.82 27.55
C LEU B 227 -13.21 14.11 27.85
N ARG B 228 -13.02 12.95 27.25
CA ARG B 228 -11.80 12.16 27.42
C ARG B 228 -11.08 12.18 26.09
N LEU B 229 -9.86 11.65 26.04
CA LEU B 229 -9.12 11.63 24.79
C LEU B 229 -8.84 10.22 24.30
N ASP B 230 -9.00 9.25 25.18
CA ASP B 230 -8.74 7.86 24.83
C ASP B 230 -9.97 7.20 24.22
N LEU B 231 -9.87 6.87 22.93
CA LEU B 231 -10.97 6.25 22.19
C LEU B 231 -11.05 4.74 22.41
N THR B 232 -10.02 4.21 23.07
CA THR B 232 -9.90 2.80 23.37
C THR B 232 -11.00 2.27 24.27
N ASP B 233 -11.43 1.04 23.96
CA ASP B 233 -12.41 0.37 24.80
C ASP B 233 -11.60 -0.65 25.58
N GLU B 234 -11.11 -0.25 26.75
CA GLU B 234 -10.30 -1.11 27.61
C GLU B 234 -11.05 -2.38 28.01
N THR B 235 -12.36 -2.26 28.23
CA THR B 235 -13.19 -3.39 28.62
C THR B 235 -13.17 -4.51 27.59
N ARG B 236 -12.58 -4.25 26.42
CA ARG B 236 -12.50 -5.25 25.37
C ARG B 236 -11.07 -5.46 24.96
N LEU B 237 -10.18 -4.98 25.81
CA LEU B 237 -8.76 -5.10 25.58
C LEU B 237 -8.20 -5.78 26.82
N MET C 1 8.58 13.19 -29.46
CA MET C 1 8.23 14.27 -28.48
C MET C 1 8.01 13.69 -27.09
N ARG C 2 7.82 14.58 -26.12
CA ARG C 2 7.59 14.16 -24.75
C ARG C 2 6.20 14.64 -24.32
N ILE C 3 5.53 13.87 -23.45
CA ILE C 3 4.19 14.23 -22.98
C ILE C 3 3.99 14.07 -21.48
N LEU C 4 3.33 15.05 -20.88
CA LEU C 4 3.02 14.98 -19.45
C LEU C 4 1.53 14.66 -19.38
N VAL C 5 1.15 13.65 -18.60
CA VAL C 5 -0.28 13.32 -18.48
C VAL C 5 -0.76 13.34 -17.05
N THR C 6 -1.89 14.01 -16.83
CA THR C 6 -2.51 14.16 -15.52
C THR C 6 -4.06 14.13 -15.62
N ASN C 7 -4.73 14.36 -14.50
CA ASN C 7 -6.19 14.39 -14.46
C ASN C 7 -6.58 14.95 -13.10
N ASP C 8 -7.87 15.01 -12.77
CA ASP C 8 -8.25 15.48 -11.45
C ASP C 8 -9.02 14.42 -10.64
N ASP C 9 -9.02 13.18 -11.14
CA ASP C 9 -9.69 12.07 -10.48
C ASP C 9 -8.76 11.30 -9.53
N GLY C 10 -7.45 11.42 -9.79
CA GLY C 10 -6.46 10.74 -8.99
C GLY C 10 -5.68 9.74 -9.84
N ILE C 11 -4.59 9.25 -9.26
CA ILE C 11 -3.68 8.29 -9.88
C ILE C 11 -4.28 6.88 -10.14
N TYR C 12 -5.47 6.61 -9.61
CA TYR C 12 -6.03 5.29 -9.81
C TYR C 12 -7.15 5.23 -10.83
N SER C 13 -7.54 6.38 -11.35
CA SER C 13 -8.60 6.42 -12.35
C SER C 13 -8.24 5.63 -13.57
N PRO C 14 -9.15 4.77 -14.05
CA PRO C 14 -8.76 4.05 -15.27
C PRO C 14 -8.61 5.08 -16.38
N GLY C 15 -9.43 6.12 -16.33
CA GLY C 15 -9.35 7.17 -17.33
C GLY C 15 -7.95 7.74 -17.57
N LEU C 16 -7.19 7.93 -16.49
CA LEU C 16 -5.82 8.45 -16.55
C LEU C 16 -4.84 7.57 -17.30
N TRP C 17 -4.93 6.27 -17.06
CA TRP C 17 -4.02 5.35 -17.72
C TRP C 17 -4.50 5.02 -19.10
N ALA C 18 -5.81 5.11 -19.31
CA ALA C 18 -6.34 4.88 -20.63
C ALA C 18 -5.83 6.05 -21.47
N LEU C 19 -5.46 7.14 -20.80
CA LEU C 19 -4.97 8.30 -21.54
C LEU C 19 -3.46 8.24 -21.70
N ALA C 20 -2.77 7.82 -20.66
CA ALA C 20 -1.32 7.74 -20.68
C ALA C 20 -0.91 6.72 -21.73
N GLU C 21 -1.63 5.62 -21.76
CA GLU C 21 -1.37 4.54 -22.69
C GLU C 21 -1.58 4.98 -24.14
N ALA C 22 -2.60 5.78 -24.40
CA ALA C 22 -2.84 6.27 -25.75
C ALA C 22 -1.81 7.37 -26.04
N ALA C 23 -1.36 8.05 -25.00
CA ALA C 23 -0.39 9.11 -25.19
C ALA C 23 0.98 8.53 -25.58
N SER C 24 1.35 7.42 -24.97
CA SER C 24 2.63 6.77 -25.26
C SER C 24 2.76 6.36 -26.73
N GLN C 25 1.63 6.26 -27.42
CA GLN C 25 1.61 5.88 -28.81
C GLN C 25 2.07 7.02 -29.70
N PHE C 26 2.64 8.06 -29.09
CA PHE C 26 3.13 9.20 -29.86
C PHE C 26 4.34 9.84 -29.23
N GLY C 27 4.83 9.31 -28.13
CA GLY C 27 6.01 9.92 -27.51
C GLY C 27 6.26 9.50 -26.07
N GLU C 28 7.37 9.97 -25.49
CA GLU C 28 7.71 9.64 -24.10
C GLU C 28 6.69 10.21 -23.12
N VAL C 29 6.04 9.32 -22.36
CA VAL C 29 5.03 9.74 -21.40
C VAL C 29 5.48 9.68 -19.98
N PHE C 30 4.99 10.63 -19.20
CA PHE C 30 5.28 10.74 -17.78
C PHE C 30 3.94 11.11 -17.16
N VAL C 31 3.57 10.43 -16.08
CA VAL C 31 2.30 10.67 -15.42
C VAL C 31 2.45 11.24 -14.02
N ALA C 32 1.72 12.31 -13.77
CA ALA C 32 1.70 13.00 -12.48
C ALA C 32 0.25 13.33 -12.16
N ALA C 33 -0.31 12.64 -11.16
CA ALA C 33 -1.69 12.85 -10.80
C ALA C 33 -1.89 13.19 -9.34
N PRO C 34 -3.08 13.70 -8.99
CA PRO C 34 -3.43 14.09 -7.63
C PRO C 34 -3.60 12.98 -6.61
N ASP C 35 -3.68 13.41 -5.34
CA ASP C 35 -3.86 12.52 -4.20
C ASP C 35 -5.38 12.44 -3.93
N ILE C 45 -4.37 28.60 -5.57
CA ILE C 45 -3.60 29.73 -5.01
C ILE C 45 -2.24 29.91 -5.69
N THR C 46 -1.78 31.15 -5.73
CA THR C 46 -0.52 31.48 -6.38
C THR C 46 0.68 31.68 -5.45
N ILE C 47 0.43 31.98 -4.18
CA ILE C 47 1.53 32.18 -3.25
C ILE C 47 2.29 30.88 -3.06
N ALA C 48 3.60 30.97 -2.91
CA ALA C 48 4.42 29.79 -2.75
C ALA C 48 3.88 28.81 -1.70
N HIS C 49 3.62 27.57 -2.12
CA HIS C 49 3.13 26.52 -1.22
C HIS C 49 3.92 25.21 -1.38
N PRO C 50 4.08 24.47 -0.27
CA PRO C 50 4.80 23.20 -0.31
C PRO C 50 4.02 22.09 -1.02
N VAL C 51 4.73 21.30 -1.82
CA VAL C 51 4.10 20.21 -2.55
C VAL C 51 4.98 18.96 -2.46
N ARG C 52 4.38 17.80 -2.21
CA ARG C 52 5.17 16.57 -2.15
C ARG C 52 4.69 15.62 -3.23
N ALA C 53 5.61 14.95 -3.90
CA ALA C 53 5.27 13.99 -4.94
C ALA C 53 5.89 12.71 -4.43
N TYR C 54 5.42 11.57 -4.94
CA TYR C 54 5.92 10.27 -4.52
C TYR C 54 6.00 9.32 -5.68
N PRO C 55 7.15 8.64 -5.81
CA PRO C 55 7.35 7.68 -6.91
C PRO C 55 6.19 6.71 -6.89
N HIS C 56 5.59 6.52 -8.05
CA HIS C 56 4.45 5.64 -8.15
C HIS C 56 4.63 4.69 -9.32
N PRO C 57 4.45 3.38 -9.07
CA PRO C 57 4.59 2.38 -10.11
C PRO C 57 3.44 2.45 -11.08
N SER C 58 3.75 2.65 -12.35
CA SER C 58 2.73 2.72 -13.36
C SER C 58 2.45 1.29 -13.79
N PRO C 59 1.23 1.01 -14.26
CA PRO C 59 0.98 -0.36 -14.69
C PRO C 59 1.31 -0.45 -16.18
N PRO C 63 2.46 -1.54 -21.07
CA PRO C 63 3.67 -0.69 -21.18
C PRO C 63 4.09 -0.14 -19.81
N HIS C 64 5.10 0.74 -19.80
CA HIS C 64 5.56 1.34 -18.55
C HIS C 64 6.06 2.79 -18.66
N PHE C 65 5.23 3.73 -18.20
CA PHE C 65 5.55 5.17 -18.22
C PHE C 65 5.78 5.70 -16.80
N PRO C 66 6.99 6.22 -16.51
CA PRO C 66 7.30 6.75 -15.17
C PRO C 66 6.14 7.57 -14.60
N ALA C 67 5.89 7.44 -13.30
CA ALA C 67 4.77 8.15 -12.69
C ALA C 67 4.97 8.67 -11.26
N TYR C 68 4.08 9.59 -10.87
CA TYR C 68 4.10 10.19 -9.56
C TYR C 68 2.70 10.48 -9.05
N ARG C 69 2.53 10.35 -7.74
CA ARG C 69 1.27 10.69 -7.11
C ARG C 69 1.69 11.97 -6.44
N VAL C 70 0.89 13.02 -6.61
CA VAL C 70 1.22 14.30 -6.02
C VAL C 70 0.22 14.76 -4.97
N ARG C 71 0.69 14.93 -3.75
CA ARG C 71 -0.18 15.41 -2.69
C ARG C 71 -0.39 16.89 -3.03
N GLY C 72 -1.19 17.12 -4.06
CA GLY C 72 -1.50 18.46 -4.48
C GLY C 72 -2.60 18.44 -5.52
N THR C 73 -2.99 19.62 -5.99
CA THR C 73 -4.03 19.78 -7.00
C THR C 73 -3.52 19.37 -8.38
N PRO C 74 -4.39 19.43 -9.40
CA PRO C 74 -3.91 19.07 -10.75
C PRO C 74 -2.86 20.07 -11.23
N ALA C 75 -3.10 21.35 -11.01
CA ALA C 75 -2.14 22.37 -11.45
C ALA C 75 -0.78 21.99 -10.88
N ASP C 76 -0.73 21.79 -9.57
CA ASP C 76 0.49 21.39 -8.88
C ASP C 76 1.15 20.27 -9.69
N CYS C 77 0.36 19.31 -10.16
CA CYS C 77 0.91 18.18 -10.92
C CYS C 77 1.60 18.56 -12.21
N VAL C 78 1.13 19.63 -12.85
CA VAL C 78 1.72 20.09 -14.09
C VAL C 78 3.01 20.82 -13.75
N ALA C 79 2.96 21.62 -12.70
CA ALA C 79 4.14 22.35 -12.27
C ALA C 79 5.17 21.29 -11.89
N LEU C 80 4.87 20.49 -10.86
CA LEU C 80 5.78 19.44 -10.42
C LEU C 80 6.14 18.51 -11.56
N GLY C 81 5.14 18.15 -12.36
CA GLY C 81 5.37 17.26 -13.49
C GLY C 81 6.55 17.73 -14.32
N LEU C 82 6.57 19.02 -14.65
CA LEU C 82 7.66 19.56 -15.47
C LEU C 82 9.03 19.66 -14.79
N HIS C 83 9.01 20.00 -13.51
CA HIS C 83 10.24 20.13 -12.76
C HIS C 83 10.93 18.80 -12.44
N LEU C 84 10.15 17.72 -12.28
CA LEU C 84 10.71 16.40 -11.97
C LEU C 84 10.88 15.52 -13.22
N PHE C 85 10.17 15.86 -14.29
CA PHE C 85 10.22 15.09 -15.54
C PHE C 85 10.66 15.91 -16.73
N GLY C 86 10.05 17.09 -16.85
CA GLY C 86 10.27 18.01 -17.95
C GLY C 86 11.72 18.25 -18.25
N PRO C 87 12.03 19.02 -19.31
CA PRO C 87 11.06 19.67 -20.20
C PRO C 87 10.02 18.73 -20.84
N VAL C 88 8.97 19.32 -21.40
CA VAL C 88 7.91 18.55 -22.04
C VAL C 88 7.26 19.37 -23.17
N ASP C 89 6.76 18.67 -24.21
CA ASP C 89 6.13 19.36 -25.33
C ASP C 89 4.60 19.45 -25.26
N LEU C 90 3.97 18.64 -24.43
CA LEU C 90 2.52 18.69 -24.35
C LEU C 90 1.90 18.22 -23.03
N VAL C 91 0.78 18.86 -22.66
CA VAL C 91 0.07 18.48 -21.46
C VAL C 91 -1.28 17.91 -21.82
N LEU C 92 -1.58 16.75 -21.23
CA LEU C 92 -2.84 16.03 -21.41
C LEU C 92 -3.45 15.85 -20.02
N SER C 93 -4.76 16.09 -19.94
CA SER C 93 -5.50 16.01 -18.70
C SER C 93 -6.70 15.12 -18.90
N GLY C 94 -6.74 13.99 -18.17
CA GLY C 94 -7.87 13.05 -18.29
C GLY C 94 -7.49 11.58 -18.44
N VAL C 95 -8.39 10.74 -18.95
CA VAL C 95 -9.75 11.14 -19.32
C VAL C 95 -10.58 11.27 -18.05
N ASN C 96 -11.38 12.33 -18.01
CA ASN C 96 -12.21 12.58 -16.87
C ASN C 96 -13.48 11.77 -17.01
N LEU C 97 -13.83 11.07 -15.93
CA LEU C 97 -15.06 10.28 -15.86
C LEU C 97 -16.11 11.34 -15.59
N GLY C 98 -16.88 11.66 -16.61
CA GLY C 98 -17.88 12.70 -16.47
C GLY C 98 -17.58 13.73 -17.54
N SER C 99 -18.63 14.25 -18.15
CA SER C 99 -18.48 15.24 -19.21
C SER C 99 -18.07 16.63 -18.72
N ASN C 100 -17.58 17.44 -19.65
CA ASN C 100 -17.16 18.80 -19.36
C ASN C 100 -17.58 19.66 -20.56
N LEU C 101 -18.88 19.80 -20.73
CA LEU C 101 -19.44 20.55 -21.84
C LEU C 101 -20.11 21.82 -21.37
N GLY C 102 -20.31 22.74 -22.31
CA GLY C 102 -20.98 24.00 -22.03
C GLY C 102 -20.59 24.74 -20.76
N HIS C 103 -21.57 25.33 -20.09
CA HIS C 103 -21.30 26.06 -18.88
C HIS C 103 -20.32 25.35 -17.92
N GLU C 104 -20.25 24.02 -18.00
CA GLU C 104 -19.37 23.22 -17.14
C GLU C 104 -17.87 23.53 -17.31
N ILE C 105 -17.48 23.90 -18.53
CA ILE C 105 -16.09 24.22 -18.81
C ILE C 105 -15.48 25.21 -17.83
N TRP C 106 -16.30 26.12 -17.33
CA TRP C 106 -15.85 27.13 -16.38
C TRP C 106 -15.17 26.61 -15.12
N HIS C 107 -15.74 25.57 -14.51
CA HIS C 107 -15.14 25.06 -13.29
C HIS C 107 -14.60 23.63 -13.32
N SER C 108 -14.14 23.19 -14.49
CA SER C 108 -13.57 21.85 -14.60
C SER C 108 -12.11 21.79 -14.15
N GLY C 109 -11.81 20.86 -13.26
CA GLY C 109 -10.45 20.72 -12.78
C GLY C 109 -9.61 20.08 -13.87
N THR C 110 -10.30 19.36 -14.75
CA THR C 110 -9.65 18.68 -15.85
C THR C 110 -9.18 19.76 -16.80
N VAL C 111 -10.08 20.67 -17.15
CA VAL C 111 -9.68 21.75 -18.03
C VAL C 111 -8.68 22.68 -17.35
N ALA C 112 -8.88 22.95 -16.06
CA ALA C 112 -7.95 23.83 -15.36
C ALA C 112 -6.49 23.36 -15.44
N ALA C 113 -6.26 22.05 -15.53
CA ALA C 113 -4.89 21.53 -15.61
C ALA C 113 -4.29 21.75 -17.01
N ALA C 114 -5.08 21.59 -18.03
CA ALA C 114 -4.58 21.80 -19.36
C ALA C 114 -4.28 23.31 -19.46
N LYS C 115 -5.15 24.12 -18.85
CA LYS C 115 -5.01 25.57 -18.82
C LYS C 115 -3.70 25.97 -18.15
N GLN C 116 -3.40 25.30 -17.04
CA GLN C 116 -2.17 25.59 -16.31
C GLN C 116 -0.98 25.26 -17.21
N GLY C 117 -1.21 24.33 -18.14
CA GLY C 117 -0.19 23.94 -19.09
C GLY C 117 0.03 25.02 -20.12
N TYR C 118 -1.04 25.51 -20.73
CA TYR C 118 -0.93 26.56 -21.74
C TYR C 118 -0.25 27.80 -21.14
N LEU C 119 -0.73 28.22 -19.98
CA LEU C 119 -0.18 29.38 -19.30
C LEU C 119 1.30 29.21 -18.99
N PHE C 120 1.81 28.00 -19.18
CA PHE C 120 3.20 27.67 -18.92
C PHE C 120 3.94 27.62 -20.26
N GLY C 121 3.20 27.79 -21.35
CA GLY C 121 3.82 27.81 -22.65
C GLY C 121 3.68 26.60 -23.53
N LEU C 122 3.03 25.56 -23.02
CA LEU C 122 2.87 24.33 -23.80
C LEU C 122 1.50 24.25 -24.40
N SER C 123 1.35 23.34 -25.36
CA SER C 123 0.04 23.11 -25.96
C SER C 123 -0.65 22.23 -24.91
N ALA C 124 -1.98 22.20 -24.90
CA ALA C 124 -2.70 21.39 -23.93
C ALA C 124 -4.06 20.96 -24.42
N ALA C 125 -4.50 19.81 -23.94
CA ALA C 125 -5.82 19.29 -24.30
C ALA C 125 -6.40 18.51 -23.13
N ALA C 126 -7.67 18.77 -22.84
CA ALA C 126 -8.36 18.09 -21.75
C ALA C 126 -9.33 17.14 -22.44
N PHE C 127 -9.41 15.91 -21.95
CA PHE C 127 -10.33 14.92 -22.53
C PHE C 127 -11.39 14.49 -21.54
N SER C 128 -12.61 14.27 -22.03
CA SER C 128 -13.71 13.87 -21.14
C SER C 128 -14.77 13.01 -21.79
N VAL C 129 -15.35 12.14 -20.97
CA VAL C 129 -16.40 11.24 -21.42
C VAL C 129 -17.54 11.28 -20.40
N PRO C 130 -18.80 11.27 -20.88
CA PRO C 130 -19.96 11.31 -20.00
C PRO C 130 -20.09 10.08 -19.10
N LEU C 131 -20.67 10.28 -17.93
CA LEU C 131 -20.87 9.20 -16.97
C LEU C 131 -22.33 9.21 -16.54
N ASN C 132 -22.56 9.40 -15.23
CA ASN C 132 -23.90 9.44 -14.64
C ASN C 132 -24.80 8.34 -15.18
N GLY C 133 -24.36 7.10 -15.02
CA GLY C 133 -25.12 5.96 -15.52
C GLY C 133 -24.20 4.77 -15.66
N GLU C 134 -23.62 4.60 -16.84
CA GLU C 134 -22.72 3.47 -17.09
C GLU C 134 -21.27 3.92 -17.21
N VAL C 135 -20.34 3.04 -16.86
CA VAL C 135 -18.93 3.37 -16.94
C VAL C 135 -18.53 3.30 -18.40
N PRO C 136 -17.43 3.96 -18.76
CA PRO C 136 -16.95 3.98 -20.15
C PRO C 136 -16.11 2.75 -20.50
N ASP C 137 -16.00 2.50 -21.81
CA ASP C 137 -15.22 1.38 -22.33
C ASP C 137 -13.95 1.95 -22.94
N PHE C 138 -12.95 2.24 -22.12
CA PHE C 138 -11.70 2.81 -22.61
C PHE C 138 -11.02 1.97 -23.66
N ALA C 139 -10.81 0.69 -23.38
CA ALA C 139 -10.16 -0.19 -24.35
C ALA C 139 -11.02 -0.24 -25.62
N GLY C 140 -12.28 0.21 -25.50
CA GLY C 140 -13.18 0.25 -26.65
C GLY C 140 -13.33 1.65 -27.24
N LEU C 141 -12.63 2.61 -26.65
CA LEU C 141 -12.65 4.01 -27.11
C LEU C 141 -11.30 4.40 -27.72
N ARG C 142 -10.29 3.55 -27.51
CA ARG C 142 -8.94 3.79 -28.01
C ARG C 142 -8.96 4.26 -29.47
N PRO C 143 -9.84 3.67 -30.31
CA PRO C 143 -9.92 4.06 -31.72
C PRO C 143 -9.85 5.58 -31.90
N TRP C 144 -10.81 6.27 -31.30
CA TRP C 144 -10.88 7.73 -31.41
C TRP C 144 -9.94 8.55 -30.51
N LEU C 145 -9.39 7.96 -29.46
CA LEU C 145 -8.44 8.72 -28.62
C LEU C 145 -7.17 8.95 -29.44
N LEU C 146 -6.74 7.90 -30.14
CA LEU C 146 -5.55 7.92 -30.99
C LEU C 146 -5.83 8.82 -32.20
N ARG C 147 -7.05 8.72 -32.72
CA ARG C 147 -7.47 9.53 -33.87
C ARG C 147 -7.56 10.99 -33.40
N THR C 148 -8.27 11.21 -32.28
CA THR C 148 -8.45 12.53 -31.71
C THR C 148 -7.09 13.11 -31.37
N LEU C 149 -6.16 12.27 -30.96
CA LEU C 149 -4.82 12.74 -30.63
C LEU C 149 -3.99 13.07 -31.87
N GLU C 150 -4.18 12.32 -32.97
CA GLU C 150 -3.45 12.57 -34.21
C GLU C 150 -3.85 13.94 -34.76
N THR C 151 -5.15 14.18 -34.81
CA THR C 151 -5.68 15.45 -35.31
C THR C 151 -5.10 16.65 -34.57
N LEU C 152 -5.03 16.57 -33.25
CA LEU C 152 -4.50 17.66 -32.42
C LEU C 152 -2.99 17.88 -32.57
N LEU C 153 -2.22 16.79 -32.54
CA LEU C 153 -0.77 16.84 -32.66
C LEU C 153 -0.31 17.47 -33.97
N ARG C 154 -1.25 17.62 -34.90
CA ARG C 154 -0.93 18.24 -36.18
C ARG C 154 -1.41 19.68 -36.18
N LEU C 155 -2.22 20.04 -35.18
CA LEU C 155 -2.73 21.41 -35.08
C LEU C 155 -1.56 22.38 -34.89
N GLU C 156 -1.75 23.62 -35.31
CA GLU C 156 -0.69 24.62 -35.15
C GLU C 156 -0.57 24.90 -33.65
N ARG C 157 0.64 24.81 -33.13
CA ARG C 157 0.87 25.05 -31.72
C ARG C 157 1.27 26.50 -31.41
N PRO C 158 1.05 26.95 -30.16
CA PRO C 158 0.42 26.16 -29.10
C PRO C 158 -1.11 26.20 -29.22
N PHE C 159 -1.77 25.15 -28.75
CA PHE C 159 -3.23 25.06 -28.81
C PHE C 159 -3.80 24.69 -27.44
N LEU C 160 -5.11 24.85 -27.28
CA LEU C 160 -5.80 24.52 -26.05
C LEU C 160 -7.20 24.07 -26.40
N VAL C 161 -7.39 22.75 -26.43
CA VAL C 161 -8.67 22.16 -26.80
C VAL C 161 -9.34 21.31 -25.73
N ASN C 162 -10.66 21.38 -25.72
CA ASN C 162 -11.45 20.60 -24.78
C ASN C 162 -12.16 19.50 -25.55
N VAL C 163 -11.78 18.25 -25.27
CA VAL C 163 -12.37 17.11 -25.95
C VAL C 163 -13.43 16.36 -25.14
N ASN C 164 -14.56 16.10 -25.77
CA ASN C 164 -15.63 15.34 -25.14
C ASN C 164 -16.02 14.17 -26.02
N LEU C 165 -15.69 12.96 -25.56
CA LEU C 165 -16.00 11.76 -26.31
C LEU C 165 -17.27 11.09 -25.84
N PRO C 166 -18.26 10.90 -26.73
CA PRO C 166 -19.46 10.22 -26.25
C PRO C 166 -19.08 8.77 -25.89
N LEU C 167 -20.01 7.99 -25.37
CA LEU C 167 -19.69 6.61 -25.03
C LEU C 167 -19.36 5.75 -26.26
N ARG C 168 -20.25 5.79 -27.25
CA ARG C 168 -20.08 5.06 -28.51
C ARG C 168 -19.92 6.03 -29.70
N PRO C 169 -18.68 6.50 -29.92
CA PRO C 169 -18.26 7.43 -30.96
C PRO C 169 -18.35 6.93 -32.41
N LYS C 170 -19.02 7.73 -33.24
CA LYS C 170 -19.19 7.42 -34.65
C LYS C 170 -18.60 8.54 -35.51
N GLY C 171 -17.79 9.42 -34.91
CA GLY C 171 -17.20 10.51 -35.66
C GLY C 171 -16.45 11.58 -34.88
N PHE C 172 -16.23 12.73 -35.53
CA PHE C 172 -15.49 13.84 -34.93
C PHE C 172 -16.16 15.17 -35.25
N LEU C 173 -15.73 16.23 -34.59
CA LEU C 173 -16.29 17.57 -34.82
C LEU C 173 -15.66 18.71 -34.00
N TRP C 174 -15.13 19.71 -34.70
CA TRP C 174 -14.59 20.86 -34.03
C TRP C 174 -15.84 21.62 -33.60
N THR C 175 -15.85 22.09 -32.35
CA THR C 175 -17.04 22.75 -31.82
C THR C 175 -16.86 24.09 -31.12
N ARG C 176 -18.02 24.67 -30.87
CA ARG C 176 -18.15 25.92 -30.14
C ARG C 176 -18.85 25.53 -28.83
N GLN C 177 -18.43 26.15 -27.73
CA GLN C 177 -19.03 25.88 -26.43
C GLN C 177 -20.53 26.15 -26.52
N SER C 178 -21.35 25.26 -26.02
CA SER C 178 -22.77 25.53 -26.06
C SER C 178 -23.03 26.49 -24.89
N VAL C 179 -23.64 27.62 -25.20
CA VAL C 179 -23.93 28.61 -24.18
C VAL C 179 -25.45 28.80 -24.24
N ARG C 180 -26.13 28.68 -23.10
CA ARG C 180 -27.59 28.79 -23.06
C ARG C 180 -28.23 29.59 -21.90
N ALA C 181 -29.47 30.02 -22.10
CA ALA C 181 -30.16 30.77 -21.05
C ALA C 181 -30.81 29.72 -20.18
N TYR C 182 -31.06 30.06 -18.92
CA TYR C 182 -31.66 29.13 -17.98
C TYR C 182 -32.82 29.71 -17.21
N GLU C 183 -33.63 28.81 -16.63
CA GLU C 183 -34.78 29.18 -15.81
C GLU C 183 -34.49 28.73 -14.37
N GLY C 184 -34.54 29.65 -13.43
CA GLY C 184 -34.26 29.32 -12.04
C GLY C 184 -35.43 28.63 -11.38
N VAL C 185 -35.71 27.39 -11.77
CA VAL C 185 -36.83 26.67 -11.19
C VAL C 185 -36.62 26.40 -9.72
N VAL C 186 -37.55 26.87 -8.90
CA VAL C 186 -37.46 26.67 -7.48
C VAL C 186 -38.81 26.18 -6.94
N ILE C 187 -38.85 24.92 -6.52
CA ILE C 187 -40.07 24.31 -5.98
C ILE C 187 -39.90 23.88 -4.53
N PRO C 188 -40.74 24.39 -3.63
CA PRO C 188 -40.60 24.00 -2.23
C PRO C 188 -40.92 22.51 -2.02
N GLY C 189 -40.50 21.97 -0.88
CA GLY C 189 -40.76 20.58 -0.58
C GLY C 189 -40.40 20.32 0.87
N GLU C 190 -40.47 19.06 1.30
CA GLU C 190 -40.10 18.73 2.66
C GLU C 190 -39.56 17.33 2.76
N ASP C 191 -38.46 17.19 3.49
CA ASP C 191 -37.83 15.89 3.66
C ASP C 191 -38.74 14.99 4.49
N PRO C 192 -38.48 13.67 4.48
CA PRO C 192 -39.31 12.74 5.25
C PRO C 192 -39.53 13.18 6.70
N MET C 193 -38.51 13.77 7.32
CA MET C 193 -38.65 14.25 8.69
C MET C 193 -39.53 15.51 8.76
N GLY C 194 -40.34 15.73 7.73
CA GLY C 194 -41.24 16.88 7.69
C GLY C 194 -40.66 18.27 7.51
N ARG C 195 -39.33 18.41 7.59
CA ARG C 195 -38.70 19.71 7.43
C ARG C 195 -38.79 20.24 6.00
N PRO C 196 -39.03 21.55 5.87
CA PRO C 196 -39.15 22.26 4.60
C PRO C 196 -37.80 22.67 4.01
N PHE C 197 -37.77 22.82 2.70
CA PHE C 197 -36.58 23.19 1.96
C PHE C 197 -37.04 23.56 0.56
N TYR C 198 -36.12 24.02 -0.28
CA TYR C 198 -36.50 24.39 -1.64
C TYR C 198 -35.73 23.55 -2.65
N TRP C 199 -36.42 23.01 -3.65
CA TRP C 199 -35.76 22.26 -4.69
C TRP C 199 -35.33 23.33 -5.66
N PHE C 200 -34.06 23.32 -6.02
CA PHE C 200 -33.57 24.28 -6.98
C PHE C 200 -33.18 23.38 -8.15
N ALA C 201 -33.80 23.59 -9.30
CA ALA C 201 -33.48 22.76 -10.44
C ALA C 201 -33.37 23.63 -11.67
N PRO C 202 -32.17 24.06 -12.00
CA PRO C 202 -32.08 24.90 -13.18
C PRO C 202 -32.27 24.06 -14.46
N ARG C 203 -32.96 24.64 -15.45
CA ARG C 203 -33.12 23.93 -16.71
C ARG C 203 -33.04 24.92 -17.83
N PRO C 204 -32.27 24.57 -18.87
CA PRO C 204 -32.06 25.40 -20.06
C PRO C 204 -33.37 25.77 -20.77
N LEU C 205 -33.39 26.92 -21.42
CA LEU C 205 -34.58 27.37 -22.12
C LEU C 205 -34.82 26.62 -23.45
N LYS C 206 -33.76 26.09 -24.03
CA LYS C 206 -33.85 25.37 -25.29
C LYS C 206 -32.73 24.34 -25.42
N GLU C 207 -32.89 23.40 -26.35
CA GLU C 207 -31.87 22.36 -26.57
C GLU C 207 -30.62 22.90 -27.27
N ALA C 208 -29.50 22.21 -27.05
CA ALA C 208 -28.23 22.59 -27.66
C ALA C 208 -28.41 22.87 -29.14
N GLU C 209 -27.44 23.58 -29.71
CA GLU C 209 -27.48 23.96 -31.11
C GLU C 209 -26.37 23.32 -31.93
N GLU C 210 -26.66 23.04 -33.21
CA GLU C 210 -25.68 22.44 -34.13
C GLU C 210 -24.34 23.16 -34.10
N GLY C 211 -23.25 22.41 -33.93
CA GLY C 211 -21.93 23.03 -33.91
C GLY C 211 -21.33 23.17 -32.53
N THR C 212 -22.16 22.94 -31.52
CA THR C 212 -21.75 23.02 -30.13
C THR C 212 -21.34 21.66 -29.68
N ASP C 213 -20.47 21.61 -28.68
CA ASP C 213 -20.00 20.36 -28.11
C ASP C 213 -21.13 19.58 -27.46
N ARG C 214 -22.10 20.28 -26.88
CA ARG C 214 -23.20 19.61 -26.22
C ARG C 214 -24.08 18.91 -27.24
N TRP C 215 -24.28 19.54 -28.40
CA TRP C 215 -25.11 18.93 -29.45
C TRP C 215 -24.33 17.81 -30.14
N ALA C 216 -23.04 18.05 -30.37
CA ALA C 216 -22.18 17.06 -31.01
C ALA C 216 -22.08 15.75 -30.22
N VAL C 217 -21.96 15.83 -28.90
CA VAL C 217 -21.85 14.60 -28.12
C VAL C 217 -23.17 13.85 -28.13
N ALA C 218 -24.27 14.58 -28.28
CA ALA C 218 -25.59 13.96 -28.32
C ALA C 218 -25.86 13.29 -29.67
N GLN C 219 -24.99 13.54 -30.66
CA GLN C 219 -25.14 12.91 -31.97
C GLN C 219 -24.05 11.84 -32.08
N GLY C 220 -23.42 11.53 -30.96
CA GLY C 220 -22.37 10.52 -30.96
C GLY C 220 -21.08 10.94 -31.62
N PHE C 221 -20.81 12.23 -31.66
CA PHE C 221 -19.58 12.70 -32.28
C PHE C 221 -18.57 13.12 -31.22
N VAL C 222 -17.30 12.77 -31.42
CA VAL C 222 -16.26 13.18 -30.49
C VAL C 222 -16.25 14.69 -30.65
N SER C 223 -16.21 15.41 -29.54
CA SER C 223 -16.21 16.87 -29.58
C SER C 223 -14.91 17.51 -29.09
N ALA C 224 -14.44 18.48 -29.85
CA ALA C 224 -13.23 19.21 -29.48
C ALA C 224 -13.59 20.66 -29.69
N THR C 225 -13.23 21.50 -28.72
CA THR C 225 -13.51 22.92 -28.78
C THR C 225 -12.26 23.70 -28.41
N PRO C 226 -11.74 24.54 -29.34
CA PRO C 226 -10.54 25.30 -28.99
C PRO C 226 -10.98 26.34 -27.93
N LEU C 227 -10.17 26.55 -26.91
CA LEU C 227 -10.57 27.49 -25.85
C LEU C 227 -9.74 28.75 -25.73
N ARG C 228 -10.41 29.88 -25.49
CA ARG C 228 -9.70 31.15 -25.32
C ARG C 228 -9.38 31.36 -23.86
N LEU C 229 -8.41 32.23 -23.59
CA LEU C 229 -8.02 32.48 -22.22
C LEU C 229 -8.64 33.74 -21.64
N ASP C 230 -8.91 34.72 -22.51
CA ASP C 230 -9.45 36.01 -22.11
C ASP C 230 -10.99 36.04 -22.06
N LEU C 231 -11.53 36.23 -20.85
CA LEU C 231 -12.98 36.27 -20.64
C LEU C 231 -13.56 37.65 -20.97
N THR C 232 -12.70 38.55 -21.40
CA THR C 232 -13.09 39.92 -21.77
C THR C 232 -14.09 39.96 -22.94
N ASP C 233 -15.10 40.81 -22.81
CA ASP C 233 -16.10 40.96 -23.86
C ASP C 233 -15.75 42.29 -24.53
N GLU C 234 -14.98 42.18 -25.61
CA GLU C 234 -14.48 43.30 -26.39
C GLU C 234 -15.57 44.19 -27.01
N THR C 235 -16.73 43.61 -27.32
CA THR C 235 -17.83 44.37 -27.90
C THR C 235 -18.55 45.16 -26.82
N ARG C 236 -17.79 45.65 -25.85
CA ARG C 236 -18.33 46.45 -24.75
C ARG C 236 -17.24 47.37 -24.23
N LEU C 237 -16.15 47.47 -24.99
CA LEU C 237 -15.01 48.32 -24.63
C LEU C 237 -14.67 49.36 -25.72
N MET D 1 -36.22 50.55 -8.76
CA MET D 1 -35.65 49.29 -9.27
C MET D 1 -35.31 48.34 -8.11
N ARG D 2 -35.49 47.04 -8.37
CA ARG D 2 -35.24 45.98 -7.40
C ARG D 2 -33.81 45.43 -7.55
N ILE D 3 -33.14 45.18 -6.41
CA ILE D 3 -31.77 44.66 -6.46
C ILE D 3 -31.49 43.46 -5.53
N LEU D 4 -30.92 42.41 -6.10
CA LEU D 4 -30.61 41.24 -5.28
C LEU D 4 -29.14 41.24 -4.97
N VAL D 5 -28.80 41.21 -3.69
CA VAL D 5 -27.38 41.21 -3.33
C VAL D 5 -26.93 39.96 -2.57
N THR D 6 -25.81 39.41 -3.04
CA THR D 6 -25.18 38.24 -2.42
C THR D 6 -23.64 38.30 -2.53
N ASN D 7 -22.99 37.22 -2.06
CA ASN D 7 -21.52 37.08 -2.11
C ASN D 7 -21.15 35.62 -1.96
N ASP D 8 -19.91 35.35 -1.60
CA ASP D 8 -19.53 33.98 -1.39
C ASP D 8 -18.68 33.86 -0.13
N ASP D 9 -18.74 34.91 0.71
CA ASP D 9 -17.99 34.95 1.98
C ASP D 9 -18.89 34.67 3.18
N GLY D 10 -20.19 34.79 2.99
CA GLY D 10 -21.08 34.54 4.09
C GLY D 10 -21.91 35.76 4.45
N ILE D 11 -22.98 35.51 5.17
CA ILE D 11 -23.89 36.57 5.57
C ILE D 11 -23.39 37.50 6.67
N TYR D 12 -22.29 37.15 7.35
CA TYR D 12 -21.77 37.98 8.43
C TYR D 12 -20.66 38.92 7.95
N SER D 13 -20.22 38.74 6.71
CA SER D 13 -19.18 39.56 6.10
C SER D 13 -19.61 41.02 5.85
N PRO D 14 -18.84 42.00 6.36
CA PRO D 14 -19.16 43.42 6.17
C PRO D 14 -19.02 43.83 4.69
N GLY D 15 -18.28 43.03 3.93
CA GLY D 15 -18.15 43.31 2.51
C GLY D 15 -19.52 43.16 1.84
N LEU D 16 -20.35 42.30 2.43
CA LEU D 16 -21.70 42.04 1.93
C LEU D 16 -22.67 43.20 2.14
N TRP D 17 -22.73 43.67 3.38
CA TRP D 17 -23.61 44.76 3.76
C TRP D 17 -23.19 46.10 3.19
N ALA D 18 -21.90 46.26 2.90
CA ALA D 18 -21.41 47.50 2.32
C ALA D 18 -22.03 47.62 0.92
N LEU D 19 -22.00 46.53 0.16
CA LEU D 19 -22.55 46.56 -1.19
C LEU D 19 -24.07 46.73 -1.16
N ALA D 20 -24.72 46.24 -0.09
CA ALA D 20 -26.17 46.34 0.06
C ALA D 20 -26.61 47.75 0.38
N GLU D 21 -25.89 48.41 1.29
CA GLU D 21 -26.28 49.77 1.66
C GLU D 21 -26.06 50.64 0.44
N ALA D 22 -24.96 50.37 -0.26
CA ALA D 22 -24.60 51.13 -1.43
C ALA D 22 -25.69 50.97 -2.50
N ALA D 23 -26.09 49.72 -2.76
CA ALA D 23 -27.12 49.46 -3.74
C ALA D 23 -28.46 50.06 -3.31
N SER D 24 -28.71 50.13 -2.00
CA SER D 24 -29.97 50.65 -1.48
C SER D 24 -30.19 52.10 -1.87
N GLN D 25 -29.15 52.73 -2.40
CA GLN D 25 -29.22 54.13 -2.83
C GLN D 25 -29.92 54.23 -4.18
N PHE D 26 -29.92 53.13 -4.92
CA PHE D 26 -30.53 53.12 -6.24
C PHE D 26 -31.86 52.42 -6.33
N GLY D 27 -32.29 51.76 -5.27
CA GLY D 27 -33.54 51.05 -5.30
C GLY D 27 -33.71 50.14 -4.10
N GLU D 28 -34.74 49.30 -4.13
CA GLU D 28 -35.01 48.40 -3.01
C GLU D 28 -34.04 47.22 -3.04
N VAL D 29 -33.48 46.90 -1.89
CA VAL D 29 -32.52 45.83 -1.81
C VAL D 29 -32.96 44.63 -1.03
N PHE D 30 -32.58 43.47 -1.55
CA PHE D 30 -32.88 42.21 -0.93
C PHE D 30 -31.59 41.43 -0.92
N VAL D 31 -31.31 40.82 0.23
CA VAL D 31 -30.08 40.06 0.45
C VAL D 31 -30.33 38.57 0.60
N ALA D 32 -29.39 37.77 0.08
CA ALA D 32 -29.44 36.32 0.17
C ALA D 32 -28.00 35.82 -0.01
N ALA D 33 -27.38 35.42 1.10
CA ALA D 33 -26.00 34.98 1.07
C ALA D 33 -25.86 33.66 1.80
N PRO D 34 -24.76 32.95 1.57
CA PRO D 34 -24.49 31.65 2.21
C PRO D 34 -24.52 31.65 3.73
N ASP D 35 -24.74 30.46 4.31
CA ASP D 35 -24.83 30.26 5.76
C ASP D 35 -23.44 30.33 6.41
N ILE D 45 -23.49 22.00 -9.24
CA ILE D 45 -24.45 20.86 -9.19
C ILE D 45 -25.68 21.22 -10.02
N THR D 46 -25.94 20.41 -11.04
CA THR D 46 -27.05 20.66 -11.94
C THR D 46 -28.34 19.92 -11.55
N ILE D 47 -28.22 18.64 -11.22
CA ILE D 47 -29.40 17.87 -10.84
C ILE D 47 -30.15 18.65 -9.75
N ALA D 48 -31.46 18.46 -9.68
CA ALA D 48 -32.24 19.18 -8.69
C ALA D 48 -31.76 18.85 -7.28
N HIS D 49 -31.51 19.87 -6.46
CA HIS D 49 -31.06 19.62 -5.11
C HIS D 49 -31.74 20.51 -4.10
N PRO D 50 -31.96 19.99 -2.89
CA PRO D 50 -32.61 20.76 -1.84
C PRO D 50 -31.73 21.92 -1.37
N VAL D 51 -32.35 22.96 -0.85
CA VAL D 51 -31.63 24.12 -0.37
C VAL D 51 -32.49 24.81 0.66
N ARG D 52 -32.00 24.83 1.89
CA ARG D 52 -32.70 25.45 3.02
C ARG D 52 -32.35 26.93 3.06
N ALA D 53 -33.32 27.76 3.47
CA ALA D 53 -33.10 29.18 3.55
C ALA D 53 -33.90 29.76 4.72
N TYR D 54 -33.21 30.36 5.67
CA TYR D 54 -33.89 30.93 6.82
C TYR D 54 -33.79 32.45 6.82
N PRO D 55 -34.87 33.13 7.26
CA PRO D 55 -34.88 34.59 7.30
C PRO D 55 -33.73 35.08 8.19
N HIS D 56 -33.07 36.15 7.77
CA HIS D 56 -31.95 36.68 8.55
C HIS D 56 -32.16 38.14 8.82
N PRO D 57 -31.91 38.58 10.06
CA PRO D 57 -32.07 39.98 10.44
C PRO D 57 -30.91 40.82 9.92
N SER D 58 -31.20 41.77 9.05
CA SER D 58 -30.18 42.64 8.51
C SER D 58 -29.70 43.53 9.64
N PRO D 59 -28.37 43.75 9.75
CA PRO D 59 -27.81 44.60 10.81
C PRO D 59 -28.49 45.96 10.98
N LEU D 60 -28.99 46.17 12.20
CA LEU D 60 -29.69 47.39 12.59
C LEU D 60 -28.77 48.60 12.73
N HIS D 61 -28.08 48.91 11.64
CA HIS D 61 -27.13 50.03 11.62
C HIS D 61 -27.31 50.84 10.34
N ALA D 62 -28.16 50.31 9.46
CA ALA D 62 -28.48 50.95 8.21
C ALA D 62 -29.96 50.67 7.99
N PRO D 63 -30.54 51.21 6.92
CA PRO D 63 -31.97 50.95 6.68
C PRO D 63 -32.28 49.47 6.45
N HIS D 64 -32.56 48.75 7.54
CA HIS D 64 -32.89 47.32 7.50
C HIS D 64 -33.46 46.84 6.17
N PHE D 65 -32.83 45.83 5.57
CA PHE D 65 -33.32 45.25 4.32
C PHE D 65 -33.62 43.78 4.48
N PRO D 66 -34.58 43.26 3.70
CA PRO D 66 -34.96 41.85 3.75
C PRO D 66 -33.74 40.96 3.44
N ALA D 67 -33.55 39.90 4.22
CA ALA D 67 -32.41 39.04 3.98
C ALA D 67 -32.71 37.58 4.25
N TYR D 68 -31.87 36.71 3.72
CA TYR D 68 -31.99 35.28 3.88
C TYR D 68 -30.62 34.61 3.90
N ARG D 69 -30.37 33.84 4.94
CA ARG D 69 -29.14 33.06 5.10
C ARG D 69 -29.48 31.86 4.23
N VAL D 70 -28.54 31.29 3.49
CA VAL D 70 -28.86 30.18 2.61
C VAL D 70 -27.88 29.02 2.70
N ARG D 71 -28.38 27.83 3.00
CA ARG D 71 -27.49 26.68 3.12
C ARG D 71 -27.06 26.05 1.80
N GLY D 72 -26.68 26.90 0.85
CA GLY D 72 -26.22 26.40 -0.43
C GLY D 72 -25.09 27.24 -1.00
N THR D 73 -24.91 27.16 -2.31
CA THR D 73 -23.89 27.90 -3.04
C THR D 73 -24.30 29.34 -3.43
N PRO D 74 -23.35 30.16 -3.89
CA PRO D 74 -23.73 31.53 -4.27
C PRO D 74 -24.80 31.50 -5.36
N ALA D 75 -24.70 30.54 -6.29
CA ALA D 75 -25.69 30.39 -7.36
C ALA D 75 -27.03 29.94 -6.76
N ASP D 76 -26.98 29.08 -5.76
CA ASP D 76 -28.23 28.64 -5.12
C ASP D 76 -28.89 29.93 -4.62
N CYS D 77 -28.06 30.81 -4.07
CA CYS D 77 -28.51 32.09 -3.54
C CYS D 77 -29.22 32.94 -4.59
N VAL D 78 -28.62 33.08 -5.77
CA VAL D 78 -29.24 33.85 -6.81
C VAL D 78 -30.64 33.29 -7.08
N ALA D 79 -30.74 31.98 -7.21
CA ALA D 79 -32.01 31.32 -7.50
C ALA D 79 -33.06 31.47 -6.40
N LEU D 80 -32.74 31.15 -5.15
CA LEU D 80 -33.76 31.31 -4.10
C LEU D 80 -34.15 32.77 -3.91
N GLY D 81 -33.17 33.66 -4.04
CA GLY D 81 -33.44 35.07 -3.91
C GLY D 81 -34.46 35.51 -4.94
N LEU D 82 -34.22 35.21 -6.22
CA LEU D 82 -35.15 35.59 -7.26
C LEU D 82 -36.52 34.99 -6.98
N HIS D 83 -36.55 33.88 -6.25
CA HIS D 83 -37.82 33.24 -5.97
C HIS D 83 -38.54 33.82 -4.76
N LEU D 84 -37.81 34.06 -3.67
CA LEU D 84 -38.42 34.64 -2.48
C LEU D 84 -38.57 36.16 -2.56
N PHE D 85 -37.92 36.79 -3.54
CA PHE D 85 -37.98 38.25 -3.70
C PHE D 85 -38.37 38.66 -5.10
N GLY D 86 -38.46 37.70 -6.01
CA GLY D 86 -38.80 38.03 -7.40
C GLY D 86 -39.80 39.15 -7.42
N PRO D 87 -39.78 40.02 -8.43
CA PRO D 87 -38.85 40.02 -9.57
C PRO D 87 -37.66 40.93 -9.24
N VAL D 88 -36.57 40.74 -9.94
CA VAL D 88 -35.39 41.54 -9.69
C VAL D 88 -34.83 42.09 -10.99
N ASP D 89 -34.22 43.26 -10.93
CA ASP D 89 -33.67 43.86 -12.15
C ASP D 89 -32.18 43.65 -12.27
N LEU D 90 -31.50 43.68 -11.13
CA LEU D 90 -30.05 43.54 -11.10
C LEU D 90 -29.56 42.63 -9.97
N VAL D 91 -28.54 41.84 -10.28
CA VAL D 91 -27.94 40.92 -9.32
C VAL D 91 -26.52 41.40 -9.02
N LEU D 92 -26.28 41.82 -7.78
CA LEU D 92 -24.95 42.27 -7.37
C LEU D 92 -24.34 41.21 -6.47
N SER D 93 -23.08 40.90 -6.70
CA SER D 93 -22.37 39.92 -5.91
C SER D 93 -21.06 40.51 -5.37
N GLY D 94 -20.91 40.50 -4.05
CA GLY D 94 -19.72 41.03 -3.40
C GLY D 94 -20.16 41.74 -2.14
N VAL D 95 -19.32 42.58 -1.53
CA VAL D 95 -17.98 42.85 -2.00
C VAL D 95 -17.06 41.77 -1.46
N ASN D 96 -16.48 41.00 -2.37
CA ASN D 96 -15.57 39.95 -1.98
C ASN D 96 -14.28 40.44 -1.31
N LEU D 97 -13.98 39.88 -0.13
CA LEU D 97 -12.75 40.20 0.59
C LEU D 97 -11.67 39.38 -0.13
N GLY D 98 -10.99 40.02 -1.08
CA GLY D 98 -9.97 39.34 -1.84
C GLY D 98 -10.17 39.80 -3.27
N SER D 99 -9.15 39.72 -4.10
CA SER D 99 -9.30 40.18 -5.47
C SER D 99 -9.75 39.07 -6.41
N ASN D 100 -10.22 39.47 -7.58
CA ASN D 100 -10.65 38.54 -8.62
C ASN D 100 -10.23 39.13 -9.97
N LEU D 101 -8.92 39.11 -10.19
CA LEU D 101 -8.32 39.64 -11.40
C LEU D 101 -7.72 38.62 -12.34
N GLY D 102 -7.43 39.05 -13.56
CA GLY D 102 -6.83 38.18 -14.54
C GLY D 102 -7.23 36.71 -14.51
N HIS D 103 -6.24 35.82 -14.48
CA HIS D 103 -6.48 34.38 -14.47
C HIS D 103 -7.48 33.97 -13.38
N GLU D 104 -7.47 34.66 -12.25
CA GLU D 104 -8.38 34.34 -11.15
C GLU D 104 -9.89 34.39 -11.48
N ILE D 105 -10.32 35.17 -12.46
CA ILE D 105 -11.76 35.27 -12.80
C ILE D 105 -12.42 33.93 -12.98
N TRP D 106 -11.71 32.98 -13.58
CA TRP D 106 -12.25 31.62 -13.84
C TRP D 106 -12.91 30.86 -12.68
N HIS D 107 -12.21 30.74 -11.57
CA HIS D 107 -12.72 29.97 -10.44
C HIS D 107 -13.21 30.83 -9.29
N SER D 108 -13.80 31.97 -9.63
CA SER D 108 -14.31 32.91 -8.64
C SER D 108 -15.77 32.63 -8.25
N GLY D 109 -15.99 32.51 -6.95
CA GLY D 109 -17.32 32.29 -6.45
C GLY D 109 -18.16 33.57 -6.58
N THR D 110 -17.52 34.72 -6.43
CA THR D 110 -18.18 36.00 -6.53
C THR D 110 -18.65 36.22 -7.98
N VAL D 111 -17.74 36.05 -8.93
CA VAL D 111 -18.09 36.21 -10.34
C VAL D 111 -19.20 35.19 -10.66
N ALA D 112 -18.99 33.95 -10.23
CA ALA D 112 -19.95 32.89 -10.51
C ALA D 112 -21.39 33.27 -10.17
N ALA D 113 -21.62 33.81 -8.98
CA ALA D 113 -22.98 34.21 -8.59
C ALA D 113 -23.57 35.19 -9.61
N ALA D 114 -22.76 36.14 -10.05
CA ALA D 114 -23.20 37.12 -11.04
C ALA D 114 -23.51 36.43 -12.36
N LYS D 115 -22.60 35.57 -12.81
CA LYS D 115 -22.84 34.87 -14.05
C LYS D 115 -24.20 34.15 -13.98
N GLN D 116 -24.52 33.60 -12.81
CA GLN D 116 -25.79 32.88 -12.60
C GLN D 116 -26.96 33.83 -12.86
N GLY D 117 -26.86 35.04 -12.29
CA GLY D 117 -27.87 36.06 -12.49
C GLY D 117 -28.00 36.42 -13.97
N TYR D 118 -26.86 36.48 -14.65
CA TYR D 118 -26.89 36.83 -16.05
C TYR D 118 -27.60 35.71 -16.86
N LEU D 119 -27.36 34.46 -16.47
CA LEU D 119 -27.98 33.33 -17.17
C LEU D 119 -29.49 33.20 -16.93
N PHE D 120 -30.03 34.00 -16.02
CA PHE D 120 -31.47 34.02 -15.77
C PHE D 120 -32.01 35.28 -16.44
N GLY D 121 -31.19 35.91 -17.27
CA GLY D 121 -31.60 37.11 -17.98
C GLY D 121 -31.62 38.41 -17.19
N LEU D 122 -30.71 38.56 -16.24
CA LEU D 122 -30.66 39.77 -15.45
C LEU D 122 -29.26 40.40 -15.58
N SER D 123 -29.15 41.70 -15.39
CA SER D 123 -27.84 42.34 -15.46
C SER D 123 -27.11 42.04 -14.15
N ALA D 124 -25.81 41.83 -14.24
CA ALA D 124 -25.08 41.53 -13.02
C ALA D 124 -23.62 41.99 -12.98
N ALA D 125 -23.16 42.24 -11.76
CA ALA D 125 -21.78 42.64 -11.52
C ALA D 125 -21.22 42.03 -10.24
N ALA D 126 -19.93 41.72 -10.30
CA ALA D 126 -19.21 41.16 -9.16
C ALA D 126 -18.30 42.27 -8.64
N PHE D 127 -18.22 42.42 -7.33
CA PHE D 127 -17.34 43.44 -6.75
C PHE D 127 -16.33 42.77 -5.85
N SER D 128 -15.06 43.15 -5.98
CA SER D 128 -14.03 42.58 -5.14
C SER D 128 -13.06 43.67 -4.72
N VAL D 129 -12.33 43.41 -3.66
CA VAL D 129 -11.33 44.35 -3.17
C VAL D 129 -10.09 43.52 -2.78
N PRO D 130 -8.93 43.79 -3.39
CA PRO D 130 -7.71 43.05 -3.08
C PRO D 130 -7.40 43.01 -1.59
N LEU D 131 -7.15 41.82 -1.05
CA LEU D 131 -6.87 41.67 0.38
C LEU D 131 -5.44 41.31 0.79
N ASN D 132 -5.31 40.22 1.55
CA ASN D 132 -4.03 39.74 2.05
C ASN D 132 -3.23 40.85 2.72
N GLY D 133 -3.33 40.88 4.05
CA GLY D 133 -2.61 41.87 4.84
C GLY D 133 -3.54 42.82 5.58
N GLU D 134 -3.91 43.90 4.90
CA GLU D 134 -4.80 44.93 5.46
C GLU D 134 -6.23 44.77 4.91
N VAL D 135 -7.22 44.84 5.80
CA VAL D 135 -8.62 44.72 5.42
C VAL D 135 -9.23 46.06 4.99
N PRO D 136 -10.14 46.03 4.00
CA PRO D 136 -10.81 47.21 3.46
C PRO D 136 -11.45 48.13 4.48
N ASP D 137 -11.64 49.38 4.08
CA ASP D 137 -12.28 50.43 4.87
C ASP D 137 -13.50 50.82 4.03
N PHE D 138 -14.69 50.42 4.48
CA PHE D 138 -15.90 50.69 3.72
C PHE D 138 -16.53 52.07 3.76
N ALA D 139 -16.26 52.84 4.80
CA ALA D 139 -16.83 54.18 4.86
C ALA D 139 -16.26 54.96 3.69
N GLY D 140 -14.99 54.68 3.39
CA GLY D 140 -14.30 55.38 2.32
C GLY D 140 -14.48 54.76 0.96
N LEU D 141 -15.01 53.56 0.90
CA LEU D 141 -15.18 52.93 -0.40
C LEU D 141 -16.55 53.26 -0.95
N ARG D 142 -17.46 53.59 -0.05
CA ARG D 142 -18.85 53.91 -0.38
C ARG D 142 -18.98 54.88 -1.57
N PRO D 143 -18.20 55.96 -1.58
CA PRO D 143 -18.33 56.89 -2.70
C PRO D 143 -17.98 56.20 -4.00
N TRP D 144 -17.00 55.31 -3.92
CA TRP D 144 -16.52 54.57 -5.08
C TRP D 144 -17.47 53.47 -5.50
N LEU D 145 -18.23 52.97 -4.53
CA LEU D 145 -19.22 51.95 -4.80
C LEU D 145 -20.36 52.66 -5.50
N LEU D 146 -20.76 53.83 -4.99
CA LEU D 146 -21.84 54.61 -5.61
C LEU D 146 -21.45 55.07 -7.03
N ARG D 147 -20.24 55.59 -7.17
CA ARG D 147 -19.73 56.04 -8.46
C ARG D 147 -19.73 54.90 -9.49
N THR D 148 -19.26 53.72 -9.07
CA THR D 148 -19.20 52.54 -9.94
C THR D 148 -20.60 52.13 -10.30
N LEU D 149 -21.46 52.01 -9.29
CA LEU D 149 -22.83 51.63 -9.52
C LEU D 149 -23.46 52.60 -10.51
N GLU D 150 -23.29 53.90 -10.29
CA GLU D 150 -23.86 54.90 -11.21
C GLU D 150 -23.39 54.61 -12.60
N THR D 151 -22.09 54.37 -12.75
CA THR D 151 -21.55 54.07 -14.08
C THR D 151 -22.19 52.84 -14.73
N LEU D 152 -22.38 51.78 -13.96
CA LEU D 152 -22.96 50.53 -14.48
C LEU D 152 -24.42 50.64 -14.91
N LEU D 153 -25.22 51.40 -14.16
CA LEU D 153 -26.64 51.56 -14.47
C LEU D 153 -26.95 52.30 -15.78
N ARG D 154 -25.91 52.85 -16.41
CA ARG D 154 -26.06 53.59 -17.66
C ARG D 154 -25.84 52.64 -18.82
N LEU D 155 -25.24 51.49 -18.51
CA LEU D 155 -24.95 50.48 -19.52
C LEU D 155 -26.19 49.86 -20.14
N GLU D 156 -26.09 49.51 -21.41
CA GLU D 156 -27.18 48.87 -22.10
C GLU D 156 -27.37 47.50 -21.43
N ARG D 157 -28.59 47.24 -21.00
CA ARG D 157 -28.91 45.99 -20.33
C ARG D 157 -29.34 44.90 -21.28
N PRO D 158 -29.05 43.64 -20.95
CA PRO D 158 -28.32 43.24 -19.73
C PRO D 158 -26.80 43.30 -19.89
N PHE D 159 -26.10 43.50 -18.79
CA PHE D 159 -24.63 43.54 -18.80
C PHE D 159 -24.08 42.57 -17.75
N LEU D 160 -22.81 42.19 -17.93
CA LEU D 160 -22.14 41.28 -17.00
C LEU D 160 -20.76 41.86 -16.75
N VAL D 161 -20.55 42.48 -15.60
CA VAL D 161 -19.27 43.12 -15.32
C VAL D 161 -18.50 42.69 -14.07
N ASN D 162 -17.19 42.58 -14.21
CA ASN D 162 -16.34 42.24 -13.07
C ASN D 162 -15.65 43.50 -12.58
N VAL D 163 -15.88 43.87 -11.32
CA VAL D 163 -15.29 45.07 -10.74
C VAL D 163 -14.31 44.82 -9.60
N ASN D 164 -13.14 45.47 -9.67
CA ASN D 164 -12.14 45.38 -8.62
C ASN D 164 -11.76 46.79 -8.19
N LEU D 165 -11.79 47.02 -6.89
CA LEU D 165 -11.48 48.33 -6.36
C LEU D 165 -10.30 48.24 -5.40
N PRO D 166 -9.26 49.10 -5.60
CA PRO D 166 -8.11 49.07 -4.69
C PRO D 166 -8.62 49.64 -3.37
N LEU D 167 -7.85 49.52 -2.29
CA LEU D 167 -8.31 50.01 -0.98
C LEU D 167 -8.59 51.49 -0.90
N ARG D 168 -7.70 52.28 -1.49
CA ARG D 168 -7.83 53.73 -1.52
C ARG D 168 -7.78 54.14 -2.98
N PRO D 169 -8.90 53.98 -3.71
CA PRO D 169 -9.01 54.32 -5.14
C PRO D 169 -8.83 55.82 -5.39
N LYS D 170 -8.45 56.16 -6.60
CA LYS D 170 -8.27 57.55 -6.97
C LYS D 170 -8.61 57.69 -8.45
N GLY D 171 -9.58 56.91 -8.91
CA GLY D 171 -9.99 56.95 -10.30
C GLY D 171 -10.76 55.72 -10.72
N PHE D 172 -11.26 55.73 -11.95
CA PHE D 172 -12.04 54.61 -12.49
C PHE D 172 -11.60 54.34 -13.88
N LEU D 173 -11.66 53.09 -14.31
CA LEU D 173 -11.21 52.76 -15.65
C LEU D 173 -11.78 51.44 -16.12
N TRP D 174 -12.24 51.41 -17.36
CA TRP D 174 -12.76 50.18 -17.93
C TRP D 174 -11.50 49.41 -18.27
N THR D 175 -11.55 48.08 -18.13
CA THR D 175 -10.36 47.28 -18.38
C THR D 175 -10.66 45.98 -19.03
N ARG D 176 -9.62 45.38 -19.61
CA ARG D 176 -9.74 44.07 -20.21
C ARG D 176 -9.01 43.14 -19.21
N GLN D 177 -9.27 41.85 -19.31
CA GLN D 177 -8.62 40.90 -18.40
C GLN D 177 -7.12 40.82 -18.61
N SER D 178 -6.36 40.87 -17.53
CA SER D 178 -4.91 40.73 -17.64
C SER D 178 -4.69 39.28 -18.08
N VAL D 179 -3.80 39.09 -19.05
CA VAL D 179 -3.49 37.77 -19.56
C VAL D 179 -1.99 37.63 -19.67
N ARG D 180 -1.35 37.08 -18.64
CA ARG D 180 0.09 36.95 -18.65
C ARG D 180 0.58 35.52 -18.75
N ALA D 181 1.81 35.33 -19.23
CA ALA D 181 2.41 34.01 -19.34
C ALA D 181 2.99 33.70 -17.98
N TYR D 182 3.17 32.42 -17.71
CA TYR D 182 3.68 32.03 -16.41
C TYR D 182 4.86 31.07 -16.41
N GLU D 183 5.52 31.00 -15.26
CA GLU D 183 6.63 30.09 -15.04
C GLU D 183 6.34 29.35 -13.73
N GLY D 184 6.52 28.03 -13.73
CA GLY D 184 6.27 27.26 -12.54
C GLY D 184 7.53 27.12 -11.72
N VAL D 185 7.69 27.99 -10.72
CA VAL D 185 8.87 27.95 -9.87
C VAL D 185 8.82 26.82 -8.86
N VAL D 186 9.68 25.82 -9.04
CA VAL D 186 9.73 24.68 -8.13
C VAL D 186 11.11 24.54 -7.52
N ILE D 187 11.24 25.07 -6.31
CA ILE D 187 12.47 25.07 -5.53
C ILE D 187 12.32 24.08 -4.36
N PRO D 188 13.35 23.26 -4.10
CA PRO D 188 13.24 22.31 -2.98
C PRO D 188 13.47 22.95 -1.60
N GLY D 189 12.99 22.29 -0.56
CA GLY D 189 13.15 22.80 0.79
C GLY D 189 12.93 21.70 1.80
N GLU D 190 12.65 22.08 3.05
CA GLU D 190 12.41 21.07 4.09
C GLU D 190 11.97 21.70 5.41
N ASP D 191 10.97 21.11 6.03
CA ASP D 191 10.45 21.59 7.30
C ASP D 191 11.53 21.40 8.37
N PRO D 192 11.25 21.84 9.61
CA PRO D 192 12.23 21.70 10.70
C PRO D 192 12.25 20.29 11.29
N MET D 193 12.29 19.30 10.41
CA MET D 193 12.34 17.90 10.79
C MET D 193 13.10 17.11 9.72
N GLY D 194 13.74 17.83 8.80
CA GLY D 194 14.51 17.20 7.74
C GLY D 194 13.72 16.78 6.52
N ARG D 195 12.50 16.32 6.76
CA ARG D 195 11.58 15.86 5.72
C ARG D 195 11.60 16.76 4.48
N PRO D 196 11.83 16.18 3.29
CA PRO D 196 11.89 16.89 2.00
C PRO D 196 10.54 17.26 1.38
N PHE D 197 10.50 18.42 0.74
CA PHE D 197 9.29 18.91 0.08
C PHE D 197 9.65 19.96 -0.96
N TYR D 198 8.75 20.19 -1.91
CA TYR D 198 8.98 21.18 -2.96
C TYR D 198 8.18 22.46 -2.72
N TRP D 199 8.82 23.60 -2.90
CA TRP D 199 8.15 24.88 -2.76
C TRP D 199 7.66 25.20 -4.15
N PHE D 200 6.35 25.33 -4.30
CA PHE D 200 5.81 25.65 -5.61
C PHE D 200 5.04 26.96 -5.61
N ALA D 201 5.47 27.85 -6.48
CA ALA D 201 4.84 29.14 -6.62
C ALA D 201 4.90 29.59 -8.08
N PRO D 202 3.77 29.49 -8.79
CA PRO D 202 3.80 29.91 -10.18
C PRO D 202 3.85 31.46 -10.18
N ARG D 203 4.51 32.04 -11.18
CA ARG D 203 4.62 33.50 -11.24
C ARG D 203 4.60 33.98 -12.70
N PRO D 204 3.96 35.14 -12.96
CA PRO D 204 3.88 35.71 -14.30
C PRO D 204 5.28 36.16 -14.76
N LEU D 205 5.49 36.17 -16.07
CA LEU D 205 6.80 36.54 -16.58
C LEU D 205 7.00 38.00 -17.01
N LYS D 206 6.01 38.84 -16.76
CA LYS D 206 6.11 40.25 -17.09
C LYS D 206 5.18 41.09 -16.22
N GLU D 207 5.25 42.41 -16.39
CA GLU D 207 4.40 43.29 -15.63
C GLU D 207 3.05 43.29 -16.34
N ALA D 208 1.99 43.63 -15.62
CA ALA D 208 0.67 43.69 -16.24
C ALA D 208 0.62 44.88 -17.23
N GLU D 209 -0.19 44.76 -18.29
CA GLU D 209 -0.31 45.82 -19.30
C GLU D 209 -1.32 46.91 -18.99
N GLU D 210 -1.12 48.10 -19.57
CA GLU D 210 -2.08 49.18 -19.37
C GLU D 210 -3.35 48.73 -20.04
N GLY D 211 -4.48 49.01 -19.40
CA GLY D 211 -5.75 48.60 -19.96
C GLY D 211 -6.23 47.27 -19.38
N THR D 212 -5.44 46.65 -18.51
CA THR D 212 -5.85 45.39 -17.89
C THR D 212 -6.31 45.75 -16.49
N ASP D 213 -7.12 44.87 -15.92
CA ASP D 213 -7.65 45.06 -14.59
C ASP D 213 -6.52 45.12 -13.59
N ARG D 214 -5.52 44.28 -13.83
CA ARG D 214 -4.41 44.20 -12.91
C ARG D 214 -3.62 45.51 -12.87
N TRP D 215 -3.39 46.10 -14.03
CA TRP D 215 -2.66 47.36 -14.11
C TRP D 215 -3.43 48.46 -13.37
N ALA D 216 -4.73 48.61 -13.70
CA ALA D 216 -5.56 49.62 -13.07
C ALA D 216 -5.47 49.65 -11.56
N VAL D 217 -5.77 48.52 -10.92
CA VAL D 217 -5.73 48.47 -9.46
C VAL D 217 -4.32 48.74 -8.96
N ALA D 218 -3.32 48.35 -9.74
CA ALA D 218 -1.96 48.59 -9.30
C ALA D 218 -1.72 50.10 -9.21
N GLN D 219 -2.22 50.82 -10.21
CA GLN D 219 -2.09 52.27 -10.29
C GLN D 219 -3.02 52.97 -9.27
N GLY D 220 -4.04 52.27 -8.82
CA GLY D 220 -4.97 52.84 -7.85
C GLY D 220 -6.31 53.19 -8.47
N PHE D 221 -6.59 52.62 -9.63
CA PHE D 221 -7.85 52.90 -10.27
C PHE D 221 -8.81 51.72 -10.11
N VAL D 222 -10.08 52.02 -9.91
CA VAL D 222 -11.09 50.98 -9.83
C VAL D 222 -11.10 50.40 -11.23
N SER D 223 -11.22 49.08 -11.34
CA SER D 223 -11.25 48.39 -12.62
C SER D 223 -12.62 47.74 -12.87
N ALA D 224 -13.08 47.79 -14.12
CA ALA D 224 -14.36 47.18 -14.47
C ALA D 224 -14.20 46.51 -15.82
N THR D 225 -14.56 45.24 -15.88
CA THR D 225 -14.40 44.44 -17.09
C THR D 225 -15.66 43.75 -17.56
N PRO D 226 -16.06 43.99 -18.82
CA PRO D 226 -17.28 43.33 -19.32
C PRO D 226 -16.91 41.88 -19.63
N LEU D 227 -17.78 40.96 -19.25
CA LEU D 227 -17.46 39.55 -19.45
C LEU D 227 -18.23 38.79 -20.51
N ARG D 228 -17.57 37.79 -21.09
CA ARG D 228 -18.22 36.96 -22.09
C ARG D 228 -18.57 35.62 -21.45
N LEU D 229 -19.65 35.00 -21.94
CA LEU D 229 -20.09 33.70 -21.46
C LEU D 229 -19.34 32.64 -22.26
N ASP D 230 -19.26 32.88 -23.56
CA ASP D 230 -18.63 31.97 -24.49
C ASP D 230 -17.10 31.91 -24.43
N LEU D 231 -16.60 30.70 -24.15
CA LEU D 231 -15.17 30.44 -24.05
C LEU D 231 -14.62 29.89 -25.37
N THR D 232 -15.48 29.85 -26.38
CA THR D 232 -15.05 29.34 -27.68
C THR D 232 -14.07 30.31 -28.33
N ASP D 233 -12.94 29.81 -28.78
CA ASP D 233 -11.98 30.67 -29.45
C ASP D 233 -12.34 30.68 -30.93
N GLU D 234 -13.16 31.65 -31.34
CA GLU D 234 -13.61 31.78 -32.73
C GLU D 234 -12.48 31.69 -33.75
N THR D 235 -11.26 32.02 -33.33
CA THR D 235 -10.11 31.96 -34.23
C THR D 235 -9.88 30.55 -34.78
N ARG D 236 -9.50 29.62 -33.91
CA ARG D 236 -9.23 28.26 -34.36
C ARG D 236 -10.45 27.52 -34.90
N LEU D 237 -11.50 28.25 -35.25
CA LEU D 237 -12.71 27.62 -35.76
C LEU D 237 -13.43 28.55 -36.72
N MET E 1 20.50 -4.32 -33.93
CA MET E 1 20.88 -2.88 -33.89
C MET E 1 22.32 -2.61 -34.29
N ARG E 2 22.60 -1.38 -34.67
CA ARG E 2 23.93 -1.00 -35.12
C ARG E 2 24.62 0.03 -34.22
N ILE E 3 25.90 -0.23 -33.91
CA ILE E 3 26.63 0.65 -33.00
C ILE E 3 27.90 1.29 -33.51
N LEU E 4 28.05 2.58 -33.24
CA LEU E 4 29.26 3.31 -33.62
C LEU E 4 30.15 3.45 -32.39
N VAL E 5 31.39 3.00 -32.52
CA VAL E 5 32.33 3.13 -31.43
C VAL E 5 33.45 4.06 -31.84
N THR E 6 33.73 5.02 -30.95
CA THR E 6 34.76 6.04 -31.14
C THR E 6 35.40 6.21 -29.78
N ASN E 7 36.39 7.10 -29.69
CA ASN E 7 37.04 7.40 -28.43
C ASN E 7 37.83 8.68 -28.64
N ASP E 8 38.70 9.02 -27.72
CA ASP E 8 39.48 10.22 -27.90
C ASP E 8 40.97 10.01 -27.60
N ASP E 9 41.40 8.75 -27.55
CA ASP E 9 42.82 8.46 -27.30
C ASP E 9 43.48 7.96 -28.57
N GLY E 10 42.68 7.61 -29.57
CA GLY E 10 43.27 7.13 -30.80
C GLY E 10 42.89 5.72 -31.19
N ILE E 11 42.95 5.46 -32.50
CA ILE E 11 42.59 4.17 -33.05
C ILE E 11 43.43 3.00 -32.58
N TYR E 12 44.50 3.28 -31.83
CA TYR E 12 45.35 2.21 -31.35
C TYR E 12 45.19 1.94 -29.85
N SER E 13 44.37 2.73 -29.19
CA SER E 13 44.15 2.51 -27.77
C SER E 13 43.52 1.13 -27.59
N PRO E 14 44.05 0.33 -26.67
CA PRO E 14 43.42 -0.97 -26.54
C PRO E 14 41.99 -0.84 -25.97
N GLY E 15 41.71 0.29 -25.31
CA GLY E 15 40.39 0.51 -24.74
C GLY E 15 39.35 0.68 -25.83
N LEU E 16 39.77 1.21 -26.99
CA LEU E 16 38.87 1.40 -28.11
C LEU E 16 38.44 0.04 -28.63
N TRP E 17 39.42 -0.84 -28.81
CA TRP E 17 39.14 -2.16 -29.31
C TRP E 17 38.44 -3.07 -28.33
N ALA E 18 38.54 -2.77 -27.04
CA ALA E 18 37.88 -3.58 -26.03
C ALA E 18 36.40 -3.19 -26.05
N LEU E 19 36.13 -1.89 -26.24
CA LEU E 19 34.75 -1.44 -26.26
C LEU E 19 34.02 -1.99 -27.49
N ALA E 20 34.68 -1.97 -28.64
CA ALA E 20 34.08 -2.47 -29.86
C ALA E 20 33.77 -3.99 -29.79
N GLU E 21 34.72 -4.76 -29.25
CA GLU E 21 34.51 -6.20 -29.14
C GLU E 21 33.32 -6.42 -28.19
N ALA E 22 33.23 -5.61 -27.14
CA ALA E 22 32.12 -5.77 -26.21
C ALA E 22 30.79 -5.28 -26.83
N ALA E 23 30.84 -4.22 -27.63
CA ALA E 23 29.62 -3.71 -28.25
C ALA E 23 29.07 -4.73 -29.28
N SER E 24 29.97 -5.52 -29.86
CA SER E 24 29.60 -6.51 -30.88
C SER E 24 28.76 -7.65 -30.33
N GLN E 25 28.70 -7.80 -29.02
CA GLN E 25 27.90 -8.86 -28.45
C GLN E 25 26.43 -8.46 -28.51
N PHE E 26 26.17 -7.18 -28.85
CA PHE E 26 24.81 -6.70 -28.89
C PHE E 26 24.41 -6.10 -30.22
N GLY E 27 25.27 -6.14 -31.21
CA GLY E 27 24.86 -5.56 -32.47
C GLY E 27 25.97 -5.37 -33.48
N GLU E 28 25.63 -4.92 -34.68
CA GLU E 28 26.62 -4.68 -35.72
C GLU E 28 27.44 -3.51 -35.19
N VAL E 29 28.77 -3.64 -35.27
CA VAL E 29 29.64 -2.61 -34.73
C VAL E 29 30.54 -1.93 -35.74
N PHE E 30 30.61 -0.61 -35.67
CA PHE E 30 31.45 0.14 -36.60
C PHE E 30 32.31 1.09 -35.81
N VAL E 31 33.54 1.31 -36.29
CA VAL E 31 34.49 2.15 -35.58
C VAL E 31 35.00 3.33 -36.37
N ALA E 32 35.11 4.46 -35.69
CA ALA E 32 35.64 5.69 -36.29
C ALA E 32 36.37 6.41 -35.16
N ALA E 33 37.69 6.45 -35.26
CA ALA E 33 38.49 7.06 -34.22
C ALA E 33 39.39 8.17 -34.71
N PRO E 34 39.78 9.08 -33.81
CA PRO E 34 40.64 10.23 -34.03
C PRO E 34 42.07 9.88 -34.45
N ASP E 35 42.64 10.73 -35.29
CA ASP E 35 43.99 10.57 -35.78
C ASP E 35 44.96 10.59 -34.61
N THR E 36 44.77 11.58 -33.74
CA THR E 36 45.59 11.78 -32.55
C THR E 36 44.80 11.54 -31.25
N THR E 46 32.20 24.10 -34.89
CA THR E 46 30.80 24.59 -35.01
C THR E 46 30.52 24.97 -36.45
N ILE E 47 31.56 25.33 -37.19
CA ILE E 47 31.38 25.70 -38.58
C ILE E 47 31.81 24.58 -39.51
N ALA E 48 31.23 24.60 -40.72
CA ALA E 48 31.49 23.61 -41.74
C ALA E 48 32.98 23.46 -42.02
N HIS E 49 33.51 22.27 -41.76
CA HIS E 49 34.92 22.01 -42.00
C HIS E 49 35.12 20.69 -42.71
N PRO E 50 36.26 20.53 -43.38
CA PRO E 50 36.50 19.28 -44.08
C PRO E 50 37.07 18.25 -43.11
N VAL E 51 36.77 16.98 -43.39
CA VAL E 51 37.26 15.89 -42.56
C VAL E 51 37.72 14.73 -43.45
N ARG E 52 38.98 14.34 -43.30
CA ARG E 52 39.54 13.23 -44.07
C ARG E 52 39.32 11.96 -43.25
N ALA E 53 38.83 10.90 -43.88
CA ALA E 53 38.61 9.64 -43.17
C ALA E 53 39.18 8.48 -43.98
N TYR E 54 40.17 7.80 -43.40
CA TYR E 54 40.82 6.68 -44.07
C TYR E 54 40.49 5.33 -43.46
N PRO E 55 40.07 4.38 -44.30
CA PRO E 55 39.71 3.03 -43.86
C PRO E 55 40.85 2.44 -43.03
N HIS E 56 40.48 1.83 -41.91
CA HIS E 56 41.46 1.22 -41.04
C HIS E 56 41.05 -0.22 -40.75
N PRO E 57 41.99 -1.16 -40.92
CA PRO E 57 41.75 -2.57 -40.68
C PRO E 57 41.77 -2.88 -39.19
N SER E 58 40.69 -3.48 -38.70
CA SER E 58 40.56 -3.84 -37.30
C SER E 58 41.54 -4.92 -36.87
N PRO E 59 42.44 -4.60 -35.93
CA PRO E 59 43.37 -5.66 -35.51
C PRO E 59 42.58 -6.83 -34.92
N ALA E 62 40.08 -10.69 -33.42
CA ALA E 62 38.68 -10.35 -33.03
C ALA E 62 37.81 -10.18 -34.28
N PRO E 63 36.49 -10.47 -34.18
CA PRO E 63 35.55 -10.35 -35.30
C PRO E 63 35.70 -9.04 -36.05
N HIS E 64 36.14 -9.13 -37.31
CA HIS E 64 36.36 -7.97 -38.16
C HIS E 64 35.34 -6.82 -37.99
N PHE E 65 35.84 -5.62 -37.71
CA PHE E 65 34.99 -4.44 -37.55
C PHE E 65 35.30 -3.43 -38.61
N PRO E 66 34.28 -2.97 -39.35
CA PRO E 66 34.64 -1.97 -40.36
C PRO E 66 35.13 -0.78 -39.55
N ALA E 67 36.29 -0.25 -39.90
CA ALA E 67 36.81 0.87 -39.16
C ALA E 67 37.33 1.93 -40.07
N TYR E 68 37.42 3.14 -39.54
CA TYR E 68 37.93 4.31 -40.25
C TYR E 68 38.77 5.13 -39.28
N ARG E 69 39.87 5.68 -39.79
CA ARG E 69 40.74 6.52 -39.00
C ARG E 69 40.39 7.92 -39.50
N VAL E 70 39.94 8.77 -38.60
CA VAL E 70 39.54 10.11 -38.98
C VAL E 70 40.56 11.19 -38.63
N ARG E 71 40.83 12.10 -39.56
CA ARG E 71 41.73 13.20 -39.26
C ARG E 71 40.82 14.30 -38.78
N GLY E 72 40.44 14.23 -37.51
CA GLY E 72 39.57 15.24 -36.92
C GLY E 72 39.25 14.97 -35.46
N THR E 73 38.28 15.70 -34.93
CA THR E 73 37.89 15.53 -33.54
C THR E 73 36.94 14.34 -33.35
N PRO E 74 36.74 13.92 -32.10
CA PRO E 74 35.84 12.79 -31.82
C PRO E 74 34.43 13.14 -32.29
N ALA E 75 34.03 14.38 -32.07
CA ALA E 75 32.70 14.80 -32.53
C ALA E 75 32.66 14.61 -34.04
N ASP E 76 33.80 14.83 -34.70
CA ASP E 76 33.89 14.65 -36.16
C ASP E 76 33.65 13.19 -36.54
N CYS E 77 34.15 12.28 -35.70
CA CYS E 77 34.04 10.85 -35.90
C CYS E 77 32.60 10.40 -35.82
N VAL E 78 31.91 10.92 -34.81
CA VAL E 78 30.51 10.57 -34.63
C VAL E 78 29.73 10.99 -35.87
N ALA E 79 29.93 12.22 -36.31
CA ALA E 79 29.21 12.69 -37.49
C ALA E 79 29.57 11.84 -38.71
N LEU E 80 30.85 11.61 -39.00
CA LEU E 80 31.21 10.80 -40.16
C LEU E 80 30.74 9.37 -39.97
N GLY E 81 30.92 8.87 -38.74
CA GLY E 81 30.50 7.52 -38.44
C GLY E 81 29.00 7.30 -38.69
N LEU E 82 28.18 8.35 -38.52
CA LEU E 82 26.76 8.17 -38.77
C LEU E 82 26.50 8.24 -40.27
N HIS E 83 27.28 9.04 -40.97
CA HIS E 83 27.09 9.13 -42.42
C HIS E 83 27.49 7.84 -43.11
N LEU E 84 28.74 7.41 -42.89
CA LEU E 84 29.29 6.20 -43.50
C LEU E 84 28.68 4.88 -43.02
N PHE E 85 28.17 4.85 -41.80
CA PHE E 85 27.62 3.60 -41.27
C PHE E 85 26.12 3.60 -40.98
N GLY E 86 25.45 4.72 -41.20
CA GLY E 86 24.02 4.78 -40.95
C GLY E 86 23.26 3.62 -41.59
N PRO E 87 22.19 3.16 -40.93
CA PRO E 87 21.74 3.73 -39.66
C PRO E 87 22.56 3.26 -38.45
N VAL E 88 22.56 4.08 -37.41
CA VAL E 88 23.26 3.78 -36.17
C VAL E 88 22.27 4.08 -35.06
N ASP E 89 22.16 3.19 -34.08
CA ASP E 89 21.20 3.39 -33.01
C ASP E 89 21.84 3.82 -31.69
N LEU E 90 23.13 3.57 -31.55
CA LEU E 90 23.83 3.89 -30.32
C LEU E 90 25.25 4.33 -30.59
N VAL E 91 25.71 5.29 -29.78
CA VAL E 91 27.06 5.80 -29.90
C VAL E 91 27.77 5.58 -28.58
N LEU E 92 28.86 4.82 -28.66
CA LEU E 92 29.69 4.50 -27.49
C LEU E 92 31.06 5.14 -27.63
N SER E 93 31.57 5.71 -26.55
CA SER E 93 32.86 6.38 -26.56
C SER E 93 33.76 5.84 -25.42
N GLY E 94 34.95 5.37 -25.81
CA GLY E 94 35.91 4.83 -24.87
C GLY E 94 36.50 3.52 -25.39
N VAL E 95 37.06 2.70 -24.51
CA VAL E 95 37.19 3.03 -23.09
C VAL E 95 38.42 3.90 -22.95
N ASN E 96 38.22 5.08 -22.41
CA ASN E 96 39.29 6.03 -22.20
C ASN E 96 40.27 5.57 -21.11
N LEU E 97 41.58 5.60 -21.40
CA LEU E 97 42.59 5.21 -20.40
C LEU E 97 42.71 6.42 -19.46
N GLY E 98 41.94 6.37 -18.36
CA GLY E 98 41.90 7.49 -17.43
C GLY E 98 40.44 7.76 -17.04
N SER E 99 40.22 8.13 -15.79
CA SER E 99 38.89 8.37 -15.31
C SER E 99 38.32 9.67 -15.84
N ASN E 100 37.01 9.82 -15.70
CA ASN E 100 36.27 11.00 -16.10
C ASN E 100 35.16 11.13 -15.07
N LEU E 101 35.54 11.60 -13.88
CA LEU E 101 34.63 11.72 -12.75
C LEU E 101 34.44 13.15 -12.26
N GLY E 102 33.41 13.39 -11.47
CA GLY E 102 33.16 14.71 -10.93
C GLY E 102 33.38 15.88 -11.88
N HIS E 103 34.10 16.91 -11.43
CA HIS E 103 34.37 18.08 -12.25
C HIS E 103 35.05 17.77 -13.60
N GLU E 104 35.64 16.57 -13.72
CA GLU E 104 36.32 16.18 -14.98
C GLU E 104 35.33 15.95 -16.14
N ILE E 105 34.07 15.64 -15.84
CA ILE E 105 33.10 15.42 -16.90
C ILE E 105 33.08 16.60 -17.88
N TRP E 106 33.03 17.82 -17.34
CA TRP E 106 33.02 19.08 -18.11
C TRP E 106 33.93 19.14 -19.34
N HIS E 107 35.20 18.77 -19.13
CA HIS E 107 36.21 18.86 -20.16
C HIS E 107 36.53 17.57 -20.88
N SER E 108 35.90 16.47 -20.51
CA SER E 108 36.22 15.18 -21.13
C SER E 108 35.98 15.10 -22.63
N GLY E 109 36.99 14.67 -23.36
CA GLY E 109 36.82 14.50 -24.79
C GLY E 109 35.93 13.27 -25.02
N THR E 110 36.13 12.24 -24.21
CA THR E 110 35.36 11.03 -24.33
C THR E 110 33.86 11.35 -24.17
N VAL E 111 33.52 12.08 -23.11
CA VAL E 111 32.13 12.47 -22.86
C VAL E 111 31.56 13.28 -24.02
N ALA E 112 32.30 14.27 -24.51
CA ALA E 112 31.85 15.13 -25.63
C ALA E 112 31.46 14.32 -26.86
N ALA E 113 32.13 13.20 -27.08
CA ALA E 113 31.82 12.36 -28.23
C ALA E 113 30.40 11.76 -28.03
N ALA E 114 30.15 11.25 -26.83
CA ALA E 114 28.85 10.68 -26.54
C ALA E 114 27.78 11.79 -26.59
N LYS E 115 28.11 12.94 -26.02
CA LYS E 115 27.17 14.05 -26.01
C LYS E 115 26.79 14.45 -27.45
N GLN E 116 27.76 14.39 -28.35
CA GLN E 116 27.50 14.72 -29.75
C GLN E 116 26.47 13.73 -30.31
N GLY E 117 26.59 12.47 -29.93
CA GLY E 117 25.67 11.46 -30.42
C GLY E 117 24.24 11.73 -29.95
N TYR E 118 24.11 12.09 -28.69
CA TYR E 118 22.83 12.42 -28.09
C TYR E 118 22.23 13.63 -28.84
N LEU E 119 23.05 14.63 -29.10
CA LEU E 119 22.60 15.81 -29.81
C LEU E 119 22.15 15.45 -31.22
N PHE E 120 22.65 14.33 -31.75
CA PHE E 120 22.23 13.92 -33.09
C PHE E 120 21.00 13.01 -33.02
N GLY E 121 20.43 12.90 -31.83
CA GLY E 121 19.24 12.07 -31.64
C GLY E 121 19.41 10.65 -31.16
N LEU E 122 20.64 10.14 -31.16
CA LEU E 122 20.91 8.77 -30.75
C LEU E 122 21.09 8.62 -29.25
N SER E 123 21.24 7.38 -28.81
CA SER E 123 21.46 7.09 -27.39
C SER E 123 22.98 7.02 -27.28
N ALA E 124 23.55 7.46 -26.16
CA ALA E 124 25.00 7.44 -26.04
C ALA E 124 25.53 7.24 -24.65
N ALA E 125 26.76 6.75 -24.58
CA ALA E 125 27.42 6.52 -23.30
C ALA E 125 28.95 6.55 -23.45
N ALA E 126 29.59 7.15 -22.44
CA ALA E 126 31.05 7.27 -22.36
C ALA E 126 31.53 6.28 -21.33
N PHE E 127 32.66 5.62 -21.60
CA PHE E 127 33.23 4.66 -20.66
C PHE E 127 34.66 5.04 -20.35
N SER E 128 35.04 4.97 -19.07
CA SER E 128 36.40 5.31 -18.65
C SER E 128 36.89 4.40 -17.53
N VAL E 129 38.22 4.23 -17.44
CA VAL E 129 38.87 3.46 -16.36
C VAL E 129 40.09 4.28 -15.89
N PRO E 130 40.42 4.21 -14.60
CA PRO E 130 41.55 4.94 -14.00
C PRO E 130 42.95 4.46 -14.46
N LEU E 131 43.88 5.41 -14.55
CA LEU E 131 45.25 5.09 -14.95
C LEU E 131 46.28 5.51 -13.90
N ASN E 132 47.57 5.49 -14.29
CA ASN E 132 48.70 5.82 -13.43
C ASN E 132 49.02 4.64 -12.50
N GLY E 133 49.92 3.79 -12.95
CA GLY E 133 50.28 2.63 -12.16
C GLY E 133 49.95 1.39 -12.96
N GLU E 134 48.93 0.65 -12.52
CA GLU E 134 48.52 -0.57 -13.22
C GLU E 134 47.69 -0.26 -14.45
N VAL E 135 47.99 -0.95 -15.55
CA VAL E 135 47.24 -0.73 -16.77
C VAL E 135 45.96 -1.52 -16.68
N PRO E 136 44.89 -0.98 -17.24
CA PRO E 136 43.60 -1.68 -17.19
C PRO E 136 43.71 -3.07 -17.82
N ASP E 137 43.19 -4.07 -17.13
CA ASP E 137 43.22 -5.44 -17.62
C ASP E 137 41.86 -5.61 -18.28
N PHE E 138 41.84 -5.58 -19.60
CA PHE E 138 40.56 -5.67 -20.26
C PHE E 138 39.87 -7.03 -20.30
N ALA E 139 40.62 -8.09 -20.03
CA ALA E 139 40.05 -9.43 -20.01
C ALA E 139 39.15 -9.53 -18.77
N GLY E 140 39.70 -9.15 -17.62
CA GLY E 140 38.95 -9.23 -16.39
C GLY E 140 37.87 -8.16 -16.30
N LEU E 141 37.85 -7.27 -17.27
CA LEU E 141 36.88 -6.20 -17.29
C LEU E 141 35.79 -6.47 -18.30
N ARG E 142 36.02 -7.42 -19.18
CA ARG E 142 35.04 -7.75 -20.20
C ARG E 142 33.66 -8.08 -19.63
N PRO E 143 33.60 -8.93 -18.60
CA PRO E 143 32.31 -9.28 -18.01
C PRO E 143 31.50 -8.04 -17.63
N TRP E 144 32.11 -7.18 -16.82
CA TRP E 144 31.46 -5.96 -16.36
C TRP E 144 31.18 -4.95 -17.46
N LEU E 145 31.97 -4.98 -18.52
CA LEU E 145 31.75 -4.09 -19.64
C LEU E 145 30.44 -4.57 -20.28
N LEU E 146 30.34 -5.89 -20.42
CA LEU E 146 29.15 -6.50 -21.02
C LEU E 146 27.92 -6.22 -20.17
N ARG E 147 28.04 -6.47 -18.87
CA ARG E 147 26.91 -6.25 -18.00
C ARG E 147 26.43 -4.84 -18.14
N THR E 148 27.36 -3.88 -18.14
CA THR E 148 26.99 -2.49 -18.21
C THR E 148 26.22 -2.19 -19.49
N LEU E 149 26.71 -2.67 -20.62
CA LEU E 149 26.06 -2.45 -21.90
C LEU E 149 24.65 -3.06 -21.92
N GLU E 150 24.50 -4.23 -21.30
CA GLU E 150 23.20 -4.88 -21.23
C GLU E 150 22.18 -4.03 -20.46
N THR E 151 22.64 -3.38 -19.40
CA THR E 151 21.78 -2.52 -18.59
C THR E 151 21.37 -1.26 -19.36
N LEU E 152 22.34 -0.52 -19.88
CA LEU E 152 22.03 0.71 -20.62
C LEU E 152 20.99 0.38 -21.67
N LEU E 153 21.19 -0.75 -22.33
CA LEU E 153 20.27 -1.17 -23.38
C LEU E 153 18.85 -1.48 -22.88
N ARG E 154 18.61 -1.35 -21.57
CA ARG E 154 17.28 -1.57 -21.01
C ARG E 154 16.70 -0.27 -20.45
N LEU E 155 17.32 0.87 -20.83
CA LEU E 155 16.87 2.21 -20.40
C LEU E 155 15.94 2.79 -21.47
N GLU E 156 15.11 3.76 -21.10
CA GLU E 156 14.24 4.38 -22.09
C GLU E 156 15.19 5.16 -22.98
N ARG E 157 15.00 5.06 -24.28
CA ARG E 157 15.89 5.75 -25.20
C ARG E 157 15.28 7.04 -25.73
N PRO E 158 16.13 8.04 -26.04
CA PRO E 158 17.61 7.99 -25.92
C PRO E 158 18.07 8.28 -24.51
N PHE E 159 19.32 7.91 -24.22
CA PHE E 159 19.90 8.15 -22.92
C PHE E 159 21.30 8.71 -23.13
N LEU E 160 21.83 9.42 -22.14
CA LEU E 160 23.19 9.95 -22.21
C LEU E 160 23.79 9.56 -20.88
N VAL E 161 24.74 8.63 -20.90
CA VAL E 161 25.35 8.16 -19.65
C VAL E 161 26.88 8.14 -19.62
N ASN E 162 27.41 8.45 -18.43
CA ASN E 162 28.82 8.50 -18.20
C ASN E 162 29.25 7.32 -17.33
N VAL E 163 30.07 6.44 -17.88
CA VAL E 163 30.47 5.27 -17.14
C VAL E 163 31.94 5.20 -16.74
N ASN E 164 32.19 4.99 -15.46
CA ASN E 164 33.54 4.83 -14.96
C ASN E 164 33.57 3.45 -14.33
N LEU E 165 34.47 2.61 -14.82
CA LEU E 165 34.60 1.27 -14.29
C LEU E 165 35.87 1.17 -13.50
N PRO E 166 35.81 0.62 -12.29
CA PRO E 166 37.09 0.54 -11.59
C PRO E 166 37.96 -0.53 -12.22
N LEU E 167 39.21 -0.60 -11.79
CA LEU E 167 40.13 -1.61 -12.32
C LEU E 167 39.59 -3.03 -12.14
N ARG E 168 39.04 -3.32 -10.95
CA ARG E 168 38.47 -4.64 -10.64
C ARG E 168 37.07 -4.48 -10.02
N PRO E 169 36.07 -4.32 -10.87
CA PRO E 169 34.66 -4.15 -10.50
C PRO E 169 34.05 -5.31 -9.73
N LYS E 170 33.28 -4.97 -8.69
CA LYS E 170 32.58 -5.94 -7.87
C LYS E 170 31.06 -5.68 -8.05
N GLY E 171 30.70 -4.56 -8.67
CA GLY E 171 29.29 -4.23 -8.88
C GLY E 171 28.96 -3.12 -9.89
N PHE E 172 27.74 -2.59 -9.79
CA PHE E 172 27.25 -1.54 -10.67
C PHE E 172 26.31 -0.59 -9.96
N LEU E 173 26.43 0.72 -10.24
CA LEU E 173 25.56 1.70 -9.57
C LEU E 173 25.23 2.93 -10.40
N TRP E 174 23.98 3.39 -10.28
CA TRP E 174 23.56 4.61 -10.96
C TRP E 174 24.06 5.69 -10.01
N THR E 175 24.81 6.65 -10.54
CA THR E 175 25.37 7.67 -9.69
C THR E 175 25.11 9.06 -10.17
N ARG E 176 25.30 9.99 -9.25
CA ARG E 176 25.19 11.38 -9.59
C ARG E 176 26.65 11.87 -9.63
N GLN E 177 26.87 13.03 -10.21
CA GLN E 177 28.22 13.57 -10.28
C GLN E 177 28.68 14.11 -8.93
N SER E 178 29.96 13.90 -8.60
CA SER E 178 30.50 14.44 -7.36
C SER E 178 30.76 15.92 -7.63
N VAL E 179 30.31 16.78 -6.70
CA VAL E 179 30.46 18.22 -6.82
C VAL E 179 31.11 18.72 -5.55
N ARG E 180 32.35 19.18 -5.65
CA ARG E 180 33.05 19.59 -4.45
C ARG E 180 33.71 20.95 -4.52
N ALA E 181 33.90 21.55 -3.36
CA ALA E 181 34.58 22.83 -3.26
C ALA E 181 36.08 22.49 -3.06
N TYR E 182 36.95 23.45 -3.30
CA TYR E 182 38.39 23.23 -3.17
C TYR E 182 39.08 24.42 -2.50
N GLU E 183 40.31 24.20 -2.04
CA GLU E 183 41.10 25.28 -1.47
C GLU E 183 42.27 25.36 -2.44
N GLY E 184 42.41 26.50 -3.11
CA GLY E 184 43.46 26.67 -4.11
C GLY E 184 44.87 26.78 -3.56
N VAL E 185 45.49 25.61 -3.31
CA VAL E 185 46.84 25.50 -2.78
C VAL E 185 47.91 25.83 -3.80
N VAL E 186 48.69 26.87 -3.51
CA VAL E 186 49.78 27.27 -4.38
C VAL E 186 51.03 27.21 -3.55
N ILE E 187 51.91 26.28 -3.90
CA ILE E 187 53.14 26.05 -3.18
C ILE E 187 54.33 26.42 -4.03
N PRO E 188 55.09 27.43 -3.59
CA PRO E 188 56.28 27.91 -4.29
C PRO E 188 57.41 26.89 -4.24
N GLY E 189 58.26 26.91 -5.26
CA GLY E 189 59.38 26.00 -5.32
C GLY E 189 60.35 26.45 -6.37
N GLU E 190 61.46 25.73 -6.47
CA GLU E 190 62.47 26.03 -7.48
C GLU E 190 62.94 24.75 -8.17
N ASP E 191 63.15 24.81 -9.47
CA ASP E 191 63.54 23.64 -10.20
C ASP E 191 64.97 23.19 -9.85
N PRO E 192 65.48 22.13 -10.48
CA PRO E 192 66.84 21.69 -10.16
C PRO E 192 67.93 22.70 -10.53
N MET E 193 67.65 23.53 -11.53
CA MET E 193 68.64 24.50 -11.96
C MET E 193 68.45 25.93 -11.40
N GLY E 194 67.61 26.07 -10.38
CA GLY E 194 67.39 27.37 -9.78
C GLY E 194 66.12 28.16 -10.09
N ARG E 195 65.60 28.04 -11.31
CA ARG E 195 64.40 28.78 -11.71
C ARG E 195 63.18 28.53 -10.82
N PRO E 196 62.53 29.61 -10.36
CA PRO E 196 61.34 29.51 -9.49
C PRO E 196 60.06 29.19 -10.25
N PHE E 197 59.05 28.74 -9.53
CA PHE E 197 57.78 28.41 -10.12
C PHE E 197 56.79 28.19 -8.99
N TYR E 198 55.54 27.94 -9.34
CA TYR E 198 54.51 27.71 -8.34
C TYR E 198 53.88 26.34 -8.55
N TRP E 199 53.71 25.59 -7.47
CA TRP E 199 53.09 24.27 -7.55
C TRP E 199 51.60 24.48 -7.29
N PHE E 200 50.80 24.37 -8.34
CA PHE E 200 49.37 24.53 -8.22
C PHE E 200 48.85 23.13 -7.88
N ALA E 201 48.18 22.98 -6.75
CA ALA E 201 47.67 21.66 -6.39
C ALA E 201 46.47 21.84 -5.49
N PRO E 202 45.28 21.97 -6.08
CA PRO E 202 44.02 22.15 -5.38
C PRO E 202 43.55 20.89 -4.68
N ARG E 203 43.18 21.01 -3.40
CA ARG E 203 42.71 19.84 -2.69
C ARG E 203 41.24 20.00 -2.33
N PRO E 204 40.45 18.94 -2.53
CA PRO E 204 39.02 19.03 -2.21
C PRO E 204 38.79 19.15 -0.71
N LEU E 205 37.89 20.05 -0.33
CA LEU E 205 37.57 20.32 1.06
C LEU E 205 36.89 19.19 1.80
N LYS E 206 36.51 18.14 1.09
CA LYS E 206 35.86 17.00 1.73
C LYS E 206 35.90 15.75 0.86
N GLU E 207 35.59 14.62 1.47
CA GLU E 207 35.55 13.31 0.79
C GLU E 207 34.30 13.24 -0.08
N ALA E 208 34.36 12.40 -1.11
CA ALA E 208 33.22 12.23 -1.99
C ALA E 208 32.09 11.55 -1.20
N GLU E 209 30.89 12.13 -1.28
CA GLU E 209 29.73 11.59 -0.58
C GLU E 209 29.26 10.34 -1.28
N GLU E 210 28.68 9.42 -0.53
CA GLU E 210 28.20 8.22 -1.19
C GLU E 210 27.02 8.59 -2.08
N GLY E 211 26.95 7.90 -3.22
CA GLY E 211 25.92 8.16 -4.20
C GLY E 211 26.55 8.87 -5.40
N THR E 212 27.77 9.37 -5.22
CA THR E 212 28.49 10.06 -6.28
C THR E 212 29.34 9.11 -7.08
N ASP E 213 29.66 9.49 -8.32
CA ASP E 213 30.49 8.67 -9.19
C ASP E 213 31.85 8.36 -8.58
N ARG E 214 32.48 9.37 -7.99
CA ARG E 214 33.79 9.17 -7.40
C ARG E 214 33.75 8.08 -6.31
N TRP E 215 32.80 8.21 -5.41
CA TRP E 215 32.59 7.24 -4.32
C TRP E 215 32.42 5.82 -4.88
N ALA E 216 31.47 5.68 -5.78
CA ALA E 216 31.20 4.39 -6.38
C ALA E 216 32.43 3.68 -6.95
N VAL E 217 33.31 4.42 -7.59
CA VAL E 217 34.48 3.79 -8.16
C VAL E 217 35.48 3.46 -7.05
N ALA E 218 35.48 4.28 -6.00
CA ALA E 218 36.41 4.00 -4.91
C ALA E 218 35.96 2.77 -4.14
N GLN E 219 34.66 2.48 -4.15
CA GLN E 219 34.17 1.31 -3.46
C GLN E 219 34.31 0.04 -4.30
N GLY E 220 34.62 0.17 -5.58
CA GLY E 220 34.77 -1.00 -6.43
C GLY E 220 33.57 -1.26 -7.33
N PHE E 221 32.72 -0.25 -7.55
CA PHE E 221 31.54 -0.41 -8.41
C PHE E 221 31.65 0.36 -9.71
N VAL E 222 31.02 -0.17 -10.74
CA VAL E 222 30.95 0.50 -12.03
C VAL E 222 30.05 1.68 -11.71
N SER E 223 30.43 2.87 -12.13
CA SER E 223 29.60 4.06 -11.87
C SER E 223 28.95 4.48 -13.16
N ALA E 224 27.66 4.75 -13.11
CA ALA E 224 26.91 5.16 -14.29
C ALA E 224 26.10 6.38 -13.96
N THR E 225 26.48 7.51 -14.56
CA THR E 225 25.81 8.77 -14.31
C THR E 225 25.04 9.31 -15.48
N PRO E 226 23.75 9.53 -15.29
CA PRO E 226 22.94 10.08 -16.37
C PRO E 226 23.25 11.58 -16.44
N LEU E 227 23.66 12.03 -17.61
CA LEU E 227 24.05 13.44 -17.79
C LEU E 227 22.95 14.32 -18.34
N ARG E 228 23.04 15.58 -18.05
CA ARG E 228 22.07 16.53 -18.55
C ARG E 228 22.79 17.39 -19.56
N LEU E 229 22.04 18.06 -20.44
CA LEU E 229 22.66 18.93 -21.41
C LEU E 229 22.57 20.40 -21.00
N ASP E 230 21.60 20.69 -20.13
CA ASP E 230 21.32 22.05 -19.67
C ASP E 230 22.13 22.45 -18.43
N LEU E 231 22.94 23.50 -18.60
CA LEU E 231 23.81 24.03 -17.57
C LEU E 231 23.21 25.18 -16.78
N THR E 232 21.99 25.53 -17.15
CA THR E 232 21.29 26.60 -16.49
C THR E 232 20.99 26.25 -15.04
N ASP E 233 21.10 27.24 -14.18
CA ASP E 233 20.79 27.04 -12.79
C ASP E 233 19.42 27.69 -12.64
N GLU E 234 18.38 26.91 -12.90
CA GLU E 234 17.01 27.40 -12.83
C GLU E 234 16.59 27.84 -11.43
N THR E 235 17.24 27.32 -10.39
CA THR E 235 16.83 27.72 -9.04
C THR E 235 17.29 29.13 -8.73
N ARG E 236 18.10 29.67 -9.63
CA ARG E 236 18.61 31.04 -9.52
C ARG E 236 17.95 31.88 -10.60
N LEU E 237 17.77 31.26 -11.77
CA LEU E 237 17.14 31.93 -12.91
C LEU E 237 15.66 32.22 -12.65
N GLN E 238 14.85 31.17 -12.46
CA GLN E 238 13.42 31.31 -12.24
C GLN E 238 12.99 32.42 -11.30
N PRO E 239 13.62 32.52 -10.11
CA PRO E 239 13.22 33.59 -9.21
C PRO E 239 13.54 34.97 -9.79
N THR E 240 14.68 35.08 -10.45
CA THR E 240 15.11 36.33 -11.06
C THR E 240 14.11 36.81 -12.13
N LEU E 241 13.54 35.86 -12.87
CA LEU E 241 12.59 36.16 -13.94
C LEU E 241 11.15 36.39 -13.50
N ALA E 242 10.89 36.25 -12.21
CA ALA E 242 9.54 36.41 -11.68
C ALA E 242 9.12 37.86 -11.44
N HIS E 243 7.83 38.09 -11.60
CA HIS E 243 7.23 39.40 -11.38
C HIS E 243 6.06 39.25 -10.40
N ASP E 244 5.42 40.36 -10.06
CA ASP E 244 4.27 40.31 -9.15
C ASP E 244 2.96 40.17 -9.93
N MET F 1 36.14 45.92 -1.99
CA MET F 1 36.03 44.71 -2.86
C MET F 1 37.28 44.56 -3.71
N ARG F 2 37.80 43.33 -3.72
CA ARG F 2 39.00 42.98 -4.50
C ARG F 2 38.60 42.03 -5.65
N ILE F 3 38.90 42.43 -6.88
CA ILE F 3 38.53 41.62 -8.04
C ILE F 3 39.70 41.12 -8.84
N LEU F 4 39.73 39.82 -9.07
CA LEU F 4 40.78 39.19 -9.86
C LEU F 4 40.29 39.13 -11.29
N VAL F 5 41.10 39.58 -12.23
CA VAL F 5 40.66 39.54 -13.62
C VAL F 5 41.56 38.68 -14.48
N THR F 6 40.93 37.84 -15.31
CA THR F 6 41.65 36.96 -16.20
C THR F 6 40.87 36.74 -17.49
N ASN F 7 41.29 35.77 -18.29
CA ASN F 7 40.65 35.47 -19.56
C ASN F 7 41.44 34.30 -20.14
N ASP F 8 41.16 33.93 -21.40
CA ASP F 8 41.91 32.85 -22.05
C ASP F 8 42.44 33.27 -23.43
N ASP F 9 42.26 34.53 -23.79
CA ASP F 9 42.78 35.01 -25.06
C ASP F 9 44.22 35.52 -24.93
N GLY F 10 44.66 35.79 -23.71
CA GLY F 10 46.01 36.27 -23.55
C GLY F 10 46.15 37.66 -22.96
N ILE F 11 47.24 37.80 -22.21
CA ILE F 11 47.59 39.06 -21.57
C ILE F 11 47.53 40.26 -22.53
N TYR F 12 47.60 39.97 -23.83
CA TYR F 12 47.56 41.00 -24.84
C TYR F 12 46.20 41.31 -25.49
N SER F 13 45.15 40.59 -25.07
CA SER F 13 43.82 40.81 -25.62
C SER F 13 43.16 42.13 -25.16
N PRO F 14 42.65 42.92 -26.10
CA PRO F 14 42.05 44.13 -25.54
C PRO F 14 40.89 43.77 -24.63
N GLY F 15 40.08 42.78 -25.04
CA GLY F 15 38.95 42.36 -24.21
C GLY F 15 39.29 42.28 -22.72
N LEU F 16 40.46 41.75 -22.41
CA LEU F 16 40.92 41.61 -21.03
C LEU F 16 41.08 42.94 -20.30
N TRP F 17 41.67 43.91 -20.98
CA TRP F 17 41.87 45.22 -20.37
C TRP F 17 40.54 46.01 -20.29
N ALA F 18 39.66 45.81 -21.27
CA ALA F 18 38.37 46.51 -21.22
C ALA F 18 37.67 46.13 -19.93
N LEU F 19 37.74 44.84 -19.60
CA LEU F 19 37.09 44.31 -18.39
C LEU F 19 37.73 44.78 -17.10
N ALA F 20 39.06 44.72 -17.02
CA ALA F 20 39.78 45.16 -15.81
C ALA F 20 39.45 46.64 -15.57
N GLU F 21 39.37 47.41 -16.65
CA GLU F 21 39.07 48.84 -16.56
C GLU F 21 37.69 49.01 -15.96
N ALA F 22 36.75 48.25 -16.50
CA ALA F 22 35.37 48.33 -16.03
C ALA F 22 35.25 47.82 -14.62
N ALA F 23 36.03 46.82 -14.27
CA ALA F 23 35.94 46.27 -12.92
C ALA F 23 36.51 47.24 -11.88
N SER F 24 37.53 48.01 -12.26
CA SER F 24 38.16 48.95 -11.32
C SER F 24 37.13 49.92 -10.74
N GLN F 25 36.11 50.25 -11.55
CA GLN F 25 35.04 51.14 -11.13
C GLN F 25 34.25 50.57 -9.96
N PHE F 26 34.52 49.34 -9.58
CA PHE F 26 33.79 48.73 -8.47
C PHE F 26 34.69 48.22 -7.35
N GLY F 27 36.00 48.23 -7.57
CA GLY F 27 36.90 47.78 -6.52
C GLY F 27 38.32 47.71 -7.04
N GLU F 28 39.22 47.21 -6.22
CA GLU F 28 40.63 47.08 -6.60
C GLU F 28 40.84 45.89 -7.51
N VAL F 29 41.27 46.17 -8.73
CA VAL F 29 41.48 45.11 -9.70
C VAL F 29 42.90 44.57 -9.80
N PHE F 30 42.98 43.25 -9.95
CA PHE F 30 44.24 42.53 -10.12
C PHE F 30 44.10 41.67 -11.38
N VAL F 31 45.14 41.61 -12.19
CA VAL F 31 45.09 40.83 -13.43
C VAL F 31 46.14 39.72 -13.45
N ALA F 32 45.72 38.56 -13.94
CA ALA F 32 46.55 37.36 -14.05
C ALA F 32 45.99 36.66 -15.28
N ALA F 33 46.79 36.51 -16.32
CA ALA F 33 46.30 35.89 -17.54
C ALA F 33 47.31 35.00 -18.25
N PRO F 34 46.80 34.04 -19.05
CA PRO F 34 47.62 33.09 -19.81
C PRO F 34 48.57 33.81 -20.75
N ASP F 35 49.70 33.17 -21.05
CA ASP F 35 50.67 33.81 -21.92
C ASP F 35 50.26 33.74 -23.38
N THR F 36 49.97 32.52 -23.82
CA THR F 36 49.54 32.28 -25.20
C THR F 36 48.16 32.90 -25.41
N THR F 46 46.32 19.25 -14.90
CA THR F 46 45.03 18.70 -14.39
C THR F 46 45.18 18.24 -12.94
N ILE F 47 46.42 17.94 -12.56
CA ILE F 47 46.76 17.50 -11.21
C ILE F 47 48.01 18.26 -10.78
N ALA F 48 48.48 18.00 -9.57
CA ALA F 48 49.67 18.69 -9.07
C ALA F 48 50.66 18.92 -10.22
N HIS F 49 50.78 20.17 -10.65
CA HIS F 49 51.69 20.52 -11.73
C HIS F 49 52.36 21.85 -11.42
N PRO F 50 53.53 22.11 -12.01
CA PRO F 50 54.25 23.35 -11.78
C PRO F 50 53.88 24.41 -12.81
N VAL F 51 53.88 25.68 -12.40
CA VAL F 51 53.53 26.78 -13.29
C VAL F 51 54.42 28.01 -13.10
N ARG F 52 54.80 28.67 -14.21
CA ARG F 52 55.65 29.87 -14.14
C ARG F 52 54.77 31.13 -14.26
N ALA F 53 55.23 32.25 -13.72
CA ALA F 53 54.47 33.48 -13.81
C ALA F 53 55.38 34.67 -13.62
N TYR F 54 55.38 35.54 -14.64
CA TYR F 54 56.21 36.75 -14.67
C TYR F 54 55.40 38.03 -14.68
N PRO F 55 55.87 39.05 -13.93
CA PRO F 55 55.19 40.34 -13.86
C PRO F 55 55.01 40.91 -15.26
N HIS F 56 54.01 41.77 -15.39
CA HIS F 56 53.71 42.36 -16.67
C HIS F 56 53.09 43.72 -16.43
N PRO F 57 53.56 44.73 -17.16
CA PRO F 57 53.03 46.09 -17.00
C PRO F 57 51.68 46.25 -17.68
N SER F 58 50.69 46.71 -16.92
CA SER F 58 49.37 46.94 -17.48
C SER F 58 49.53 48.04 -18.53
N PRO F 59 48.85 47.90 -19.68
CA PRO F 59 48.96 48.91 -20.74
C PRO F 59 48.57 50.30 -20.25
N LEU F 60 49.03 51.32 -20.98
CA LEU F 60 48.77 52.72 -20.65
C LEU F 60 47.60 53.31 -21.45
N ALA F 62 44.67 54.95 -19.68
CA ALA F 62 44.28 53.91 -18.68
C ALA F 62 45.24 53.88 -17.50
N PRO F 63 44.73 53.57 -16.30
CA PRO F 63 45.50 53.51 -15.05
C PRO F 63 46.37 52.24 -15.00
N HIS F 64 47.12 52.08 -13.91
CA HIS F 64 47.96 50.89 -13.78
C HIS F 64 47.23 49.81 -12.98
N PHE F 65 47.41 48.58 -13.43
CA PHE F 65 46.80 47.42 -12.79
C PHE F 65 47.91 46.44 -12.45
N PRO F 66 47.95 45.98 -11.19
CA PRO F 66 49.01 45.01 -10.89
C PRO F 66 48.68 43.83 -11.83
N ALA F 67 49.63 43.36 -12.62
CA ALA F 67 49.31 42.27 -13.53
C ALA F 67 50.39 41.22 -13.61
N TYR F 68 50.01 40.05 -14.11
CA TYR F 68 50.90 38.90 -14.27
C TYR F 68 50.50 38.07 -15.47
N ARG F 69 51.50 37.59 -16.21
CA ARG F 69 51.24 36.72 -17.34
C ARG F 69 51.64 35.34 -16.81
N VAL F 70 50.73 34.40 -16.93
CA VAL F 70 50.95 33.06 -16.43
C VAL F 70 51.15 32.11 -17.59
N ARG F 71 52.21 31.30 -17.54
CA ARG F 71 52.47 30.34 -18.59
C ARG F 71 51.70 29.05 -18.22
N GLY F 72 50.39 29.18 -18.10
CA GLY F 72 49.58 28.04 -17.76
C GLY F 72 48.16 28.24 -18.26
N THR F 73 47.22 27.54 -17.65
CA THR F 73 45.83 27.63 -18.05
C THR F 73 45.06 28.70 -17.28
N PRO F 74 43.91 29.11 -17.82
CA PRO F 74 43.11 30.13 -17.13
C PRO F 74 42.82 29.65 -15.72
N ALA F 75 42.72 28.34 -15.53
CA ALA F 75 42.44 27.83 -14.19
C ALA F 75 43.66 28.11 -13.33
N ASP F 76 44.85 27.98 -13.93
CA ASP F 76 46.10 28.23 -13.22
C ASP F 76 46.15 29.73 -12.84
N CYS F 77 45.75 30.58 -13.79
CA CYS F 77 45.75 32.00 -13.55
C CYS F 77 44.89 32.30 -12.32
N VAL F 78 43.69 31.74 -12.29
CA VAL F 78 42.80 31.96 -11.15
C VAL F 78 43.44 31.48 -9.85
N ALA F 79 43.98 30.26 -9.83
CA ALA F 79 44.62 29.83 -8.60
C ALA F 79 45.84 30.73 -8.32
N LEU F 80 46.59 31.08 -9.35
CA LEU F 80 47.77 31.93 -9.16
C LEU F 80 47.44 33.38 -8.73
N GLY F 81 46.28 33.86 -9.15
CA GLY F 81 45.89 35.21 -8.79
C GLY F 81 45.43 35.24 -7.34
N LEU F 82 44.74 34.20 -6.88
CA LEU F 82 44.28 34.19 -5.50
C LEU F 82 45.45 34.03 -4.51
N HIS F 83 46.55 33.47 -4.98
CA HIS F 83 47.67 33.31 -4.07
C HIS F 83 48.58 34.53 -4.08
N LEU F 84 48.58 35.25 -5.20
CA LEU F 84 49.39 36.44 -5.39
C LEU F 84 48.71 37.75 -5.00
N PHE F 85 47.39 37.76 -4.91
CA PHE F 85 46.67 38.98 -4.56
C PHE F 85 45.56 38.71 -3.58
N GLY F 86 45.50 37.49 -3.06
CA GLY F 86 44.43 37.14 -2.14
C GLY F 86 44.37 37.97 -0.88
N PRO F 87 43.21 38.02 -0.23
CA PRO F 87 41.97 37.34 -0.62
C PRO F 87 41.28 38.07 -1.77
N VAL F 88 40.35 37.38 -2.44
CA VAL F 88 39.64 37.97 -3.56
C VAL F 88 38.16 37.77 -3.32
N ASP F 89 37.35 38.71 -3.79
CA ASP F 89 35.90 38.65 -3.62
C ASP F 89 35.23 38.15 -4.91
N LEU F 90 35.79 38.56 -6.04
CA LEU F 90 35.20 38.21 -7.30
C LEU F 90 36.24 37.84 -8.31
N VAL F 91 35.87 36.90 -9.19
CA VAL F 91 36.70 36.42 -10.30
C VAL F 91 35.92 36.72 -11.58
N LEU F 92 36.48 37.58 -12.42
CA LEU F 92 35.86 37.91 -13.69
C LEU F 92 36.79 37.41 -14.80
N SER F 93 36.21 36.76 -15.80
CA SER F 93 37.00 36.24 -16.90
C SER F 93 36.48 36.71 -18.26
N GLY F 94 37.35 37.33 -19.04
CA GLY F 94 36.99 37.85 -20.35
C GLY F 94 37.62 39.23 -20.51
N VAL F 95 37.11 40.08 -21.40
CA VAL F 95 35.98 39.76 -22.25
C VAL F 95 36.49 38.93 -23.41
N ASN F 96 36.00 37.71 -23.54
CA ASN F 96 36.42 36.82 -24.62
C ASN F 96 36.11 37.35 -26.02
N LEU F 97 37.03 37.12 -26.95
CA LEU F 97 36.83 37.56 -28.33
C LEU F 97 36.17 36.43 -29.13
N GLY F 98 34.87 36.25 -28.88
CA GLY F 98 34.11 35.20 -29.52
C GLY F 98 33.00 34.87 -28.53
N SER F 99 31.88 34.33 -29.03
CA SER F 99 30.76 34.06 -28.16
C SER F 99 30.95 32.81 -27.34
N ASN F 100 30.09 32.65 -26.33
CA ASN F 100 30.08 31.50 -25.48
C ASN F 100 28.61 31.26 -25.08
N LEU F 101 27.84 30.91 -26.09
CA LEU F 101 26.39 30.67 -25.96
C LEU F 101 26.07 29.20 -26.19
N GLY F 102 25.01 28.75 -25.54
CA GLY F 102 24.55 27.38 -25.70
C GLY F 102 25.50 26.22 -25.44
N HIS F 103 25.58 25.33 -26.42
CA HIS F 103 26.44 24.15 -26.37
C HIS F 103 27.90 24.53 -26.17
N GLU F 104 28.29 25.72 -26.62
CA GLU F 104 29.67 26.21 -26.52
C GLU F 104 30.13 26.43 -25.07
N ILE F 105 29.20 26.76 -24.16
CA ILE F 105 29.53 26.99 -22.76
C ILE F 105 30.36 25.84 -22.19
N TRP F 106 30.01 24.61 -22.59
CA TRP F 106 30.68 23.37 -22.18
C TRP F 106 32.21 23.31 -22.23
N HIS F 107 32.80 23.82 -23.30
CA HIS F 107 34.24 23.81 -23.50
C HIS F 107 34.82 25.22 -23.48
N SER F 108 34.09 26.16 -22.89
CA SER F 108 34.59 27.53 -22.84
C SER F 108 35.78 27.66 -21.87
N GLY F 109 36.86 28.24 -22.39
CA GLY F 109 38.05 28.47 -21.57
C GLY F 109 37.70 29.62 -20.63
N THR F 110 37.05 30.63 -21.21
CA THR F 110 36.61 31.77 -20.44
C THR F 110 35.74 31.28 -19.28
N VAL F 111 34.74 30.45 -19.60
CA VAL F 111 33.85 29.94 -18.59
C VAL F 111 34.62 29.06 -17.61
N ALA F 112 35.59 28.31 -18.12
CA ALA F 112 36.40 27.44 -17.27
C ALA F 112 37.05 28.23 -16.14
N ALA F 113 37.66 29.38 -16.46
CA ALA F 113 38.29 30.23 -15.44
C ALA F 113 37.31 30.64 -14.35
N ALA F 114 36.14 31.14 -14.76
CA ALA F 114 35.16 31.59 -13.79
C ALA F 114 34.73 30.45 -12.89
N LYS F 115 34.42 29.31 -13.49
CA LYS F 115 34.03 28.13 -12.73
C LYS F 115 35.08 27.81 -11.70
N GLN F 116 36.36 27.93 -12.09
CA GLN F 116 37.46 27.65 -11.16
C GLN F 116 37.33 28.53 -9.91
N GLY F 117 37.08 29.82 -10.12
CA GLY F 117 36.91 30.74 -9.01
C GLY F 117 35.75 30.33 -8.14
N TYR F 118 34.68 29.85 -8.77
CA TYR F 118 33.48 29.42 -8.04
C TYR F 118 33.84 28.24 -7.18
N LEU F 119 34.50 27.25 -7.79
CA LEU F 119 34.89 26.07 -7.03
C LEU F 119 35.72 26.44 -5.81
N PHE F 120 36.31 27.64 -5.82
CA PHE F 120 37.11 28.14 -4.70
C PHE F 120 36.28 29.00 -3.73
N GLY F 121 34.95 28.88 -3.78
CA GLY F 121 34.10 29.65 -2.88
C GLY F 121 33.86 31.10 -3.26
N LEU F 122 34.35 31.54 -4.41
CA LEU F 122 34.14 32.93 -4.83
C LEU F 122 33.05 33.14 -5.89
N SER F 123 32.53 34.35 -5.97
CA SER F 123 31.55 34.63 -7.00
C SER F 123 32.33 34.79 -8.32
N ALA F 124 31.74 34.38 -9.43
CA ALA F 124 32.43 34.50 -10.70
C ALA F 124 31.50 34.72 -11.89
N ALA F 125 32.05 35.29 -12.96
CA ALA F 125 31.28 35.50 -14.16
C ALA F 125 32.21 35.57 -15.38
N ALA F 126 31.73 35.04 -16.50
CA ALA F 126 32.52 35.07 -17.73
C ALA F 126 31.84 36.06 -18.65
N PHE F 127 32.66 36.77 -19.43
CA PHE F 127 32.18 37.77 -20.38
C PHE F 127 32.68 37.45 -21.76
N SER F 128 31.76 37.42 -22.71
CA SER F 128 32.09 37.12 -24.09
C SER F 128 31.32 38.06 -25.02
N VAL F 129 31.92 38.39 -26.16
CA VAL F 129 31.28 39.23 -27.15
C VAL F 129 31.40 38.43 -28.44
N PRO F 130 30.30 38.28 -29.19
CA PRO F 130 30.32 37.51 -30.44
C PRO F 130 31.31 38.01 -31.48
N LEU F 131 31.97 37.07 -32.16
CA LEU F 131 32.93 37.46 -33.17
C LEU F 131 32.90 36.69 -34.50
N ASN F 132 33.99 36.85 -35.24
CA ASN F 132 34.18 36.26 -36.56
C ASN F 132 33.46 37.13 -37.59
N GLY F 133 34.08 38.28 -37.85
CA GLY F 133 33.56 39.26 -38.81
C GLY F 133 34.23 40.59 -38.51
N GLU F 134 33.65 41.34 -37.60
CA GLU F 134 34.18 42.64 -37.20
C GLU F 134 34.66 42.49 -35.77
N VAL F 135 35.32 43.51 -35.23
CA VAL F 135 35.80 43.43 -33.86
C VAL F 135 35.02 44.34 -32.94
N PRO F 136 34.99 44.01 -31.64
CA PRO F 136 34.25 44.83 -30.68
C PRO F 136 34.82 46.21 -30.43
N ASP F 137 33.92 47.13 -30.09
CA ASP F 137 34.29 48.49 -29.76
C ASP F 137 34.08 48.53 -28.26
N PHE F 138 35.17 48.50 -27.50
CA PHE F 138 35.05 48.51 -26.05
C PHE F 138 34.82 49.89 -25.44
N ALA F 139 34.86 50.93 -26.26
CA ALA F 139 34.60 52.27 -25.77
C ALA F 139 33.07 52.42 -25.75
N GLY F 140 32.42 51.69 -26.65
CA GLY F 140 30.97 51.73 -26.71
C GLY F 140 30.35 50.67 -25.82
N LEU F 141 31.08 49.58 -25.59
CA LEU F 141 30.60 48.49 -24.76
C LEU F 141 30.67 48.79 -23.27
N ARG F 142 31.62 49.66 -22.89
CA ARG F 142 31.84 50.03 -21.50
C ARG F 142 30.57 50.36 -20.68
N PRO F 143 29.66 51.16 -21.24
CA PRO F 143 28.44 51.50 -20.51
C PRO F 143 27.67 50.23 -20.14
N TRP F 144 27.53 49.35 -21.13
CA TRP F 144 26.81 48.10 -20.94
C TRP F 144 27.56 47.15 -20.00
N LEU F 145 28.89 47.28 -19.97
CA LEU F 145 29.67 46.43 -19.10
C LEU F 145 29.43 46.87 -17.66
N LEU F 146 29.52 48.18 -17.44
CA LEU F 146 29.33 48.75 -16.11
C LEU F 146 27.95 48.41 -15.56
N ARG F 147 26.94 48.56 -16.41
CA ARG F 147 25.57 48.30 -16.02
C ARG F 147 25.45 46.83 -15.60
N THR F 148 26.10 45.95 -16.38
CA THR F 148 26.06 44.52 -16.13
C THR F 148 26.74 44.15 -14.84
N LEU F 149 27.92 44.71 -14.59
CA LEU F 149 28.63 44.39 -13.37
C LEU F 149 27.82 44.84 -12.18
N GLU F 150 27.22 46.02 -12.30
CA GLU F 150 26.39 46.60 -11.25
C GLU F 150 25.25 45.64 -10.92
N THR F 151 24.66 45.02 -11.94
CA THR F 151 23.60 44.08 -11.69
C THR F 151 24.18 42.88 -10.99
N LEU F 152 25.22 42.29 -11.56
CA LEU F 152 25.80 41.10 -10.96
C LEU F 152 26.12 41.25 -9.49
N LEU F 153 26.71 42.41 -9.13
CA LEU F 153 27.10 42.67 -7.74
C LEU F 153 25.95 42.90 -6.73
N ARG F 154 24.71 42.93 -7.22
CA ARG F 154 23.58 43.07 -6.31
C ARG F 154 23.07 41.68 -5.95
N LEU F 155 23.34 40.68 -6.80
CA LEU F 155 22.91 39.30 -6.55
C LEU F 155 23.48 38.74 -5.25
N GLU F 156 22.84 37.67 -4.76
CA GLU F 156 23.28 37.00 -3.54
C GLU F 156 24.55 36.22 -3.85
N ARG F 157 25.52 36.23 -2.93
CA ARG F 157 26.77 35.53 -3.16
C ARG F 157 26.86 34.18 -2.47
N PRO F 158 27.64 33.24 -3.04
CA PRO F 158 28.39 33.41 -4.29
C PRO F 158 27.51 33.16 -5.50
N PHE F 159 28.00 33.54 -6.68
CA PHE F 159 27.23 33.33 -7.90
C PHE F 159 28.12 32.93 -9.05
N LEU F 160 27.56 32.21 -10.01
CA LEU F 160 28.29 31.77 -11.18
C LEU F 160 27.49 32.12 -12.40
N VAL F 161 27.84 33.21 -13.06
CA VAL F 161 27.09 33.67 -14.21
C VAL F 161 27.86 33.80 -15.51
N ASN F 162 27.20 33.43 -16.61
CA ASN F 162 27.79 33.51 -17.95
C ASN F 162 27.17 34.68 -18.70
N VAL F 163 28.03 35.60 -19.15
CA VAL F 163 27.55 36.78 -19.84
C VAL F 163 28.03 36.92 -21.26
N ASN F 164 27.10 37.23 -22.16
CA ASN F 164 27.43 37.46 -23.56
C ASN F 164 26.88 38.84 -23.91
N LEU F 165 27.71 39.67 -24.55
CA LEU F 165 27.25 40.99 -24.92
C LEU F 165 27.27 41.11 -26.41
N PRO F 166 26.17 41.57 -27.02
CA PRO F 166 26.22 41.71 -28.47
C PRO F 166 27.17 42.90 -28.77
N LEU F 167 27.52 43.08 -30.04
CA LEU F 167 28.43 44.18 -30.42
C LEU F 167 27.96 45.57 -29.98
N ARG F 168 26.71 45.90 -30.24
CA ARG F 168 26.15 47.17 -29.80
C ARG F 168 24.78 46.83 -29.23
N PRO F 169 24.73 46.67 -27.90
CA PRO F 169 23.59 46.32 -27.03
C PRO F 169 22.53 47.40 -26.85
N LYS F 170 21.29 46.95 -26.69
CA LYS F 170 20.17 47.83 -26.49
C LYS F 170 19.28 47.23 -25.40
N GLY F 171 19.89 46.54 -24.44
CA GLY F 171 19.11 45.95 -23.38
C GLY F 171 19.85 44.98 -22.49
N PHE F 172 19.11 44.17 -21.73
CA PHE F 172 19.69 43.19 -20.82
C PHE F 172 18.63 42.16 -20.38
N LEU F 173 18.99 40.88 -20.45
CA LEU F 173 18.07 39.81 -20.08
C LEU F 173 18.73 38.66 -19.34
N TRP F 174 18.14 38.25 -18.21
CA TRP F 174 18.62 37.10 -17.47
C TRP F 174 18.13 36.01 -18.37
N THR F 175 19.00 35.07 -18.72
CA THR F 175 18.62 34.03 -19.66
C THR F 175 18.89 32.59 -19.25
N ARG F 176 18.41 31.67 -20.07
CA ARG F 176 18.66 30.26 -19.80
C ARG F 176 19.46 29.80 -20.98
N GLN F 177 20.18 28.70 -20.81
CA GLN F 177 21.00 28.18 -21.88
C GLN F 177 20.15 27.60 -23.02
N SER F 178 20.55 27.91 -24.24
CA SER F 178 19.87 27.39 -25.39
C SER F 178 20.36 25.96 -25.58
N VAL F 179 19.42 25.01 -25.58
CA VAL F 179 19.75 23.60 -25.78
C VAL F 179 19.02 23.15 -27.04
N ARG F 180 19.74 22.79 -28.06
CA ARG F 180 19.07 22.39 -29.29
C ARG F 180 19.57 21.08 -29.84
N ALA F 181 18.78 20.48 -30.71
CA ALA F 181 19.15 19.20 -31.31
C ALA F 181 19.77 19.48 -32.68
N TYR F 182 20.60 18.57 -33.17
CA TYR F 182 21.23 18.80 -34.45
C TYR F 182 21.05 17.71 -35.52
N GLU F 183 21.55 17.99 -36.72
CA GLU F 183 21.52 17.07 -37.84
C GLU F 183 22.95 16.97 -38.33
N GLY F 184 23.49 15.76 -38.32
CA GLY F 184 24.87 15.55 -38.72
C GLY F 184 25.15 15.68 -40.19
N VAL F 185 24.93 16.86 -40.74
CA VAL F 185 25.17 17.10 -42.16
C VAL F 185 26.58 16.75 -42.60
N VAL F 186 26.69 15.70 -43.41
CA VAL F 186 27.98 15.28 -43.94
C VAL F 186 27.89 15.21 -45.45
N ILE F 187 28.57 16.12 -46.13
CA ILE F 187 28.53 16.17 -47.59
C ILE F 187 29.87 15.89 -48.26
N PRO F 188 29.91 14.85 -49.11
CA PRO F 188 31.11 14.43 -49.86
C PRO F 188 31.57 15.54 -50.81
N GLY F 189 32.89 15.63 -51.00
CA GLY F 189 33.46 16.64 -51.88
C GLY F 189 34.97 16.48 -52.05
N GLU F 190 35.54 17.21 -53.00
CA GLU F 190 36.99 17.14 -53.22
C GLU F 190 37.56 18.54 -53.39
N ASP F 191 38.81 18.72 -52.98
CA ASP F 191 39.43 20.03 -53.11
C ASP F 191 39.78 20.22 -54.58
N PRO F 192 39.78 21.47 -55.06
CA PRO F 192 40.08 21.80 -56.46
C PRO F 192 41.32 21.09 -57.04
N MET F 193 42.04 20.39 -56.17
CA MET F 193 43.25 19.67 -56.56
C MET F 193 42.97 18.22 -56.95
N GLY F 194 41.93 17.63 -56.38
CA GLY F 194 41.61 16.26 -56.72
C GLY F 194 41.38 15.31 -55.55
N ARG F 195 41.86 15.67 -54.38
CA ARG F 195 41.69 14.81 -53.20
C ARG F 195 40.29 14.90 -52.61
N PRO F 196 39.74 13.74 -52.17
CA PRO F 196 38.40 13.68 -51.58
C PRO F 196 38.39 13.97 -50.09
N PHE F 197 37.22 14.32 -49.55
CA PHE F 197 37.10 14.62 -48.13
C PHE F 197 35.62 14.74 -47.78
N TYR F 198 35.33 14.88 -46.49
CA TYR F 198 33.94 15.01 -46.07
C TYR F 198 33.68 16.32 -45.36
N TRP F 199 32.67 17.05 -45.85
CA TRP F 199 32.25 18.32 -45.27
C TRP F 199 31.31 18.03 -44.11
N PHE F 200 31.70 18.47 -42.92
CA PHE F 200 30.86 18.28 -41.75
C PHE F 200 30.31 19.66 -41.42
N ALA F 201 28.99 19.80 -41.49
CA ALA F 201 28.31 21.07 -41.21
C ALA F 201 27.10 20.85 -40.31
N PRO F 202 27.31 20.65 -39.02
CA PRO F 202 26.17 20.43 -38.12
C PRO F 202 25.28 21.65 -38.08
N ARG F 203 23.96 21.45 -38.01
CA ARG F 203 23.07 22.59 -37.92
C ARG F 203 21.90 22.25 -37.05
N PRO F 204 21.44 23.21 -36.23
CA PRO F 204 20.31 23.06 -35.32
C PRO F 204 18.99 22.72 -36.00
N LEU F 205 18.22 21.84 -35.38
CA LEU F 205 16.90 21.42 -35.88
C LEU F 205 15.87 22.54 -35.73
N LYS F 206 16.24 23.61 -35.05
CA LYS F 206 15.32 24.72 -34.86
C LYS F 206 16.03 25.99 -34.44
N GLU F 207 15.24 27.06 -34.37
CA GLU F 207 15.72 28.37 -33.99
C GLU F 207 15.76 28.44 -32.49
N ALA F 208 16.66 29.26 -31.96
CA ALA F 208 16.77 29.45 -30.54
C ALA F 208 15.43 29.98 -30.01
N GLU F 209 15.06 29.55 -28.82
CA GLU F 209 13.80 29.99 -28.23
C GLU F 209 13.92 31.26 -27.41
N GLU F 210 12.81 31.96 -27.26
CA GLU F 210 12.78 33.17 -26.46
C GLU F 210 13.23 32.83 -25.04
N GLY F 211 14.06 33.69 -24.46
CA GLY F 211 14.54 33.44 -23.12
C GLY F 211 15.89 32.70 -23.10
N THR F 212 16.30 32.11 -24.22
CA THR F 212 17.60 31.46 -24.20
C THR F 212 18.60 32.54 -24.48
N ASP F 213 19.86 32.24 -24.15
CA ASP F 213 20.95 33.18 -24.35
C ASP F 213 21.12 33.51 -25.83
N ARG F 214 21.09 32.48 -26.67
CA ARG F 214 21.25 32.69 -28.08
C ARG F 214 20.17 33.68 -28.58
N TRP F 215 18.94 33.46 -28.13
CA TRP F 215 17.84 34.32 -28.54
C TRP F 215 18.09 35.76 -28.10
N ALA F 216 18.39 35.95 -26.81
CA ALA F 216 18.66 37.28 -26.29
C ALA F 216 19.70 38.04 -27.11
N VAL F 217 20.89 37.46 -27.27
CA VAL F 217 21.96 38.10 -28.02
C VAL F 217 21.57 38.48 -29.45
N ALA F 218 20.85 37.60 -30.12
CA ALA F 218 20.42 37.88 -31.48
C ALA F 218 19.44 39.04 -31.52
N GLN F 219 18.82 39.35 -30.38
CA GLN F 219 17.86 40.44 -30.32
C GLN F 219 18.49 41.76 -29.93
N GLY F 220 19.79 41.74 -29.70
CA GLY F 220 20.50 42.96 -29.31
C GLY F 220 20.62 43.12 -27.81
N PHE F 221 20.30 42.07 -27.08
CA PHE F 221 20.37 42.18 -25.65
C PHE F 221 21.56 41.52 -25.06
N VAL F 222 21.98 42.03 -23.92
CA VAL F 222 23.07 41.41 -23.21
C VAL F 222 22.40 40.17 -22.60
N SER F 223 23.13 39.06 -22.54
CA SER F 223 22.62 37.82 -21.97
C SER F 223 23.36 37.41 -20.70
N ALA F 224 22.62 37.10 -19.65
CA ALA F 224 23.22 36.68 -18.39
C ALA F 224 22.55 35.36 -17.95
N THR F 225 23.35 34.29 -17.92
CA THR F 225 22.85 32.98 -17.53
C THR F 225 23.49 32.44 -16.26
N PRO F 226 22.68 32.18 -15.24
CA PRO F 226 23.29 31.63 -14.02
C PRO F 226 23.57 30.15 -14.27
N LEU F 227 24.82 29.72 -14.05
CA LEU F 227 25.22 28.34 -14.32
C LEU F 227 25.19 27.39 -13.13
N ARG F 228 24.96 26.12 -13.40
CA ARG F 228 24.94 25.12 -12.34
C ARG F 228 26.25 24.31 -12.50
N LEU F 229 26.74 23.74 -11.40
CA LEU F 229 27.98 22.97 -11.46
C LEU F 229 27.71 21.49 -11.67
N ASP F 230 26.55 21.04 -11.24
CA ASP F 230 26.18 19.64 -11.32
C ASP F 230 25.67 19.22 -12.71
N LEU F 231 26.37 18.30 -13.36
CA LEU F 231 25.96 17.88 -14.70
C LEU F 231 25.03 16.69 -14.67
N THR F 232 24.68 16.27 -13.46
CA THR F 232 23.80 15.13 -13.24
C THR F 232 22.37 15.37 -13.65
N ASP F 233 21.77 14.41 -14.36
CA ASP F 233 20.36 14.53 -14.73
C ASP F 233 19.54 13.73 -13.67
N GLU F 234 19.15 14.37 -12.58
CA GLU F 234 18.38 13.71 -11.53
C GLU F 234 17.06 13.06 -11.99
N THR F 235 16.43 13.59 -13.06
CA THR F 235 15.18 13.02 -13.58
C THR F 235 15.36 11.62 -14.23
N ARG F 236 16.60 11.10 -14.24
CA ARG F 236 16.88 9.78 -14.84
C ARG F 236 17.70 8.97 -13.85
N LEU F 237 17.64 9.36 -12.59
CA LEU F 237 18.44 8.72 -11.58
C LEU F 237 17.56 8.04 -10.56
N GLN F 238 16.78 8.87 -9.89
CA GLN F 238 15.83 8.46 -8.85
C GLN F 238 15.52 6.96 -8.75
N MET G 1 75.63 -4.71 -27.42
CA MET G 1 75.22 -3.27 -27.43
C MET G 1 73.80 -3.09 -26.96
N ARG G 2 73.55 -1.96 -26.32
CA ARG G 2 72.22 -1.64 -25.82
C ARG G 2 71.58 -0.67 -26.80
N ILE G 3 70.26 -0.71 -26.89
CA ILE G 3 69.52 0.14 -27.81
C ILE G 3 68.24 0.68 -27.18
N LEU G 4 68.03 1.99 -27.30
CA LEU G 4 66.82 2.60 -26.78
C LEU G 4 65.90 2.88 -27.94
N VAL G 5 64.61 2.56 -27.79
CA VAL G 5 63.65 2.79 -28.87
C VAL G 5 62.42 3.57 -28.39
N THR G 6 61.97 4.46 -29.26
CA THR G 6 60.84 5.31 -28.97
C THR G 6 60.23 5.79 -30.29
N ASN G 7 59.25 6.68 -30.19
CA ASN G 7 58.55 7.24 -31.35
C ASN G 7 57.75 8.45 -30.88
N ASP G 8 56.70 8.77 -31.63
CA ASP G 8 55.83 9.87 -31.26
C ASP G 8 54.36 9.52 -31.46
N ASP G 9 54.09 8.29 -31.89
CA ASP G 9 52.70 7.87 -32.10
C ASP G 9 52.22 7.29 -30.78
N GLY G 10 53.14 6.91 -29.92
CA GLY G 10 52.75 6.37 -28.65
C GLY G 10 53.12 4.92 -28.43
N ILE G 11 53.13 4.56 -27.17
CA ILE G 11 53.46 3.22 -26.71
C ILE G 11 52.57 2.13 -27.31
N TYR G 12 51.49 2.50 -28.01
CA TYR G 12 50.60 1.48 -28.58
C TYR G 12 50.73 1.25 -30.07
N SER G 13 51.44 2.15 -30.75
CA SER G 13 51.61 2.00 -32.19
C SER G 13 52.31 0.68 -32.52
N PRO G 14 51.85 -0.01 -33.56
CA PRO G 14 52.53 -1.27 -33.86
C PRO G 14 53.89 -1.03 -34.53
N GLY G 15 54.12 0.20 -34.99
CA GLY G 15 55.39 0.50 -35.62
C GLY G 15 56.49 0.62 -34.57
N LEU G 16 56.12 1.02 -33.36
CA LEU G 16 57.11 1.15 -32.31
C LEU G 16 57.64 -0.25 -32.00
N TRP G 17 56.74 -1.22 -32.02
CA TRP G 17 57.11 -2.59 -31.70
C TRP G 17 57.82 -3.38 -32.80
N ALA G 18 57.61 -2.98 -34.06
CA ALA G 18 58.29 -3.67 -35.14
C ALA G 18 59.76 -3.23 -35.11
N LEU G 19 59.99 -1.94 -34.90
CA LEU G 19 61.33 -1.42 -34.86
C LEU G 19 62.05 -2.02 -33.65
N ALA G 20 61.34 -2.10 -32.53
CA ALA G 20 61.92 -2.64 -31.33
C ALA G 20 62.33 -4.11 -31.54
N GLU G 21 61.50 -4.87 -32.23
CA GLU G 21 61.81 -6.26 -32.46
C GLU G 21 62.98 -6.36 -33.43
N ALA G 22 62.99 -5.50 -34.45
CA ALA G 22 64.08 -5.55 -35.40
C ALA G 22 65.37 -5.17 -34.68
N ALA G 23 65.28 -4.23 -33.73
CA ALA G 23 66.46 -3.83 -33.00
C ALA G 23 67.02 -4.99 -32.21
N SER G 24 66.14 -5.69 -31.49
CA SER G 24 66.52 -6.84 -30.65
C SER G 24 67.42 -7.89 -31.33
N GLN G 25 67.42 -7.90 -32.66
CA GLN G 25 68.28 -8.82 -33.41
C GLN G 25 69.75 -8.35 -33.36
N PHE G 26 69.99 -7.17 -32.80
CA PHE G 26 71.36 -6.66 -32.71
C PHE G 26 71.86 -6.39 -31.29
N GLY G 27 71.00 -6.55 -30.29
CA GLY G 27 71.42 -6.29 -28.92
C GLY G 27 70.24 -6.20 -27.96
N GLU G 28 70.45 -5.64 -26.78
CA GLU G 28 69.34 -5.51 -25.83
C GLU G 28 68.57 -4.23 -26.12
N VAL G 29 67.26 -4.36 -26.22
CA VAL G 29 66.40 -3.24 -26.51
C VAL G 29 65.54 -2.78 -25.34
N PHE G 30 65.42 -1.48 -25.19
CA PHE G 30 64.64 -0.88 -24.13
C PHE G 30 63.72 0.10 -24.81
N VAL G 31 62.50 0.21 -24.28
CA VAL G 31 61.53 1.09 -24.87
C VAL G 31 61.02 2.13 -23.89
N ALA G 32 60.80 3.33 -24.40
CA ALA G 32 60.25 4.44 -23.65
C ALA G 32 59.54 5.22 -24.73
N ALA G 33 58.21 5.26 -24.64
CA ALA G 33 57.45 5.95 -25.65
C ALA G 33 56.40 6.76 -24.91
N PRO G 34 55.85 7.80 -25.55
CA PRO G 34 54.83 8.65 -24.95
C PRO G 34 53.51 7.90 -24.66
N ASP G 35 52.93 8.16 -23.48
CA ASP G 35 51.65 7.55 -23.09
C ASP G 35 50.68 8.01 -24.18
N THR G 36 50.86 9.27 -24.59
CA THR G 36 50.10 9.98 -25.63
C THR G 36 50.25 9.31 -27.00
N ILE G 45 60.82 21.82 -25.03
CA ILE G 45 61.22 22.84 -24.00
C ILE G 45 62.59 22.52 -23.42
N THR G 46 63.27 23.55 -22.90
CA THR G 46 64.60 23.39 -22.36
C THR G 46 64.69 23.60 -20.84
N ILE G 47 63.73 24.32 -20.29
CA ILE G 47 63.76 24.55 -18.86
C ILE G 47 63.37 23.25 -18.14
N ALA G 48 63.94 23.07 -16.96
CA ALA G 48 63.66 21.89 -16.18
C ALA G 48 62.16 21.69 -16.07
N HIS G 49 61.69 20.53 -16.49
CA HIS G 49 60.27 20.23 -16.37
C HIS G 49 60.06 18.82 -15.81
N PRO G 50 58.97 18.61 -15.05
CA PRO G 50 58.67 17.31 -14.45
C PRO G 50 58.16 16.27 -15.44
N VAL G 51 58.61 15.04 -15.28
CA VAL G 51 58.20 13.99 -16.20
C VAL G 51 57.83 12.73 -15.44
N ARG G 52 56.62 12.24 -15.74
CA ARG G 52 56.08 11.03 -15.13
C ARG G 52 56.44 9.86 -16.03
N ALA G 53 56.62 8.70 -15.43
CA ALA G 53 56.94 7.52 -16.20
C ALA G 53 56.43 6.28 -15.47
N TYR G 54 55.77 5.39 -16.21
CA TYR G 54 55.25 4.16 -15.61
C TYR G 54 55.64 2.93 -16.40
N PRO G 55 55.96 1.83 -15.69
CA PRO G 55 56.33 0.59 -16.38
C PRO G 55 55.18 0.14 -17.26
N HIS G 56 55.51 -0.40 -18.43
CA HIS G 56 54.47 -0.84 -19.34
C HIS G 56 54.88 -2.18 -19.91
N PRO G 57 54.02 -3.20 -19.75
CA PRO G 57 54.31 -4.54 -20.26
C PRO G 57 54.35 -4.56 -21.79
N SER G 58 55.39 -5.19 -22.34
CA SER G 58 55.58 -5.29 -23.78
C SER G 58 54.48 -6.14 -24.45
N PRO G 59 54.59 -6.41 -25.77
CA PRO G 59 53.57 -7.22 -26.44
C PRO G 59 53.42 -8.61 -25.80
N LEU G 60 52.20 -9.13 -25.85
CA LEU G 60 51.90 -10.44 -25.27
C LEU G 60 52.61 -11.62 -25.92
N HIS G 61 52.78 -11.58 -27.23
CA HIS G 61 53.44 -12.69 -27.92
C HIS G 61 54.60 -12.23 -28.77
N ALA G 62 55.78 -12.27 -28.19
CA ALA G 62 57.03 -11.85 -28.86
C ALA G 62 58.07 -11.76 -27.77
N PRO G 63 59.34 -11.50 -28.15
CA PRO G 63 60.40 -11.39 -27.15
C PRO G 63 59.98 -10.36 -26.10
N HIS G 64 60.45 -10.54 -24.88
CA HIS G 64 60.11 -9.63 -23.79
C HIS G 64 60.94 -8.34 -23.86
N PHE G 65 60.24 -7.20 -23.78
CA PHE G 65 60.92 -5.91 -23.83
C PHE G 65 60.72 -5.05 -22.59
N PRO G 66 61.82 -4.64 -21.96
CA PRO G 66 61.68 -3.78 -20.78
C PRO G 66 61.19 -2.45 -21.35
N ALA G 67 60.04 -1.97 -20.90
CA ALA G 67 59.54 -0.71 -21.44
C ALA G 67 58.91 0.19 -20.39
N TYR G 68 58.74 1.45 -20.78
CA TYR G 68 58.17 2.50 -19.96
C TYR G 68 57.35 3.40 -20.86
N ARG G 69 56.22 3.87 -20.34
CA ARG G 69 55.37 4.80 -21.07
C ARG G 69 55.61 6.07 -20.28
N VAL G 70 55.78 7.18 -20.96
CA VAL G 70 56.08 8.41 -20.26
C VAL G 70 55.14 9.55 -20.63
N ARG G 71 54.79 10.36 -19.64
CA ARG G 71 53.92 11.50 -19.86
C ARG G 71 54.83 12.67 -20.20
N GLY G 72 55.30 12.70 -21.43
CA GLY G 72 56.17 13.78 -21.87
C GLY G 72 56.39 13.70 -23.37
N THR G 73 57.34 14.46 -23.89
CA THR G 73 57.63 14.47 -25.32
C THR G 73 58.56 13.33 -25.74
N PRO G 74 58.70 13.11 -27.06
CA PRO G 74 59.62 12.04 -27.47
C PRO G 74 61.02 12.32 -26.92
N ALA G 75 61.43 13.59 -26.96
CA ALA G 75 62.73 14.01 -26.44
C ALA G 75 62.85 13.63 -24.97
N ASP G 76 61.75 13.80 -24.24
CA ASP G 76 61.72 13.45 -22.82
C ASP G 76 61.97 11.95 -22.67
N CYS G 77 61.43 11.16 -23.59
CA CYS G 77 61.58 9.72 -23.55
C CYS G 77 63.04 9.33 -23.72
N VAL G 78 63.72 10.01 -24.63
CA VAL G 78 65.11 9.74 -24.83
C VAL G 78 65.84 10.00 -23.53
N ALA G 79 65.55 11.13 -22.91
CA ALA G 79 66.21 11.46 -21.64
C ALA G 79 65.88 10.47 -20.52
N LEU G 80 64.59 10.28 -20.21
CA LEU G 80 64.17 9.32 -19.15
C LEU G 80 64.70 7.90 -19.40
N GLY G 81 64.63 7.46 -20.65
CA GLY G 81 65.13 6.15 -20.98
C GLY G 81 66.60 6.07 -20.59
N LEU G 82 67.41 6.95 -21.16
CA LEU G 82 68.85 6.96 -20.84
C LEU G 82 69.06 6.92 -19.33
N HIS G 83 68.22 7.60 -18.58
CA HIS G 83 68.40 7.56 -17.14
C HIS G 83 67.93 6.23 -16.55
N LEU G 84 66.76 5.73 -16.96
CA LEU G 84 66.23 4.46 -16.42
C LEU G 84 66.89 3.18 -16.96
N PHE G 85 67.35 3.19 -18.22
CA PHE G 85 68.00 2.02 -18.84
C PHE G 85 69.49 2.28 -19.07
N GLY G 86 69.75 3.12 -20.07
CA GLY G 86 71.09 3.52 -20.50
C GLY G 86 72.06 3.51 -19.36
N PRO G 87 73.38 3.47 -19.63
CA PRO G 87 74.13 3.46 -20.89
C PRO G 87 73.44 2.81 -22.09
N VAL G 88 73.50 3.52 -23.22
CA VAL G 88 72.89 3.04 -24.46
C VAL G 88 73.82 3.45 -25.59
N ASP G 89 73.96 2.60 -26.60
CA ASP G 89 74.86 2.88 -27.71
C ASP G 89 74.18 3.46 -28.93
N LEU G 90 72.85 3.35 -28.96
CA LEU G 90 72.10 3.83 -30.10
C LEU G 90 70.68 4.16 -29.68
N VAL G 91 70.11 5.19 -30.30
CA VAL G 91 68.73 5.58 -30.02
C VAL G 91 67.95 5.45 -31.31
N LEU G 92 66.95 4.61 -31.31
CA LEU G 92 66.15 4.45 -32.50
C LEU G 92 64.79 5.09 -32.22
N SER G 93 64.17 5.63 -33.28
CA SER G 93 62.89 6.32 -33.18
C SER G 93 61.97 6.06 -34.35
N GLY G 94 60.88 5.37 -34.07
CA GLY G 94 59.91 5.01 -35.10
C GLY G 94 59.34 3.66 -34.68
N VAL G 95 58.75 2.92 -35.61
CA VAL G 95 58.60 3.37 -36.99
C VAL G 95 57.42 4.29 -37.05
N ASN G 96 57.68 5.53 -37.42
CA ASN G 96 56.64 6.52 -37.52
C ASN G 96 55.60 6.18 -38.59
N LEU G 97 54.32 6.29 -38.23
CA LEU G 97 53.24 6.06 -39.18
C LEU G 97 53.23 7.37 -39.95
N GLY G 98 53.38 7.29 -41.26
CA GLY G 98 53.43 8.51 -42.04
C GLY G 98 54.89 8.82 -42.37
N SER G 99 55.13 9.56 -43.44
CA SER G 99 56.49 9.85 -43.83
C SER G 99 57.08 11.11 -43.25
N ASN G 100 58.39 11.25 -43.42
CA ASN G 100 59.13 12.39 -42.96
C ASN G 100 60.23 12.65 -43.98
N LEU G 101 59.82 13.24 -45.10
CA LEU G 101 60.73 13.55 -46.20
C LEU G 101 61.07 15.04 -46.29
N GLY G 102 61.59 15.45 -47.45
CA GLY G 102 61.96 16.83 -47.70
C GLY G 102 61.80 17.90 -46.63
N HIS G 103 60.86 18.81 -46.85
CA HIS G 103 60.59 19.90 -45.90
C HIS G 103 60.22 19.41 -44.50
N GLU G 104 59.42 18.34 -44.46
CA GLU G 104 58.93 17.74 -43.23
C GLU G 104 59.96 17.44 -42.13
N ILE G 105 61.19 17.13 -42.51
CA ILE G 105 62.23 16.81 -41.54
C ILE G 105 62.31 17.80 -40.37
N TRP G 106 62.13 19.09 -40.65
CA TRP G 106 62.18 20.13 -39.61
C TRP G 106 61.14 19.89 -38.51
N HIS G 107 59.88 20.00 -38.91
CA HIS G 107 58.78 19.84 -37.99
C HIS G 107 58.30 18.39 -37.81
N SER G 108 59.28 17.48 -37.62
CA SER G 108 59.00 16.06 -37.41
C SER G 108 59.37 15.69 -35.99
N GLY G 109 58.43 15.04 -35.31
CA GLY G 109 58.66 14.61 -33.94
C GLY G 109 59.58 13.41 -33.90
N THR G 110 59.45 12.55 -34.90
CA THR G 110 60.27 11.36 -35.00
C THR G 110 61.74 11.79 -35.08
N VAL G 111 62.09 12.56 -36.11
CA VAL G 111 63.48 13.05 -36.25
C VAL G 111 63.95 13.68 -34.93
N ALA G 112 63.07 14.48 -34.34
CA ALA G 112 63.34 15.18 -33.08
C ALA G 112 63.92 14.28 -32.01
N ALA G 113 63.24 13.19 -31.68
CA ALA G 113 63.73 12.26 -30.65
C ALA G 113 65.13 11.74 -31.00
N ALA G 114 65.35 11.41 -32.27
CA ALA G 114 66.66 10.93 -32.68
C ALA G 114 67.64 12.08 -32.40
N LYS G 115 67.34 13.24 -32.96
CA LYS G 115 68.16 14.43 -32.80
C LYS G 115 68.59 14.61 -31.35
N GLN G 116 67.67 14.38 -30.42
CA GLN G 116 67.98 14.55 -29.00
C GLN G 116 69.01 13.50 -28.58
N GLY G 117 68.90 12.30 -29.17
CA GLY G 117 69.83 11.22 -28.88
C GLY G 117 71.23 11.70 -29.22
N TYR G 118 71.37 12.25 -30.42
CA TYR G 118 72.65 12.76 -30.87
C TYR G 118 73.24 13.82 -29.91
N LEU G 119 72.47 14.85 -29.62
CA LEU G 119 72.95 15.91 -28.75
C LEU G 119 73.49 15.36 -27.44
N PHE G 120 73.19 14.10 -27.16
CA PHE G 120 73.66 13.47 -25.92
C PHE G 120 74.93 12.65 -26.15
N GLY G 121 75.41 12.61 -27.38
CA GLY G 121 76.60 11.83 -27.69
C GLY G 121 76.20 10.65 -28.55
N LEU G 122 75.41 9.75 -27.95
CA LEU G 122 74.91 8.55 -28.59
C LEU G 122 74.52 8.69 -30.06
N SER G 123 74.69 7.62 -30.83
CA SER G 123 74.36 7.57 -32.26
C SER G 123 72.86 7.33 -32.36
N ALA G 124 72.23 7.79 -33.43
CA ALA G 124 70.80 7.62 -33.53
C ALA G 124 70.18 7.70 -34.91
N ALA G 125 69.04 7.01 -35.08
CA ALA G 125 68.34 7.02 -36.36
C ALA G 125 66.80 7.07 -36.23
N ALA G 126 66.12 7.61 -37.24
CA ALA G 126 64.67 7.69 -37.24
C ALA G 126 64.10 6.93 -38.45
N PHE G 127 63.06 6.13 -38.20
CA PHE G 127 62.41 5.38 -39.28
C PHE G 127 60.97 5.86 -39.49
N SER G 128 60.57 6.06 -40.74
CA SER G 128 59.21 6.50 -41.03
C SER G 128 58.69 5.69 -42.21
N VAL G 129 57.37 5.60 -42.34
CA VAL G 129 56.78 4.88 -43.46
C VAL G 129 55.55 5.62 -43.97
N PRO G 130 55.42 5.78 -45.30
CA PRO G 130 54.24 6.46 -45.84
C PRO G 130 52.96 5.77 -45.42
N LEU G 131 52.00 6.56 -44.94
CA LEU G 131 50.73 6.00 -44.50
C LEU G 131 49.64 6.39 -45.50
N ASN G 132 48.59 7.03 -44.98
CA ASN G 132 47.42 7.50 -45.73
C ASN G 132 47.06 6.58 -46.90
N GLY G 133 46.03 5.77 -46.71
CA GLY G 133 45.61 4.85 -47.74
C GLY G 133 45.67 3.44 -47.18
N GLU G 134 46.75 2.74 -47.48
CA GLU G 134 46.94 1.38 -47.00
C GLU G 134 47.98 1.38 -45.87
N VAL G 135 47.70 0.62 -44.82
CA VAL G 135 48.62 0.53 -43.68
C VAL G 135 49.83 -0.35 -44.00
N PRO G 136 50.94 -0.09 -43.32
CA PRO G 136 52.16 -0.86 -43.55
C PRO G 136 52.12 -2.28 -43.00
N ASP G 137 52.79 -3.19 -43.70
CA ASP G 137 52.85 -4.58 -43.29
C ASP G 137 54.22 -4.74 -42.63
N PHE G 138 54.24 -4.60 -41.31
CA PHE G 138 55.49 -4.71 -40.58
C PHE G 138 56.14 -6.09 -40.65
N ALA G 139 55.39 -7.11 -41.03
CA ALA G 139 55.97 -8.43 -41.16
C ALA G 139 56.71 -8.47 -42.49
N GLY G 140 56.14 -7.79 -43.49
CA GLY G 140 56.75 -7.75 -44.80
C GLY G 140 57.90 -6.77 -44.86
N LEU G 141 57.93 -5.84 -43.91
CA LEU G 141 59.00 -4.84 -43.86
C LEU G 141 60.17 -5.23 -42.96
N ARG G 142 59.95 -6.22 -42.11
CA ARG G 142 60.99 -6.64 -41.18
C ARG G 142 62.33 -6.84 -41.88
N PRO G 143 62.35 -7.62 -42.97
CA PRO G 143 63.60 -7.86 -43.70
C PRO G 143 64.35 -6.60 -44.13
N TRP G 144 63.63 -5.48 -44.26
CA TRP G 144 64.23 -4.22 -44.68
C TRP G 144 64.73 -3.36 -43.53
N LEU G 145 64.08 -3.49 -42.38
CA LEU G 145 64.50 -2.76 -41.21
C LEU G 145 65.78 -3.43 -40.78
N LEU G 146 65.79 -4.76 -40.85
CA LEU G 146 66.98 -5.53 -40.50
C LEU G 146 68.11 -5.13 -41.47
N ARG G 147 67.77 -5.10 -42.76
CA ARG G 147 68.71 -4.72 -43.80
C ARG G 147 69.23 -3.30 -43.53
N THR G 148 68.32 -2.37 -43.22
CA THR G 148 68.72 -0.98 -42.96
C THR G 148 69.58 -0.85 -41.73
N LEU G 149 69.19 -1.51 -40.65
CA LEU G 149 69.97 -1.43 -39.42
C LEU G 149 71.38 -2.00 -39.62
N GLU G 150 71.51 -3.02 -40.45
CA GLU G 150 72.83 -3.61 -40.71
C GLU G 150 73.72 -2.51 -41.30
N THR G 151 73.18 -1.78 -42.27
CA THR G 151 73.95 -0.71 -42.90
C THR G 151 74.34 0.40 -41.97
N LEU G 152 73.42 0.85 -41.12
CA LEU G 152 73.72 1.94 -40.19
C LEU G 152 74.75 1.56 -39.14
N LEU G 153 74.75 0.29 -38.75
CA LEU G 153 75.70 -0.20 -37.75
C LEU G 153 77.13 -0.31 -38.29
N ARG G 154 77.32 0.05 -39.56
CA ARG G 154 78.65 0.04 -40.16
C ARG G 154 79.25 1.44 -40.15
N LEU G 155 78.38 2.45 -40.15
CA LEU G 155 78.79 3.85 -40.15
C LEU G 155 79.57 4.16 -38.89
N GLU G 156 80.53 5.07 -38.98
CA GLU G 156 81.29 5.40 -37.79
C GLU G 156 80.47 6.21 -36.81
N ARG G 157 80.54 5.77 -35.57
CA ARG G 157 79.80 6.36 -34.48
C ARG G 157 80.52 7.51 -33.77
N PRO G 158 79.77 8.57 -33.40
CA PRO G 158 78.33 8.79 -33.58
C PRO G 158 77.86 9.20 -34.98
N PHE G 159 76.57 8.97 -35.26
CA PHE G 159 75.95 9.31 -36.56
C PHE G 159 74.48 9.72 -36.34
N LEU G 160 73.81 10.22 -37.39
CA LEU G 160 72.42 10.67 -37.28
C LEU G 160 71.73 10.55 -38.63
N VAL G 161 70.86 9.57 -38.79
CA VAL G 161 70.23 9.37 -40.11
C VAL G 161 68.70 9.39 -40.13
N ASN G 162 68.13 9.80 -41.28
CA ASN G 162 66.69 9.81 -41.43
C ASN G 162 66.31 8.78 -42.46
N VAL G 163 65.51 7.79 -42.06
CA VAL G 163 65.13 6.72 -42.96
C VAL G 163 63.64 6.63 -43.31
N ASN G 164 63.35 6.46 -44.59
CA ASN G 164 61.98 6.34 -45.06
C ASN G 164 61.88 5.06 -45.86
N LEU G 165 61.00 4.17 -45.45
CA LEU G 165 60.82 2.92 -46.15
C LEU G 165 59.47 2.92 -46.86
N PRO G 166 59.47 2.64 -48.17
CA PRO G 166 58.18 2.62 -48.85
C PRO G 166 57.40 1.43 -48.32
N LEU G 167 56.15 1.29 -48.72
CA LEU G 167 55.34 0.18 -48.22
C LEU G 167 55.91 -1.16 -48.67
N ARG G 168 56.21 -1.28 -49.95
CA ARG G 168 56.75 -2.50 -50.48
C ARG G 168 58.10 -2.17 -51.11
N PRO G 169 59.16 -2.16 -50.29
CA PRO G 169 60.53 -1.85 -50.72
C PRO G 169 61.03 -2.81 -51.79
N LYS G 170 61.98 -2.32 -52.59
CA LYS G 170 62.58 -3.10 -53.67
C LYS G 170 64.02 -2.65 -53.86
N GLY G 171 64.59 -2.05 -52.82
CA GLY G 171 65.95 -1.57 -52.86
C GLY G 171 66.29 -0.66 -51.70
N PHE G 172 67.48 -0.07 -51.73
CA PHE G 172 67.95 0.83 -50.69
C PHE G 172 68.65 1.98 -51.43
N LEU G 173 68.97 3.06 -50.73
CA LEU G 173 69.64 4.20 -51.35
C LEU G 173 70.02 5.30 -50.36
N TRP G 174 71.26 5.77 -50.42
CA TRP G 174 71.65 6.85 -49.52
C TRP G 174 71.30 8.16 -50.19
N THR G 175 70.21 8.80 -49.76
CA THR G 175 69.77 10.07 -50.34
C THR G 175 70.23 11.33 -49.61
N ARG G 176 69.85 12.44 -50.21
CA ARG G 176 70.10 13.75 -49.67
C ARG G 176 68.68 14.31 -49.64
N GLN G 177 68.44 15.29 -48.76
CA GLN G 177 67.11 15.89 -48.64
C GLN G 177 66.62 16.55 -49.91
N SER G 178 65.37 16.28 -50.24
CA SER G 178 64.72 16.84 -51.42
C SER G 178 64.22 18.26 -51.14
N VAL G 179 64.99 19.24 -51.60
CA VAL G 179 64.64 20.64 -51.41
C VAL G 179 63.95 21.13 -52.69
N ARG G 180 62.90 21.91 -52.55
CA ARG G 180 62.19 22.42 -53.71
C ARG G 180 61.51 23.76 -53.45
N ALA G 181 61.26 24.51 -54.53
CA ALA G 181 60.59 25.80 -54.44
C ALA G 181 59.11 25.53 -54.61
N TYR G 182 58.29 26.27 -53.87
CA TYR G 182 56.84 26.11 -53.96
C TYR G 182 56.13 27.40 -54.38
N GLU G 183 54.88 27.24 -54.76
CA GLU G 183 54.06 28.36 -55.18
C GLU G 183 52.80 28.42 -54.32
N GLY G 184 52.54 29.58 -53.74
CA GLY G 184 51.39 29.72 -52.88
C GLY G 184 50.06 29.72 -53.60
N VAL G 185 49.64 28.56 -54.10
CA VAL G 185 48.36 28.47 -54.78
C VAL G 185 47.25 28.79 -53.79
N VAL G 186 46.38 29.72 -54.16
CA VAL G 186 45.28 30.12 -53.30
C VAL G 186 43.98 30.26 -54.09
N ILE G 187 43.25 29.15 -54.21
CA ILE G 187 41.99 29.12 -54.92
C ILE G 187 40.87 29.56 -54.00
N PRO G 188 40.04 30.51 -54.44
CA PRO G 188 38.92 30.97 -53.62
C PRO G 188 37.80 29.93 -53.70
N GLY G 189 37.10 29.70 -52.59
CA GLY G 189 36.03 28.73 -52.60
C GLY G 189 35.00 29.01 -51.52
N GLU G 190 33.93 28.21 -51.53
CA GLU G 190 32.85 28.35 -50.57
C GLU G 190 32.33 26.98 -50.16
N ASP G 191 32.00 26.84 -48.87
CA ASP G 191 31.50 25.58 -48.35
C ASP G 191 29.98 25.52 -48.57
N PRO G 192 29.32 24.45 -48.09
CA PRO G 192 27.86 24.34 -48.27
C PRO G 192 27.07 25.53 -47.68
N MET G 193 27.20 25.76 -46.37
CA MET G 193 26.50 26.87 -45.71
C MET G 193 26.44 28.10 -46.65
N GLY G 194 27.52 28.29 -47.41
CA GLY G 194 27.63 29.40 -48.32
C GLY G 194 28.77 30.29 -47.87
N ARG G 195 29.43 29.89 -46.79
CA ARG G 195 30.56 30.64 -46.24
C ARG G 195 31.77 30.69 -47.16
N PRO G 196 32.40 31.87 -47.27
CA PRO G 196 33.57 32.08 -48.12
C PRO G 196 34.87 31.72 -47.39
N PHE G 197 35.86 31.25 -48.14
CA PHE G 197 37.16 30.88 -47.59
C PHE G 197 38.19 30.70 -48.73
N TYR G 198 39.48 30.66 -48.37
CA TYR G 198 40.55 30.49 -49.33
C TYR G 198 41.24 29.12 -49.20
N TRP G 199 41.32 28.38 -50.30
CA TRP G 199 41.98 27.08 -50.31
C TRP G 199 43.48 27.28 -50.51
N PHE G 200 44.28 27.10 -49.47
CA PHE G 200 45.72 27.21 -49.67
C PHE G 200 46.21 25.83 -50.05
N ALA G 201 46.77 25.71 -51.25
CA ALA G 201 47.27 24.43 -51.74
C ALA G 201 48.70 24.54 -52.25
N PRO G 202 49.69 24.53 -51.34
CA PRO G 202 51.09 24.64 -51.74
C PRO G 202 51.51 23.55 -52.74
N ARG G 203 52.20 23.93 -53.81
CA ARG G 203 52.63 22.95 -54.79
C ARG G 203 54.03 23.25 -55.33
N PRO G 204 54.89 22.24 -55.31
CA PRO G 204 56.27 22.37 -55.80
C PRO G 204 56.33 22.68 -57.30
N LEU G 205 57.33 23.47 -57.68
CA LEU G 205 57.55 23.89 -59.07
C LEU G 205 57.95 22.73 -60.01
N LYS G 206 58.77 21.82 -59.48
CA LYS G 206 59.23 20.67 -60.26
C LYS G 206 59.48 19.43 -59.39
N GLU G 207 59.06 18.27 -59.91
CA GLU G 207 59.24 17.02 -59.22
C GLU G 207 60.60 16.94 -58.56
N ALA G 208 60.69 16.18 -57.47
CA ALA G 208 61.93 16.02 -56.74
C ALA G 208 63.02 15.50 -57.67
N GLU G 209 64.24 15.99 -57.50
CA GLU G 209 65.34 15.55 -58.33
C GLU G 209 65.55 14.06 -58.11
N GLU G 210 66.80 13.61 -58.22
CA GLU G 210 67.12 12.21 -57.98
C GLU G 210 68.21 12.15 -56.95
N GLY G 211 68.27 11.05 -56.22
CA GLY G 211 69.26 10.95 -55.18
C GLY G 211 68.72 11.72 -53.98
N THR G 212 67.45 12.13 -54.10
CA THR G 212 66.78 12.85 -53.01
C THR G 212 65.95 11.79 -52.35
N ASP G 213 65.69 11.95 -51.05
CA ASP G 213 64.89 10.97 -50.34
C ASP G 213 63.49 10.83 -50.93
N ARG G 214 62.85 11.95 -51.25
CA ARG G 214 61.50 11.89 -51.82
C ARG G 214 61.46 11.11 -53.14
N TRP G 215 62.51 11.25 -53.95
CA TRP G 215 62.62 10.57 -55.24
C TRP G 215 62.72 9.05 -55.08
N ALA G 216 63.60 8.63 -54.18
CA ALA G 216 63.83 7.22 -53.92
C ALA G 216 62.54 6.51 -53.55
N VAL G 217 61.91 6.94 -52.45
CA VAL G 217 60.67 6.30 -52.02
C VAL G 217 59.66 6.24 -53.16
N ALA G 218 59.75 7.18 -54.10
CA ALA G 218 58.82 7.20 -55.21
C ALA G 218 59.14 6.06 -56.17
N GLN G 219 60.42 5.73 -56.29
CA GLN G 219 60.88 4.65 -57.16
C GLN G 219 60.61 3.31 -56.46
N GLY G 220 60.70 3.32 -55.14
CA GLY G 220 60.47 2.12 -54.36
C GLY G 220 61.70 1.75 -53.55
N PHE G 221 62.63 2.67 -53.45
CA PHE G 221 63.84 2.40 -52.71
C PHE G 221 63.75 2.98 -51.31
N VAL G 222 64.33 2.28 -50.36
CA VAL G 222 64.35 2.78 -49.00
C VAL G 222 65.30 3.94 -49.12
N SER G 223 65.06 5.00 -48.35
CA SER G 223 65.93 6.17 -48.36
C SER G 223 66.53 6.39 -46.99
N ALA G 224 67.76 6.87 -46.96
CA ALA G 224 68.42 7.15 -45.70
C ALA G 224 69.26 8.37 -45.95
N THR G 225 69.07 9.38 -45.12
CA THR G 225 69.78 10.63 -45.28
C THR G 225 70.52 11.02 -44.02
N PRO G 226 71.85 11.22 -44.11
CA PRO G 226 72.55 11.60 -42.88
C PRO G 226 72.22 13.07 -42.62
N LEU G 227 72.05 13.46 -41.37
CA LEU G 227 71.70 14.85 -41.09
C LEU G 227 72.73 15.67 -40.31
N ARG G 228 72.60 17.00 -40.43
CA ARG G 228 73.48 17.93 -39.74
C ARG G 228 72.67 18.64 -38.66
N LEU G 229 73.34 19.21 -37.68
CA LEU G 229 72.62 19.93 -36.64
C LEU G 229 72.68 21.42 -37.00
N ASP G 230 73.84 21.86 -37.47
CA ASP G 230 74.10 23.25 -37.85
C ASP G 230 73.27 23.72 -39.05
N LEU G 231 72.40 24.71 -38.82
CA LEU G 231 71.56 25.23 -39.89
C LEU G 231 72.17 26.45 -40.59
N THR G 232 73.31 26.92 -40.06
CA THR G 232 74.03 28.06 -40.63
C THR G 232 74.36 27.84 -42.10
N ASP G 233 74.28 28.91 -42.90
CA ASP G 233 74.64 28.82 -44.33
C ASP G 233 75.98 29.52 -44.49
N GLU G 234 77.01 28.86 -43.99
CA GLU G 234 78.37 29.36 -44.04
C GLU G 234 78.79 30.21 -45.24
N THR G 235 78.46 29.77 -46.45
CA THR G 235 78.86 30.53 -47.63
C THR G 235 78.53 32.02 -47.58
N ARG G 236 77.58 32.41 -46.75
CA ARG G 236 77.20 33.82 -46.63
C ARG G 236 77.66 34.35 -45.28
N LEU G 237 78.82 33.90 -44.84
CA LEU G 237 79.36 34.30 -43.54
C LEU G 237 80.87 34.57 -43.50
N MET H 1 60.09 48.69 -51.19
CA MET H 1 59.19 47.85 -52.03
C MET H 1 57.95 47.44 -51.22
N ARG H 2 57.37 46.28 -51.57
CA ARG H 2 56.21 45.76 -50.87
C ARG H 2 56.71 44.72 -49.86
N ILE H 3 56.25 44.82 -48.61
CA ILE H 3 56.69 43.90 -47.57
C ILE H 3 55.56 43.28 -46.74
N LEU H 4 55.51 41.94 -46.72
CA LEU H 4 54.49 41.21 -45.95
C LEU H 4 55.05 40.93 -44.58
N VAL H 5 54.34 41.35 -43.55
CA VAL H 5 54.77 41.15 -42.19
C VAL H 5 53.83 40.21 -41.45
N THR H 6 54.40 39.23 -40.76
CA THR H 6 53.60 38.28 -40.01
C THR H 6 54.33 37.93 -38.75
N ASN H 7 53.84 36.91 -38.05
CA ASN H 7 54.46 36.43 -36.82
C ASN H 7 53.74 35.17 -36.37
N ASP H 8 53.93 34.73 -35.14
CA ASP H 8 53.22 33.55 -34.72
C ASP H 8 52.64 33.75 -33.32
N ASP H 9 52.80 34.96 -32.79
CA ASP H 9 52.26 35.30 -31.48
C ASP H 9 50.84 35.82 -31.58
N GLY H 10 50.39 36.18 -32.79
CA GLY H 10 49.05 36.69 -32.98
C GLY H 10 48.94 38.15 -33.38
N ILE H 11 47.77 38.57 -33.85
CA ILE H 11 47.56 39.96 -34.29
C ILE H 11 47.64 41.02 -33.20
N TYR H 12 47.66 40.62 -31.93
CA TYR H 12 47.73 41.60 -30.83
C TYR H 12 49.11 41.72 -30.20
N SER H 13 50.09 41.08 -30.82
CA SER H 13 51.45 41.10 -30.32
C SER H 13 52.14 42.44 -30.56
N PRO H 14 52.58 43.10 -29.49
CA PRO H 14 53.27 44.39 -29.65
C PRO H 14 54.48 44.26 -30.60
N GLY H 15 55.10 43.09 -30.58
CA GLY H 15 56.26 42.84 -31.42
C GLY H 15 55.91 42.78 -32.89
N LEU H 16 54.68 42.38 -33.22
CA LEU H 16 54.29 42.34 -34.63
C LEU H 16 54.21 43.77 -35.17
N TRP H 17 53.54 44.64 -34.42
CA TRP H 17 53.37 46.04 -34.82
C TRP H 17 54.68 46.81 -34.84
N ALA H 18 55.60 46.51 -33.92
CA ALA H 18 56.90 47.17 -33.90
C ALA H 18 57.66 46.86 -35.19
N LEU H 19 57.53 45.63 -35.66
CA LEU H 19 58.21 45.22 -36.89
C LEU H 19 57.57 45.74 -38.17
N ALA H 20 56.26 45.95 -38.17
CA ALA H 20 55.61 46.44 -39.36
C ALA H 20 55.91 47.93 -39.46
N GLU H 21 55.83 48.60 -38.31
CA GLU H 21 56.09 50.02 -38.21
C GLU H 21 57.54 50.21 -38.64
N ALA H 22 58.43 49.40 -38.09
CA ALA H 22 59.85 49.51 -38.40
C ALA H 22 60.13 49.15 -39.84
N ALA H 23 59.24 48.40 -40.45
CA ALA H 23 59.43 48.00 -41.83
C ALA H 23 58.96 49.09 -42.77
N SER H 24 57.76 49.63 -42.51
CA SER H 24 57.19 50.68 -43.34
C SER H 24 58.17 51.82 -43.62
N GLN H 25 59.30 51.85 -42.90
CA GLN H 25 60.33 52.87 -43.10
C GLN H 25 61.32 52.43 -44.19
N PHE H 26 60.90 51.46 -45.01
CA PHE H 26 61.72 50.96 -46.11
C PHE H 26 60.80 50.46 -47.21
N GLY H 27 59.50 50.66 -47.05
CA GLY H 27 58.59 50.20 -48.08
C GLY H 27 57.13 50.12 -47.65
N GLU H 28 56.30 49.62 -48.56
CA GLU H 28 54.88 49.45 -48.32
C GLU H 28 54.69 48.15 -47.54
N VAL H 29 54.01 48.23 -46.42
CA VAL H 29 53.76 47.07 -45.60
C VAL H 29 52.35 46.52 -45.76
N PHE H 30 52.20 45.26 -45.41
CA PHE H 30 50.93 44.57 -45.48
C PHE H 30 51.01 43.53 -44.39
N VAL H 31 50.06 43.53 -43.46
CA VAL H 31 50.09 42.57 -42.37
C VAL H 31 49.06 41.47 -42.54
N ALA H 32 49.47 40.27 -42.13
CA ALA H 32 48.66 39.07 -42.19
C ALA H 32 49.20 38.18 -41.08
N ALA H 33 48.57 38.21 -39.92
CA ALA H 33 49.03 37.41 -38.79
C ALA H 33 47.92 36.49 -38.32
N PRO H 34 48.27 35.48 -37.52
CA PRO H 34 47.29 34.52 -37.00
C PRO H 34 46.54 35.18 -35.86
N ASP H 35 45.22 35.05 -35.83
CA ASP H 35 44.43 35.63 -34.74
C ASP H 35 44.43 34.56 -33.65
N THR H 36 44.72 33.34 -34.11
CA THR H 36 44.77 32.12 -33.31
C THR H 36 45.99 31.94 -32.41
N GLU H 37 47.01 32.77 -32.60
CA GLU H 37 48.28 32.69 -31.84
C GLU H 37 49.06 31.45 -32.27
N THR H 46 49.62 20.54 -44.87
CA THR H 46 50.46 20.45 -46.10
C THR H 46 49.76 19.72 -47.25
N ILE H 47 48.47 19.98 -47.37
CA ILE H 47 47.61 19.45 -48.42
C ILE H 47 46.46 20.45 -48.43
N ALA H 48 46.08 20.91 -49.62
CA ALA H 48 45.01 21.88 -49.78
C ALA H 48 44.10 21.96 -48.55
N HIS H 49 44.10 23.10 -47.86
CA HIS H 49 43.25 23.25 -46.69
C HIS H 49 42.59 24.62 -46.60
N PRO H 50 41.31 24.65 -46.17
CA PRO H 50 40.57 25.91 -46.04
C PRO H 50 41.24 26.92 -45.12
N VAL H 51 41.22 28.19 -45.51
CA VAL H 51 41.82 29.24 -44.71
C VAL H 51 41.05 30.53 -44.89
N ARG H 52 40.65 31.17 -43.79
CA ARG H 52 39.93 32.43 -43.88
C ARG H 52 40.63 33.55 -43.14
N ALA H 53 40.40 34.76 -43.63
CA ALA H 53 40.99 35.95 -43.04
C ALA H 53 39.91 37.02 -42.96
N TYR H 54 40.17 38.04 -42.16
CA TYR H 54 39.24 39.13 -41.94
C TYR H 54 40.05 40.41 -41.88
N PRO H 55 39.54 41.49 -42.49
CA PRO H 55 40.27 42.76 -42.45
C PRO H 55 40.42 43.08 -40.98
N HIS H 56 41.58 43.57 -40.59
CA HIS H 56 41.79 43.89 -39.20
C HIS H 56 42.19 45.36 -39.10
N PRO H 57 41.66 46.08 -38.10
CA PRO H 57 41.96 47.49 -37.89
C PRO H 57 43.34 47.63 -37.30
N SER H 58 44.29 48.02 -38.14
CA SER H 58 45.66 48.19 -37.67
C SER H 58 45.77 49.38 -36.75
N PRO H 59 46.61 49.26 -35.71
CA PRO H 59 46.85 50.31 -34.72
C PRO H 59 47.90 51.35 -35.18
N LEU H 60 48.49 51.14 -36.36
CA LEU H 60 49.50 52.05 -36.89
C LEU H 60 48.92 52.96 -37.95
N HIS H 61 49.09 54.26 -37.75
CA HIS H 61 48.57 55.23 -38.69
C HIS H 61 49.67 56.10 -39.27
N ALA H 62 50.92 55.70 -39.06
CA ALA H 62 52.06 56.45 -39.56
C ALA H 62 53.11 55.60 -40.29
N PRO H 63 52.76 55.08 -41.49
CA PRO H 63 51.45 55.21 -42.13
C PRO H 63 50.53 54.01 -41.83
N HIS H 64 49.27 54.11 -42.24
CA HIS H 64 48.34 53.03 -41.99
C HIS H 64 48.48 52.03 -43.13
N PHE H 65 48.53 50.75 -42.79
CA PHE H 65 48.64 49.68 -43.78
C PHE H 65 47.57 48.61 -43.58
N PRO H 66 47.16 47.95 -44.67
CA PRO H 66 46.12 46.92 -44.57
C PRO H 66 46.61 45.74 -43.75
N ALA H 67 45.75 45.24 -42.88
CA ALA H 67 46.04 44.10 -42.02
C ALA H 67 44.92 43.07 -42.14
N TYR H 68 45.23 41.85 -41.72
CA TYR H 68 44.28 40.74 -41.75
C TYR H 68 44.62 39.76 -40.64
N ARG H 69 43.61 39.27 -39.92
CA ARG H 69 43.89 38.26 -38.91
C ARG H 69 43.48 36.99 -39.63
N VAL H 70 44.32 35.97 -39.56
CA VAL H 70 44.01 34.74 -40.25
C VAL H 70 43.76 33.58 -39.32
N ARG H 71 42.70 32.82 -39.60
CA ARG H 71 42.39 31.64 -38.81
C ARG H 71 43.21 30.54 -39.46
N GLY H 72 44.50 30.54 -39.16
CA GLY H 72 45.40 29.57 -39.71
C GLY H 72 46.79 29.74 -39.12
N THR H 73 47.73 28.95 -39.62
CA THR H 73 49.11 28.99 -39.16
C THR H 73 49.88 30.18 -39.74
N PRO H 74 51.08 30.42 -39.22
CA PRO H 74 51.89 31.53 -39.74
C PRO H 74 52.13 31.34 -41.24
N ALA H 75 52.37 30.10 -41.66
CA ALA H 75 52.61 29.76 -43.07
C ALA H 75 51.40 30.10 -43.94
N ASP H 76 50.20 29.96 -43.37
CA ASP H 76 48.97 30.29 -44.09
C ASP H 76 48.94 31.80 -44.36
N CYS H 77 49.41 32.56 -43.39
CA CYS H 77 49.47 34.01 -43.47
C CYS H 77 50.32 34.46 -44.65
N VAL H 78 51.53 33.90 -44.70
CA VAL H 78 52.48 34.20 -45.76
C VAL H 78 51.82 33.94 -47.10
N ALA H 79 51.22 32.78 -47.24
CA ALA H 79 50.57 32.39 -48.48
C ALA H 79 49.42 33.32 -48.84
N LEU H 80 48.46 33.44 -47.92
CA LEU H 80 47.28 34.28 -48.13
C LEU H 80 47.76 35.71 -48.32
N GLY H 81 48.85 36.05 -47.65
CA GLY H 81 49.41 37.38 -47.77
C GLY H 81 49.84 37.64 -49.21
N LEU H 82 50.66 36.73 -49.77
CA LEU H 82 51.14 36.89 -51.14
C LEU H 82 50.05 36.91 -52.22
N HIS H 83 48.91 36.27 -51.95
CA HIS H 83 47.81 36.24 -52.90
C HIS H 83 46.98 37.50 -52.73
N LEU H 84 46.99 38.06 -51.52
CA LEU H 84 46.21 39.25 -51.25
C LEU H 84 46.92 40.54 -51.54
N PHE H 85 48.25 40.53 -51.47
CA PHE H 85 49.05 41.73 -51.74
C PHE H 85 50.10 41.50 -52.83
N GLY H 86 49.95 40.43 -53.60
CA GLY H 86 50.93 40.13 -54.63
C GLY H 86 51.14 41.14 -55.76
N PRO H 87 52.38 41.23 -56.28
CA PRO H 87 53.50 40.44 -55.79
C PRO H 87 54.13 41.15 -54.61
N VAL H 88 54.92 40.43 -53.82
CA VAL H 88 55.58 41.00 -52.66
C VAL H 88 57.07 40.74 -52.79
N ASP H 89 57.89 41.62 -52.21
CA ASP H 89 59.34 41.46 -52.32
C ASP H 89 59.99 40.81 -51.12
N LEU H 90 59.55 41.21 -49.94
CA LEU H 90 60.13 40.73 -48.70
C LEU H 90 59.13 40.24 -47.66
N VAL H 91 59.42 39.11 -47.02
CA VAL H 91 58.56 38.56 -45.98
C VAL H 91 59.27 38.67 -44.66
N LEU H 92 58.67 39.38 -43.72
CA LEU H 92 59.25 39.54 -42.41
C LEU H 92 58.37 38.78 -41.44
N SER H 93 58.98 38.28 -40.36
CA SER H 93 58.31 37.47 -39.35
C SER H 93 58.92 37.79 -37.99
N GLY H 94 58.10 38.36 -37.10
CA GLY H 94 58.53 38.76 -35.77
C GLY H 94 57.80 40.06 -35.41
N VAL H 95 58.19 40.75 -34.36
CA VAL H 95 59.30 40.34 -33.53
C VAL H 95 58.73 39.37 -32.50
N ASN H 96 59.36 38.21 -32.41
CA ASN H 96 58.92 37.19 -31.48
C ASN H 96 59.23 37.60 -30.06
N LEU H 97 58.28 37.37 -29.16
CA LEU H 97 58.47 37.68 -27.76
C LEU H 97 59.09 36.41 -27.21
N GLY H 98 60.41 36.35 -27.28
CA GLY H 98 61.15 35.19 -26.85
C GLY H 98 62.27 34.94 -27.84
N SER H 99 63.33 34.29 -27.38
CA SER H 99 64.47 34.03 -28.24
C SER H 99 64.28 32.84 -29.20
N ASN H 100 65.11 32.79 -30.23
CA ASN H 100 65.08 31.70 -31.18
C ASN H 100 66.51 31.44 -31.60
N LEU H 101 67.30 31.04 -30.61
CA LEU H 101 68.73 30.78 -30.72
C LEU H 101 69.14 29.32 -30.56
N GLY H 102 70.20 28.93 -31.29
CA GLY H 102 70.72 27.58 -31.19
C GLY H 102 69.85 26.47 -31.74
N HIS H 103 69.53 25.50 -30.88
CA HIS H 103 68.68 24.37 -31.29
C HIS H 103 67.25 24.84 -31.54
N GLU H 104 66.88 25.93 -30.89
CA GLU H 104 65.55 26.52 -30.97
C GLU H 104 65.10 26.83 -32.40
N ILE H 105 66.05 27.17 -33.27
CA ILE H 105 65.75 27.52 -34.65
C ILE H 105 65.02 26.41 -35.41
N TRP H 106 65.14 25.19 -34.92
CA TRP H 106 64.53 24.02 -35.55
C TRP H 106 63.02 24.04 -35.64
N HIS H 107 62.39 24.13 -34.48
CA HIS H 107 60.94 24.12 -34.39
C HIS H 107 60.41 25.51 -34.07
N SER H 108 60.97 26.53 -34.72
CA SER H 108 60.54 27.89 -34.44
C SER H 108 59.47 28.33 -35.43
N GLY H 109 58.32 28.72 -34.90
CA GLY H 109 57.24 29.17 -35.75
C GLY H 109 57.61 30.44 -36.50
N THR H 110 58.24 31.36 -35.76
CA THR H 110 58.69 32.61 -36.34
C THR H 110 59.58 32.30 -37.55
N VAL H 111 60.65 31.55 -37.31
CA VAL H 111 61.56 31.18 -38.37
C VAL H 111 60.79 30.45 -39.48
N ALA H 112 59.81 29.65 -39.10
CA ALA H 112 59.04 28.87 -40.08
C ALA H 112 58.29 29.74 -41.09
N ALA H 113 57.77 30.86 -40.63
CA ALA H 113 57.04 31.74 -41.53
C ALA H 113 58.04 32.32 -42.50
N ALA H 114 59.19 32.75 -42.01
CA ALA H 114 60.21 33.32 -42.87
C ALA H 114 60.66 32.26 -43.89
N LYS H 115 60.87 31.04 -43.41
CA LYS H 115 61.27 29.95 -44.28
C LYS H 115 60.23 29.77 -45.38
N GLN H 116 58.96 29.68 -44.98
CA GLN H 116 57.90 29.51 -45.95
C GLN H 116 57.99 30.63 -47.00
N GLY H 117 58.51 31.78 -46.58
CA GLY H 117 58.61 32.88 -47.51
C GLY H 117 59.61 32.56 -48.61
N TYR H 118 60.82 32.18 -48.20
CA TYR H 118 61.91 31.85 -49.10
C TYR H 118 61.52 30.82 -50.17
N LEU H 119 60.75 29.81 -49.78
CA LEU H 119 60.33 28.78 -50.72
C LEU H 119 59.36 29.34 -51.73
N PHE H 120 58.71 30.44 -51.37
CA PHE H 120 57.77 31.08 -52.29
C PHE H 120 58.62 32.00 -53.15
N GLY H 121 59.92 31.97 -52.90
CA GLY H 121 60.87 32.75 -53.69
C GLY H 121 61.21 34.15 -53.24
N LEU H 122 60.78 34.55 -52.06
CA LEU H 122 61.07 35.90 -51.60
C LEU H 122 62.24 35.85 -50.65
N SER H 123 62.63 37.03 -50.14
CA SER H 123 63.72 37.09 -49.17
C SER H 123 62.96 37.06 -47.85
N ALA H 124 63.58 36.59 -46.78
CA ALA H 124 62.86 36.56 -45.51
C ALA H 124 63.73 36.70 -44.28
N ALA H 125 63.15 37.22 -43.21
CA ALA H 125 63.89 37.40 -41.97
C ALA H 125 63.03 37.25 -40.74
N ALA H 126 63.47 36.41 -39.81
CA ALA H 126 62.75 36.23 -38.57
C ALA H 126 63.41 37.14 -37.58
N PHE H 127 62.61 37.75 -36.72
CA PHE H 127 63.18 38.61 -35.71
C PHE H 127 62.69 38.06 -34.38
N SER H 128 63.53 38.13 -33.34
CA SER H 128 63.17 37.62 -32.02
C SER H 128 63.93 38.40 -30.98
N VAL H 129 63.35 38.56 -29.81
CA VAL H 129 64.02 39.24 -28.75
C VAL H 129 63.82 38.37 -27.52
N PRO H 130 64.89 38.07 -26.78
CA PRO H 130 64.74 37.24 -25.59
C PRO H 130 63.77 37.90 -24.62
N LEU H 131 63.19 37.09 -23.75
CA LEU H 131 62.20 37.56 -22.78
C LEU H 131 62.42 36.85 -21.44
N ASN H 132 61.31 36.41 -20.83
CA ASN H 132 61.35 35.71 -19.55
C ASN H 132 61.78 36.66 -18.43
N GLY H 133 60.81 37.11 -17.64
CA GLY H 133 61.13 38.00 -16.53
C GLY H 133 60.83 39.46 -16.79
N GLU H 134 61.40 40.01 -17.87
CA GLU H 134 61.20 41.42 -18.24
C GLU H 134 60.68 41.51 -19.67
N VAL H 135 59.90 42.54 -19.98
CA VAL H 135 59.37 42.69 -21.33
C VAL H 135 60.18 43.71 -22.13
N PRO H 136 60.39 43.42 -23.42
CA PRO H 136 61.14 44.31 -24.30
C PRO H 136 60.53 45.70 -24.46
N ASP H 137 61.37 46.63 -24.89
CA ASP H 137 60.99 48.03 -25.11
C ASP H 137 61.20 48.29 -26.59
N PHE H 138 60.15 48.07 -27.38
CA PHE H 138 60.24 48.26 -28.81
C PHE H 138 60.52 49.72 -29.17
N ALA H 139 60.25 50.62 -28.24
CA ALA H 139 60.50 52.03 -28.45
C ALA H 139 62.01 52.22 -28.62
N GLY H 140 62.79 51.71 -27.65
CA GLY H 140 64.23 51.82 -27.69
C GLY H 140 64.93 50.92 -28.71
N LEU H 141 64.27 49.84 -29.11
CA LEU H 141 64.85 48.90 -30.07
C LEU H 141 64.72 49.37 -31.51
N ARG H 142 63.79 50.29 -31.74
CA ARG H 142 63.53 50.81 -33.08
C ARG H 142 64.81 51.23 -33.82
N PRO H 143 65.75 51.88 -33.12
CA PRO H 143 66.97 52.29 -33.82
C PRO H 143 67.65 51.06 -34.45
N TRP H 144 67.98 50.12 -33.58
CA TRP H 144 68.64 48.89 -33.96
C TRP H 144 67.92 48.03 -34.98
N LEU H 145 66.59 48.05 -34.94
CA LEU H 145 65.78 47.30 -35.89
C LEU H 145 66.02 47.92 -37.26
N LEU H 146 65.85 49.23 -37.34
CA LEU H 146 66.05 49.99 -38.57
C LEU H 146 67.45 49.75 -39.09
N ARG H 147 68.45 49.95 -38.23
CA ARG H 147 69.83 49.74 -38.64
C ARG H 147 69.96 48.30 -39.17
N THR H 148 69.23 47.39 -38.53
CA THR H 148 69.27 45.98 -38.91
C THR H 148 68.61 45.70 -40.24
N LEU H 149 67.53 46.42 -40.53
CA LEU H 149 66.79 46.21 -41.78
C LEU H 149 67.48 46.86 -42.97
N GLU H 150 68.40 47.78 -42.70
CA GLU H 150 69.15 48.43 -43.77
C GLU H 150 70.15 47.39 -44.25
N THR H 151 70.87 46.84 -43.27
CA THR H 151 71.89 45.84 -43.50
C THR H 151 71.39 44.67 -44.31
N LEU H 152 70.13 44.28 -44.12
CA LEU H 152 69.57 43.16 -44.86
C LEU H 152 69.11 43.54 -46.26
N LEU H 153 68.57 44.75 -46.41
CA LEU H 153 68.10 45.17 -47.71
C LEU H 153 69.26 45.39 -48.68
N ARG H 154 70.48 45.33 -48.16
CA ARG H 154 71.69 45.47 -48.98
C ARG H 154 72.05 44.13 -49.62
N LEU H 155 72.01 43.07 -48.80
CA LEU H 155 72.34 41.69 -49.20
C LEU H 155 71.87 41.20 -50.56
N GLU H 156 72.66 40.31 -51.14
CA GLU H 156 72.35 39.69 -52.43
C GLU H 156 71.06 38.91 -52.20
N ARG H 157 70.04 39.17 -53.01
CA ARG H 157 68.77 38.49 -52.87
C ARG H 157 68.59 37.37 -53.89
N PRO H 158 67.86 36.31 -53.54
CA PRO H 158 67.18 36.11 -52.24
C PRO H 158 68.10 35.71 -51.09
N PHE H 159 67.65 36.02 -49.88
CA PHE H 159 68.38 35.70 -48.64
C PHE H 159 67.39 35.22 -47.57
N LEU H 160 67.91 34.60 -46.52
CA LEU H 160 67.10 34.09 -45.43
C LEU H 160 67.90 34.24 -44.15
N VAL H 161 67.56 35.24 -43.35
CA VAL H 161 68.30 35.48 -42.12
C VAL H 161 67.45 35.31 -40.89
N ASN H 162 68.12 35.02 -39.78
CA ASN H 162 67.45 34.85 -38.52
C ASN H 162 68.08 35.84 -37.59
N VAL H 163 67.32 36.89 -37.29
CA VAL H 163 67.79 37.93 -36.42
C VAL H 163 67.34 37.75 -34.96
N ASN H 164 68.24 38.06 -34.05
CA ASN H 164 67.95 38.01 -32.64
C ASN H 164 68.53 39.31 -32.09
N LEU H 165 67.72 40.07 -31.36
CA LEU H 165 68.19 41.33 -30.81
C LEU H 165 68.14 41.26 -29.32
N PRO H 166 69.24 41.59 -28.65
CA PRO H 166 69.21 41.54 -27.19
C PRO H 166 68.25 42.64 -26.74
N LEU H 167 67.95 42.72 -25.45
CA LEU H 167 67.04 43.76 -24.99
C LEU H 167 67.60 45.14 -25.30
N ARG H 168 68.86 45.36 -24.95
CA ARG H 168 69.52 46.64 -25.21
C ARG H 168 70.76 46.43 -26.06
N PRO H 169 70.59 46.42 -27.38
CA PRO H 169 71.70 46.22 -28.32
C PRO H 169 72.76 47.33 -28.34
N LYS H 170 74.03 46.91 -28.28
CA LYS H 170 75.14 47.83 -28.32
C LYS H 170 75.96 47.60 -29.60
N GLY H 171 75.39 46.82 -30.53
CA GLY H 171 76.07 46.55 -31.78
C GLY H 171 75.38 45.54 -32.67
N PHE H 172 75.97 45.26 -33.83
CA PHE H 172 75.41 44.28 -34.75
C PHE H 172 76.39 43.13 -34.75
N LEU H 173 76.26 42.21 -35.71
CA LEU H 173 77.14 41.05 -35.80
C LEU H 173 76.56 39.90 -36.62
N TRP H 174 77.12 39.66 -37.81
CA TRP H 174 76.64 38.53 -38.60
C TRP H 174 77.08 37.33 -37.78
N THR H 175 76.20 36.34 -37.60
CA THR H 175 76.57 35.19 -36.78
C THR H 175 76.29 33.84 -37.36
N ARG H 176 76.75 32.85 -36.60
CA ARG H 176 76.61 31.43 -36.92
C ARG H 176 75.79 30.83 -35.79
N GLN H 177 75.03 29.79 -36.12
CA GLN H 177 74.19 29.10 -35.15
C GLN H 177 75.05 28.36 -34.14
N SER H 178 74.69 28.51 -32.87
CA SER H 178 75.40 27.84 -31.78
C SER H 178 74.96 26.38 -31.85
N VAL H 179 75.91 25.46 -31.92
CA VAL H 179 75.60 24.04 -32.00
C VAL H 179 76.28 23.26 -30.89
N ARG H 180 75.77 23.39 -29.66
CA ARG H 180 76.35 22.71 -28.51
C ARG H 180 75.87 21.26 -28.26
N ALA H 181 76.53 20.59 -27.30
CA ALA H 181 76.20 19.23 -26.91
C ALA H 181 75.63 19.33 -25.49
N TYR H 182 74.68 18.45 -25.14
CA TYR H 182 74.05 18.46 -23.82
C TYR H 182 74.18 17.15 -23.07
N GLU H 183 73.99 17.20 -21.77
CA GLU H 183 73.97 15.99 -20.99
C GLU H 183 72.53 16.01 -20.48
N GLY H 184 71.83 14.88 -20.53
CA GLY H 184 70.45 14.84 -20.09
C GLY H 184 70.31 14.67 -18.60
N VAL H 185 70.28 15.76 -17.85
CA VAL H 185 70.16 15.67 -16.41
C VAL H 185 68.77 15.27 -15.96
N VAL H 186 68.71 14.27 -15.08
CA VAL H 186 67.43 13.78 -14.60
C VAL H 186 67.44 13.51 -13.11
N ILE H 187 66.63 14.24 -12.35
CA ILE H 187 66.57 14.05 -10.90
C ILE H 187 65.17 13.66 -10.46
N PRO H 188 65.06 12.66 -9.58
CA PRO H 188 63.78 12.18 -9.06
C PRO H 188 63.23 13.22 -8.09
N GLY H 189 61.90 13.35 -8.03
CA GLY H 189 61.28 14.29 -7.13
C GLY H 189 59.89 13.83 -6.78
N GLU H 190 59.15 14.67 -6.06
CA GLU H 190 57.78 14.32 -5.70
C GLU H 190 57.00 15.58 -5.40
N ASP H 191 55.95 15.82 -6.19
CA ASP H 191 55.12 17.00 -5.99
C ASP H 191 54.58 17.03 -4.56
N PRO H 192 54.09 18.19 -4.11
CA PRO H 192 53.55 18.34 -2.76
C PRO H 192 52.68 17.18 -2.28
N MET H 193 51.99 16.52 -3.21
CA MET H 193 51.12 15.40 -2.87
C MET H 193 51.83 14.06 -2.68
N GLY H 194 53.15 14.08 -2.65
CA GLY H 194 53.90 12.85 -2.46
C GLY H 194 54.11 12.04 -3.72
N ARG H 195 53.54 12.50 -4.83
CA ARG H 195 53.67 11.82 -6.12
C ARG H 195 55.07 11.98 -6.72
N PRO H 196 55.70 10.85 -7.12
CA PRO H 196 57.05 10.89 -7.71
C PRO H 196 57.07 11.30 -9.17
N PHE H 197 58.15 11.93 -9.59
CA PHE H 197 58.30 12.31 -10.98
C PHE H 197 59.79 12.45 -11.23
N TYR H 198 60.17 12.96 -12.40
CA TYR H 198 61.58 13.17 -12.66
C TYR H 198 61.74 14.54 -13.29
N TRP H 199 62.79 15.25 -12.87
CA TRP H 199 63.07 16.55 -13.43
C TRP H 199 63.98 16.27 -14.58
N PHE H 200 63.58 16.67 -15.77
CA PHE H 200 64.45 16.48 -16.91
C PHE H 200 64.97 17.89 -17.15
N ALA H 201 66.21 18.13 -16.75
CA ALA H 201 66.85 19.44 -16.86
C ALA H 201 68.11 19.39 -17.70
N PRO H 202 67.95 19.39 -19.02
CA PRO H 202 69.09 19.34 -19.92
C PRO H 202 69.98 20.59 -19.81
N ARG H 203 71.29 20.39 -19.80
CA ARG H 203 72.21 21.52 -19.73
C ARG H 203 73.41 21.24 -20.62
N PRO H 204 73.83 22.26 -21.39
CA PRO H 204 74.97 22.17 -22.31
C PRO H 204 76.27 21.85 -21.59
N LEU H 205 77.18 21.21 -22.31
CA LEU H 205 78.47 20.84 -21.73
C LEU H 205 79.40 22.07 -21.65
N LYS H 206 79.45 22.86 -22.72
CA LYS H 206 80.30 24.05 -22.73
C LYS H 206 79.48 25.32 -22.95
N GLU H 207 80.16 26.45 -22.97
CA GLU H 207 79.52 27.74 -23.18
C GLU H 207 79.43 28.04 -24.65
N ALA H 208 78.67 29.07 -25.00
CA ALA H 208 78.56 29.45 -26.40
C ALA H 208 79.93 30.02 -26.74
N GLU H 209 80.40 29.72 -27.94
CA GLU H 209 81.70 30.22 -28.36
C GLU H 209 81.55 31.37 -29.33
N GLU H 210 82.42 32.38 -29.22
CA GLU H 210 82.36 33.55 -30.10
C GLU H 210 82.01 33.23 -31.54
N GLY H 211 81.25 34.13 -32.16
CA GLY H 211 80.83 33.94 -33.54
C GLY H 211 79.46 33.28 -33.61
N THR H 212 79.03 32.70 -32.49
CA THR H 212 77.74 32.03 -32.42
C THR H 212 76.65 33.00 -32.00
N ASP H 213 75.46 32.80 -32.58
CA ASP H 213 74.31 33.64 -32.29
C ASP H 213 74.06 33.79 -30.79
N ARG H 214 74.16 32.70 -30.06
CA ARG H 214 73.91 32.74 -28.63
C ARG H 214 74.95 33.59 -27.93
N TRP H 215 76.17 33.60 -28.43
CA TRP H 215 77.24 34.39 -27.83
C TRP H 215 76.99 35.87 -28.13
N ALA H 216 76.71 36.17 -29.38
CA ALA H 216 76.42 37.54 -29.79
C ALA H 216 75.41 38.21 -28.84
N VAL H 217 74.25 37.58 -28.65
CA VAL H 217 73.22 38.16 -27.77
C VAL H 217 73.69 38.31 -26.34
N ALA H 218 74.54 37.40 -25.88
CA ALA H 218 75.04 37.46 -24.51
C ALA H 218 75.96 38.66 -24.38
N GLN H 219 76.52 39.07 -25.50
CA GLN H 219 77.44 40.20 -25.51
C GLN H 219 76.70 41.53 -25.71
N GLY H 220 75.43 41.45 -26.10
CA GLY H 220 74.66 42.65 -26.32
C GLY H 220 74.64 43.02 -27.78
N PHE H 221 74.95 42.07 -28.65
CA PHE H 221 74.97 42.36 -30.07
C PHE H 221 73.84 41.73 -30.84
N VAL H 222 73.27 42.48 -31.76
CA VAL H 222 72.21 41.92 -32.59
C VAL H 222 72.86 40.81 -33.40
N SER H 223 72.27 39.62 -33.38
CA SER H 223 72.79 38.48 -34.14
C SER H 223 71.91 38.24 -35.38
N ALA H 224 72.55 38.02 -36.52
CA ALA H 224 71.80 37.77 -37.77
C ALA H 224 72.49 36.61 -38.45
N THR H 225 71.82 35.47 -38.47
CA THR H 225 72.38 34.26 -39.03
C THR H 225 71.75 33.78 -40.31
N PRO H 226 72.52 33.73 -41.40
CA PRO H 226 71.95 33.26 -42.67
C PRO H 226 71.64 31.76 -42.46
N LEU H 227 70.56 31.28 -43.04
CA LEU H 227 70.14 29.88 -42.84
C LEU H 227 70.13 29.11 -44.12
N ARG H 228 70.35 27.80 -44.00
CA ARG H 228 70.31 26.91 -45.15
C ARG H 228 69.07 26.03 -45.03
N LEU H 229 68.51 25.71 -46.18
CA LEU H 229 67.33 24.88 -46.25
C LEU H 229 67.65 23.38 -46.20
N ASP H 230 68.65 22.96 -46.97
CA ASP H 230 69.05 21.55 -47.06
C ASP H 230 69.74 21.03 -45.82
N LEU H 231 69.03 20.18 -45.07
CA LEU H 231 69.51 19.59 -43.84
C LEU H 231 70.44 18.41 -44.12
N THR H 232 70.58 18.09 -45.40
CA THR H 232 71.42 17.01 -45.83
C THR H 232 72.86 17.31 -45.47
N ASP H 233 73.56 16.31 -44.96
CA ASP H 233 74.95 16.43 -44.58
C ASP H 233 75.74 15.78 -45.74
N GLU H 234 76.02 16.54 -46.80
CA GLU H 234 76.73 16.03 -47.97
C GLU H 234 78.08 15.34 -47.66
N THR H 235 78.70 15.65 -46.52
CA THR H 235 79.97 15.03 -46.19
C THR H 235 79.82 13.52 -46.06
N ARG H 236 78.91 13.09 -45.17
CA ARG H 236 78.66 11.66 -44.93
C ARG H 236 77.71 11.04 -45.98
N LEU H 237 77.77 11.51 -47.21
CA LEU H 237 76.90 10.98 -48.27
C LEU H 237 77.68 10.61 -49.53
N MET I 1 -26.34 -7.63 40.37
CA MET I 1 -27.34 -8.74 40.47
C MET I 1 -26.73 -10.12 40.14
N ARG I 2 -27.27 -11.18 40.74
CA ARG I 2 -26.72 -12.53 40.53
C ARG I 2 -27.64 -13.47 39.73
N ILE I 3 -27.08 -14.08 38.68
CA ILE I 3 -27.85 -14.96 37.79
C ILE I 3 -27.40 -16.42 37.67
N LEU I 4 -28.36 -17.34 37.82
CA LEU I 4 -28.08 -18.76 37.65
C LEU I 4 -28.46 -19.20 36.21
N VAL I 5 -27.51 -19.78 35.49
CA VAL I 5 -27.74 -20.25 34.13
C VAL I 5 -27.66 -21.76 34.06
N THR I 6 -28.66 -22.37 33.40
CA THR I 6 -28.77 -23.82 33.26
C THR I 6 -29.48 -24.14 31.94
N ASN I 7 -29.70 -25.44 31.66
CA ASN I 7 -30.36 -25.85 30.43
C ASN I 7 -30.66 -27.33 30.56
N ASP I 8 -31.08 -27.98 29.47
CA ASP I 8 -31.31 -29.41 29.55
C ASP I 8 -30.55 -30.15 28.45
N ASP I 9 -29.55 -29.50 27.87
CA ASP I 9 -28.76 -30.13 26.82
C ASP I 9 -27.43 -30.57 27.40
N GLY I 10 -27.10 -30.10 28.60
CA GLY I 10 -25.83 -30.49 29.18
C GLY I 10 -24.80 -29.38 29.16
N ILE I 11 -23.76 -29.58 29.96
CA ILE I 11 -22.71 -28.61 30.11
C ILE I 11 -21.75 -28.34 28.93
N TYR I 12 -21.89 -29.06 27.82
CA TYR I 12 -21.00 -28.82 26.69
C TYR I 12 -21.73 -28.11 25.56
N SER I 13 -23.02 -27.89 25.76
CA SER I 13 -23.82 -27.20 24.77
C SER I 13 -23.34 -25.77 24.59
N PRO I 14 -23.09 -25.36 23.35
CA PRO I 14 -22.63 -23.99 23.13
C PRO I 14 -23.78 -23.00 23.38
N GLY I 15 -25.01 -23.50 23.38
CA GLY I 15 -26.13 -22.61 23.62
C GLY I 15 -26.12 -22.18 25.08
N LEU I 16 -25.60 -23.05 25.95
CA LEU I 16 -25.52 -22.78 27.37
C LEU I 16 -24.58 -21.62 27.64
N TRP I 17 -23.38 -21.71 27.08
CA TRP I 17 -22.40 -20.66 27.28
C TRP I 17 -22.69 -19.37 26.52
N ALA I 18 -23.47 -19.45 25.45
CA ALA I 18 -23.81 -18.25 24.74
C ALA I 18 -24.70 -17.49 25.72
N LEU I 19 -25.66 -18.19 26.30
CA LEU I 19 -26.55 -17.59 27.25
C LEU I 19 -25.81 -17.05 28.49
N ALA I 20 -24.75 -17.75 28.90
CA ALA I 20 -23.99 -17.33 30.07
C ALA I 20 -23.22 -16.06 29.81
N GLU I 21 -22.50 -16.04 28.68
CA GLU I 21 -21.71 -14.86 28.34
C GLU I 21 -22.63 -13.64 28.13
N ALA I 22 -23.83 -13.85 27.60
CA ALA I 22 -24.75 -12.76 27.36
C ALA I 22 -25.36 -12.27 28.68
N ALA I 23 -25.65 -13.20 29.57
CA ALA I 23 -26.21 -12.84 30.85
C ALA I 23 -25.17 -12.11 31.70
N SER I 24 -23.88 -12.43 31.52
CA SER I 24 -22.87 -11.77 32.33
C SER I 24 -22.76 -10.28 32.07
N GLN I 25 -23.30 -9.82 30.94
CA GLN I 25 -23.28 -8.39 30.65
C GLN I 25 -24.27 -7.66 31.56
N PHE I 26 -24.99 -8.40 32.41
CA PHE I 26 -26.00 -7.81 33.30
C PHE I 26 -25.87 -8.21 34.77
N GLY I 27 -24.88 -9.06 35.09
CA GLY I 27 -24.71 -9.48 36.49
C GLY I 27 -23.62 -10.53 36.71
N GLU I 28 -23.51 -11.01 37.96
CA GLU I 28 -22.53 -12.05 38.24
C GLU I 28 -23.26 -13.31 37.79
N VAL I 29 -22.60 -14.10 36.95
CA VAL I 29 -23.20 -15.31 36.40
C VAL I 29 -22.66 -16.61 37.01
N PHE I 30 -23.56 -17.52 37.33
CA PHE I 30 -23.20 -18.81 37.89
C PHE I 30 -23.89 -19.95 37.11
N VAL I 31 -23.13 -20.99 36.75
CA VAL I 31 -23.62 -22.12 35.97
C VAL I 31 -23.82 -23.48 36.69
N ALA I 32 -24.96 -24.10 36.39
CA ALA I 32 -25.32 -25.41 36.92
C ALA I 32 -26.14 -26.09 35.83
N ALA I 33 -25.50 -27.01 35.11
CA ALA I 33 -26.11 -27.72 34.00
C ALA I 33 -26.07 -29.24 34.21
N PRO I 34 -27.09 -29.95 33.72
CA PRO I 34 -27.17 -31.40 33.85
C PRO I 34 -26.00 -32.11 33.22
N ASP I 35 -25.59 -33.23 33.79
CA ASP I 35 -24.52 -34.00 33.19
C ASP I 35 -25.31 -35.00 32.38
N THR I 36 -25.09 -34.99 31.07
CA THR I 36 -25.78 -35.87 30.14
C THR I 36 -27.27 -35.54 30.18
N ILE I 47 -40.24 -35.69 45.85
CA ILE I 47 -39.60 -36.57 46.89
C ILE I 47 -38.11 -36.25 47.05
N ALA I 48 -37.52 -36.79 48.11
CA ALA I 48 -36.11 -36.56 48.39
C ALA I 48 -35.26 -37.50 47.54
N HIS I 49 -34.01 -37.12 47.30
CA HIS I 49 -33.09 -37.91 46.49
C HIS I 49 -31.70 -37.28 46.48
N PRO I 50 -30.65 -38.10 46.50
CA PRO I 50 -29.26 -37.63 46.48
C PRO I 50 -28.87 -37.15 45.08
N VAL I 51 -28.11 -36.07 45.02
CA VAL I 51 -27.68 -35.51 43.75
C VAL I 51 -26.19 -35.21 43.79
N ARG I 52 -25.41 -35.79 42.88
CA ARG I 52 -23.98 -35.51 42.90
C ARG I 52 -23.73 -34.33 41.96
N ALA I 53 -22.73 -33.53 42.27
CA ALA I 53 -22.37 -32.39 41.43
C ALA I 53 -20.85 -32.15 41.55
N TYR I 54 -20.23 -31.70 40.46
CA TYR I 54 -18.78 -31.48 40.45
C TYR I 54 -18.37 -30.16 39.83
N PRO I 55 -17.42 -29.45 40.46
CA PRO I 55 -16.95 -28.17 39.93
C PRO I 55 -16.51 -28.39 38.48
N HIS I 56 -16.94 -27.52 37.57
CA HIS I 56 -16.60 -27.67 36.16
C HIS I 56 -15.96 -26.41 35.59
N PRO I 57 -14.79 -26.54 34.97
CA PRO I 57 -14.08 -25.40 34.39
C PRO I 57 -14.83 -24.82 33.21
N SER I 58 -15.06 -23.51 33.24
CA SER I 58 -15.80 -22.86 32.16
C SER I 58 -14.94 -22.80 30.91
N PRO I 59 -15.56 -22.98 29.74
CA PRO I 59 -14.84 -22.93 28.48
C PRO I 59 -14.05 -21.62 28.39
N LEU I 60 -12.93 -21.68 27.69
CA LEU I 60 -12.05 -20.53 27.51
C LEU I 60 -12.77 -19.25 27.03
N ALA I 62 -12.36 -15.86 27.28
CA ALA I 62 -13.71 -15.44 27.77
C ALA I 62 -13.75 -15.41 29.31
N PRO I 63 -14.69 -14.63 29.89
CA PRO I 63 -14.83 -14.52 31.34
C PRO I 63 -14.89 -15.90 32.02
N HIS I 64 -14.53 -15.95 33.30
CA HIS I 64 -14.56 -17.22 34.03
C HIS I 64 -15.87 -17.33 34.80
N PHE I 65 -16.65 -18.34 34.47
CA PHE I 65 -17.92 -18.56 35.17
C PHE I 65 -17.79 -19.68 36.17
N PRO I 66 -18.24 -19.43 37.40
CA PRO I 66 -18.14 -20.53 38.37
C PRO I 66 -19.18 -21.55 37.84
N ALA I 67 -18.79 -22.79 37.62
CA ALA I 67 -19.74 -23.77 37.08
C ALA I 67 -19.76 -25.08 37.84
N TYR I 68 -20.82 -25.85 37.61
CA TYR I 68 -21.00 -27.16 38.22
C TYR I 68 -21.77 -28.04 37.28
N ARG I 69 -21.27 -29.25 37.00
CA ARG I 69 -22.05 -30.16 36.17
C ARG I 69 -22.80 -31.02 37.18
N VAL I 70 -24.12 -31.05 37.06
CA VAL I 70 -24.98 -31.78 37.98
C VAL I 70 -25.52 -33.12 37.48
N ARG I 71 -25.21 -34.18 38.23
CA ARG I 71 -25.66 -35.50 37.87
C ARG I 71 -27.11 -35.62 38.29
N GLY I 72 -27.97 -34.79 37.69
CA GLY I 72 -29.38 -34.80 38.00
C GLY I 72 -30.15 -34.04 36.93
N THR I 73 -31.40 -33.69 37.22
CA THR I 73 -32.22 -32.96 36.28
C THR I 73 -31.95 -31.48 36.26
N PRO I 74 -32.56 -30.76 35.31
CA PRO I 74 -32.34 -29.31 35.27
C PRO I 74 -32.93 -28.73 36.58
N ALA I 75 -34.12 -29.19 36.96
CA ALA I 75 -34.74 -28.74 38.20
C ALA I 75 -33.76 -29.00 39.36
N ASP I 76 -32.98 -30.06 39.25
CA ASP I 76 -32.00 -30.35 40.31
C ASP I 76 -30.96 -29.26 40.31
N CYS I 77 -30.53 -28.86 39.10
CA CYS I 77 -29.51 -27.81 38.94
C CYS I 77 -29.91 -26.46 39.50
N VAL I 78 -31.18 -26.11 39.37
CA VAL I 78 -31.64 -24.83 39.88
C VAL I 78 -31.54 -24.92 41.38
N ALA I 79 -32.10 -25.99 41.92
CA ALA I 79 -32.08 -26.23 43.35
C ALA I 79 -30.65 -26.13 43.86
N LEU I 80 -29.77 -26.96 43.30
CA LEU I 80 -28.38 -26.96 43.71
C LEU I 80 -27.76 -25.60 43.55
N GLY I 81 -27.94 -25.02 42.37
CA GLY I 81 -27.43 -23.71 42.08
C GLY I 81 -27.83 -22.68 43.12
N LEU I 82 -29.10 -22.67 43.51
CA LEU I 82 -29.55 -21.69 44.50
C LEU I 82 -28.88 -21.87 45.86
N HIS I 83 -28.36 -23.07 46.12
CA HIS I 83 -27.72 -23.34 47.38
C HIS I 83 -26.25 -22.99 47.36
N LEU I 84 -25.55 -23.39 46.30
CA LEU I 84 -24.13 -23.08 46.21
C LEU I 84 -23.86 -21.62 45.91
N PHE I 85 -24.69 -21.02 45.07
CA PHE I 85 -24.50 -19.64 44.66
C PHE I 85 -25.54 -18.71 45.25
N GLY I 86 -26.32 -19.21 46.18
CA GLY I 86 -27.31 -18.34 46.78
C GLY I 86 -26.58 -17.11 47.31
N PRO I 87 -27.20 -15.93 47.28
CA PRO I 87 -28.55 -15.66 46.76
C PRO I 87 -28.48 -15.45 45.24
N VAL I 88 -29.59 -15.74 44.57
CA VAL I 88 -29.74 -15.61 43.13
C VAL I 88 -30.97 -14.75 42.90
N ASP I 89 -30.96 -13.93 41.86
CA ASP I 89 -32.13 -13.08 41.60
C ASP I 89 -32.88 -13.52 40.36
N LEU I 90 -32.19 -14.24 39.49
CA LEU I 90 -32.79 -14.65 38.25
C LEU I 90 -32.24 -15.98 37.79
N VAL I 91 -33.13 -16.83 37.27
CA VAL I 91 -32.74 -18.15 36.74
C VAL I 91 -32.94 -18.10 35.23
N LEU I 92 -31.88 -18.34 34.48
CA LEU I 92 -32.00 -18.35 33.03
C LEU I 92 -31.74 -19.76 32.50
N SER I 93 -32.68 -20.28 31.71
CA SER I 93 -32.57 -21.63 31.13
C SER I 93 -32.43 -21.64 29.61
N GLY I 94 -31.34 -22.22 29.12
CA GLY I 94 -31.09 -22.26 27.68
C GLY I 94 -29.62 -21.94 27.42
N VAL I 95 -29.26 -21.53 26.20
CA VAL I 95 -30.21 -21.41 25.09
C VAL I 95 -30.40 -22.82 24.57
N ASN I 96 -31.63 -23.30 24.59
CA ASN I 96 -31.90 -24.64 24.10
C ASN I 96 -31.70 -24.80 22.59
N LEU I 97 -31.00 -25.87 22.21
CA LEU I 97 -30.79 -26.18 20.80
C LEU I 97 -32.09 -26.86 20.32
N GLY I 98 -33.03 -26.04 19.85
CA GLY I 98 -34.32 -26.53 19.42
C GLY I 98 -35.43 -25.60 19.89
N SER I 99 -36.45 -25.40 19.09
CA SER I 99 -37.51 -24.51 19.51
C SER I 99 -38.41 -25.08 20.62
N ASN I 100 -39.14 -24.20 21.29
CA ASN I 100 -40.08 -24.57 22.34
C ASN I 100 -41.18 -23.55 22.14
N LEU I 101 -42.13 -23.90 21.27
CA LEU I 101 -43.22 -23.03 20.87
C LEU I 101 -44.55 -23.73 20.89
N GLY I 102 -45.62 -22.97 21.06
CA GLY I 102 -46.95 -23.56 21.05
C GLY I 102 -47.10 -24.72 21.99
N HIS I 103 -47.73 -25.80 21.51
CA HIS I 103 -47.95 -27.00 22.33
C HIS I 103 -46.66 -27.59 22.91
N GLU I 104 -45.52 -27.23 22.33
CA GLU I 104 -44.24 -27.72 22.80
C GLU I 104 -43.90 -27.24 24.19
N ILE I 105 -44.30 -26.02 24.55
CA ILE I 105 -43.99 -25.43 25.86
C ILE I 105 -44.30 -26.33 27.03
N TRP I 106 -45.45 -26.98 26.97
CA TRP I 106 -45.95 -27.88 27.99
C TRP I 106 -44.95 -28.89 28.59
N HIS I 107 -44.22 -29.63 27.75
CA HIS I 107 -43.26 -30.62 28.24
C HIS I 107 -41.79 -30.25 28.01
N SER I 108 -41.51 -28.97 27.84
CA SER I 108 -40.14 -28.54 27.64
C SER I 108 -39.28 -28.61 28.91
N GLY I 109 -38.13 -29.28 28.79
CA GLY I 109 -37.18 -29.39 29.89
C GLY I 109 -36.53 -28.02 30.17
N THR I 110 -36.23 -27.29 29.10
CA THR I 110 -35.66 -25.94 29.19
C THR I 110 -36.65 -25.06 29.96
N VAL I 111 -37.92 -25.14 29.59
CA VAL I 111 -38.94 -24.34 30.26
C VAL I 111 -39.12 -24.80 31.71
N ALA I 112 -39.11 -26.12 31.90
CA ALA I 112 -39.26 -26.76 33.23
C ALA I 112 -38.29 -26.16 34.26
N ALA I 113 -37.03 -26.02 33.85
CA ALA I 113 -36.00 -25.49 34.72
C ALA I 113 -36.33 -24.08 35.16
N ALA I 114 -36.78 -23.27 34.23
CA ALA I 114 -37.11 -21.91 34.53
C ALA I 114 -38.31 -21.89 35.44
N LYS I 115 -39.30 -22.73 35.16
CA LYS I 115 -40.50 -22.78 35.98
C LYS I 115 -40.14 -23.15 37.42
N GLN I 116 -39.05 -23.88 37.58
CA GLN I 116 -38.58 -24.32 38.88
C GLN I 116 -38.04 -23.12 39.65
N GLY I 117 -37.26 -22.29 38.97
CA GLY I 117 -36.74 -21.13 39.64
C GLY I 117 -37.91 -20.27 40.09
N TYR I 118 -38.88 -20.09 39.21
CA TYR I 118 -40.02 -19.26 39.55
C TYR I 118 -40.74 -19.79 40.81
N LEU I 119 -40.94 -21.11 40.88
CA LEU I 119 -41.59 -21.71 42.03
C LEU I 119 -40.77 -21.48 43.30
N PHE I 120 -39.47 -21.26 43.14
CA PHE I 120 -38.63 -20.99 44.29
C PHE I 120 -38.64 -19.50 44.62
N GLY I 121 -39.54 -18.74 43.99
CA GLY I 121 -39.61 -17.31 44.25
C GLY I 121 -38.72 -16.39 43.40
N LEU I 122 -37.91 -16.96 42.52
CA LEU I 122 -37.04 -16.14 41.70
C LEU I 122 -37.72 -15.76 40.39
N SER I 123 -37.11 -14.83 39.65
CA SER I 123 -37.62 -14.45 38.33
C SER I 123 -36.97 -15.46 37.38
N ALA I 124 -37.67 -15.82 36.30
CA ALA I 124 -37.10 -16.81 35.38
C ALA I 124 -37.44 -16.68 33.90
N ALA I 125 -36.52 -17.17 33.07
CA ALA I 125 -36.74 -17.14 31.63
C ALA I 125 -36.09 -18.30 30.87
N ALA I 126 -36.80 -18.84 29.88
CA ALA I 126 -36.26 -19.91 29.05
C ALA I 126 -35.95 -19.33 27.66
N PHE I 127 -34.81 -19.72 27.10
CA PHE I 127 -34.38 -19.29 25.77
C PHE I 127 -34.16 -20.52 24.88
N SER I 128 -34.73 -20.47 23.67
CA SER I 128 -34.63 -21.55 22.70
C SER I 128 -34.49 -20.99 21.28
N VAL I 129 -33.73 -21.67 20.43
CA VAL I 129 -33.60 -21.30 19.02
C VAL I 129 -33.97 -22.52 18.17
N PRO I 130 -34.68 -22.29 17.05
CA PRO I 130 -35.08 -23.38 16.14
C PRO I 130 -33.89 -24.11 15.57
N LEU I 131 -33.95 -25.43 15.54
CA LEU I 131 -32.86 -26.27 15.04
C LEU I 131 -33.27 -27.08 13.81
N ASN I 132 -32.82 -28.34 13.76
CA ASN I 132 -33.12 -29.26 12.65
C ASN I 132 -32.70 -28.68 11.29
N GLY I 133 -31.47 -28.95 10.88
CA GLY I 133 -30.99 -28.44 9.59
C GLY I 133 -29.70 -27.65 9.69
N GLU I 134 -29.81 -26.34 9.85
CA GLU I 134 -28.64 -25.48 9.97
C GLU I 134 -28.39 -25.18 11.45
N VAL I 135 -27.11 -25.10 11.84
CA VAL I 135 -26.76 -24.81 13.23
C VAL I 135 -26.89 -23.34 13.52
N PRO I 136 -27.31 -23.02 14.76
CA PRO I 136 -27.45 -21.62 15.11
C PRO I 136 -26.08 -20.99 15.22
N ASP I 137 -26.03 -19.72 14.85
CA ASP I 137 -24.80 -18.97 14.94
C ASP I 137 -25.00 -18.17 16.22
N PHE I 138 -24.38 -18.64 17.30
CA PHE I 138 -24.52 -17.91 18.55
C PHE I 138 -23.76 -16.62 18.54
N ALA I 139 -22.79 -16.49 17.64
CA ALA I 139 -22.06 -15.24 17.54
C ALA I 139 -23.03 -14.19 16.99
N GLY I 140 -23.76 -14.56 15.95
CA GLY I 140 -24.71 -13.66 15.33
C GLY I 140 -25.93 -13.37 16.18
N LEU I 141 -26.18 -14.20 17.19
CA LEU I 141 -27.34 -14.00 18.05
C LEU I 141 -27.12 -13.12 19.28
N ARG I 142 -25.86 -12.95 19.68
CA ARG I 142 -25.55 -12.16 20.87
C ARG I 142 -26.28 -10.82 20.95
N PRO I 143 -26.21 -9.99 19.88
CA PRO I 143 -26.90 -8.70 19.92
C PRO I 143 -28.34 -8.84 20.37
N TRP I 144 -29.02 -9.88 19.88
CA TRP I 144 -30.41 -10.09 20.27
C TRP I 144 -30.58 -10.72 21.65
N LEU I 145 -29.63 -11.53 22.08
CA LEU I 145 -29.73 -12.11 23.40
C LEU I 145 -29.67 -10.91 24.34
N LEU I 146 -28.69 -10.04 24.08
CA LEU I 146 -28.50 -8.83 24.90
C LEU I 146 -29.76 -7.97 24.94
N ARG I 147 -30.22 -7.55 23.78
CA ARG I 147 -31.40 -6.72 23.66
C ARG I 147 -32.57 -7.35 24.43
N THR I 148 -32.73 -8.66 24.24
CA THR I 148 -33.79 -9.42 24.89
C THR I 148 -33.61 -9.46 26.40
N LEU I 149 -32.40 -9.78 26.85
CA LEU I 149 -32.15 -9.83 28.28
C LEU I 149 -32.42 -8.46 28.91
N GLU I 150 -31.95 -7.42 28.21
CA GLU I 150 -32.14 -6.04 28.65
C GLU I 150 -33.62 -5.75 28.79
N THR I 151 -34.39 -6.12 27.78
CA THR I 151 -35.82 -5.91 27.86
C THR I 151 -36.39 -6.67 29.06
N LEU I 152 -36.04 -7.93 29.20
CA LEU I 152 -36.57 -8.72 30.31
C LEU I 152 -36.28 -8.12 31.69
N LEU I 153 -35.06 -7.63 31.86
CA LEU I 153 -34.66 -7.06 33.14
C LEU I 153 -35.43 -5.80 33.55
N ARG I 154 -36.21 -5.23 32.63
CA ARG I 154 -37.00 -4.04 32.97
C ARG I 154 -38.39 -4.46 33.44
N LEU I 155 -38.72 -5.75 33.33
CA LEU I 155 -40.04 -6.19 33.75
C LEU I 155 -40.19 -6.20 35.25
N GLU I 156 -41.43 -6.11 35.69
CA GLU I 156 -41.72 -6.13 37.08
C GLU I 156 -41.54 -7.56 37.58
N ARG I 157 -40.80 -7.69 38.66
CA ARG I 157 -40.50 -8.98 39.21
C ARG I 157 -41.47 -9.49 40.24
N PRO I 158 -41.65 -10.82 40.32
CA PRO I 158 -40.99 -11.84 39.49
C PRO I 158 -41.76 -12.08 38.20
N PHE I 159 -41.06 -12.60 37.21
CA PHE I 159 -41.66 -12.91 35.92
C PHE I 159 -41.21 -14.32 35.51
N LEU I 160 -42.00 -14.94 34.64
CA LEU I 160 -41.72 -16.26 34.08
C LEU I 160 -42.02 -16.10 32.59
N VAL I 161 -40.98 -15.99 31.79
CA VAL I 161 -41.10 -15.78 30.36
C VAL I 161 -40.38 -16.81 29.49
N ASN I 162 -41.08 -17.19 28.42
CA ASN I 162 -40.59 -18.13 27.45
C ASN I 162 -40.09 -17.40 26.21
N VAL I 163 -38.81 -17.54 25.93
CA VAL I 163 -38.22 -16.87 24.81
C VAL I 163 -37.73 -17.75 23.68
N ASN I 164 -38.12 -17.38 22.46
CA ASN I 164 -37.68 -18.11 21.27
C ASN I 164 -37.06 -17.12 20.32
N LEU I 165 -35.86 -17.44 19.85
CA LEU I 165 -35.19 -16.55 18.93
C LEU I 165 -34.99 -17.21 17.57
N PRO I 166 -35.27 -16.47 16.48
CA PRO I 166 -35.09 -16.98 15.12
C PRO I 166 -33.59 -17.08 14.82
N LEU I 167 -33.20 -17.91 13.86
CA LEU I 167 -31.78 -18.07 13.53
C LEU I 167 -31.10 -16.72 13.27
N ARG I 168 -31.77 -15.83 12.55
CA ARG I 168 -31.23 -14.51 12.28
C ARG I 168 -32.39 -13.53 12.41
N PRO I 169 -32.61 -13.05 13.65
CA PRO I 169 -33.64 -12.11 14.12
C PRO I 169 -33.58 -10.71 13.54
N LYS I 170 -34.74 -10.08 13.44
CA LYS I 170 -34.88 -8.72 12.91
C LYS I 170 -35.71 -7.84 13.85
N GLY I 171 -36.14 -8.38 14.98
CA GLY I 171 -36.96 -7.61 15.92
C GLY I 171 -37.40 -8.38 17.15
N PHE I 172 -38.33 -7.81 17.91
CA PHE I 172 -38.81 -8.44 19.14
C PHE I 172 -40.31 -8.21 19.38
N LEU I 173 -41.01 -9.24 19.85
CA LEU I 173 -42.42 -9.15 20.12
C LEU I 173 -42.90 -9.90 21.37
N TRP I 174 -43.86 -9.33 22.06
CA TRP I 174 -44.42 -10.02 23.21
C TRP I 174 -45.46 -10.87 22.48
N THR I 175 -45.62 -12.12 22.87
CA THR I 175 -46.54 -13.02 22.19
C THR I 175 -47.32 -13.91 23.14
N ARG I 176 -48.42 -14.46 22.66
CA ARG I 176 -49.20 -15.38 23.46
C ARG I 176 -48.85 -16.70 22.82
N GLN I 177 -49.10 -17.80 23.51
CA GLN I 177 -48.76 -19.10 22.95
C GLN I 177 -49.66 -19.52 21.80
N SER I 178 -49.07 -19.97 20.70
CA SER I 178 -49.92 -20.46 19.61
C SER I 178 -50.66 -21.73 20.04
N VAL I 179 -51.97 -21.76 19.82
CA VAL I 179 -52.81 -22.90 20.19
C VAL I 179 -53.60 -23.44 18.99
N ARG I 180 -53.28 -24.63 18.53
CA ARG I 180 -54.00 -25.15 17.38
C ARG I 180 -54.51 -26.55 17.50
N ALA I 181 -55.44 -26.86 16.60
CA ALA I 181 -56.03 -28.19 16.49
C ALA I 181 -55.19 -28.91 15.43
N TYR I 182 -55.15 -30.22 15.52
CA TYR I 182 -54.35 -30.96 14.58
C TYR I 182 -55.15 -32.11 14.03
N GLU I 183 -54.67 -32.65 12.91
CA GLU I 183 -55.27 -33.81 12.28
C GLU I 183 -54.14 -34.85 12.40
N GLY I 184 -54.42 -35.97 13.05
CA GLY I 184 -53.39 -36.99 13.24
C GLY I 184 -53.13 -37.85 12.02
N VAL I 185 -52.55 -37.24 11.00
CA VAL I 185 -52.26 -37.94 9.76
C VAL I 185 -51.36 -39.16 9.97
N VAL I 186 -51.91 -40.34 9.64
CA VAL I 186 -51.21 -41.60 9.75
C VAL I 186 -51.17 -42.17 8.36
N ILE I 187 -49.97 -42.32 7.83
CA ILE I 187 -49.76 -42.80 6.49
C ILE I 187 -49.00 -44.12 6.47
N PRO I 188 -49.66 -45.21 6.03
CA PRO I 188 -49.04 -46.55 5.94
C PRO I 188 -47.75 -46.48 5.15
N GLY I 189 -46.79 -47.34 5.52
CA GLY I 189 -45.51 -47.37 4.85
C GLY I 189 -44.79 -48.69 4.95
N GLU I 190 -43.90 -48.92 3.98
CA GLU I 190 -43.08 -50.13 3.87
C GLU I 190 -41.61 -49.70 3.87
N ASP I 191 -40.86 -50.21 4.84
CA ASP I 191 -39.43 -49.89 4.96
C ASP I 191 -38.60 -50.67 3.93
N PRO I 192 -37.35 -50.24 3.66
CA PRO I 192 -36.47 -50.91 2.69
C PRO I 192 -36.45 -52.44 2.77
N MET I 193 -36.41 -53.00 3.97
CA MET I 193 -36.42 -54.46 4.09
C MET I 193 -37.74 -54.99 3.53
N GLY I 194 -38.85 -54.35 3.93
CA GLY I 194 -40.17 -54.75 3.49
C GLY I 194 -41.19 -54.69 4.62
N ARG I 195 -40.71 -54.53 5.85
CA ARG I 195 -41.57 -54.44 7.03
C ARG I 195 -42.42 -53.18 7.01
N PRO I 196 -43.73 -53.32 7.31
CA PRO I 196 -44.64 -52.17 7.32
C PRO I 196 -44.60 -51.45 8.67
N PHE I 197 -44.96 -50.18 8.63
CA PHE I 197 -44.98 -49.33 9.81
C PHE I 197 -45.94 -48.20 9.45
N TYR I 198 -46.23 -47.35 10.41
CA TYR I 198 -47.10 -46.20 10.14
C TYR I 198 -46.32 -44.91 10.31
N TRP I 199 -46.50 -43.98 9.38
CA TRP I 199 -45.85 -42.67 9.47
C TRP I 199 -46.83 -41.75 10.24
N PHE I 200 -46.56 -41.48 11.51
CA PHE I 200 -47.42 -40.57 12.27
C PHE I 200 -46.88 -39.18 11.95
N ALA I 201 -47.70 -38.35 11.33
CA ALA I 201 -47.28 -37.00 10.97
C ALA I 201 -48.44 -36.02 11.14
N PRO I 202 -48.58 -35.46 12.34
CA PRO I 202 -49.64 -34.51 12.66
C PRO I 202 -49.40 -33.14 12.04
N ARG I 203 -50.40 -32.63 11.34
CA ARG I 203 -50.28 -31.32 10.73
C ARG I 203 -51.35 -30.39 11.33
N PRO I 204 -50.99 -29.13 11.56
CA PRO I 204 -51.96 -28.18 12.12
C PRO I 204 -53.07 -27.82 11.14
N LEU I 205 -54.28 -27.69 11.64
CA LEU I 205 -55.40 -27.37 10.76
C LEU I 205 -55.41 -25.92 10.33
N LYS I 206 -54.42 -25.12 10.75
CA LYS I 206 -54.40 -23.72 10.35
C LYS I 206 -53.11 -23.01 10.67
N GLU I 207 -52.76 -22.03 9.84
CA GLU I 207 -51.53 -21.27 10.05
C GLU I 207 -51.61 -20.54 11.39
N ALA I 208 -50.47 -20.38 12.04
CA ALA I 208 -50.42 -19.70 13.33
C ALA I 208 -50.98 -18.28 13.20
N GLU I 209 -51.67 -17.81 14.23
CA GLU I 209 -52.26 -16.47 14.18
C GLU I 209 -51.26 -15.38 14.50
N GLU I 210 -51.50 -14.19 13.99
CA GLU I 210 -50.61 -13.08 14.27
C GLU I 210 -50.70 -12.89 15.77
N GLY I 211 -49.59 -12.52 16.39
CA GLY I 211 -49.59 -12.35 17.83
C GLY I 211 -49.11 -13.59 18.57
N THR I 212 -49.05 -14.74 17.90
CA THR I 212 -48.57 -15.96 18.56
C THR I 212 -47.06 -16.08 18.43
N ASP I 213 -46.45 -16.78 19.38
CA ASP I 213 -45.01 -16.97 19.36
C ASP I 213 -44.57 -17.61 18.05
N ARG I 214 -45.31 -18.63 17.62
CA ARG I 214 -44.96 -19.34 16.40
C ARG I 214 -44.95 -18.36 15.23
N TRP I 215 -45.97 -17.50 15.18
CA TRP I 215 -46.11 -16.50 14.13
C TRP I 215 -44.91 -15.59 14.09
N ALA I 216 -44.54 -15.07 15.26
CA ALA I 216 -43.41 -14.14 15.37
C ALA I 216 -42.06 -14.68 14.93
N VAL I 217 -41.74 -15.94 15.27
CA VAL I 217 -40.44 -16.47 14.84
C VAL I 217 -40.42 -16.68 13.33
N ALA I 218 -41.54 -17.12 12.77
CA ALA I 218 -41.65 -17.30 11.33
C ALA I 218 -41.38 -15.96 10.63
N GLN I 219 -41.84 -14.86 11.24
CA GLN I 219 -41.62 -13.52 10.69
C GLN I 219 -40.25 -12.94 11.01
N GLY I 220 -39.39 -13.72 11.65
CA GLY I 220 -38.06 -13.22 11.98
C GLY I 220 -37.98 -12.42 13.28
N PHE I 221 -39.02 -12.48 14.09
CA PHE I 221 -39.02 -11.73 15.34
C PHE I 221 -38.69 -12.59 16.54
N VAL I 222 -37.97 -12.03 17.50
CA VAL I 222 -37.70 -12.74 18.73
C VAL I 222 -39.09 -12.84 19.39
N SER I 223 -39.33 -13.93 20.11
CA SER I 223 -40.62 -14.11 20.73
C SER I 223 -40.50 -14.30 22.24
N ALA I 224 -41.32 -13.55 22.98
CA ALA I 224 -41.35 -13.64 24.44
C ALA I 224 -42.79 -13.79 24.86
N THR I 225 -43.08 -14.91 25.52
CA THR I 225 -44.42 -15.20 25.97
C THR I 225 -44.48 -15.31 27.48
N PRO I 226 -45.32 -14.48 28.11
CA PRO I 226 -45.37 -14.58 29.57
C PRO I 226 -46.17 -15.82 29.90
N LEU I 227 -45.61 -16.66 30.76
CA LEU I 227 -46.24 -17.91 31.12
C LEU I 227 -47.03 -17.88 32.44
N ARG I 228 -47.94 -18.83 32.58
CA ARG I 228 -48.77 -18.99 33.76
C ARG I 228 -48.39 -20.34 34.37
N LEU I 229 -48.66 -20.51 35.66
CA LEU I 229 -48.37 -21.76 36.34
C LEU I 229 -49.61 -22.63 36.53
N ASP I 230 -50.79 -22.03 36.37
CA ASP I 230 -52.02 -22.76 36.58
C ASP I 230 -52.59 -23.34 35.28
N LEU I 231 -52.64 -24.66 35.18
CA LEU I 231 -53.17 -25.31 33.98
C LEU I 231 -54.67 -25.45 34.07
N THR I 232 -55.25 -24.99 35.17
CA THR I 232 -56.69 -25.09 35.38
C THR I 232 -57.52 -24.33 34.37
N ASP I 233 -58.58 -24.96 33.87
CA ASP I 233 -59.45 -24.31 32.91
C ASP I 233 -60.61 -23.69 33.69
N GLU I 234 -60.33 -22.60 34.39
CA GLU I 234 -61.30 -21.90 35.22
C GLU I 234 -62.74 -21.75 34.69
N THR I 235 -62.91 -21.65 33.36
CA THR I 235 -64.24 -21.49 32.77
C THR I 235 -65.09 -22.75 32.74
N ARG I 236 -64.47 -23.92 32.57
CA ARG I 236 -65.20 -25.18 32.54
C ARG I 236 -65.13 -25.81 33.94
N LEU I 237 -64.89 -24.96 34.94
CA LEU I 237 -64.74 -25.38 36.32
C LEU I 237 -65.91 -24.93 37.18
N GLN I 238 -66.20 -23.64 37.11
CA GLN I 238 -67.26 -23.02 37.88
C GLN I 238 -68.53 -22.86 37.06
N MET J 1 -71.40 -44.74 21.61
CA MET J 1 -70.14 -44.16 21.05
C MET J 1 -68.97 -45.14 20.92
N ARG J 2 -67.82 -44.58 20.59
CA ARG J 2 -66.62 -45.37 20.42
C ARG J 2 -65.53 -44.71 21.23
N ILE J 3 -64.95 -45.49 22.14
CA ILE J 3 -63.92 -45.01 23.05
C ILE J 3 -62.53 -45.57 22.82
N LEU J 4 -61.55 -44.67 22.64
CA LEU J 4 -60.16 -45.12 22.48
C LEU J 4 -59.52 -45.11 23.88
N VAL J 5 -58.96 -46.25 24.28
CA VAL J 5 -58.35 -46.37 25.61
C VAL J 5 -56.88 -46.69 25.56
N THR J 6 -56.09 -45.92 26.29
CA THR J 6 -54.65 -46.15 26.33
C THR J 6 -54.04 -45.75 27.68
N ASN J 7 -52.71 -45.77 27.78
CA ASN J 7 -52.02 -45.38 29.01
C ASN J 7 -50.54 -45.14 28.74
N ASP J 8 -49.74 -45.08 29.80
CA ASP J 8 -48.32 -44.94 29.57
C ASP J 8 -47.56 -46.01 30.34
N ASP J 9 -48.29 -46.89 31.01
CA ASP J 9 -47.66 -47.97 31.79
C ASP J 9 -47.55 -49.28 31.02
N GLY J 10 -48.30 -49.42 29.94
CA GLY J 10 -48.19 -50.64 29.17
C GLY J 10 -49.40 -51.54 29.09
N ILE J 11 -49.44 -52.30 28.01
CA ILE J 11 -50.51 -53.23 27.71
C ILE J 11 -50.76 -54.22 28.85
N TYR J 12 -49.76 -54.44 29.71
CA TYR J 12 -49.90 -55.38 30.83
C TYR J 12 -50.33 -54.81 32.20
N SER J 13 -50.58 -53.52 32.27
CA SER J 13 -50.99 -52.86 33.51
C SER J 13 -52.44 -53.15 33.88
N PRO J 14 -52.71 -53.59 35.11
CA PRO J 14 -54.11 -53.86 35.46
C PRO J 14 -54.99 -52.60 35.36
N GLY J 15 -54.38 -51.43 35.54
CA GLY J 15 -55.15 -50.21 35.46
C GLY J 15 -55.70 -49.94 34.07
N LEU J 16 -55.01 -50.42 33.05
CA LEU J 16 -55.44 -50.24 31.67
C LEU J 16 -56.71 -51.04 31.42
N TRP J 17 -56.69 -52.31 31.80
CA TRP J 17 -57.84 -53.17 31.59
C TRP J 17 -59.04 -52.83 32.44
N ALA J 18 -58.77 -52.17 33.58
CA ALA J 18 -59.83 -51.77 34.48
C ALA J 18 -60.55 -50.60 33.86
N LEU J 19 -59.81 -49.69 33.23
CA LEU J 19 -60.46 -48.53 32.63
C LEU J 19 -61.16 -48.89 31.32
N ALA J 20 -60.74 -49.97 30.68
CA ALA J 20 -61.35 -50.39 29.45
C ALA J 20 -62.65 -51.09 29.80
N GLU J 21 -62.63 -51.87 30.87
CA GLU J 21 -63.84 -52.59 31.27
C GLU J 21 -64.92 -51.60 31.69
N ALA J 22 -64.52 -50.55 32.41
CA ALA J 22 -65.44 -49.53 32.90
C ALA J 22 -65.94 -48.62 31.77
N ALA J 23 -65.13 -48.48 30.74
CA ALA J 23 -65.49 -47.64 29.60
C ALA J 23 -66.49 -48.38 28.75
N SER J 24 -66.30 -49.69 28.63
CA SER J 24 -67.16 -50.55 27.83
C SER J 24 -68.59 -50.63 28.38
N GLN J 25 -68.95 -49.73 29.29
CA GLN J 25 -70.29 -49.71 29.84
C GLN J 25 -70.98 -48.49 29.24
N PHE J 26 -70.25 -47.76 28.38
CA PHE J 26 -70.79 -46.55 27.76
C PHE J 26 -70.57 -46.48 26.25
N GLY J 27 -69.85 -47.46 25.69
CA GLY J 27 -69.60 -47.47 24.25
C GLY J 27 -68.67 -48.61 23.86
N GLU J 28 -68.42 -48.77 22.55
CA GLU J 28 -67.51 -49.81 22.10
C GLU J 28 -66.09 -49.34 22.43
N VAL J 29 -65.31 -50.19 23.07
CA VAL J 29 -63.96 -49.83 23.48
C VAL J 29 -62.86 -50.49 22.67
N PHE J 30 -61.87 -49.68 22.33
CA PHE J 30 -60.72 -50.12 21.57
C PHE J 30 -59.49 -49.69 22.35
N VAL J 31 -58.48 -50.57 22.38
CA VAL J 31 -57.26 -50.33 23.14
C VAL J 31 -55.96 -50.29 22.34
N ALA J 32 -55.14 -49.29 22.63
CA ALA J 32 -53.84 -49.08 22.00
C ALA J 32 -52.88 -48.53 23.06
N ALA J 33 -52.04 -49.39 23.61
CA ALA J 33 -51.09 -48.98 24.64
C ALA J 33 -49.65 -49.17 24.18
N PRO J 34 -48.70 -48.47 24.82
CA PRO J 34 -47.27 -48.55 24.49
C PRO J 34 -46.52 -49.82 24.86
N ASP J 35 -45.23 -49.80 24.48
CA ASP J 35 -44.28 -50.88 24.72
C ASP J 35 -43.10 -50.36 25.56
N ALA J 48 -42.73 -36.14 12.64
CA ALA J 48 -42.80 -36.95 11.38
C ALA J 48 -41.96 -38.20 11.55
N HIS J 49 -42.53 -39.22 12.21
CA HIS J 49 -41.81 -40.46 12.50
C HIS J 49 -42.58 -41.74 12.25
N PRO J 50 -41.87 -42.90 12.22
CA PRO J 50 -42.41 -44.24 12.01
C PRO J 50 -42.80 -44.91 13.32
N VAL J 51 -43.91 -45.63 13.29
CA VAL J 51 -44.46 -46.29 14.45
C VAL J 51 -44.84 -47.73 14.09
N ARG J 52 -44.51 -48.69 14.96
CA ARG J 52 -44.85 -50.08 14.73
C ARG J 52 -45.92 -50.48 15.74
N ALA J 53 -46.81 -51.38 15.35
CA ALA J 53 -47.85 -51.79 16.26
C ALA J 53 -48.29 -53.22 15.96
N TYR J 54 -48.62 -54.00 16.99
CA TYR J 54 -49.03 -55.38 16.78
C TYR J 54 -50.33 -55.69 17.50
N PRO J 55 -51.13 -56.61 16.93
CA PRO J 55 -52.40 -56.97 17.57
C PRO J 55 -52.03 -57.64 18.88
N HIS J 56 -52.90 -57.51 19.86
CA HIS J 56 -52.67 -58.07 21.19
C HIS J 56 -54.03 -58.42 21.75
N PRO J 57 -54.29 -59.69 22.03
CA PRO J 57 -55.58 -60.09 22.57
C PRO J 57 -55.73 -59.63 24.01
N SER J 58 -56.94 -59.26 24.40
CA SER J 58 -57.19 -58.81 25.75
C SER J 58 -57.67 -59.96 26.61
N PRO J 59 -57.72 -59.76 27.94
CA PRO J 59 -58.17 -60.75 28.93
C PRO J 59 -59.67 -60.62 29.30
N PRO J 63 -64.79 -59.45 29.36
CA PRO J 63 -65.04 -59.17 27.92
C PRO J 63 -63.74 -59.03 27.14
N HIS J 64 -63.82 -59.25 25.82
CA HIS J 64 -62.65 -59.15 24.94
C HIS J 64 -62.74 -57.83 24.17
N PHE J 65 -61.62 -57.10 24.14
CA PHE J 65 -61.53 -55.81 23.45
C PHE J 65 -60.49 -55.90 22.34
N PRO J 66 -60.72 -55.23 21.21
CA PRO J 66 -59.68 -55.31 20.17
C PRO J 66 -58.52 -54.46 20.72
N ALA J 67 -57.29 -54.95 20.61
CA ALA J 67 -56.17 -54.20 21.17
C ALA J 67 -54.88 -54.35 20.40
N TYR J 68 -54.03 -53.34 20.52
CA TYR J 68 -52.73 -53.26 19.86
C TYR J 68 -51.66 -52.74 20.83
N ARG J 69 -50.43 -53.21 20.69
CA ARG J 69 -49.35 -52.72 21.52
C ARG J 69 -48.53 -51.91 20.53
N VAL J 70 -48.27 -50.66 20.88
CA VAL J 70 -47.58 -49.73 20.02
C VAL J 70 -46.18 -49.42 20.44
N ARG J 71 -45.21 -49.72 19.60
CA ARG J 71 -43.83 -49.40 19.93
C ARG J 71 -43.68 -47.93 19.65
N GLY J 72 -44.21 -47.13 20.56
CA GLY J 72 -44.13 -45.68 20.41
C GLY J 72 -44.65 -45.04 21.65
N THR J 73 -44.75 -43.72 21.65
CA THR J 73 -45.24 -42.95 22.77
C THR J 73 -46.76 -43.09 22.96
N PRO J 74 -47.29 -42.52 24.05
CA PRO J 74 -48.74 -42.61 24.28
C PRO J 74 -49.46 -41.72 23.25
N ALA J 75 -48.83 -40.61 22.86
CA ALA J 75 -49.45 -39.75 21.87
C ALA J 75 -49.53 -40.57 20.60
N ASP J 76 -48.48 -41.34 20.33
CA ASP J 76 -48.44 -42.20 19.14
C ASP J 76 -49.63 -43.12 19.22
N CYS J 77 -49.79 -43.75 20.38
CA CYS J 77 -50.89 -44.66 20.58
C CYS J 77 -52.21 -44.03 20.19
N VAL J 78 -52.33 -42.73 20.43
CA VAL J 78 -53.58 -42.08 20.13
C VAL J 78 -53.74 -41.82 18.64
N ALA J 79 -52.67 -41.36 18.00
CA ALA J 79 -52.77 -41.10 16.57
C ALA J 79 -53.03 -42.41 15.84
N LEU J 80 -52.33 -43.45 16.23
CA LEU J 80 -52.52 -44.73 15.59
C LEU J 80 -53.91 -45.32 15.82
N GLY J 81 -54.39 -45.20 17.06
CA GLY J 81 -55.70 -45.72 17.41
C GLY J 81 -56.79 -45.04 16.66
N LEU J 82 -56.68 -43.73 16.44
CA LEU J 82 -57.73 -43.06 15.71
C LEU J 82 -57.76 -43.49 14.25
N HIS J 83 -56.63 -44.01 13.76
CA HIS J 83 -56.54 -44.49 12.39
C HIS J 83 -57.13 -45.89 12.27
N LEU J 84 -56.69 -46.78 13.16
CA LEU J 84 -57.12 -48.15 13.22
C LEU J 84 -58.61 -48.34 13.52
N PHE J 85 -59.13 -47.61 14.49
CA PHE J 85 -60.55 -47.75 14.86
C PHE J 85 -61.33 -46.46 14.68
N GLY J 86 -60.82 -45.51 13.92
CA GLY J 86 -61.58 -44.27 13.77
C GLY J 86 -62.94 -44.59 13.17
N PRO J 87 -63.96 -43.74 13.39
CA PRO J 87 -63.89 -42.53 14.21
C PRO J 87 -64.09 -42.90 15.67
N VAL J 88 -63.57 -42.06 16.56
CA VAL J 88 -63.67 -42.27 18.00
C VAL J 88 -64.30 -41.01 18.59
N ASP J 89 -65.07 -41.18 19.67
CA ASP J 89 -65.75 -40.04 20.31
C ASP J 89 -65.01 -39.61 21.54
N LEU J 90 -64.21 -40.50 22.08
CA LEU J 90 -63.52 -40.17 23.30
C LEU J 90 -62.23 -40.92 23.48
N VAL J 91 -61.25 -40.22 24.04
CA VAL J 91 -59.96 -40.78 24.33
C VAL J 91 -59.76 -40.81 25.87
N LEU J 92 -59.54 -41.99 26.41
CA LEU J 92 -59.32 -42.13 27.85
C LEU J 92 -57.89 -42.66 28.07
N SER J 93 -57.17 -42.06 29.02
CA SER J 93 -55.79 -42.49 29.30
C SER J 93 -55.66 -42.93 30.75
N GLY J 94 -55.17 -44.16 30.94
CA GLY J 94 -54.99 -44.70 32.29
C GLY J 94 -55.59 -46.10 32.50
N VAL J 95 -55.94 -46.45 33.73
CA VAL J 95 -55.75 -45.54 34.88
C VAL J 95 -54.31 -45.73 35.36
N ASN J 96 -53.54 -44.65 35.31
CA ASN J 96 -52.15 -44.71 35.69
C ASN J 96 -51.96 -45.27 37.07
N LEU J 97 -50.89 -46.03 37.25
CA LEU J 97 -50.64 -46.60 38.57
C LEU J 97 -49.65 -45.69 39.24
N GLY J 98 -50.15 -44.51 39.62
CA GLY J 98 -49.37 -43.48 40.27
C GLY J 98 -50.23 -42.22 40.13
N SER J 99 -50.06 -41.27 41.02
CA SER J 99 -50.89 -40.08 40.94
C SER J 99 -50.37 -39.02 39.97
N ASN J 100 -51.27 -38.15 39.52
CA ASN J 100 -50.93 -37.05 38.63
C ASN J 100 -51.68 -35.84 39.14
N LEU J 101 -51.11 -35.29 40.19
CA LEU J 101 -51.67 -34.15 40.89
C LEU J 101 -50.77 -32.93 40.88
N GLY J 102 -51.42 -31.78 40.93
CA GLY J 102 -50.69 -30.53 40.96
C GLY J 102 -49.57 -30.39 39.95
N HIS J 103 -48.41 -29.97 40.44
CA HIS J 103 -47.25 -29.74 39.58
C HIS J 103 -46.96 -30.92 38.63
N GLU J 104 -47.29 -32.11 39.08
CA GLU J 104 -47.07 -33.33 38.31
C GLU J 104 -47.80 -33.41 36.97
N ILE J 105 -48.83 -32.59 36.77
CA ILE J 105 -49.59 -32.65 35.52
C ILE J 105 -48.78 -32.26 34.30
N TRP J 106 -47.77 -31.41 34.50
CA TRP J 106 -46.91 -30.94 33.41
C TRP J 106 -46.17 -32.02 32.63
N HIS J 107 -45.61 -33.00 33.31
CA HIS J 107 -44.85 -34.04 32.62
C HIS J 107 -45.49 -35.40 32.70
N SER J 108 -46.79 -35.43 32.88
CA SER J 108 -47.47 -36.71 32.96
C SER J 108 -47.72 -37.31 31.58
N GLY J 109 -47.27 -38.54 31.44
CA GLY J 109 -47.47 -39.26 30.20
C GLY J 109 -48.93 -39.61 30.02
N THR J 110 -49.62 -39.87 31.14
CA THR J 110 -51.01 -40.22 31.05
C THR J 110 -51.78 -38.99 30.59
N VAL J 111 -51.38 -37.84 31.10
CA VAL J 111 -52.02 -36.60 30.71
C VAL J 111 -51.67 -36.25 29.25
N ALA J 112 -50.45 -36.51 28.83
CA ALA J 112 -50.02 -36.21 27.46
C ALA J 112 -50.86 -36.95 26.39
N ALA J 113 -51.23 -38.21 26.67
CA ALA J 113 -52.03 -38.97 25.74
C ALA J 113 -53.43 -38.34 25.70
N ALA J 114 -53.94 -37.95 26.86
CA ALA J 114 -55.27 -37.36 26.84
C ALA J 114 -55.22 -36.08 26.06
N LYS J 115 -54.22 -35.27 26.36
CA LYS J 115 -54.08 -34.00 25.67
C LYS J 115 -54.03 -34.23 24.15
N GLN J 116 -53.28 -35.25 23.71
CA GLN J 116 -53.20 -35.54 22.29
C GLN J 116 -54.60 -35.75 21.67
N GLY J 117 -55.42 -36.56 22.33
CA GLY J 117 -56.76 -36.78 21.84
C GLY J 117 -57.52 -35.47 21.77
N TYR J 118 -57.24 -34.58 22.72
CA TYR J 118 -57.92 -33.31 22.73
C TYR J 118 -57.48 -32.43 21.56
N LEU J 119 -56.19 -32.40 21.27
CA LEU J 119 -55.69 -31.61 20.14
C LEU J 119 -56.21 -32.16 18.82
N PHE J 120 -56.85 -33.32 18.85
CA PHE J 120 -57.39 -33.91 17.63
C PHE J 120 -58.88 -33.61 17.54
N GLY J 121 -59.37 -32.86 18.52
CA GLY J 121 -60.78 -32.49 18.54
C GLY J 121 -61.70 -33.47 19.24
N LEU J 122 -61.15 -34.41 20.01
CA LEU J 122 -62.00 -35.37 20.70
C LEU J 122 -62.05 -35.07 22.19
N SER J 123 -63.05 -35.58 22.89
CA SER J 123 -63.08 -35.37 24.33
C SER J 123 -62.08 -36.34 24.90
N ALA J 124 -61.44 -35.98 26.00
CA ALA J 124 -60.43 -36.85 26.58
C ALA J 124 -60.24 -36.68 28.08
N ALA J 125 -59.93 -37.77 28.75
CA ALA J 125 -59.73 -37.73 30.20
C ALA J 125 -58.65 -38.69 30.64
N ALA J 126 -57.87 -38.25 31.61
CA ALA J 126 -56.79 -39.05 32.17
C ALA J 126 -57.26 -39.51 33.56
N PHE J 127 -56.89 -40.72 33.95
CA PHE J 127 -57.25 -41.26 35.25
C PHE J 127 -55.97 -41.74 35.92
N SER J 128 -55.81 -41.40 37.19
CA SER J 128 -54.65 -41.82 37.97
C SER J 128 -55.06 -42.16 39.41
N VAL J 129 -54.33 -43.06 40.04
CA VAL J 129 -54.59 -43.41 41.42
C VAL J 129 -53.25 -43.28 42.13
N PRO J 130 -53.25 -42.78 43.38
CA PRO J 130 -52.08 -42.59 44.24
C PRO J 130 -51.42 -43.90 44.61
N LEU J 131 -50.11 -43.90 44.76
CA LEU J 131 -49.40 -45.13 45.08
C LEU J 131 -48.40 -45.15 46.24
N ASN J 132 -47.40 -45.99 46.05
CA ASN J 132 -46.31 -46.25 46.98
C ASN J 132 -46.79 -46.86 48.28
N GLY J 133 -46.75 -48.19 48.30
CA GLY J 133 -47.19 -48.94 49.45
C GLY J 133 -48.30 -49.89 49.06
N GLU J 134 -49.51 -49.34 48.95
CA GLU J 134 -50.67 -50.12 48.60
C GLU J 134 -50.87 -50.07 47.11
N VAL J 135 -51.29 -51.19 46.55
CA VAL J 135 -51.56 -51.24 45.13
C VAL J 135 -53.07 -51.06 45.06
N PRO J 136 -53.59 -50.50 43.97
CA PRO J 136 -55.05 -50.33 43.91
C PRO J 136 -55.92 -51.59 43.79
N ASP J 137 -57.08 -51.50 44.41
CA ASP J 137 -58.11 -52.55 44.39
C ASP J 137 -59.07 -52.02 43.32
N PHE J 138 -58.96 -52.54 42.09
CA PHE J 138 -59.83 -52.01 41.04
C PHE J 138 -61.31 -52.37 41.14
N ALA J 139 -61.61 -53.54 41.70
CA ALA J 139 -63.01 -53.93 41.89
C ALA J 139 -63.62 -52.94 42.86
N GLY J 140 -62.80 -52.47 43.80
CA GLY J 140 -63.24 -51.48 44.77
C GLY J 140 -63.40 -50.09 44.15
N LEU J 141 -62.85 -49.92 42.95
CA LEU J 141 -62.94 -48.61 42.29
C LEU J 141 -63.93 -48.63 41.13
N ARG J 142 -64.29 -49.81 40.64
CA ARG J 142 -65.20 -49.92 39.50
C ARG J 142 -66.44 -49.02 39.61
N PRO J 143 -67.04 -48.89 40.80
CA PRO J 143 -68.22 -48.05 40.99
C PRO J 143 -67.90 -46.56 40.84
N TRP J 144 -66.70 -46.19 41.29
CA TRP J 144 -66.31 -44.80 41.21
C TRP J 144 -65.82 -44.40 39.84
N LEU J 145 -65.21 -45.33 39.11
CA LEU J 145 -64.76 -45.02 37.76
C LEU J 145 -66.04 -44.75 36.99
N LEU J 146 -66.99 -45.66 37.18
CA LEU J 146 -68.28 -45.58 36.52
C LEU J 146 -69.01 -44.31 36.79
N ARG J 147 -69.11 -43.95 38.06
CA ARG J 147 -69.81 -42.71 38.44
C ARG J 147 -69.07 -41.54 37.77
N THR J 148 -67.74 -41.59 37.82
CA THR J 148 -66.88 -40.57 37.22
C THR J 148 -67.04 -40.54 35.69
N LEU J 149 -66.98 -41.71 35.08
CA LEU J 149 -67.16 -41.79 33.64
C LEU J 149 -68.52 -41.25 33.24
N GLU J 150 -69.56 -41.65 33.97
CA GLU J 150 -70.93 -41.19 33.68
C GLU J 150 -70.99 -39.67 33.76
N THR J 151 -70.35 -39.11 34.79
CA THR J 151 -70.34 -37.67 34.96
C THR J 151 -69.64 -37.01 33.77
N LEU J 152 -68.45 -37.50 33.43
CA LEU J 152 -67.69 -36.91 32.34
C LEU J 152 -68.46 -36.89 31.05
N LEU J 153 -69.05 -38.01 30.67
CA LEU J 153 -69.81 -38.06 29.43
C LEU J 153 -70.85 -36.94 29.33
N ARG J 154 -71.63 -36.76 30.39
CA ARG J 154 -72.66 -35.71 30.42
C ARG J 154 -72.11 -34.28 30.22
N LEU J 155 -70.78 -34.16 30.12
CA LEU J 155 -70.11 -32.86 29.94
C LEU J 155 -70.30 -32.27 28.56
N GLU J 156 -69.98 -30.99 28.43
CA GLU J 156 -70.07 -30.35 27.13
C GLU J 156 -68.75 -30.55 26.38
N ARG J 157 -68.85 -31.22 25.24
CA ARG J 157 -67.71 -31.56 24.41
C ARG J 157 -67.29 -30.53 23.37
N PRO J 158 -65.99 -30.53 23.01
CA PRO J 158 -65.01 -31.45 23.55
C PRO J 158 -64.57 -31.01 24.95
N PHE J 159 -64.03 -31.96 25.72
CA PHE J 159 -63.54 -31.68 27.06
C PHE J 159 -62.19 -32.38 27.29
N LEU J 160 -61.38 -31.79 28.16
CA LEU J 160 -60.06 -32.32 28.55
C LEU J 160 -60.00 -32.25 30.08
N VAL J 161 -60.24 -33.38 30.75
CA VAL J 161 -60.22 -33.43 32.22
C VAL J 161 -59.26 -34.40 32.89
N ASN J 162 -58.56 -33.91 33.92
CA ASN J 162 -57.62 -34.74 34.67
C ASN J 162 -58.28 -35.28 35.92
N VAL J 163 -58.29 -36.60 36.04
CA VAL J 163 -58.92 -37.28 37.15
C VAL J 163 -58.00 -38.13 38.01
N ASN J 164 -57.98 -37.82 39.29
CA ASN J 164 -57.23 -38.61 40.26
C ASN J 164 -58.25 -39.21 41.22
N LEU J 165 -58.15 -40.51 41.43
CA LEU J 165 -59.05 -41.21 42.33
C LEU J 165 -58.29 -41.71 43.54
N PRO J 166 -58.79 -41.45 44.77
CA PRO J 166 -58.05 -41.98 45.93
C PRO J 166 -58.30 -43.50 45.97
N LEU J 167 -57.50 -44.23 46.74
CA LEU J 167 -57.64 -45.68 46.81
C LEU J 167 -59.02 -46.24 47.14
N ARG J 168 -59.82 -45.46 47.86
CA ARG J 168 -61.20 -45.85 48.22
C ARG J 168 -61.99 -44.54 48.37
N PRO J 169 -62.53 -44.04 47.26
CA PRO J 169 -63.30 -42.78 47.25
C PRO J 169 -64.48 -42.80 48.21
N LYS J 170 -65.06 -41.62 48.43
CA LYS J 170 -66.22 -41.43 49.29
C LYS J 170 -67.01 -40.25 48.71
N GLY J 171 -66.67 -39.86 47.48
CA GLY J 171 -67.35 -38.74 46.83
C GLY J 171 -66.56 -38.13 45.70
N PHE J 172 -67.26 -37.44 44.80
CA PHE J 172 -66.67 -36.79 43.63
C PHE J 172 -66.75 -35.26 43.73
N LEU J 173 -65.71 -34.57 43.24
CA LEU J 173 -65.65 -33.11 43.29
C LEU J 173 -64.85 -32.56 42.13
N TRP J 174 -65.28 -31.42 41.59
CA TRP J 174 -64.53 -30.81 40.50
C TRP J 174 -63.46 -29.96 41.15
N THR J 175 -62.25 -29.97 40.61
CA THR J 175 -61.19 -29.19 41.22
C THR J 175 -60.35 -28.37 40.30
N ARG J 176 -59.57 -27.49 40.93
CA ARG J 176 -58.63 -26.63 40.26
C ARG J 176 -57.29 -27.27 40.59
N GLN J 177 -56.27 -27.01 39.79
CA GLN J 177 -54.98 -27.59 40.05
C GLN J 177 -54.30 -26.91 41.24
N SER J 178 -53.64 -27.71 42.06
CA SER J 178 -52.90 -27.20 43.19
C SER J 178 -51.64 -26.54 42.63
N VAL J 179 -51.42 -25.29 43.01
CA VAL J 179 -50.25 -24.54 42.58
C VAL J 179 -49.58 -24.03 43.83
N ARG J 180 -48.33 -24.41 44.05
CA ARG J 180 -47.67 -23.96 45.26
C ARG J 180 -46.23 -23.54 45.10
N ALA J 181 -45.80 -22.61 45.95
CA ALA J 181 -44.42 -22.14 45.96
C ALA J 181 -43.63 -23.21 46.72
N TYR J 182 -42.30 -23.17 46.61
CA TYR J 182 -41.48 -24.16 47.27
C TYR J 182 -40.19 -23.58 47.85
N GLU J 183 -39.55 -24.36 48.70
CA GLU J 183 -38.30 -23.96 49.30
C GLU J 183 -37.32 -25.02 48.79
N GLY J 184 -36.30 -24.58 48.07
CA GLY J 184 -35.33 -25.52 47.54
C GLY J 184 -34.43 -26.11 48.61
N VAL J 185 -35.02 -26.86 49.55
CA VAL J 185 -34.24 -27.46 50.62
C VAL J 185 -33.09 -28.30 50.08
N VAL J 186 -31.87 -27.98 50.49
CA VAL J 186 -30.69 -28.70 50.04
C VAL J 186 -29.80 -28.94 51.24
N ILE J 187 -29.56 -30.21 51.52
CA ILE J 187 -28.78 -30.61 52.66
C ILE J 187 -27.63 -31.53 52.29
N PRO J 188 -26.40 -31.16 52.70
CA PRO J 188 -25.24 -31.99 52.39
C PRO J 188 -25.39 -33.33 53.09
N GLY J 189 -24.69 -34.34 52.59
CA GLY J 189 -24.79 -35.64 53.22
C GLY J 189 -23.90 -36.58 52.45
N GLU J 190 -23.76 -37.81 52.95
CA GLU J 190 -22.94 -38.80 52.26
C GLU J 190 -23.50 -40.20 52.43
N ASP J 191 -23.07 -41.09 51.56
CA ASP J 191 -23.52 -42.47 51.60
C ASP J 191 -22.54 -43.22 52.49
N PRO J 192 -22.95 -44.38 53.01
CA PRO J 192 -22.05 -45.15 53.88
C PRO J 192 -20.62 -45.24 53.35
N MET J 193 -20.47 -45.47 52.05
CA MET J 193 -19.13 -45.58 51.47
C MET J 193 -18.26 -44.32 51.54
N GLY J 194 -18.74 -43.27 52.20
CA GLY J 194 -17.95 -42.05 52.33
C GLY J 194 -17.99 -41.04 51.19
N ARG J 195 -18.74 -41.31 50.13
CA ARG J 195 -18.85 -40.35 49.03
C ARG J 195 -19.84 -39.27 49.43
N PRO J 196 -19.48 -37.99 49.26
CA PRO J 196 -20.38 -36.90 49.61
C PRO J 196 -21.39 -36.62 48.50
N PHE J 197 -22.53 -36.04 48.87
CA PHE J 197 -23.59 -35.72 47.92
C PHE J 197 -24.59 -34.73 48.53
N TYR J 198 -25.59 -34.33 47.75
CA TYR J 198 -26.59 -33.39 48.24
C TYR J 198 -27.98 -33.98 48.18
N TRP J 199 -28.74 -33.73 49.25
CA TRP J 199 -30.12 -34.18 49.36
C TRP J 199 -31.03 -33.08 48.85
N PHE J 200 -31.71 -33.30 47.73
CA PHE J 200 -32.63 -32.30 47.24
C PHE J 200 -33.98 -32.74 47.74
N ALA J 201 -34.58 -31.93 48.60
CA ALA J 201 -35.90 -32.26 49.16
C ALA J 201 -36.73 -30.99 49.21
N PRO J 202 -37.33 -30.64 48.08
CA PRO J 202 -38.17 -29.44 47.97
C PRO J 202 -39.44 -29.62 48.78
N ARG J 203 -39.81 -28.60 49.56
CA ARG J 203 -41.02 -28.66 50.38
C ARG J 203 -41.91 -27.47 50.13
N PRO J 204 -43.18 -27.70 49.85
CA PRO J 204 -44.11 -26.60 49.59
C PRO J 204 -44.22 -25.69 50.81
N LEU J 205 -44.65 -24.44 50.58
CA LEU J 205 -44.80 -23.45 51.64
C LEU J 205 -46.22 -23.36 52.21
N LYS J 206 -46.91 -24.49 52.28
CA LYS J 206 -48.27 -24.57 52.81
C LYS J 206 -48.99 -25.75 52.19
N GLU J 207 -49.92 -26.32 52.94
CA GLU J 207 -50.66 -27.46 52.43
C GLU J 207 -51.60 -26.98 51.32
N ALA J 208 -52.02 -27.89 50.46
CA ALA J 208 -52.89 -27.51 49.37
C ALA J 208 -54.21 -26.93 49.85
N GLU J 209 -54.62 -25.84 49.22
CA GLU J 209 -55.86 -25.18 49.54
C GLU J 209 -57.03 -26.13 49.33
N GLU J 210 -58.25 -25.67 49.61
CA GLU J 210 -59.45 -26.49 49.42
C GLU J 210 -59.94 -26.28 48.01
N GLY J 211 -60.61 -27.28 47.47
CA GLY J 211 -61.11 -27.18 46.10
C GLY J 211 -60.04 -27.53 45.09
N THR J 212 -58.82 -27.75 45.58
CA THR J 212 -57.71 -28.11 44.73
C THR J 212 -57.63 -29.62 44.68
N ASP J 213 -57.27 -30.13 43.50
CA ASP J 213 -57.15 -31.56 43.29
C ASP J 213 -56.39 -32.31 44.39
N ARG J 214 -55.32 -31.72 44.89
CA ARG J 214 -54.52 -32.37 45.91
C ARG J 214 -55.26 -32.47 47.23
N TRP J 215 -56.03 -31.42 47.55
CA TRP J 215 -56.80 -31.39 48.78
C TRP J 215 -57.88 -32.47 48.75
N ALA J 216 -58.65 -32.48 47.67
CA ALA J 216 -59.71 -33.43 47.50
C ALA J 216 -59.23 -34.86 47.77
N VAL J 217 -58.23 -35.30 47.00
CA VAL J 217 -57.69 -36.64 47.14
C VAL J 217 -57.33 -36.97 48.60
N ALA J 218 -56.75 -36.01 49.30
CA ALA J 218 -56.39 -36.22 50.71
C ALA J 218 -57.64 -36.44 51.58
N GLN J 219 -58.73 -35.77 51.21
CA GLN J 219 -60.00 -35.86 51.91
C GLN J 219 -60.77 -37.09 51.43
N GLY J 220 -60.10 -37.97 50.70
CA GLY J 220 -60.78 -39.15 50.20
C GLY J 220 -61.73 -38.89 49.03
N PHE J 221 -61.54 -37.77 48.34
CA PHE J 221 -62.41 -37.45 47.20
C PHE J 221 -61.81 -37.67 45.79
N VAL J 222 -62.65 -38.09 44.86
CA VAL J 222 -62.19 -38.25 43.49
C VAL J 222 -62.06 -36.82 42.95
N SER J 223 -60.93 -36.52 42.30
CA SER J 223 -60.68 -35.19 41.78
C SER J 223 -60.77 -35.08 40.26
N ALA J 224 -61.49 -34.08 39.77
CA ALA J 224 -61.67 -33.91 38.34
C ALA J 224 -61.42 -32.47 37.95
N THR J 225 -60.23 -32.23 37.39
CA THR J 225 -59.82 -30.90 36.97
C THR J 225 -59.94 -30.68 35.48
N PRO J 226 -60.57 -29.58 35.09
CA PRO J 226 -60.64 -29.40 33.63
C PRO J 226 -59.32 -28.71 33.32
N LEU J 227 -58.61 -29.14 32.28
CA LEU J 227 -57.30 -28.53 31.96
C LEU J 227 -57.34 -27.63 30.74
N ARG J 228 -56.59 -26.54 30.76
CA ARG J 228 -56.58 -25.65 29.61
C ARG J 228 -55.36 -25.97 28.75
N LEU J 229 -55.42 -25.61 27.48
CA LEU J 229 -54.30 -25.85 26.57
C LEU J 229 -53.31 -24.70 26.49
N ASP J 230 -53.82 -23.48 26.63
CA ASP J 230 -53.02 -22.26 26.52
C ASP J 230 -52.27 -21.89 27.80
N LEU J 231 -50.96 -21.77 27.73
CA LEU J 231 -50.17 -21.44 28.92
C LEU J 231 -49.78 -19.97 28.97
N THR J 232 -50.41 -19.14 28.14
CA THR J 232 -50.10 -17.73 28.22
C THR J 232 -50.64 -17.10 29.51
N ASP J 233 -49.96 -16.08 30.01
CA ASP J 233 -50.46 -15.36 31.17
C ASP J 233 -51.02 -14.13 30.47
N GLU J 234 -52.32 -14.13 30.14
CA GLU J 234 -52.90 -12.97 29.45
C GLU J 234 -52.69 -11.66 30.19
N THR J 235 -52.70 -11.71 31.52
CA THR J 235 -52.50 -10.51 32.36
C THR J 235 -51.19 -9.80 32.08
N ARG J 236 -50.22 -10.46 31.44
CA ARG J 236 -48.94 -9.80 31.15
C ARG J 236 -48.81 -9.34 29.69
N LEU J 237 -49.95 -9.29 28.99
CA LEU J 237 -50.05 -8.87 27.60
C LEU J 237 -51.26 -7.94 27.43
N MET K 1 -4.24 -43.11 5.24
CA MET K 1 -5.50 -43.87 5.56
C MET K 1 -6.66 -42.95 5.93
N ARG K 2 -7.83 -43.57 6.05
CA ARG K 2 -9.02 -42.80 6.38
C ARG K 2 -9.59 -43.32 7.68
N ILE K 3 -10.01 -42.38 8.51
CA ILE K 3 -10.53 -42.71 9.81
C ILE K 3 -11.83 -42.02 10.12
N LEU K 4 -12.82 -42.83 10.54
CA LEU K 4 -14.11 -42.31 10.94
C LEU K 4 -13.99 -42.21 12.47
N VAL K 5 -14.32 -41.04 13.01
CA VAL K 5 -14.23 -40.84 14.44
C VAL K 5 -15.61 -40.51 14.96
N THR K 6 -15.99 -41.20 16.03
CA THR K 6 -17.29 -41.02 16.63
C THR K 6 -17.18 -41.19 18.15
N ASN K 7 -18.28 -41.00 18.85
CA ASN K 7 -18.32 -41.16 20.30
C ASN K 7 -19.77 -41.32 20.70
N ASP K 8 -20.04 -41.05 21.96
CA ASP K 8 -21.39 -41.11 22.49
C ASP K 8 -21.66 -39.92 23.42
N ASP K 9 -20.67 -39.08 23.67
CA ASP K 9 -20.92 -37.94 24.54
C ASP K 9 -21.54 -36.82 23.71
N GLY K 10 -21.48 -36.95 22.40
CA GLY K 10 -22.07 -35.94 21.56
C GLY K 10 -21.11 -35.08 20.78
N ILE K 11 -21.62 -34.54 19.69
CA ILE K 11 -20.85 -33.70 18.79
C ILE K 11 -20.16 -32.48 19.46
N TYR K 12 -20.44 -32.21 20.74
CA TYR K 12 -19.80 -31.04 21.36
C TYR K 12 -18.77 -31.40 22.43
N SER K 13 -18.58 -32.69 22.68
CA SER K 13 -17.60 -33.16 23.65
C SER K 13 -16.20 -32.76 23.22
N PRO K 14 -15.39 -32.26 24.16
CA PRO K 14 -14.04 -31.88 23.77
C PRO K 14 -13.18 -33.11 23.50
N GLY K 15 -13.61 -34.27 24.00
CA GLY K 15 -12.85 -35.48 23.76
C GLY K 15 -12.96 -35.99 22.32
N LEU K 16 -14.13 -35.85 21.72
CA LEU K 16 -14.32 -36.30 20.35
C LEU K 16 -13.32 -35.57 19.46
N TRP K 17 -13.27 -34.26 19.61
CA TRP K 17 -12.38 -33.45 18.81
C TRP K 17 -10.90 -33.69 19.15
N ALA K 18 -10.61 -33.95 20.41
CA ALA K 18 -9.23 -34.25 20.79
C ALA K 18 -8.82 -35.55 20.08
N LEU K 19 -9.72 -36.54 20.04
CA LEU K 19 -9.43 -37.80 19.38
C LEU K 19 -9.33 -37.62 17.87
N ALA K 20 -10.21 -36.79 17.32
CA ALA K 20 -10.19 -36.56 15.88
C ALA K 20 -8.88 -35.93 15.45
N GLU K 21 -8.41 -34.98 16.25
CA GLU K 21 -7.18 -34.26 15.93
C GLU K 21 -5.96 -35.17 16.01
N ALA K 22 -5.94 -36.08 16.97
CA ALA K 22 -4.81 -36.98 17.11
C ALA K 22 -4.79 -37.96 15.95
N ALA K 23 -5.97 -38.36 15.51
CA ALA K 23 -6.09 -39.30 14.40
C ALA K 23 -5.69 -38.62 13.08
N SER K 24 -5.81 -37.29 13.01
CA SER K 24 -5.44 -36.58 11.79
C SER K 24 -3.93 -36.74 11.50
N GLN K 25 -3.15 -36.90 12.55
CA GLN K 25 -1.72 -37.11 12.42
C GLN K 25 -1.45 -38.41 11.66
N PHE K 26 -2.51 -39.21 11.44
CA PHE K 26 -2.31 -40.48 10.77
C PHE K 26 -2.98 -40.64 9.44
N GLY K 27 -3.91 -39.73 9.11
CA GLY K 27 -4.61 -39.85 7.83
C GLY K 27 -5.80 -38.89 7.74
N GLU K 28 -6.65 -39.11 6.74
CA GLU K 28 -7.82 -38.26 6.56
C GLU K 28 -8.83 -38.63 7.65
N VAL K 29 -9.37 -37.64 8.34
CA VAL K 29 -10.31 -37.91 9.42
C VAL K 29 -11.71 -37.37 9.18
N PHE K 30 -12.70 -38.21 9.47
CA PHE K 30 -14.10 -37.82 9.32
C PHE K 30 -14.86 -38.04 10.61
N VAL K 31 -15.75 -37.11 10.94
CA VAL K 31 -16.52 -37.23 12.17
C VAL K 31 -18.02 -37.34 11.95
N ALA K 32 -18.65 -38.18 12.75
CA ALA K 32 -20.10 -38.34 12.73
C ALA K 32 -20.44 -38.76 14.15
N ALA K 33 -20.89 -37.81 14.95
CA ALA K 33 -21.25 -38.07 16.34
C ALA K 33 -22.70 -37.71 16.59
N PRO K 34 -23.26 -38.23 17.68
CA PRO K 34 -24.66 -37.94 18.02
C PRO K 34 -24.88 -36.47 18.38
N ASP K 35 -26.13 -36.04 18.31
CA ASP K 35 -26.54 -34.66 18.62
C ASP K 35 -26.69 -34.44 20.12
N THR K 36 -27.17 -35.47 20.81
CA THR K 36 -27.42 -35.45 22.26
C THR K 36 -26.10 -35.56 23.05
N ILE K 45 -31.72 -51.25 17.93
CA ILE K 45 -32.70 -52.11 17.18
C ILE K 45 -32.19 -52.49 15.79
N THR K 46 -32.65 -53.64 15.29
CA THR K 46 -32.16 -54.11 14.00
C THR K 46 -33.12 -54.03 12.81
N ILE K 47 -34.35 -53.57 13.04
CA ILE K 47 -35.24 -53.43 11.91
C ILE K 47 -34.79 -52.11 11.28
N ALA K 48 -35.07 -51.94 10.00
CA ALA K 48 -34.69 -50.70 9.35
C ALA K 48 -35.27 -49.55 10.18
N HIS K 49 -34.54 -48.44 10.29
CA HIS K 49 -35.07 -47.30 11.03
C HIS K 49 -34.46 -46.04 10.49
N PRO K 50 -35.27 -44.98 10.38
CA PRO K 50 -34.86 -43.67 9.88
C PRO K 50 -33.89 -43.00 10.83
N VAL K 51 -32.93 -42.30 10.25
CA VAL K 51 -31.90 -41.59 10.96
C VAL K 51 -31.58 -40.33 10.18
N ARG K 52 -31.66 -39.19 10.84
CA ARG K 52 -31.36 -37.90 10.22
C ARG K 52 -29.92 -37.48 10.53
N ALA K 53 -29.32 -36.69 9.65
CA ALA K 53 -27.95 -36.25 9.86
C ALA K 53 -27.70 -34.93 9.12
N TYR K 54 -27.15 -33.95 9.81
CA TYR K 54 -26.90 -32.65 9.20
C TYR K 54 -25.44 -32.28 9.22
N PRO K 55 -24.93 -31.67 8.12
CA PRO K 55 -23.51 -31.28 8.12
C PRO K 55 -23.20 -30.46 9.37
N HIS K 56 -21.95 -30.46 9.80
CA HIS K 56 -21.61 -29.74 11.00
C HIS K 56 -20.25 -29.09 10.95
N PRO K 57 -20.16 -27.86 11.46
CA PRO K 57 -18.88 -27.14 11.46
C PRO K 57 -17.95 -27.69 12.56
N SER K 58 -16.67 -27.84 12.24
CA SER K 58 -15.73 -28.35 13.23
C SER K 58 -15.09 -27.16 13.95
N PRO K 59 -14.67 -27.35 15.21
CA PRO K 59 -14.06 -26.24 15.96
C PRO K 59 -12.57 -26.07 15.62
N PRO K 63 -7.22 -27.26 11.76
CA PRO K 63 -7.62 -28.12 10.63
C PRO K 63 -9.12 -28.27 10.61
N HIS K 64 -9.66 -28.50 9.42
CA HIS K 64 -11.09 -28.68 9.26
C HIS K 64 -11.41 -30.14 8.95
N PHE K 65 -12.26 -30.76 9.74
CA PHE K 65 -12.61 -32.13 9.41
C PHE K 65 -14.06 -32.17 8.97
N PRO K 66 -14.35 -32.94 7.93
CA PRO K 66 -15.73 -33.05 7.47
C PRO K 66 -16.47 -33.70 8.65
N ALA K 67 -17.69 -33.25 8.94
CA ALA K 67 -18.42 -33.81 10.08
C ALA K 67 -19.93 -33.72 9.99
N TYR K 68 -20.61 -34.63 10.67
CA TYR K 68 -22.06 -34.60 10.68
C TYR K 68 -22.52 -34.88 12.09
N ARG K 69 -23.63 -34.26 12.49
CA ARG K 69 -24.22 -34.57 13.78
C ARG K 69 -25.32 -35.54 13.34
N VAL K 70 -25.60 -36.54 14.16
CA VAL K 70 -26.56 -37.55 13.79
C VAL K 70 -27.67 -37.70 14.83
N ARG K 71 -28.94 -37.66 14.39
CA ARG K 71 -30.03 -37.83 15.33
C ARG K 71 -30.27 -39.31 15.50
N GLY K 72 -29.26 -39.99 16.02
CA GLY K 72 -29.32 -41.41 16.27
C GLY K 72 -28.23 -41.88 17.24
N THR K 73 -28.14 -43.18 17.42
CA THR K 73 -27.17 -43.80 18.31
C THR K 73 -25.76 -43.87 17.70
N PRO K 74 -24.75 -44.17 18.54
CA PRO K 74 -23.38 -44.27 18.02
C PRO K 74 -23.28 -45.24 16.85
N ALA K 75 -23.94 -46.40 16.95
CA ALA K 75 -23.95 -47.40 15.88
C ALA K 75 -24.45 -46.75 14.58
N ASP K 76 -25.60 -46.08 14.65
CA ASP K 76 -26.17 -45.37 13.50
C ASP K 76 -25.09 -44.46 12.88
N CYS K 77 -24.36 -43.74 13.71
CA CYS K 77 -23.30 -42.87 13.23
C CYS K 77 -22.27 -43.66 12.42
N VAL K 78 -21.91 -44.85 12.92
CA VAL K 78 -20.92 -45.63 12.21
C VAL K 78 -21.45 -46.02 10.84
N ALA K 79 -22.67 -46.55 10.80
CA ALA K 79 -23.27 -46.90 9.53
C ALA K 79 -23.39 -45.66 8.65
N LEU K 80 -23.85 -44.53 9.20
CA LEU K 80 -23.97 -43.36 8.34
C LEU K 80 -22.62 -42.77 7.99
N GLY K 81 -21.72 -42.73 8.95
CA GLY K 81 -20.42 -42.21 8.62
C GLY K 81 -19.84 -42.97 7.44
N LEU K 82 -19.81 -44.31 7.50
CA LEU K 82 -19.27 -45.10 6.40
C LEU K 82 -20.00 -44.86 5.10
N HIS K 83 -21.29 -44.54 5.19
CA HIS K 83 -22.05 -44.27 3.98
C HIS K 83 -21.72 -42.89 3.44
N LEU K 84 -21.62 -41.90 4.31
CA LEU K 84 -21.32 -40.52 3.89
C LEU K 84 -19.87 -40.20 3.62
N PHE K 85 -18.95 -40.99 4.18
CA PHE K 85 -17.54 -40.73 3.97
C PHE K 85 -16.83 -41.93 3.35
N GLY K 86 -17.62 -42.91 2.90
CA GLY K 86 -17.06 -44.10 2.30
C GLY K 86 -15.77 -43.82 1.56
N PRO K 87 -14.71 -44.63 1.81
CA PRO K 87 -14.71 -45.75 2.78
C PRO K 87 -13.76 -45.44 3.91
N VAL K 88 -13.67 -46.33 4.89
CA VAL K 88 -12.79 -46.09 6.02
C VAL K 88 -11.99 -47.33 6.39
N ASP K 89 -10.79 -47.11 6.93
CA ASP K 89 -9.90 -48.18 7.36
C ASP K 89 -9.98 -48.42 8.85
N LEU K 90 -10.43 -47.41 9.56
CA LEU K 90 -10.47 -47.50 11.00
C LEU K 90 -11.59 -46.70 11.62
N VAL K 91 -12.22 -47.28 12.63
CA VAL K 91 -13.27 -46.60 13.35
C VAL K 91 -12.77 -46.33 14.78
N LEU K 92 -12.78 -45.07 15.18
CA LEU K 92 -12.37 -44.70 16.52
C LEU K 92 -13.55 -44.10 17.27
N SER K 93 -13.83 -44.63 18.45
CA SER K 93 -14.93 -44.12 19.26
C SER K 93 -14.41 -43.52 20.55
N GLY K 94 -14.80 -42.28 20.81
CA GLY K 94 -14.36 -41.59 22.01
C GLY K 94 -13.88 -40.20 21.66
N VAL K 95 -13.02 -39.57 22.47
CA VAL K 95 -12.53 -40.10 23.75
C VAL K 95 -13.71 -39.95 24.73
N ASN K 96 -14.20 -41.04 25.28
CA ASN K 96 -15.32 -40.98 26.20
C ASN K 96 -14.92 -40.35 27.51
N LEU K 97 -15.73 -39.43 27.99
CA LEU K 97 -15.46 -38.76 29.25
C LEU K 97 -16.12 -39.60 30.33
N GLY K 98 -15.33 -40.55 30.82
CA GLY K 98 -15.72 -41.50 31.83
C GLY K 98 -14.95 -42.78 31.52
N SER K 99 -14.77 -43.63 32.51
CA SER K 99 -14.02 -44.85 32.25
C SER K 99 -14.93 -45.93 31.68
N ASN K 100 -14.33 -47.01 31.20
CA ASN K 100 -15.03 -48.16 30.65
C ASN K 100 -14.11 -49.35 30.93
N LEU K 101 -14.06 -49.74 32.20
CA LEU K 101 -13.22 -50.83 32.63
C LEU K 101 -14.01 -52.03 33.07
N GLY K 102 -13.33 -53.18 33.12
CA GLY K 102 -13.94 -54.42 33.55
C GLY K 102 -15.41 -54.61 33.23
N HIS K 103 -16.23 -54.87 34.25
CA HIS K 103 -17.67 -55.09 34.05
C HIS K 103 -18.33 -53.96 33.27
N GLU K 104 -17.83 -52.74 33.43
CA GLU K 104 -18.37 -51.57 32.73
C GLU K 104 -18.37 -51.71 31.20
N ILE K 105 -17.53 -52.59 30.68
CA ILE K 105 -17.42 -52.79 29.24
C ILE K 105 -18.69 -53.30 28.56
N TRP K 106 -19.34 -54.28 29.19
CA TRP K 106 -20.58 -54.89 28.68
C TRP K 106 -21.63 -53.93 28.12
N HIS K 107 -21.83 -52.79 28.76
CA HIS K 107 -22.84 -51.84 28.30
C HIS K 107 -22.30 -50.51 27.84
N SER K 108 -21.02 -50.45 27.50
CA SER K 108 -20.45 -49.19 27.06
C SER K 108 -20.96 -48.76 25.67
N GLY K 109 -21.37 -47.50 25.56
CA GLY K 109 -21.83 -46.99 24.30
C GLY K 109 -20.61 -46.72 23.41
N THR K 110 -19.55 -46.18 24.01
CA THR K 110 -18.32 -45.89 23.30
C THR K 110 -17.78 -47.19 22.73
N VAL K 111 -17.83 -48.25 23.53
CA VAL K 111 -17.38 -49.56 23.07
C VAL K 111 -18.35 -50.12 22.00
N ALA K 112 -19.61 -49.71 22.02
CA ALA K 112 -20.59 -50.23 21.07
C ALA K 112 -20.34 -49.70 19.65
N ALA K 113 -19.93 -48.45 19.55
CA ALA K 113 -19.67 -47.88 18.25
C ALA K 113 -18.53 -48.67 17.58
N ALA K 114 -17.47 -48.93 18.34
CA ALA K 114 -16.34 -49.65 17.81
C ALA K 114 -16.69 -51.09 17.42
N LYS K 115 -17.51 -51.77 18.21
CA LYS K 115 -17.85 -53.13 17.86
C LYS K 115 -18.60 -53.09 16.53
N GLN K 116 -19.43 -52.07 16.36
CA GLN K 116 -20.22 -51.92 15.13
C GLN K 116 -19.29 -51.78 13.92
N GLY K 117 -18.20 -51.03 14.07
CA GLY K 117 -17.25 -50.87 13.00
C GLY K 117 -16.67 -52.24 12.72
N TYR K 118 -16.30 -52.94 13.78
CA TYR K 118 -15.71 -54.24 13.65
C TYR K 118 -16.63 -55.27 12.99
N LEU K 119 -17.95 -55.19 13.24
CA LEU K 119 -18.90 -56.12 12.63
C LEU K 119 -19.06 -55.83 11.14
N PHE K 120 -18.61 -54.65 10.72
CA PHE K 120 -18.66 -54.24 9.33
C PHE K 120 -17.30 -54.56 8.68
N GLY K 121 -16.44 -55.25 9.41
CA GLY K 121 -15.14 -55.63 8.88
C GLY K 121 -14.00 -54.61 8.96
N LEU K 122 -14.11 -53.62 9.84
CA LEU K 122 -13.04 -52.65 9.94
C LEU K 122 -12.39 -52.78 11.30
N SER K 123 -11.17 -52.27 11.43
CA SER K 123 -10.47 -52.29 12.71
C SER K 123 -11.13 -51.15 13.45
N ALA K 124 -11.15 -51.23 14.78
CA ALA K 124 -11.82 -50.23 15.61
C ALA K 124 -11.27 -50.21 17.02
N ALA K 125 -11.41 -49.08 17.68
CA ALA K 125 -10.93 -48.94 19.04
C ALA K 125 -11.81 -47.94 19.81
N ALA K 126 -11.94 -48.15 21.11
CA ALA K 126 -12.70 -47.25 21.96
C ALA K 126 -11.70 -46.57 22.89
N PHE K 127 -11.90 -45.29 23.15
CA PHE K 127 -11.00 -44.55 24.01
C PHE K 127 -11.74 -43.87 25.18
N SER K 128 -11.30 -44.12 26.40
CA SER K 128 -11.93 -43.50 27.57
C SER K 128 -10.90 -42.94 28.56
N VAL K 129 -11.36 -42.05 29.43
CA VAL K 129 -10.54 -41.43 30.46
C VAL K 129 -11.45 -41.21 31.66
N PRO K 130 -11.07 -41.68 32.84
CA PRO K 130 -11.87 -41.52 34.05
C PRO K 130 -12.21 -40.07 34.33
N LEU K 131 -13.47 -39.81 34.65
CA LEU K 131 -13.89 -38.44 34.91
C LEU K 131 -14.09 -38.17 36.42
N ASN K 132 -15.34 -37.83 36.77
CA ASN K 132 -15.77 -37.51 38.13
C ASN K 132 -14.79 -36.80 39.05
N GLY K 133 -14.96 -35.49 39.11
CA GLY K 133 -14.11 -34.64 39.91
C GLY K 133 -13.31 -33.72 39.02
N GLU K 134 -12.19 -34.25 38.54
CA GLU K 134 -11.29 -33.49 37.68
C GLU K 134 -11.59 -33.78 36.21
N VAL K 135 -11.46 -32.77 35.37
CA VAL K 135 -11.68 -32.93 33.93
C VAL K 135 -10.34 -33.12 33.23
N PRO K 136 -10.30 -34.02 32.25
CA PRO K 136 -9.08 -34.34 31.50
C PRO K 136 -8.45 -33.17 30.71
N ASP K 137 -7.13 -33.10 30.76
CA ASP K 137 -6.39 -32.08 30.03
C ASP K 137 -5.96 -32.78 28.75
N PHE K 138 -6.57 -32.40 27.63
CA PHE K 138 -6.26 -33.05 26.37
C PHE K 138 -4.97 -32.68 25.66
N ALA K 139 -4.39 -31.54 26.02
CA ALA K 139 -3.14 -31.14 25.40
C ALA K 139 -2.08 -32.05 26.05
N GLY K 140 -2.28 -32.34 27.33
CA GLY K 140 -1.38 -33.21 28.03
C GLY K 140 -1.54 -34.63 27.52
N LEU K 141 -2.75 -35.02 27.16
CA LEU K 141 -3.00 -36.37 26.69
C LEU K 141 -2.60 -36.64 25.25
N ARG K 142 -2.60 -35.57 24.43
CA ARG K 142 -2.29 -35.68 23.01
C ARG K 142 -1.09 -36.56 22.70
N PRO K 143 -0.01 -36.41 23.48
CA PRO K 143 1.15 -37.26 23.17
C PRO K 143 0.84 -38.75 23.39
N TRP K 144 -0.02 -39.01 24.37
CA TRP K 144 -0.43 -40.37 24.73
C TRP K 144 -1.48 -40.95 23.76
N LEU K 145 -2.25 -40.08 23.11
CA LEU K 145 -3.22 -40.59 22.16
C LEU K 145 -2.36 -41.02 20.99
N LEU K 146 -1.37 -40.20 20.68
CA LEU K 146 -0.46 -40.51 19.58
C LEU K 146 0.32 -41.81 19.83
N ARG K 147 0.86 -41.99 21.03
CA ARG K 147 1.60 -43.19 21.36
C ARG K 147 0.67 -44.43 21.23
N THR K 148 -0.59 -44.27 21.64
CA THR K 148 -1.56 -45.35 21.58
C THR K 148 -1.93 -45.73 20.14
N LEU K 149 -2.24 -44.76 19.32
CA LEU K 149 -2.62 -45.04 17.95
C LEU K 149 -1.46 -45.66 17.21
N GLU K 150 -0.24 -45.22 17.52
CA GLU K 150 0.93 -45.78 16.87
C GLU K 150 0.97 -47.29 17.13
N THR K 151 0.86 -47.64 18.41
CA THR K 151 0.88 -49.04 18.81
C THR K 151 -0.24 -49.83 18.14
N LEU K 152 -1.48 -49.36 18.25
CA LEU K 152 -2.60 -50.04 17.63
C LEU K 152 -2.41 -50.28 16.13
N LEU K 153 -1.77 -49.34 15.44
CA LEU K 153 -1.58 -49.50 14.00
C LEU K 153 -0.51 -50.52 13.60
N ARG K 154 0.16 -51.11 14.57
CA ARG K 154 1.12 -52.15 14.25
C ARG K 154 0.32 -53.47 14.17
N LEU K 155 -0.70 -53.61 15.02
CA LEU K 155 -1.57 -54.78 15.12
C LEU K 155 -2.09 -55.38 13.82
N GLU K 156 -2.29 -56.70 13.81
CA GLU K 156 -2.83 -57.36 12.64
C GLU K 156 -4.25 -56.82 12.46
N ARG K 157 -4.74 -56.84 11.24
CA ARG K 157 -6.05 -56.32 10.94
C ARG K 157 -7.01 -57.35 10.39
N PRO K 158 -8.31 -57.19 10.69
CA PRO K 158 -8.81 -56.09 11.52
C PRO K 158 -8.67 -56.39 13.01
N PHE K 159 -8.62 -55.35 13.84
CA PHE K 159 -8.54 -55.55 15.29
C PHE K 159 -9.70 -54.79 15.96
N LEU K 160 -9.96 -55.09 17.23
CA LEU K 160 -11.00 -54.46 18.04
C LEU K 160 -10.46 -54.24 19.47
N VAL K 161 -10.10 -53.00 19.80
CA VAL K 161 -9.49 -52.70 21.10
C VAL K 161 -10.16 -51.67 22.02
N ASN K 162 -10.05 -51.90 23.33
CA ASN K 162 -10.62 -51.02 24.33
C ASN K 162 -9.50 -50.36 25.10
N VAL K 163 -9.41 -49.05 25.00
CA VAL K 163 -8.36 -48.30 25.62
C VAL K 163 -8.85 -47.35 26.69
N ASN K 164 -8.15 -47.33 27.83
CA ASN K 164 -8.48 -46.38 28.89
C ASN K 164 -7.19 -45.62 29.22
N LEU K 165 -7.31 -44.31 29.43
CA LEU K 165 -6.12 -43.55 29.78
C LEU K 165 -6.31 -42.83 31.09
N PRO K 166 -5.31 -42.90 32.00
CA PRO K 166 -5.47 -42.20 33.27
C PRO K 166 -5.27 -40.74 32.92
N LEU K 167 -5.68 -39.84 33.81
CA LEU K 167 -5.51 -38.42 33.55
C LEU K 167 -4.08 -38.04 33.22
N ARG K 168 -3.14 -38.68 33.90
CA ARG K 168 -1.70 -38.41 33.70
C ARG K 168 -0.91 -39.70 33.51
N PRO K 169 -0.91 -40.24 32.29
CA PRO K 169 -0.20 -41.48 31.96
C PRO K 169 1.31 -41.44 32.19
N LYS K 170 1.89 -42.63 32.45
CA LYS K 170 3.33 -42.76 32.64
C LYS K 170 3.84 -43.98 31.92
N GLY K 171 2.94 -44.70 31.27
CA GLY K 171 3.33 -45.88 30.54
C GLY K 171 2.16 -46.48 29.80
N PHE K 172 2.44 -47.55 29.07
CA PHE K 172 1.44 -48.25 28.29
C PHE K 172 1.36 -49.69 28.80
N LEU K 173 0.27 -50.39 28.48
CA LEU K 173 0.09 -51.77 28.90
C LEU K 173 -1.00 -52.52 28.17
N TRP K 174 -0.63 -53.66 27.60
CA TRP K 174 -1.61 -54.49 26.95
C TRP K 174 -2.28 -55.24 28.12
N THR K 175 -3.58 -55.03 28.32
CA THR K 175 -4.24 -55.65 29.46
C THR K 175 -5.39 -56.59 29.11
N ARG K 176 -5.84 -57.33 30.10
CA ARG K 176 -6.98 -58.22 29.94
C ARG K 176 -8.08 -57.56 30.78
N GLN K 177 -9.33 -57.93 30.52
CA GLN K 177 -10.44 -57.35 31.28
C GLN K 177 -10.47 -57.85 32.72
N SER K 178 -10.67 -56.90 33.63
CA SER K 178 -10.77 -57.23 35.04
C SER K 178 -12.14 -57.89 35.25
N VAL K 179 -12.13 -59.09 35.84
CA VAL K 179 -13.35 -59.82 36.13
C VAL K 179 -13.42 -60.17 37.61
N ARG K 180 -14.16 -59.39 38.38
CA ARG K 180 -14.22 -59.66 39.81
C ARG K 180 -15.57 -60.07 40.39
N ALA K 181 -15.52 -60.88 41.46
CA ALA K 181 -16.73 -61.30 42.16
C ALA K 181 -17.15 -60.12 43.02
N TYR K 182 -18.44 -60.00 43.31
CA TYR K 182 -18.96 -58.91 44.14
C TYR K 182 -19.81 -59.37 45.33
N GLU K 183 -20.06 -58.41 46.23
CA GLU K 183 -20.92 -58.59 47.40
C GLU K 183 -21.99 -57.51 47.24
N GLY K 184 -23.26 -57.90 47.32
CA GLY K 184 -24.32 -56.93 47.17
C GLY K 184 -24.74 -56.30 48.49
N VAL K 185 -23.98 -55.32 48.94
CA VAL K 185 -24.26 -54.66 50.21
C VAL K 185 -25.53 -53.84 50.12
N VAL K 186 -26.44 -54.10 51.05
CA VAL K 186 -27.70 -53.38 51.08
C VAL K 186 -27.93 -52.86 52.48
N ILE K 187 -27.76 -51.55 52.64
CA ILE K 187 -27.88 -50.91 53.93
C ILE K 187 -29.14 -50.08 54.03
N PRO K 188 -29.98 -50.38 55.02
CA PRO K 188 -31.21 -49.59 55.19
C PRO K 188 -30.87 -48.18 55.65
N GLY K 189 -31.68 -47.22 55.23
CA GLY K 189 -31.46 -45.84 55.61
C GLY K 189 -32.75 -45.07 55.42
N GLU K 190 -32.76 -43.83 55.88
CA GLU K 190 -33.94 -42.97 55.76
C GLU K 190 -33.48 -41.64 55.19
N ASP K 191 -34.35 -40.97 54.46
CA ASP K 191 -33.98 -39.69 53.90
C ASP K 191 -34.32 -38.60 54.93
N PRO K 192 -33.96 -37.34 54.65
CA PRO K 192 -34.28 -36.27 55.63
C PRO K 192 -35.75 -36.33 56.05
N MET K 193 -36.63 -36.39 55.06
CA MET K 193 -38.08 -36.45 55.27
C MET K 193 -38.51 -37.62 56.17
N GLY K 194 -37.62 -38.58 56.39
CA GLY K 194 -37.94 -39.74 57.21
C GLY K 194 -38.25 -41.00 56.42
N ARG K 195 -38.66 -40.85 55.17
CA ARG K 195 -38.98 -41.99 54.32
C ARG K 195 -37.86 -43.04 54.24
N PRO K 196 -38.24 -44.32 54.24
CA PRO K 196 -37.32 -45.46 54.17
C PRO K 196 -36.95 -45.95 52.78
N PHE K 197 -35.74 -46.48 52.66
CA PHE K 197 -35.22 -47.00 51.38
C PHE K 197 -33.99 -47.90 51.62
N TYR K 198 -33.42 -48.45 50.56
CA TYR K 198 -32.23 -49.29 50.70
C TYR K 198 -31.06 -48.75 49.90
N TRP K 199 -29.88 -48.69 50.51
CA TRP K 199 -28.68 -48.29 49.80
C TRP K 199 -28.10 -49.58 49.20
N PHE K 200 -28.04 -49.68 47.87
CA PHE K 200 -27.42 -50.85 47.27
C PHE K 200 -26.04 -50.34 46.94
N ALA K 201 -25.02 -51.02 47.46
CA ALA K 201 -23.64 -50.59 47.24
C ALA K 201 -22.74 -51.76 46.92
N PRO K 202 -22.84 -52.27 45.69
CA PRO K 202 -21.99 -53.42 45.33
C PRO K 202 -20.54 -53.03 45.52
N ARG K 203 -19.75 -53.96 46.07
CA ARG K 203 -18.35 -53.71 46.28
C ARG K 203 -17.58 -54.95 45.88
N PRO K 204 -16.44 -54.77 45.23
CA PRO K 204 -15.59 -55.88 44.79
C PRO K 204 -14.97 -56.61 45.98
N LEU K 205 -14.87 -57.93 45.87
CA LEU K 205 -14.30 -58.75 46.93
C LEU K 205 -12.81 -58.51 47.17
N LYS K 206 -12.01 -58.50 46.12
CA LYS K 206 -10.60 -58.25 46.27
C LYS K 206 -10.19 -57.01 45.49
N GLU K 207 -8.91 -56.86 45.17
CA GLU K 207 -8.46 -55.70 44.40
C GLU K 207 -8.21 -56.13 42.97
N ALA K 208 -8.28 -55.18 42.06
CA ALA K 208 -8.04 -55.47 40.66
C ALA K 208 -6.69 -56.18 40.60
N GLU K 209 -6.63 -57.30 39.88
CA GLU K 209 -5.38 -58.06 39.77
C GLU K 209 -4.36 -57.37 38.86
N GLU K 210 -3.10 -57.72 39.01
CA GLU K 210 -2.07 -57.14 38.17
C GLU K 210 -2.23 -57.68 36.75
N GLY K 211 -2.06 -56.79 35.77
CA GLY K 211 -2.19 -57.20 34.39
C GLY K 211 -3.60 -57.00 33.85
N THR K 212 -4.49 -56.43 34.65
CA THR K 212 -5.86 -56.18 34.20
C THR K 212 -6.07 -54.69 33.92
N ASP K 213 -7.02 -54.41 33.02
CA ASP K 213 -7.27 -53.04 32.66
C ASP K 213 -7.43 -52.10 33.86
N ARG K 214 -8.27 -52.49 34.81
CA ARG K 214 -8.53 -51.67 35.97
C ARG K 214 -7.28 -51.38 36.81
N TRP K 215 -6.42 -52.39 36.96
CA TRP K 215 -5.17 -52.25 37.71
C TRP K 215 -4.20 -51.33 36.95
N ALA K 216 -4.04 -51.60 35.65
CA ALA K 216 -3.16 -50.80 34.82
C ALA K 216 -3.39 -49.32 35.00
N VAL K 217 -4.64 -48.87 34.90
CA VAL K 217 -4.92 -47.45 35.05
C VAL K 217 -4.70 -46.93 36.47
N ALA K 218 -4.90 -47.78 37.47
CA ALA K 218 -4.72 -47.34 38.85
C ALA K 218 -3.24 -47.03 39.08
N GLN K 219 -2.38 -47.75 38.36
CA GLN K 219 -0.92 -47.57 38.45
C GLN K 219 -0.48 -46.40 37.57
N GLY K 220 -1.41 -45.82 36.81
CA GLY K 220 -1.05 -44.69 35.96
C GLY K 220 -0.66 -45.14 34.58
N PHE K 221 -1.04 -46.37 34.23
CA PHE K 221 -0.75 -46.91 32.91
C PHE K 221 -1.96 -46.86 31.96
N VAL K 222 -1.69 -46.59 30.69
CA VAL K 222 -2.73 -46.58 29.68
C VAL K 222 -2.94 -48.05 29.47
N SER K 223 -4.21 -48.44 29.40
CA SER K 223 -4.62 -49.82 29.24
C SER K 223 -5.27 -50.03 27.87
N ALA K 224 -4.95 -51.16 27.26
CA ALA K 224 -5.50 -51.49 25.96
C ALA K 224 -5.84 -52.96 26.03
N THR K 225 -7.14 -53.25 25.89
CA THR K 225 -7.63 -54.63 25.95
C THR K 225 -8.20 -55.12 24.63
N PRO K 226 -7.64 -56.19 24.07
CA PRO K 226 -8.22 -56.66 22.80
C PRO K 226 -9.54 -57.35 23.20
N LEU K 227 -10.64 -57.02 22.51
CA LEU K 227 -11.94 -57.62 22.84
C LEU K 227 -12.43 -58.68 21.87
N ARG K 228 -13.20 -59.62 22.40
CA ARG K 228 -13.76 -60.67 21.55
C ARG K 228 -15.21 -60.33 21.21
N LEU K 229 -15.80 -61.12 20.33
CA LEU K 229 -17.18 -60.92 19.97
C LEU K 229 -18.05 -62.02 20.55
N ASP K 230 -17.49 -63.22 20.69
CA ASP K 230 -18.22 -64.36 21.17
C ASP K 230 -18.29 -64.54 22.70
N LEU K 231 -19.48 -64.35 23.28
CA LEU K 231 -19.67 -64.51 24.72
C LEU K 231 -19.86 -65.95 25.13
N THR K 232 -19.85 -66.88 24.17
CA THR K 232 -20.01 -68.29 24.52
C THR K 232 -18.88 -68.70 25.44
N ASP K 233 -19.14 -69.66 26.31
CA ASP K 233 -18.13 -70.20 27.18
C ASP K 233 -17.87 -71.62 26.66
N GLU K 234 -16.94 -71.72 25.71
CA GLU K 234 -16.60 -73.00 25.07
C GLU K 234 -16.27 -74.10 26.03
N THR K 235 -15.62 -73.78 27.15
CA THR K 235 -15.26 -74.81 28.13
C THR K 235 -16.52 -75.54 28.61
N ARG K 236 -17.70 -75.01 28.31
CA ARG K 236 -18.95 -75.67 28.71
C ARG K 236 -19.69 -76.28 27.54
N LEU K 237 -18.96 -76.76 26.54
CA LEU K 237 -19.56 -77.36 25.35
C LEU K 237 -18.62 -78.41 24.73
N MET L 1 -33.68 -76.00 47.76
CA MET L 1 -32.93 -74.79 47.30
C MET L 1 -33.81 -73.54 47.13
N ARG L 2 -33.21 -72.37 47.23
CA ARG L 2 -33.96 -71.13 47.09
C ARG L 2 -33.67 -70.41 45.76
N ILE L 3 -34.71 -69.89 45.13
CA ILE L 3 -34.59 -69.27 43.84
C ILE L 3 -35.19 -67.88 43.72
N LEU L 4 -34.39 -66.92 43.25
CA LEU L 4 -34.86 -65.56 43.05
C LEU L 4 -35.26 -65.43 41.58
N VAL L 5 -36.47 -64.96 41.37
CA VAL L 5 -36.99 -64.77 40.03
C VAL L 5 -37.22 -63.28 39.84
N THR L 6 -36.70 -62.76 38.74
CA THR L 6 -36.83 -61.36 38.37
C THR L 6 -36.91 -61.29 36.83
N ASN L 7 -37.01 -60.08 36.31
CA ASN L 7 -37.03 -59.89 34.86
C ASN L 7 -36.69 -58.43 34.55
N ASP L 8 -36.95 -57.99 33.33
CA ASP L 8 -36.71 -56.58 33.03
C ASP L 8 -37.98 -56.00 32.39
N ASP L 9 -39.03 -56.82 32.31
CA ASP L 9 -40.29 -56.41 31.72
C ASP L 9 -41.21 -55.75 32.74
N GLY L 10 -41.06 -56.12 34.02
CA GLY L 10 -41.92 -55.54 35.03
C GLY L 10 -42.67 -56.53 35.87
N ILE L 11 -43.20 -56.05 36.99
CA ILE L 11 -43.92 -56.92 37.91
C ILE L 11 -45.23 -57.46 37.30
N TYR L 12 -45.63 -56.90 36.16
CA TYR L 12 -46.88 -57.32 35.53
C TYR L 12 -46.75 -58.23 34.32
N SER L 13 -45.53 -58.38 33.83
CA SER L 13 -45.27 -59.24 32.70
C SER L 13 -45.68 -60.66 33.03
N PRO L 14 -46.52 -61.30 32.17
CA PRO L 14 -46.96 -62.69 32.41
C PRO L 14 -45.77 -63.64 32.27
N GLY L 15 -44.72 -63.16 31.60
CA GLY L 15 -43.53 -63.97 31.45
C GLY L 15 -42.82 -64.17 32.78
N LEU L 16 -42.88 -63.17 33.64
CA LEU L 16 -42.26 -63.22 34.95
C LEU L 16 -42.91 -64.29 35.80
N TRP L 17 -44.24 -64.25 35.86
CA TRP L 17 -44.99 -65.21 36.66
C TRP L 17 -44.98 -66.63 36.13
N ALA L 18 -44.59 -66.80 34.88
CA ALA L 18 -44.54 -68.15 34.33
C ALA L 18 -43.21 -68.78 34.75
N LEU L 19 -42.18 -67.95 34.92
CA LEU L 19 -40.89 -68.49 35.30
C LEU L 19 -40.97 -68.84 36.77
N ALA L 20 -41.65 -67.98 37.53
CA ALA L 20 -41.82 -68.20 38.97
C ALA L 20 -42.49 -69.55 39.17
N GLU L 21 -43.65 -69.70 38.55
CA GLU L 21 -44.40 -70.93 38.67
C GLU L 21 -43.54 -72.13 38.30
N ALA L 22 -42.90 -72.09 37.15
CA ALA L 22 -42.09 -73.23 36.72
C ALA L 22 -40.90 -73.46 37.64
N ALA L 23 -40.37 -72.38 38.21
CA ALA L 23 -39.25 -72.49 39.14
C ALA L 23 -39.71 -73.17 40.43
N SER L 24 -40.92 -72.81 40.87
CA SER L 24 -41.49 -73.36 42.09
C SER L 24 -41.61 -74.88 42.10
N GLN L 25 -41.25 -75.53 41.00
CA GLN L 25 -41.29 -76.99 40.93
C GLN L 25 -39.92 -77.53 41.31
N PHE L 26 -38.98 -76.65 41.66
CA PHE L 26 -37.66 -77.13 42.02
C PHE L 26 -37.10 -76.60 43.32
N GLY L 27 -37.82 -75.65 43.93
CA GLY L 27 -37.37 -75.06 45.19
C GLY L 27 -38.25 -73.92 45.65
N GLU L 28 -37.91 -73.27 46.76
CA GLU L 28 -38.72 -72.14 47.21
C GLU L 28 -38.40 -71.00 46.25
N VAL L 29 -39.43 -70.35 45.75
CA VAL L 29 -39.24 -69.27 44.79
C VAL L 29 -39.62 -67.93 45.39
N PHE L 30 -38.79 -66.92 45.17
CA PHE L 30 -39.02 -65.56 45.65
C PHE L 30 -38.90 -64.58 44.47
N VAL L 31 -39.74 -63.54 44.45
CA VAL L 31 -39.79 -62.57 43.36
C VAL L 31 -39.54 -61.11 43.72
N ALA L 32 -38.66 -60.49 42.93
CA ALA L 32 -38.30 -59.08 43.03
C ALA L 32 -38.12 -58.61 41.59
N ALA L 33 -39.06 -57.82 41.08
CA ALA L 33 -39.00 -57.35 39.70
C ALA L 33 -39.29 -55.87 39.64
N PRO L 34 -38.81 -55.20 38.59
CA PRO L 34 -39.12 -53.76 38.55
C PRO L 34 -40.62 -53.54 38.44
N ASP L 35 -41.05 -52.32 38.72
CA ASP L 35 -42.47 -52.00 38.65
C ASP L 35 -42.95 -51.64 37.24
N THR L 36 -42.01 -51.60 36.27
CA THR L 36 -42.36 -51.28 34.88
C THR L 36 -41.32 -51.77 33.86
N THR L 46 -21.26 -48.40 39.34
CA THR L 46 -22.34 -47.71 40.11
C THR L 46 -21.91 -47.50 41.56
N ILE L 47 -22.31 -46.37 42.12
CA ILE L 47 -22.00 -46.04 43.50
C ILE L 47 -23.26 -46.25 44.32
N ALA L 48 -23.11 -46.23 45.65
CA ALA L 48 -24.24 -46.43 46.54
C ALA L 48 -25.44 -45.55 46.15
N HIS L 49 -26.57 -46.19 45.84
CA HIS L 49 -27.77 -45.44 45.48
C HIS L 49 -28.97 -46.00 46.22
N PRO L 50 -29.96 -45.14 46.51
CA PRO L 50 -31.15 -45.58 47.21
C PRO L 50 -32.12 -46.38 46.32
N VAL L 51 -32.80 -47.35 46.91
CA VAL L 51 -33.75 -48.16 46.20
C VAL L 51 -34.93 -48.50 47.09
N ARG L 52 -36.16 -48.24 46.65
CA ARG L 52 -37.32 -48.58 47.45
C ARG L 52 -37.99 -49.84 46.88
N ALA L 53 -38.53 -50.65 47.78
CA ALA L 53 -39.20 -51.89 47.41
C ALA L 53 -40.45 -52.03 48.25
N TYR L 54 -41.54 -52.47 47.63
CA TYR L 54 -42.80 -52.60 48.35
C TYR L 54 -43.34 -54.00 48.13
N PRO L 55 -43.85 -54.63 49.19
CA PRO L 55 -44.39 -55.97 49.00
C PRO L 55 -45.46 -55.94 47.91
N HIS L 56 -45.58 -57.04 47.18
CA HIS L 56 -46.52 -57.16 46.09
C HIS L 56 -47.11 -58.55 46.19
N PRO L 57 -48.42 -58.68 45.90
CA PRO L 57 -49.10 -59.98 45.97
C PRO L 57 -48.95 -60.74 44.67
N SER L 58 -48.66 -62.03 44.75
CA SER L 58 -48.55 -62.84 43.54
C SER L 58 -49.96 -63.03 42.96
N PRO L 59 -50.07 -63.31 41.65
CA PRO L 59 -51.39 -63.50 41.02
C PRO L 59 -52.24 -64.59 41.69
N LEU L 60 -53.41 -64.17 42.17
CA LEU L 60 -54.39 -64.97 42.90
C LEU L 60 -54.72 -66.40 42.46
N HIS L 61 -55.22 -66.57 41.24
CA HIS L 61 -55.58 -67.90 40.76
C HIS L 61 -54.33 -68.71 40.39
N ALA L 62 -53.35 -68.68 41.30
CA ALA L 62 -52.08 -69.38 41.11
C ALA L 62 -51.53 -69.70 42.49
N PRO L 63 -50.30 -70.23 42.55
CA PRO L 63 -49.73 -70.54 43.87
C PRO L 63 -49.33 -69.20 44.48
N HIS L 64 -48.89 -69.21 45.73
CA HIS L 64 -48.48 -67.97 46.37
C HIS L 64 -46.97 -67.76 46.36
N PHE L 65 -46.53 -66.57 45.95
CA PHE L 65 -45.10 -66.26 45.95
C PHE L 65 -44.77 -64.99 46.71
N PRO L 66 -43.81 -65.07 47.62
CA PRO L 66 -43.44 -63.85 48.37
C PRO L 66 -42.90 -62.94 47.25
N ALA L 67 -43.38 -61.71 47.17
CA ALA L 67 -42.94 -60.85 46.10
C ALA L 67 -42.76 -59.39 46.44
N TYR L 68 -41.80 -58.74 45.78
CA TYR L 68 -41.53 -57.31 45.97
C TYR L 68 -41.41 -56.63 44.62
N ARG L 69 -41.96 -55.44 44.49
CA ARG L 69 -41.84 -54.68 43.25
C ARG L 69 -40.75 -53.66 43.56
N VAL L 70 -39.79 -53.51 42.67
CA VAL L 70 -38.66 -52.64 42.94
C VAL L 70 -38.54 -51.39 42.08
N ARG L 71 -38.45 -50.25 42.74
CA ARG L 71 -38.30 -48.99 42.02
C ARG L 71 -36.84 -48.79 41.68
N GLY L 72 -36.34 -49.67 40.83
CA GLY L 72 -34.96 -49.57 40.42
C GLY L 72 -34.78 -50.51 39.24
N THR L 73 -33.53 -50.81 38.95
CA THR L 73 -33.18 -51.69 37.85
C THR L 73 -33.25 -53.19 38.22
N PRO L 74 -33.05 -54.06 37.22
CA PRO L 74 -33.08 -55.50 37.51
C PRO L 74 -31.88 -55.88 38.39
N ALA L 75 -30.75 -55.24 38.15
CA ALA L 75 -29.56 -55.52 38.95
C ALA L 75 -29.89 -55.23 40.43
N ASP L 76 -30.57 -54.11 40.67
CA ASP L 76 -30.97 -53.70 42.01
C ASP L 76 -31.89 -54.77 42.57
N CYS L 77 -32.75 -55.31 41.71
CA CYS L 77 -33.68 -56.37 42.11
C CYS L 77 -32.93 -57.57 42.63
N VAL L 78 -31.84 -57.91 41.96
CA VAL L 78 -31.04 -59.07 42.36
C VAL L 78 -30.39 -58.81 43.70
N ALA L 79 -29.93 -57.57 43.87
CA ALA L 79 -29.30 -57.17 45.11
C ALA L 79 -30.32 -57.23 46.26
N LEU L 80 -31.46 -56.58 46.07
CA LEU L 80 -32.50 -56.55 47.08
C LEU L 80 -33.06 -57.93 47.34
N GLY L 81 -32.94 -58.77 46.31
CA GLY L 81 -33.41 -60.13 46.42
C GLY L 81 -32.50 -60.91 47.33
N LEU L 82 -31.20 -60.84 47.12
CA LEU L 82 -30.31 -61.60 48.01
C LEU L 82 -30.39 -61.08 49.43
N HIS L 83 -30.74 -59.81 49.59
CA HIS L 83 -30.85 -59.22 50.91
C HIS L 83 -32.15 -59.56 51.60
N LEU L 84 -33.26 -59.60 50.88
CA LEU L 84 -34.53 -59.90 51.49
C LEU L 84 -34.84 -61.40 51.68
N PHE L 85 -34.34 -62.22 50.76
CA PHE L 85 -34.61 -63.65 50.82
C PHE L 85 -33.36 -64.52 50.90
N GLY L 86 -32.21 -63.91 51.19
CA GLY L 86 -30.99 -64.70 51.25
C GLY L 86 -31.07 -65.69 52.39
N PRO L 87 -30.36 -66.81 52.29
CA PRO L 87 -29.49 -67.10 51.15
C PRO L 87 -30.25 -67.60 49.92
N VAL L 88 -29.71 -67.29 48.74
CA VAL L 88 -30.30 -67.69 47.47
C VAL L 88 -29.24 -68.52 46.78
N ASP L 89 -29.65 -69.56 46.08
CA ASP L 89 -28.71 -70.40 45.36
C ASP L 89 -28.71 -70.11 43.87
N LEU L 90 -29.88 -69.71 43.37
CA LEU L 90 -30.10 -69.48 41.97
C LEU L 90 -30.89 -68.22 41.61
N VAL L 91 -30.48 -67.55 40.54
CA VAL L 91 -31.15 -66.35 40.03
C VAL L 91 -31.73 -66.62 38.64
N LEU L 92 -33.01 -66.33 38.42
CA LEU L 92 -33.60 -66.54 37.10
C LEU L 92 -34.28 -65.27 36.63
N SER L 93 -33.86 -64.80 35.46
CA SER L 93 -34.38 -63.59 34.85
C SER L 93 -35.19 -63.93 33.60
N GLY L 94 -36.42 -63.45 33.54
CA GLY L 94 -37.31 -63.73 32.43
C GLY L 94 -38.70 -64.15 32.95
N VAL L 95 -39.55 -64.77 32.14
CA VAL L 95 -39.25 -65.01 30.75
C VAL L 95 -39.46 -63.69 30.02
N ASN L 96 -38.39 -63.18 29.43
CA ASN L 96 -38.46 -61.93 28.71
C ASN L 96 -39.38 -62.01 27.50
N LEU L 97 -40.14 -60.93 27.27
CA LEU L 97 -41.04 -60.83 26.12
C LEU L 97 -40.16 -60.27 25.00
N GLY L 98 -39.67 -61.17 24.17
CA GLY L 98 -38.77 -60.77 23.10
C GLY L 98 -37.57 -61.68 23.23
N SER L 99 -36.84 -61.87 22.15
CA SER L 99 -35.69 -62.76 22.18
C SER L 99 -34.40 -62.07 22.59
N ASN L 100 -33.39 -62.88 22.87
CA ASN L 100 -32.08 -62.42 23.25
C ASN L 100 -31.05 -63.38 22.72
N LEU L 101 -30.85 -63.32 21.40
CA LEU L 101 -29.96 -64.19 20.66
C LEU L 101 -28.79 -63.46 20.01
N GLY L 102 -27.69 -64.18 19.81
CA GLY L 102 -26.52 -63.61 19.16
C GLY L 102 -26.06 -62.28 19.70
N HIS L 103 -25.86 -61.31 18.81
CA HIS L 103 -25.39 -59.97 19.18
C HIS L 103 -26.28 -59.33 20.24
N GLU L 104 -27.59 -59.61 20.20
CA GLU L 104 -28.55 -59.07 21.16
C GLU L 104 -28.18 -59.29 22.66
N ILE L 105 -27.40 -60.34 22.94
CA ILE L 105 -27.03 -60.70 24.31
C ILE L 105 -26.29 -59.59 25.06
N TRP L 106 -25.42 -58.90 24.34
CA TRP L 106 -24.62 -57.81 24.90
C TRP L 106 -25.38 -56.69 25.62
N HIS L 107 -26.65 -56.48 25.31
CA HIS L 107 -27.37 -55.37 25.93
C HIS L 107 -28.73 -55.77 26.43
N SER L 108 -28.86 -57.03 26.80
CA SER L 108 -30.13 -57.52 27.29
C SER L 108 -30.24 -57.23 28.80
N GLY L 109 -31.34 -56.62 29.21
CA GLY L 109 -31.52 -56.36 30.61
C GLY L 109 -31.79 -57.66 31.33
N THR L 110 -32.41 -58.59 30.61
CA THR L 110 -32.71 -59.91 31.15
C THR L 110 -31.38 -60.59 31.41
N VAL L 111 -30.50 -60.61 30.42
CA VAL L 111 -29.21 -61.25 30.59
C VAL L 111 -28.38 -60.55 31.66
N ALA L 112 -28.55 -59.24 31.76
CA ALA L 112 -27.78 -58.46 32.74
C ALA L 112 -28.09 -58.81 34.20
N ALA L 113 -29.38 -59.04 34.50
CA ALA L 113 -29.80 -59.35 35.87
C ALA L 113 -29.23 -60.72 36.28
N ALA L 114 -29.20 -61.65 35.35
CA ALA L 114 -28.66 -62.96 35.65
C ALA L 114 -27.16 -62.83 35.87
N LYS L 115 -26.51 -62.03 35.03
CA LYS L 115 -25.07 -61.81 35.13
C LYS L 115 -24.80 -61.21 36.52
N GLN L 116 -25.70 -60.36 36.99
CA GLN L 116 -25.52 -59.75 38.30
C GLN L 116 -25.53 -60.87 39.36
N GLY L 117 -26.42 -61.85 39.20
CA GLY L 117 -26.49 -62.97 40.12
C GLY L 117 -25.16 -63.72 40.17
N TYR L 118 -24.65 -64.09 38.99
CA TYR L 118 -23.39 -64.81 38.86
C TYR L 118 -22.22 -64.07 39.55
N LEU L 119 -22.13 -62.75 39.37
CA LEU L 119 -21.06 -61.97 39.99
C LEU L 119 -21.21 -61.90 41.52
N PHE L 120 -22.36 -62.33 42.06
CA PHE L 120 -22.54 -62.33 43.51
C PHE L 120 -22.31 -63.75 44.00
N GLY L 121 -21.78 -64.58 43.12
CA GLY L 121 -21.48 -65.97 43.44
C GLY L 121 -22.60 -67.00 43.30
N LEU L 122 -23.66 -66.70 42.55
CA LEU L 122 -24.73 -67.67 42.43
C LEU L 122 -24.85 -68.22 41.02
N SER L 123 -25.68 -69.24 40.85
CA SER L 123 -25.92 -69.78 39.53
C SER L 123 -27.04 -68.94 38.95
N ALA L 124 -26.96 -68.64 37.67
CA ALA L 124 -27.97 -67.79 37.04
C ALA L 124 -28.32 -68.21 35.63
N ALA L 125 -29.54 -67.90 35.23
CA ALA L 125 -29.95 -68.22 33.87
C ALA L 125 -30.93 -67.17 33.43
N ALA L 126 -30.83 -66.76 32.16
CA ALA L 126 -31.76 -65.80 31.61
C ALA L 126 -32.71 -66.57 30.66
N PHE L 127 -33.97 -66.20 30.59
CA PHE L 127 -34.91 -66.89 29.72
C PHE L 127 -35.70 -65.94 28.84
N SER L 128 -35.75 -66.21 27.54
CA SER L 128 -36.49 -65.35 26.61
C SER L 128 -37.23 -66.12 25.54
N VAL L 129 -38.19 -65.45 24.94
CA VAL L 129 -38.95 -66.03 23.86
C VAL L 129 -39.18 -64.94 22.83
N PRO L 130 -39.06 -65.28 21.53
CA PRO L 130 -39.26 -64.33 20.42
C PRO L 130 -40.66 -63.71 20.40
N LEU L 131 -40.70 -62.39 20.21
CA LEU L 131 -41.96 -61.64 20.18
C LEU L 131 -42.14 -60.85 18.87
N ASN L 132 -42.44 -59.55 19.02
CA ASN L 132 -42.67 -58.58 17.93
C ASN L 132 -43.50 -59.10 16.75
N GLY L 133 -44.58 -59.80 17.07
CA GLY L 133 -45.44 -60.35 16.04
C GLY L 133 -46.62 -61.05 16.69
N GLU L 134 -46.34 -62.17 17.36
CA GLU L 134 -47.37 -62.91 18.05
C GLU L 134 -46.93 -63.13 19.50
N VAL L 135 -47.88 -63.52 20.34
CA VAL L 135 -47.63 -63.73 21.75
C VAL L 135 -47.40 -65.19 22.18
N PRO L 136 -46.58 -65.39 23.21
CA PRO L 136 -46.26 -66.72 23.75
C PRO L 136 -47.39 -67.36 24.57
N ASP L 137 -47.46 -68.69 24.53
CA ASP L 137 -48.48 -69.45 25.25
C ASP L 137 -47.74 -70.20 26.36
N PHE L 138 -47.68 -69.59 27.54
CA PHE L 138 -46.94 -70.15 28.64
C PHE L 138 -47.35 -71.52 29.15
N ALA L 139 -48.66 -71.78 29.25
CA ALA L 139 -49.10 -73.11 29.67
C ALA L 139 -48.61 -74.13 28.62
N GLY L 140 -48.41 -73.67 27.39
CA GLY L 140 -47.90 -74.53 26.34
C GLY L 140 -46.38 -74.64 26.38
N LEU L 141 -45.71 -73.66 27.01
CA LEU L 141 -44.26 -73.67 27.11
C LEU L 141 -43.79 -74.32 28.41
N ARG L 142 -44.69 -74.35 29.39
CA ARG L 142 -44.43 -74.91 30.72
C ARG L 142 -43.65 -76.23 30.72
N PRO L 143 -44.02 -77.18 29.83
CA PRO L 143 -43.29 -78.45 29.79
C PRO L 143 -41.84 -78.27 29.43
N TRP L 144 -41.58 -77.51 28.37
CA TRP L 144 -40.19 -77.29 27.96
C TRP L 144 -39.45 -76.38 28.93
N LEU L 145 -40.18 -75.47 29.56
CA LEU L 145 -39.53 -74.63 30.55
C LEU L 145 -39.02 -75.59 31.65
N LEU L 146 -39.95 -76.39 32.19
CA LEU L 146 -39.63 -77.35 33.23
C LEU L 146 -38.49 -78.30 32.89
N ARG L 147 -38.51 -78.82 31.66
CA ARG L 147 -37.48 -79.73 31.23
C ARG L 147 -36.17 -78.96 31.14
N THR L 148 -36.23 -77.69 30.73
CA THR L 148 -35.03 -76.85 30.63
C THR L 148 -34.45 -76.60 32.02
N LEU L 149 -35.33 -76.29 32.97
CA LEU L 149 -34.90 -76.07 34.35
C LEU L 149 -34.29 -77.33 34.99
N GLU L 150 -34.74 -78.52 34.57
CA GLU L 150 -34.18 -79.74 35.13
C GLU L 150 -32.75 -79.89 34.59
N THR L 151 -32.60 -79.63 33.31
CA THR L 151 -31.27 -79.75 32.71
C THR L 151 -30.25 -78.79 33.30
N LEU L 152 -30.67 -77.55 33.55
CA LEU L 152 -29.77 -76.57 34.13
C LEU L 152 -29.46 -77.00 35.56
N LEU L 153 -30.46 -77.51 36.28
CA LEU L 153 -30.21 -77.91 37.65
C LEU L 153 -29.33 -79.17 37.77
N ARG L 154 -28.95 -79.76 36.64
CA ARG L 154 -28.09 -80.94 36.67
C ARG L 154 -26.68 -80.55 36.28
N LEU L 155 -26.43 -79.24 36.26
CA LEU L 155 -25.12 -78.69 35.91
C LEU L 155 -24.23 -78.46 37.12
N GLU L 156 -22.92 -78.45 36.84
CA GLU L 156 -21.91 -78.20 37.85
C GLU L 156 -22.08 -76.71 38.20
N ARG L 157 -22.43 -76.42 39.44
CA ARG L 157 -22.60 -75.04 39.85
C ARG L 157 -21.26 -74.42 40.22
N PRO L 158 -21.14 -73.08 40.11
CA PRO L 158 -22.24 -72.21 39.66
C PRO L 158 -22.18 -72.18 38.14
N PHE L 159 -23.23 -71.66 37.51
CA PHE L 159 -23.29 -71.59 36.07
C PHE L 159 -23.99 -70.31 35.62
N LEU L 160 -23.78 -69.91 34.37
CA LEU L 160 -24.40 -68.70 33.81
C LEU L 160 -24.90 -69.11 32.44
N VAL L 161 -26.22 -69.19 32.29
CA VAL L 161 -26.79 -69.66 31.03
C VAL L 161 -27.88 -68.80 30.40
N ASN L 162 -27.83 -68.72 29.07
CA ASN L 162 -28.79 -67.93 28.34
C ASN L 162 -29.71 -68.81 27.53
N VAL L 163 -30.98 -68.80 27.92
CA VAL L 163 -31.98 -69.63 27.30
C VAL L 163 -33.00 -68.90 26.44
N ASN L 164 -33.23 -69.44 25.25
CA ASN L 164 -34.21 -68.92 24.33
C ASN L 164 -35.17 -70.05 24.00
N LEU L 165 -36.46 -69.80 24.18
CA LEU L 165 -37.43 -70.84 23.88
C LEU L 165 -38.22 -70.46 22.65
N PRO L 166 -38.32 -71.36 21.69
CA PRO L 166 -39.12 -70.95 20.52
C PRO L 166 -40.56 -71.02 21.02
N LEU L 167 -41.49 -70.43 20.28
CA LEU L 167 -42.89 -70.45 20.69
C LEU L 167 -43.50 -71.84 20.85
N ARG L 168 -43.14 -72.77 19.97
CA ARG L 168 -43.62 -74.14 20.07
C ARG L 168 -42.40 -75.06 19.99
N PRO L 169 -41.73 -75.26 21.14
CA PRO L 169 -40.53 -76.09 21.19
C PRO L 169 -40.81 -77.55 20.90
N LYS L 170 -39.82 -78.23 20.33
CA LYS L 170 -39.96 -79.64 20.01
C LYS L 170 -38.65 -80.32 20.38
N GLY L 171 -37.80 -79.58 21.10
CA GLY L 171 -36.50 -80.13 21.52
C GLY L 171 -35.62 -79.19 22.32
N PHE L 172 -34.44 -79.67 22.68
CA PHE L 172 -33.49 -78.90 23.49
C PHE L 172 -32.07 -79.06 22.95
N LEU L 173 -31.33 -77.97 22.88
CA LEU L 173 -29.96 -78.03 22.37
C LEU L 173 -29.03 -77.11 23.14
N TRP L 174 -27.79 -77.56 23.37
CA TRP L 174 -26.84 -76.69 24.04
C TRP L 174 -26.34 -75.96 22.82
N THR L 175 -26.16 -74.65 22.92
CA THR L 175 -25.73 -73.90 21.75
C THR L 175 -24.65 -72.92 22.07
N ARG L 176 -24.02 -72.41 21.02
CA ARG L 176 -22.98 -71.39 21.15
C ARG L 176 -23.62 -70.12 20.61
N GLN L 177 -23.07 -68.95 20.98
CA GLN L 177 -23.59 -67.67 20.52
C GLN L 177 -23.35 -67.51 19.03
N SER L 178 -24.37 -67.04 18.29
CA SER L 178 -24.23 -66.83 16.85
C SER L 178 -23.45 -65.53 16.61
N VAL L 179 -22.35 -65.60 15.88
CA VAL L 179 -21.53 -64.41 15.61
C VAL L 179 -21.39 -64.10 14.12
N ARG L 180 -22.20 -63.21 13.60
CA ARG L 180 -22.13 -62.94 12.18
C ARG L 180 -21.60 -61.57 11.78
N ALA L 181 -21.08 -61.49 10.55
CA ALA L 181 -20.58 -60.22 10.03
C ALA L 181 -21.79 -59.48 9.44
N TYR L 182 -21.79 -58.15 9.54
CA TYR L 182 -22.91 -57.37 8.98
C TYR L 182 -22.60 -56.46 7.83
N GLU L 183 -23.66 -56.10 7.11
CA GLU L 183 -23.56 -55.16 6.01
C GLU L 183 -24.33 -53.93 6.51
N GLY L 184 -23.63 -52.82 6.66
CA GLY L 184 -24.30 -51.61 7.14
C GLY L 184 -25.06 -50.90 6.04
N VAL L 185 -26.22 -51.46 5.68
CA VAL L 185 -27.08 -50.94 4.63
C VAL L 185 -27.70 -49.60 4.93
N VAL L 186 -27.46 -48.64 4.05
CA VAL L 186 -27.99 -47.29 4.22
C VAL L 186 -28.62 -46.81 2.92
N ILE L 187 -29.90 -46.44 3.00
CA ILE L 187 -30.68 -45.99 1.84
C ILE L 187 -31.34 -44.62 2.10
N PRO L 188 -31.21 -43.68 1.16
CA PRO L 188 -31.83 -42.37 1.38
C PRO L 188 -33.37 -42.49 1.33
N GLY L 189 -34.06 -41.58 2.01
CA GLY L 189 -35.51 -41.56 2.01
C GLY L 189 -36.08 -40.18 2.32
N GLU L 190 -37.40 -40.06 2.26
CA GLU L 190 -38.08 -38.79 2.56
C GLU L 190 -39.36 -39.09 3.31
N ASP L 191 -39.51 -38.49 4.49
CA ASP L 191 -40.72 -38.73 5.27
C ASP L 191 -41.94 -38.22 4.52
N PRO L 192 -43.14 -38.49 5.03
CA PRO L 192 -44.39 -38.05 4.38
C PRO L 192 -44.39 -36.57 3.91
N MET L 193 -43.75 -35.69 4.67
CA MET L 193 -43.68 -34.27 4.28
C MET L 193 -42.79 -34.16 3.05
N GLY L 194 -41.52 -33.86 3.29
CA GLY L 194 -40.54 -33.74 2.22
C GLY L 194 -39.14 -33.77 2.80
N ARG L 195 -39.06 -34.08 4.10
CA ARG L 195 -37.80 -34.11 4.80
C ARG L 195 -36.94 -35.33 4.54
N PRO L 196 -35.69 -35.10 4.12
CA PRO L 196 -34.78 -36.22 3.84
C PRO L 196 -34.32 -36.95 5.09
N PHE L 197 -34.02 -38.22 4.92
CA PHE L 197 -33.52 -39.03 6.02
C PHE L 197 -32.85 -40.29 5.47
N TYR L 198 -32.09 -40.97 6.33
CA TYR L 198 -31.44 -42.20 5.89
C TYR L 198 -32.00 -43.43 6.60
N TRP L 199 -32.22 -44.50 5.83
CA TRP L 199 -32.68 -45.76 6.40
C TRP L 199 -31.41 -46.48 6.78
N PHE L 200 -31.34 -46.98 8.01
CA PHE L 200 -30.17 -47.76 8.39
C PHE L 200 -30.72 -49.12 8.73
N ALA L 201 -30.40 -50.11 7.91
CA ALA L 201 -30.89 -51.45 8.17
C ALA L 201 -29.73 -52.43 8.15
N PRO L 202 -29.12 -52.65 9.31
CA PRO L 202 -28.00 -53.60 9.35
C PRO L 202 -28.48 -54.95 8.83
N ARG L 203 -27.68 -55.59 8.00
CA ARG L 203 -28.03 -56.89 7.43
C ARG L 203 -26.93 -57.94 7.67
N PRO L 204 -27.33 -59.14 8.11
CA PRO L 204 -26.30 -60.17 8.34
C PRO L 204 -25.88 -60.73 6.99
N LEU L 205 -24.59 -61.03 6.85
CA LEU L 205 -24.05 -61.54 5.60
C LEU L 205 -24.45 -62.98 5.30
N LYS L 206 -24.75 -63.77 6.31
CA LYS L 206 -25.19 -65.15 6.07
C LYS L 206 -26.22 -65.63 7.10
N GLU L 207 -26.81 -66.79 6.83
CA GLU L 207 -27.81 -67.39 7.71
C GLU L 207 -27.08 -67.83 8.95
N ALA L 208 -27.78 -67.96 10.07
CA ALA L 208 -27.14 -68.44 11.28
C ALA L 208 -26.54 -69.83 11.01
N GLU L 209 -25.41 -70.14 11.63
CA GLU L 209 -24.79 -71.46 11.43
C GLU L 209 -25.37 -72.45 12.44
N GLU L 210 -25.38 -73.74 12.06
CA GLU L 210 -25.92 -74.77 12.93
C GLU L 210 -25.10 -74.89 14.19
N GLY L 211 -25.79 -75.05 15.31
CA GLY L 211 -25.10 -75.12 16.58
C GLY L 211 -25.14 -73.76 17.24
N THR L 212 -25.75 -72.79 16.58
CA THR L 212 -25.85 -71.49 17.20
C THR L 212 -27.23 -71.35 17.77
N ASP L 213 -27.33 -70.52 18.80
CA ASP L 213 -28.61 -70.27 19.43
C ASP L 213 -29.66 -69.87 18.39
N ARG L 214 -29.24 -69.04 17.42
CA ARG L 214 -30.19 -68.55 16.45
C ARG L 214 -30.71 -69.66 15.55
N TRP L 215 -29.83 -70.55 15.13
CA TRP L 215 -30.22 -71.66 14.27
C TRP L 215 -31.14 -72.61 15.07
N ALA L 216 -30.84 -72.82 16.36
CA ALA L 216 -31.68 -73.69 17.18
C ALA L 216 -33.15 -73.29 17.28
N VAL L 217 -33.44 -72.05 17.69
CA VAL L 217 -34.84 -71.66 17.81
C VAL L 217 -35.53 -71.70 16.45
N ALA L 218 -34.79 -71.38 15.39
CA ALA L 218 -35.31 -71.41 14.01
C ALA L 218 -35.84 -72.81 13.66
N GLN L 219 -35.17 -73.82 14.18
CA GLN L 219 -35.52 -75.21 13.98
C GLN L 219 -36.59 -75.65 14.96
N GLY L 220 -36.98 -74.78 15.88
CA GLY L 220 -37.99 -75.16 16.84
C GLY L 220 -37.43 -75.71 18.13
N PHE L 221 -36.11 -75.61 18.35
CA PHE L 221 -35.54 -76.12 19.59
C PHE L 221 -35.25 -75.06 20.66
N VAL L 222 -35.28 -75.48 21.92
CA VAL L 222 -34.96 -74.60 23.02
C VAL L 222 -33.45 -74.48 23.01
N SER L 223 -32.94 -73.26 23.08
CA SER L 223 -31.52 -73.02 23.05
C SER L 223 -30.93 -72.61 24.40
N ALA L 224 -29.79 -73.19 24.72
CA ALA L 224 -29.14 -72.90 25.98
C ALA L 224 -27.65 -72.68 25.75
N THR L 225 -27.22 -71.42 25.94
CA THR L 225 -25.82 -71.04 25.77
C THR L 225 -25.15 -70.68 27.09
N PRO L 226 -24.03 -71.32 27.39
CA PRO L 226 -23.27 -71.06 28.62
C PRO L 226 -22.48 -69.77 28.36
N LEU L 227 -22.61 -68.76 29.22
CA LEU L 227 -21.90 -67.51 28.94
C LEU L 227 -20.67 -67.26 29.77
N ARG L 228 -19.65 -66.67 29.15
CA ARG L 228 -18.41 -66.35 29.85
C ARG L 228 -18.56 -64.91 30.34
N LEU L 229 -17.70 -64.48 31.25
CA LEU L 229 -17.82 -63.12 31.75
C LEU L 229 -16.66 -62.28 31.29
N ASP L 230 -15.68 -62.92 30.67
CA ASP L 230 -14.48 -62.22 30.24
C ASP L 230 -14.48 -61.89 28.77
N LEU L 231 -14.62 -60.61 28.44
CA LEU L 231 -14.65 -60.22 27.02
C LEU L 231 -13.25 -60.11 26.38
N THR L 232 -12.22 -60.44 27.15
CA THR L 232 -10.86 -60.41 26.66
C THR L 232 -10.67 -61.35 25.48
N ASP L 233 -9.89 -60.92 24.50
CA ASP L 233 -9.60 -61.79 23.36
C ASP L 233 -8.19 -62.28 23.68
N GLU L 234 -8.12 -63.34 24.46
CA GLU L 234 -6.83 -63.90 24.86
C GLU L 234 -5.92 -64.33 23.73
N THR L 235 -6.48 -64.78 22.61
CA THR L 235 -5.65 -65.23 21.50
C THR L 235 -4.83 -64.08 20.89
N ARG L 236 -5.04 -62.85 21.37
CA ARG L 236 -4.30 -61.72 20.83
C ARG L 236 -3.60 -60.91 21.90
N LEU L 237 -3.85 -61.26 23.16
CA LEU L 237 -3.21 -60.53 24.25
C LEU L 237 -1.71 -60.73 24.11
N GLN L 238 -1.32 -61.97 24.39
CA GLN L 238 0.05 -62.41 24.28
C GLN L 238 0.98 -61.31 23.75
P PO4 M . -8.94 8.61 6.49
O1 PO4 M . -7.61 8.95 7.11
O2 PO4 M . -8.76 8.46 5.02
O3 PO4 M . -9.91 9.69 6.78
O4 PO4 M . -9.44 7.32 7.06
P PO4 N . -0.48 10.27 19.18
O1 PO4 N . 0.26 8.98 19.22
O2 PO4 N . -1.29 10.34 17.94
O3 PO4 N . 0.49 11.40 19.19
O4 PO4 N . -1.37 10.38 20.37
P PO4 O . -18.73 21.97 14.07
O1 PO4 O . -20.16 21.68 14.26
O2 PO4 O . -18.59 23.23 13.29
O3 PO4 O . -18.09 20.86 13.33
O4 PO4 O . -18.06 22.14 15.39
P PO4 P . -26.94 10.81 19.75
O1 PO4 P . -27.40 11.66 20.85
O2 PO4 P . -26.00 11.57 18.89
O3 PO4 P . -28.10 10.38 18.96
O4 PO4 P . -26.23 9.62 20.29
P PO4 Q . -14.22 17.98 -13.71
O1 PO4 Q . -15.67 17.89 -14.02
O2 PO4 Q . -13.78 16.76 -12.99
O3 PO4 Q . -13.97 19.15 -12.85
O4 PO4 Q . -13.46 18.11 -14.98
P PO4 R . -25.10 24.78 -21.61
O1 PO4 R . -25.39 24.29 -22.98
O2 PO4 R . -24.19 23.82 -20.93
O3 PO4 R . -26.37 24.87 -20.86
O4 PO4 R . -24.45 26.11 -21.67
P PO4 S . -13.74 34.34 -4.83
O1 PO4 S . -12.36 34.91 -4.97
O2 PO4 S . -14.17 34.43 -3.42
O3 PO4 S . -13.72 32.93 -5.28
O4 PO4 S . -14.69 35.11 -5.69
P PO4 T . -2.77 37.35 -14.70
O1 PO4 T . -2.60 38.81 -14.89
O2 PO4 T . -3.75 37.11 -13.61
O3 PO4 T . -1.48 36.74 -14.37
O4 PO4 T . -3.30 36.74 -15.97
P PO4 U . 39.35 12.54 -21.76
O1 PO4 U . 39.63 12.32 -20.32
O2 PO4 U . 40.43 11.91 -22.56
O3 PO4 U . 39.30 13.99 -22.04
O4 PO4 U . 38.03 11.93 -22.10
P PO4 V . 34.95 16.46 -7.60
O1 PO4 V . 34.50 15.10 -7.24
O2 PO4 V . 35.44 16.47 -8.98
O3 PO4 V . 36.02 16.87 -6.67
O4 PO4 V . 33.81 17.41 -7.49
P PO4 W . 36.55 30.16 -25.22
O1 PO4 W . 35.47 30.12 -26.25
O2 PO4 W . 37.69 30.95 -25.74
O3 PO4 W . 36.98 28.78 -24.91
O4 PO4 W . 36.05 30.80 -23.97
P PO4 X . 22.65 25.61 -29.07
O1 PO4 X . 21.68 26.72 -28.90
O2 PO4 X . 23.97 26.00 -28.52
O3 PO4 X . 22.80 25.27 -30.50
O4 PO4 X . 22.14 24.42 -28.33
P PO4 Y . 55.98 12.94 -37.42
O1 PO4 Y . 55.47 13.08 -38.81
O2 PO4 Y . 54.90 12.36 -36.55
O3 PO4 Y . 56.38 14.27 -36.89
O4 PO4 Y . 57.16 12.03 -37.41
P PO4 Z . 60.12 19.01 -50.84
O1 PO4 Z . 60.91 17.86 -51.33
O2 PO4 Z . 59.13 18.54 -49.83
O3 PO4 Z . 59.41 19.64 -51.96
O4 PO4 Z . 61.03 20.00 -50.20
P PO4 AA . 58.69 30.66 -31.89
O1 PO4 AA . 59.31 30.75 -30.53
O2 PO4 AA . 57.27 31.08 -31.80
O3 PO4 AA . 58.77 29.28 -32.40
O4 PO4 AA . 59.42 31.57 -32.84
P PO4 BA . 72.56 25.64 -28.19
O1 PO4 BA . 73.43 26.44 -27.30
O2 PO4 BA . 71.27 26.36 -28.42
O3 PO4 BA . 72.29 24.35 -27.54
O4 PO4 BA . 73.21 25.42 -29.50
P PO4 CA . -36.59 -29.13 25.60
O1 PO4 CA . -37.16 -29.01 24.24
O2 PO4 CA . -35.17 -29.54 25.50
O3 PO4 CA . -37.36 -30.15 26.37
O4 PO4 CA . -36.69 -27.82 26.31
P PO4 DA . -48.96 -24.99 17.79
O1 PO4 DA . -48.82 -23.55 17.47
O2 PO4 DA . -47.69 -25.49 18.38
O3 PO4 DA . -49.25 -25.73 16.54
O4 PO4 DA . -50.05 -25.19 18.76
P PO4 EA . -47.27 -40.43 34.45
O1 PO4 EA . -47.20 -40.12 35.91
O2 PO4 EA . -47.10 -41.89 34.25
O3 PO4 EA . -46.18 -39.71 33.74
O4 PO4 EA . -48.59 -39.99 33.90
P PO4 FA . -48.21 -28.63 43.98
O1 PO4 FA . -49.26 -27.91 44.73
O2 PO4 FA . -48.85 -29.54 42.99
O3 PO4 FA . -47.38 -29.44 44.92
O4 PO4 FA . -47.32 -27.65 43.27
P PO4 GA . -43.12 -33.45 37.40
O1 PO4 GA . -43.11 -33.56 38.90
O2 PO4 GA . -43.97 -34.53 36.82
O3 PO4 GA . -41.71 -33.57 36.89
O4 PO4 GA . -43.67 -32.12 37.01
P PO4 HA . -20.14 -45.11 27.91
O1 PO4 HA . -19.61 -45.51 29.23
O2 PO4 HA . -20.11 -43.63 27.80
O3 PO4 HA . -21.54 -45.61 27.76
O4 PO4 HA . -19.29 -45.70 26.82
P PO4 IA . -14.54 -55.30 37.68
O1 PO4 IA . -13.08 -55.20 37.46
O2 PO4 IA . -15.26 -54.44 36.72
O3 PO4 IA . -14.87 -54.85 39.05
O4 PO4 IA . -14.94 -56.71 37.50
P PO4 JA . -34.00 -57.38 26.99
O1 PO4 JA . -34.17 -57.90 25.59
O2 PO4 JA . -35.31 -56.93 27.51
O3 PO4 JA . -33.06 -56.24 26.98
O4 PO4 JA . -33.44 -58.46 27.85
P PO4 KA . -26.08 -62.42 15.16
O1 PO4 KA . -26.45 -63.84 15.06
O2 PO4 KA . -26.57 -61.87 16.43
O3 PO4 KA . -26.69 -61.67 14.05
O4 PO4 KA . -24.61 -62.31 15.11
#